data_6HKV
#
_entry.id   6HKV
#
_cell.length_a   138.400
_cell.length_b   145.705
_cell.length_c   149.453
_cell.angle_alpha   90.000
_cell.angle_beta   90.000
_cell.angle_gamma   90.000
#
_symmetry.space_group_name_H-M   'P 21 21 21'
#
loop_
_entity.id
_entity.type
_entity.pdbx_description
1 polymer 'Capsid protein VP1'
2 non-polymer 'Sialylated precision glycomacromolecule'
3 non-polymer 'MAGNESIUM ION'
4 non-polymer 'CHLORIDE ION'
5 non-polymer GLYCEROL
6 water water
#
_entity_poly.entity_id   1
_entity_poly.type   'polypeptide(L)'
_entity_poly.pdbx_seq_one_letter_code
;NIEVLNLVTGPDSITTIELYLNTRMGQNDESKDNYGYSEKVTVANSSDQDKPTSGEIPTYSTARINLPMLNEDLTSNTLT
MWEAVSVKTEVVGVSSLVNVHMATKRMYDDKGIGFPVEGMNFHMFAVGGEPLELQFLTGNYRTDYSANDKLVVPPIKHQS
TQGLNPHYKQKLTKDGAFPVECWCPDPSKNENTRYYGSYTGGQSTPPVLQFTNTVTTVLLDENGVGPLCKGDGLYVSCCD
IVGFLVGKDGDMQYRGLPRYFNILLRKRTVRN
;
_entity_poly.pdbx_strand_id   A,B,C,D,E,F,G,H,I,J
#
# COMPACT_ATOMS: atom_id res chain seq x y z
N ASN A 1 -7.31 32.81 -6.72
CA ASN A 1 -7.09 31.36 -6.52
C ASN A 1 -7.85 30.55 -7.58
N ILE A 2 -7.14 29.63 -8.24
CA ILE A 2 -7.71 28.69 -9.22
C ILE A 2 -8.18 27.43 -8.47
N GLU A 3 -9.48 27.09 -8.61
CA GLU A 3 -10.06 25.89 -8.08
C GLU A 3 -9.71 24.70 -9.01
N VAL A 4 -8.92 23.76 -8.48
CA VAL A 4 -8.39 22.68 -9.25
C VAL A 4 -9.38 21.51 -9.16
N LEU A 5 -9.68 20.89 -10.30
CA LEU A 5 -10.54 19.74 -10.35
C LEU A 5 -9.70 18.52 -10.75
N ASN A 6 -10.25 17.62 -11.57
CA ASN A 6 -9.64 16.34 -11.83
C ASN A 6 -8.58 16.47 -12.93
N LEU A 7 -7.67 15.49 -12.92
CA LEU A 7 -6.72 15.29 -14.01
C LEU A 7 -7.50 14.79 -15.22
N VAL A 8 -7.07 15.23 -16.41
CA VAL A 8 -7.55 14.71 -17.68
C VAL A 8 -6.73 13.46 -18.00
N THR A 9 -7.38 12.37 -18.37
CA THR A 9 -6.69 11.11 -18.64
C THR A 9 -6.65 10.83 -20.14
N GLY A 10 -5.79 9.90 -20.51
CA GLY A 10 -5.76 9.35 -21.87
C GLY A 10 -4.46 9.74 -22.57
N PRO A 11 -4.29 9.34 -23.85
CA PRO A 11 -2.97 9.45 -24.48
C PRO A 11 -2.53 10.89 -24.71
N ASP A 12 -3.38 11.87 -25.02
CA ASP A 12 -2.90 13.19 -25.33
C ASP A 12 -2.73 14.03 -24.03
N SER A 13 -2.77 13.43 -22.83
CA SER A 13 -2.97 14.20 -21.59
C SER A 13 -1.64 14.72 -21.00
N ILE A 14 -0.50 14.32 -21.59
CA ILE A 14 0.84 14.61 -21.08
C ILE A 14 1.64 15.27 -22.20
N THR A 15 2.54 16.19 -21.82
CA THR A 15 3.50 16.73 -22.78
C THR A 15 4.79 17.06 -22.03
N THR A 16 5.88 17.17 -22.76
CA THR A 16 7.17 17.49 -22.17
C THR A 16 7.77 18.67 -22.93
N ILE A 17 8.46 19.53 -22.19
CA ILE A 17 9.10 20.69 -22.74
C ILE A 17 10.57 20.58 -22.38
N GLU A 18 11.44 20.71 -23.38
CA GLU A 18 12.87 20.62 -23.21
C GLU A 18 13.47 21.96 -23.68
N LEU A 19 14.37 22.55 -22.90
CA LEU A 19 15.08 23.74 -23.36
C LEU A 19 16.37 23.91 -22.56
N TYR A 20 17.23 24.82 -23.01
CA TYR A 20 18.38 25.25 -22.23
C TYR A 20 18.38 26.78 -22.23
N LEU A 21 19.01 27.36 -21.20
CA LEU A 21 19.22 28.78 -21.12
C LEU A 21 20.72 29.01 -20.96
N ASN A 22 21.29 29.84 -21.84
CA ASN A 22 22.65 30.27 -21.75
C ASN A 22 22.76 31.34 -20.65
N THR A 23 23.96 31.39 -20.05
CA THR A 23 24.24 32.23 -18.91
C THR A 23 24.29 33.69 -19.35
N ARG A 24 23.96 34.60 -18.42
CA ARG A 24 23.99 36.03 -18.64
C ARG A 24 24.88 36.68 -17.57
N MET A 25 26.20 36.51 -17.74
CA MET A 25 27.15 36.97 -16.76
C MET A 25 27.54 38.43 -17.00
N GLY A 26 27.26 38.94 -18.21
CA GLY A 26 27.51 40.36 -18.51
C GLY A 26 27.97 40.57 -19.94
N GLN A 27 28.85 39.69 -20.44
CA GLN A 27 29.12 39.64 -21.87
C GLN A 27 28.19 38.56 -22.45
N ASN A 28 27.05 39.02 -22.96
CA ASN A 28 25.93 38.15 -23.29
C ASN A 28 25.75 38.00 -24.81
N ASP A 29 26.74 38.45 -25.58
CA ASP A 29 26.73 38.34 -27.03
C ASP A 29 27.59 37.14 -27.47
N GLU A 30 26.95 36.11 -28.01
CA GLU A 30 27.61 34.84 -28.35
C GLU A 30 28.62 35.00 -29.50
N SER A 31 28.64 36.18 -30.16
CA SER A 31 29.58 36.42 -31.26
C SER A 31 30.85 37.13 -30.78
N LYS A 32 30.91 37.51 -29.49
CA LYS A 32 32.02 38.31 -28.99
C LYS A 32 32.87 37.50 -28.01
N ASP A 33 34.13 37.92 -27.86
CA ASP A 33 35.03 37.30 -26.91
C ASP A 33 34.41 37.45 -25.51
N ASN A 34 34.81 36.58 -24.60
CA ASN A 34 34.37 36.63 -23.19
C ASN A 34 32.90 36.27 -23.03
N TYR A 35 32.27 35.64 -24.04
CA TYR A 35 30.90 35.20 -23.89
C TYR A 35 30.83 34.19 -22.73
N GLY A 36 29.80 34.33 -21.88
CA GLY A 36 29.65 33.41 -20.75
C GLY A 36 30.48 33.81 -19.55
N TYR A 37 31.09 35.00 -19.62
CA TYR A 37 31.80 35.63 -18.54
C TYR A 37 31.26 37.05 -18.39
N SER A 38 31.53 37.67 -17.22
CA SER A 38 31.34 39.09 -17.07
C SER A 38 32.53 39.81 -17.70
N GLU A 39 32.36 41.11 -17.90
CA GLU A 39 33.50 42.01 -18.04
C GLU A 39 34.25 42.05 -16.71
N LYS A 40 35.49 42.54 -16.75
CA LYS A 40 36.32 42.65 -15.56
C LYS A 40 35.58 43.41 -14.45
N VAL A 41 35.63 42.85 -13.23
CA VAL A 41 35.02 43.44 -12.07
C VAL A 41 35.83 44.68 -11.67
N THR A 42 35.13 45.75 -11.33
CA THR A 42 35.71 46.98 -10.78
C THR A 42 35.12 47.22 -9.39
N VAL A 43 35.80 48.07 -8.61
CA VAL A 43 35.47 48.23 -7.21
C VAL A 43 35.31 49.74 -6.93
N ALA A 44 34.17 50.08 -6.31
CA ALA A 44 33.81 51.44 -5.98
C ALA A 44 34.87 52.07 -5.07
N ASN A 45 35.16 53.35 -5.33
CA ASN A 45 36.05 54.13 -4.43
C ASN A 45 35.31 54.41 -3.11
N SER A 46 33.99 54.60 -3.19
CA SER A 46 33.17 54.85 -2.03
C SER A 46 31.75 54.44 -2.36
N SER A 47 30.92 54.30 -1.33
CA SER A 47 29.57 53.77 -1.53
C SER A 47 28.68 54.75 -2.31
N ASP A 48 29.03 56.05 -2.31
CA ASP A 48 28.28 57.05 -3.05
C ASP A 48 28.85 57.24 -4.47
N GLN A 49 29.89 56.48 -4.83
CA GLN A 49 30.42 56.45 -6.19
C GLN A 49 30.57 54.98 -6.63
N ASP A 50 29.48 54.23 -6.50
CA ASP A 50 29.44 52.80 -6.77
C ASP A 50 28.66 52.62 -8.06
N LYS A 51 29.40 52.57 -9.17
CA LYS A 51 28.84 52.60 -10.50
C LYS A 51 29.48 51.47 -11.31
N PRO A 52 28.88 50.26 -11.29
CA PRO A 52 29.44 49.16 -12.07
C PRO A 52 29.56 49.53 -13.55
N THR A 53 30.67 49.08 -14.14
CA THR A 53 30.88 49.22 -15.57
C THR A 53 29.83 48.38 -16.31
N SER A 54 29.59 48.76 -17.56
CA SER A 54 28.70 48.03 -18.42
C SER A 54 29.25 46.62 -18.62
N GLY A 55 28.42 45.62 -18.33
CA GLY A 55 28.76 44.23 -18.59
C GLY A 55 29.45 43.53 -17.42
N GLU A 56 29.64 44.17 -16.27
CA GLU A 56 30.34 43.47 -15.16
C GLU A 56 29.35 42.82 -14.17
N ILE A 57 28.06 42.88 -14.45
CA ILE A 57 27.02 42.48 -13.50
C ILE A 57 26.19 41.31 -14.05
N PRO A 58 26.15 40.16 -13.36
CA PRO A 58 25.28 39.06 -13.78
C PRO A 58 23.79 39.36 -13.65
N THR A 59 23.00 38.79 -14.56
CA THR A 59 21.58 38.94 -14.61
C THR A 59 20.93 37.56 -14.69
N TYR A 60 19.62 37.52 -14.41
CA TYR A 60 18.86 36.30 -14.56
C TYR A 60 18.68 35.94 -16.03
N SER A 61 18.70 34.64 -16.28
CA SER A 61 18.28 34.04 -17.54
C SER A 61 16.79 33.73 -17.41
N THR A 62 16.03 33.89 -18.48
CA THR A 62 14.61 33.57 -18.43
C THR A 62 14.07 33.33 -19.84
N ALA A 63 13.03 32.51 -19.93
CA ALA A 63 12.30 32.29 -21.17
C ALA A 63 10.84 31.95 -20.85
N ARG A 64 9.95 32.31 -21.78
CA ARG A 64 8.57 31.86 -21.76
C ARG A 64 8.42 30.85 -22.90
N ILE A 65 7.90 29.68 -22.60
CA ILE A 65 7.64 28.67 -23.62
CA ILE A 65 7.64 28.67 -23.62
C ILE A 65 6.14 28.56 -23.87
N ASN A 66 5.74 28.66 -25.15
CA ASN A 66 4.34 28.45 -25.54
C ASN A 66 4.04 26.96 -25.54
N LEU A 67 2.94 26.60 -24.87
CA LEU A 67 2.51 25.23 -24.75
C LEU A 67 1.40 24.97 -25.76
N PRO A 68 1.08 23.69 -26.05
CA PRO A 68 -0.02 23.36 -26.95
C PRO A 68 -1.34 24.00 -26.50
N MET A 69 -2.04 24.64 -27.44
CA MET A 69 -3.30 25.35 -27.15
C MET A 69 -4.34 24.33 -26.65
N LEU A 70 -5.13 24.74 -25.65
CA LEU A 70 -6.18 23.93 -25.07
C LEU A 70 -7.52 24.62 -25.30
N GLU A 72 -10.07 27.03 -25.74
CA GLU A 72 -10.80 27.87 -26.71
C GLU A 72 -12.19 28.21 -26.14
N ASP A 73 -12.80 27.27 -25.39
CA ASP A 73 -14.08 27.59 -24.70
C ASP A 73 -13.82 28.30 -23.36
N LEU A 74 -14.13 29.60 -23.30
CA LEU A 74 -14.06 30.38 -22.10
C LEU A 74 -15.44 30.57 -21.47
N THR A 75 -16.51 30.05 -22.09
CA THR A 75 -17.86 30.29 -21.56
C THR A 75 -18.36 29.09 -20.75
N SER A 76 -17.56 28.00 -20.69
CA SER A 76 -17.95 26.78 -20.00
C SER A 76 -17.71 26.90 -18.49
N ASN A 77 -18.22 25.90 -17.78
CA ASN A 77 -18.09 25.71 -16.36
C ASN A 77 -16.62 25.48 -15.97
N THR A 78 -15.87 24.77 -16.83
CA THR A 78 -14.48 24.39 -16.57
C THR A 78 -13.57 24.79 -17.74
N LEU A 79 -12.26 24.85 -17.46
CA LEU A 79 -11.22 25.01 -18.46
C LEU A 79 -10.16 23.92 -18.22
N THR A 80 -9.33 23.67 -19.23
CA THR A 80 -8.18 22.81 -19.08
C THR A 80 -6.93 23.69 -19.07
N MET A 81 -6.01 23.39 -18.14
CA MET A 81 -4.72 24.05 -18.07
C MET A 81 -3.62 22.99 -18.02
N TRP A 82 -2.44 23.37 -18.55
CA TRP A 82 -1.24 22.59 -18.36
C TRP A 82 -0.74 22.81 -16.93
N GLU A 83 -0.44 21.69 -16.26
CA GLU A 83 0.10 21.68 -14.91
C GLU A 83 1.50 21.08 -14.98
N ALA A 84 2.51 21.86 -14.53
CA ALA A 84 3.88 21.35 -14.48
C ALA A 84 3.99 20.42 -13.26
N VAL A 85 4.36 19.16 -13.53
CA VAL A 85 4.39 18.12 -12.52
C VAL A 85 5.81 18.01 -11.94
N SER A 86 6.82 18.08 -12.81
CA SER A 86 8.16 17.76 -12.41
C SER A 86 9.14 18.34 -13.42
N VAL A 87 10.40 18.47 -13.00
CA VAL A 87 11.44 18.95 -13.89
C VAL A 87 12.72 18.17 -13.60
N LYS A 88 13.43 17.85 -14.68
CA LYS A 88 14.80 17.38 -14.62
C LYS A 88 15.66 18.53 -15.12
N THR A 89 16.56 19.03 -14.28
CA THR A 89 17.36 20.19 -14.63
C THR A 89 18.80 19.91 -14.22
N GLU A 90 19.73 20.39 -15.03
CA GLU A 90 21.16 20.14 -14.86
C GLU A 90 21.94 21.36 -15.30
N VAL A 91 23.07 21.59 -14.65
CA VAL A 91 24.03 22.56 -15.13
C VAL A 91 24.88 21.87 -16.18
N VAL A 92 25.06 22.56 -17.33
CA VAL A 92 25.73 22.04 -18.47
C VAL A 92 27.18 22.52 -18.48
N GLY A 93 28.10 21.67 -18.91
CA GLY A 93 29.49 22.09 -19.13
C GLY A 93 30.32 22.19 -17.84
N VAL A 94 29.92 21.45 -16.81
CA VAL A 94 30.72 21.45 -15.56
C VAL A 94 32.16 21.03 -15.84
N SER A 95 32.37 20.06 -16.73
CA SER A 95 33.72 19.54 -17.03
C SER A 95 34.64 20.62 -17.61
N SER A 96 34.05 21.69 -18.16
CA SER A 96 34.82 22.83 -18.69
C SER A 96 35.68 23.49 -17.60
N LEU A 97 35.33 23.27 -16.33
CA LEU A 97 36.09 23.84 -15.20
C LEU A 97 37.37 23.04 -14.93
N VAL A 98 37.52 21.87 -15.59
CA VAL A 98 38.74 21.08 -15.48
C VAL A 98 39.74 21.66 -16.49
N ASN A 99 40.26 22.82 -16.16
CA ASN A 99 41.12 23.55 -17.09
C ASN A 99 41.98 24.48 -16.24
N VAL A 100 43.29 24.21 -16.22
CA VAL A 100 44.22 25.00 -15.43
C VAL A 100 45.40 25.47 -16.30
N HIS A 101 45.20 25.56 -17.62
CA HIS A 101 46.26 26.08 -18.52
C HIS A 101 45.84 27.37 -19.20
N MET A 102 44.70 27.95 -18.80
CA MET A 102 44.26 29.22 -19.38
C MET A 102 45.17 30.34 -18.86
N ALA A 103 45.13 31.49 -19.53
CA ALA A 103 45.97 32.63 -19.18
C ALA A 103 45.46 33.27 -17.88
N THR A 104 45.97 32.76 -16.76
CA THR A 104 45.52 33.12 -15.43
C THR A 104 46.73 33.30 -14.51
N LYS A 105 46.48 33.87 -13.33
CA LYS A 105 47.40 33.74 -12.21
C LYS A 105 47.71 32.26 -11.99
N ARG A 106 48.89 31.93 -11.45
CA ARG A 106 49.23 30.54 -11.27
C ARG A 106 49.87 30.31 -9.90
N MET A 107 49.87 29.05 -9.48
CA MET A 107 50.37 28.65 -8.17
C MET A 107 51.91 28.53 -8.18
N TYR A 108 52.50 28.57 -6.97
CA TYR A 108 53.87 28.14 -6.66
C TYR A 108 54.91 28.83 -7.56
N ASP A 109 55.03 30.14 -7.39
CA ASP A 109 56.13 30.93 -7.96
C ASP A 109 56.21 30.68 -9.48
N ASP A 110 55.07 30.74 -10.15
CA ASP A 110 54.93 30.66 -11.61
C ASP A 110 55.32 29.30 -12.17
N LYS A 111 55.30 28.24 -11.35
CA LYS A 111 55.63 26.90 -11.82
C LYS A 111 54.40 25.96 -11.80
N GLY A 112 53.38 26.33 -11.01
CA GLY A 112 52.23 25.45 -10.74
C GLY A 112 51.09 25.71 -11.71
N ILE A 113 49.94 25.10 -11.40
CA ILE A 113 48.75 25.20 -12.24
C ILE A 113 48.31 26.66 -12.33
N GLY A 114 47.63 26.98 -13.44
CA GLY A 114 46.81 28.15 -13.48
C GLY A 114 45.65 28.01 -12.49
N PHE A 115 45.23 29.12 -11.89
CA PHE A 115 44.07 29.10 -10.99
C PHE A 115 42.86 28.62 -11.77
N PRO A 116 42.13 27.58 -11.32
CA PRO A 116 40.88 27.24 -11.96
C PRO A 116 39.85 28.32 -11.62
N VAL A 117 38.74 28.35 -12.35
CA VAL A 117 37.60 29.14 -11.99
C VAL A 117 37.17 28.72 -10.59
N GLU A 118 37.10 29.68 -9.66
CA GLU A 118 36.84 29.38 -8.26
C GLU A 118 36.28 30.60 -7.57
N GLY A 119 35.65 30.35 -6.41
CA GLY A 119 35.05 31.39 -5.60
C GLY A 119 33.54 31.24 -5.58
N MET A 120 32.88 32.38 -5.44
CA MET A 120 31.46 32.52 -5.22
C MET A 120 30.68 31.64 -6.21
N ASN A 121 29.74 30.84 -5.67
CA ASN A 121 28.78 30.11 -6.47
C ASN A 121 27.38 30.59 -6.10
N PHE A 122 26.54 30.69 -7.12
CA PHE A 122 25.16 31.10 -6.97
C PHE A 122 24.36 30.33 -8.01
N HIS A 123 23.39 29.54 -7.53
CA HIS A 123 22.64 28.66 -8.39
C HIS A 123 21.18 28.80 -8.01
N MET A 124 20.35 29.16 -8.99
N MET A 124 20.35 29.16 -8.99
CA MET A 124 18.92 29.21 -8.77
CA MET A 124 18.92 29.21 -8.77
C MET A 124 18.21 28.81 -10.06
C MET A 124 18.21 28.81 -10.06
N PHE A 125 17.06 28.14 -9.91
CA PHE A 125 16.17 27.95 -11.01
C PHE A 125 14.76 28.09 -10.49
N ALA A 126 13.85 28.40 -11.41
CA ALA A 126 12.44 28.54 -11.12
C ALA A 126 11.65 28.03 -12.33
N VAL A 127 10.54 27.35 -12.05
CA VAL A 127 9.61 26.89 -13.04
C VAL A 127 8.23 27.35 -12.57
N GLY A 128 7.48 28.05 -13.44
CA GLY A 128 6.18 28.55 -13.04
C GLY A 128 5.24 28.75 -14.20
N GLY A 129 3.99 29.06 -13.87
CA GLY A 129 2.92 29.25 -14.87
C GLY A 129 2.68 30.73 -15.17
N GLU A 130 3.61 31.58 -14.73
CA GLU A 130 3.59 33.00 -14.93
C GLU A 130 4.99 33.53 -14.60
N PRO A 131 5.33 34.79 -14.93
CA PRO A 131 6.67 35.31 -14.66
C PRO A 131 7.03 35.22 -13.16
N LEU A 132 8.32 34.99 -12.91
CA LEU A 132 8.84 35.01 -11.56
C LEU A 132 8.67 36.42 -11.00
N GLU A 133 8.09 36.50 -9.81
CA GLU A 133 7.87 37.76 -9.14
C GLU A 133 9.07 38.09 -8.27
N LEU A 134 9.58 39.32 -8.40
CA LEU A 134 10.82 39.76 -7.81
C LEU A 134 10.58 40.83 -6.74
N GLN A 135 11.47 40.81 -5.74
CA GLN A 135 11.59 41.81 -4.70
C GLN A 135 12.96 42.47 -4.86
N PHE A 136 12.99 43.80 -4.77
CA PHE A 136 14.23 44.53 -4.81
C PHE A 136 14.88 44.47 -3.42
N LEU A 137 16.19 44.20 -3.38
CA LEU A 137 16.98 44.29 -2.16
C LEU A 137 18.44 44.31 -2.56
N THR A 138 19.19 45.27 -2.04
CA THR A 138 20.54 45.52 -2.45
C THR A 138 21.43 45.72 -1.22
N GLY A 139 22.70 45.41 -1.38
CA GLY A 139 23.76 45.71 -0.44
C GLY A 139 24.11 47.19 -0.36
N ASN A 140 23.74 47.96 -1.39
CA ASN A 140 24.08 49.39 -1.46
C ASN A 140 22.97 50.12 -2.22
N TYR A 141 22.15 50.88 -1.49
CA TYR A 141 20.97 51.53 -2.08
C TYR A 141 21.40 52.55 -3.15
N ARG A 142 22.64 53.01 -3.07
CA ARG A 142 23.15 54.08 -3.93
C ARG A 142 23.74 53.54 -5.22
N THR A 143 23.76 52.21 -5.44
CA THR A 143 24.39 51.68 -6.63
C THR A 143 23.80 52.36 -7.86
N ASP A 144 24.71 52.80 -8.76
CA ASP A 144 24.34 53.55 -9.95
C ASP A 144 24.51 52.63 -11.17
N TYR A 145 23.39 52.26 -11.79
CA TYR A 145 23.37 51.29 -12.89
C TYR A 145 23.42 51.96 -14.28
N SER A 146 23.67 53.28 -14.32
CA SER A 146 23.42 54.08 -15.53
C SER A 146 24.51 53.85 -16.60
N ALA A 147 25.60 53.14 -16.30
CA ALA A 147 26.56 52.76 -17.37
C ALA A 147 25.93 51.77 -18.36
N ASN A 148 24.82 51.15 -17.99
CA ASN A 148 24.13 50.19 -18.84
C ASN A 148 22.61 50.39 -18.68
N ASP A 149 22.02 51.13 -19.63
CA ASP A 149 20.62 51.49 -19.56
C ASP A 149 19.73 50.33 -20.01
N LYS A 150 20.31 49.18 -20.38
CA LYS A 150 19.50 48.00 -20.73
C LYS A 150 19.13 47.20 -19.46
N LEU A 151 19.76 47.51 -18.31
CA LEU A 151 19.40 46.83 -17.04
C LEU A 151 18.06 47.37 -16.55
N VAL A 152 17.24 46.50 -15.96
CA VAL A 152 15.98 46.90 -15.37
C VAL A 152 16.16 47.03 -13.87
N VAL A 153 16.08 48.26 -13.37
CA VAL A 153 16.26 48.61 -11.98
C VAL A 153 15.25 49.69 -11.63
N PRO A 154 14.96 49.94 -10.33
CA PRO A 154 13.97 50.94 -9.94
C PRO A 154 14.47 52.33 -10.33
N PRO A 155 13.55 53.24 -10.70
CA PRO A 155 13.95 54.59 -11.12
C PRO A 155 14.39 55.50 -9.96
N ILE A 156 14.02 55.15 -8.72
CA ILE A 156 14.37 55.93 -7.54
C ILE A 156 15.15 55.04 -6.58
N LYS A 157 16.04 55.68 -5.82
CA LYS A 157 16.85 54.99 -4.84
C LYS A 157 16.44 55.48 -3.44
N HIS A 158 16.44 54.56 -2.48
CA HIS A 158 16.14 54.92 -1.11
C HIS A 158 16.87 53.97 -0.16
N GLN A 159 17.26 54.53 1.00
CA GLN A 159 18.01 53.85 2.04
C GLN A 159 17.36 52.52 2.44
N SER A 160 16.03 52.47 2.40
CA SER A 160 15.26 51.35 2.93
C SER A 160 15.45 50.08 2.09
N THR A 161 15.97 50.22 0.86
CA THR A 161 16.10 49.10 -0.05
C THR A 161 17.29 48.21 0.31
N GLN A 162 18.04 48.54 1.37
CA GLN A 162 19.04 47.61 1.94
C GLN A 162 18.36 46.58 2.83
N GLY A 163 17.07 46.80 3.12
CA GLY A 163 16.20 45.77 3.67
C GLY A 163 15.08 45.49 2.69
N LEU A 164 13.97 44.92 3.19
CA LEU A 164 12.83 44.59 2.39
C LEU A 164 11.85 45.77 2.46
N ASN A 165 11.74 46.49 1.34
CA ASN A 165 10.73 47.53 1.15
C ASN A 165 9.76 47.01 0.10
N PRO A 166 8.53 46.63 0.50
CA PRO A 166 7.60 46.00 -0.44
C PRO A 166 7.08 46.94 -1.54
N HIS A 167 7.47 48.22 -1.51
CA HIS A 167 7.12 49.16 -2.58
C HIS A 167 8.00 48.93 -3.81
N TYR A 168 9.06 48.12 -3.69
CA TYR A 168 9.99 47.90 -4.78
C TYR A 168 9.93 46.44 -5.25
N LYS A 169 9.07 46.19 -6.25
CA LYS A 169 8.87 44.87 -6.81
CA LYS A 169 8.87 44.87 -6.81
C LYS A 169 8.94 44.94 -8.33
N GLN A 170 9.02 43.76 -8.97
CA GLN A 170 9.06 43.64 -10.41
C GLN A 170 8.66 42.21 -10.77
N LYS A 171 8.58 41.95 -12.07
CA LYS A 171 8.43 40.63 -12.61
C LYS A 171 9.58 40.38 -13.59
N LEU A 172 10.06 39.15 -13.61
CA LEU A 172 11.18 38.77 -14.47
C LEU A 172 10.63 38.51 -15.88
N THR A 173 10.65 39.58 -16.69
CA THR A 173 10.01 39.55 -18.00
C THR A 173 11.03 39.69 -19.13
N LYS A 174 12.32 39.84 -18.80
CA LYS A 174 13.33 40.02 -19.81
C LYS A 174 14.58 39.25 -19.42
N ASP A 175 15.10 38.45 -20.37
CA ASP A 175 16.34 37.73 -20.26
C ASP A 175 17.53 38.71 -20.23
N GLY A 176 18.51 38.45 -19.37
CA GLY A 176 19.75 39.18 -19.40
C GLY A 176 19.64 40.64 -19.04
N ALA A 177 18.69 41.00 -18.19
CA ALA A 177 18.40 42.44 -17.93
C ALA A 177 18.22 42.77 -16.43
N PHE A 178 17.80 41.79 -15.63
CA PHE A 178 17.54 42.03 -14.22
C PHE A 178 18.74 41.57 -13.38
N PRO A 179 19.51 42.50 -12.76
CA PRO A 179 20.69 42.11 -11.99
C PRO A 179 20.33 41.21 -10.79
N VAL A 180 21.12 40.15 -10.58
CA VAL A 180 20.88 39.24 -9.47
C VAL A 180 21.20 39.97 -8.16
N GLU A 181 22.13 40.92 -8.21
CA GLU A 181 22.60 41.62 -7.02
C GLU A 181 21.50 42.47 -6.37
N CYS A 182 20.42 42.82 -7.07
CA CYS A 182 19.43 43.71 -6.51
C CYS A 182 17.99 43.17 -6.65
N TRP A 183 17.82 42.01 -7.27
CA TRP A 183 16.51 41.39 -7.42
C TRP A 183 16.58 39.94 -6.92
N CYS A 184 15.62 39.55 -6.09
CA CYS A 184 15.48 38.20 -5.58
C CYS A 184 14.03 37.77 -5.74
N PRO A 185 13.72 36.46 -5.61
CA PRO A 185 12.34 36.02 -5.63
C PRO A 185 11.56 36.69 -4.50
N ASP A 186 10.33 37.12 -4.80
CA ASP A 186 9.45 37.72 -3.84
C ASP A 186 8.72 36.60 -3.11
N PRO A 187 9.06 36.33 -1.83
CA PRO A 187 8.47 35.18 -1.15
C PRO A 187 7.00 35.39 -0.78
N SER A 188 6.53 36.64 -0.86
CA SER A 188 5.13 36.99 -0.53
C SER A 188 4.21 36.71 -1.71
N LYS A 189 4.78 36.43 -2.89
CA LYS A 189 4.01 36.06 -4.07
C LYS A 189 4.50 34.69 -4.57
N ASN A 190 4.59 34.50 -5.88
CA ASN A 190 5.11 33.30 -6.50
C ASN A 190 4.35 32.04 -6.04
N GLU A 191 3.03 32.15 -5.87
CA GLU A 191 2.23 31.00 -5.48
C GLU A 191 2.17 29.98 -6.62
N ASN A 192 2.45 30.43 -7.86
CA ASN A 192 2.27 29.62 -9.04
C ASN A 192 3.64 29.35 -9.71
N THR A 193 4.71 29.45 -8.91
CA THR A 193 6.09 29.20 -9.33
C THR A 193 6.76 28.39 -8.21
N ARG A 194 7.66 27.47 -8.58
CA ARG A 194 8.55 26.85 -7.61
C ARG A 194 9.96 27.36 -7.88
N TYR A 195 10.65 27.84 -6.82
CA TYR A 195 12.04 28.26 -7.03
C TYR A 195 12.94 27.64 -5.94
N TYR A 196 14.20 27.43 -6.35
CA TYR A 196 15.22 26.80 -5.52
C TYR A 196 16.52 27.55 -5.79
N GLY A 197 17.19 27.98 -4.73
CA GLY A 197 18.44 28.66 -4.89
C GLY A 197 19.42 28.37 -3.77
N SER A 198 20.69 28.56 -4.11
CA SER A 198 21.76 28.41 -3.16
C SER A 198 22.86 29.42 -3.49
N TYR A 199 23.58 29.80 -2.44
CA TYR A 199 24.69 30.69 -2.50
C TYR A 199 25.81 30.12 -1.62
N THR A 200 27.02 30.09 -2.17
CA THR A 200 28.21 29.76 -1.42
C THR A 200 29.21 30.85 -1.72
N GLY A 201 29.61 31.60 -0.70
CA GLY A 201 30.41 32.79 -0.95
C GLY A 201 31.87 32.56 -0.65
N GLY A 202 32.50 33.59 -0.07
CA GLY A 202 33.93 33.64 0.17
C GLY A 202 34.72 34.02 -1.07
N GLN A 203 36.05 34.02 -0.93
CA GLN A 203 36.95 34.64 -1.93
C GLN A 203 37.37 33.69 -3.07
N SER A 204 37.92 32.53 -2.70
N SER A 204 37.93 32.54 -2.70
CA SER A 204 38.53 31.56 -3.63
CA SER A 204 38.53 31.56 -3.62
C SER A 204 37.94 30.17 -3.38
C SER A 204 37.94 30.17 -3.38
N THR A 205 36.73 30.14 -2.81
CA THR A 205 36.06 28.93 -2.36
C THR A 205 35.97 27.90 -3.48
N PRO A 206 36.24 26.60 -3.20
CA PRO A 206 36.04 25.56 -4.20
C PRO A 206 34.60 25.52 -4.68
N PRO A 207 34.36 25.57 -6.00
CA PRO A 207 33.05 25.23 -6.55
C PRO A 207 32.77 23.74 -6.24
N VAL A 208 31.54 23.46 -5.82
CA VAL A 208 31.10 22.09 -5.58
C VAL A 208 29.84 21.90 -6.42
N LEU A 209 29.95 21.09 -7.49
CA LEU A 209 28.92 21.01 -8.53
C LEU A 209 28.62 19.54 -8.80
N GLN A 210 27.40 19.27 -9.25
CA GLN A 210 27.00 17.92 -9.63
C GLN A 210 26.26 18.01 -10.97
N PHE A 211 26.28 16.92 -11.73
CA PHE A 211 25.51 16.84 -12.94
C PHE A 211 25.08 15.39 -13.16
N THR A 212 23.80 15.20 -13.48
CA THR A 212 23.25 13.89 -13.72
C THR A 212 21.96 14.08 -14.53
N ASN A 213 21.57 13.05 -15.28
CA ASN A 213 20.30 13.06 -15.97
C ASN A 213 19.29 12.14 -15.27
N THR A 214 19.49 11.86 -13.99
CA THR A 214 18.72 10.83 -13.30
C THR A 214 17.83 11.39 -12.18
N VAL A 215 17.84 12.71 -11.96
CA VAL A 215 17.16 13.31 -10.84
C VAL A 215 15.95 14.12 -11.31
N THR A 216 14.79 13.79 -10.72
CA THR A 216 13.54 14.44 -11.01
C THR A 216 13.12 15.25 -9.78
N THR A 217 12.87 16.55 -9.99
CA THR A 217 12.40 17.47 -8.99
C THR A 217 10.88 17.57 -9.13
N VAL A 218 10.15 17.17 -8.07
CA VAL A 218 8.70 17.25 -8.08
C VAL A 218 8.29 18.69 -7.88
N LEU A 219 7.38 19.21 -8.72
CA LEU A 219 6.93 20.60 -8.65
C LEU A 219 5.56 20.73 -7.98
N LEU A 220 4.91 19.60 -7.66
CA LEU A 220 3.62 19.65 -6.96
C LEU A 220 3.84 20.26 -5.58
N ASP A 221 2.87 21.07 -5.13
CA ASP A 221 2.88 21.67 -3.82
C ASP A 221 2.31 20.66 -2.81
N GLU A 222 2.10 21.12 -1.59
CA GLU A 222 1.64 20.26 -0.48
C GLU A 222 0.20 19.77 -0.74
N ASN A 223 -0.52 20.40 -1.67
CA ASN A 223 -1.88 19.97 -2.03
C ASN A 223 -1.86 19.10 -3.30
N GLY A 224 -0.68 18.76 -3.82
CA GLY A 224 -0.57 17.92 -5.01
C GLY A 224 -0.81 18.69 -6.30
N VAL A 225 -0.65 20.01 -6.27
CA VAL A 225 -0.89 20.84 -7.44
C VAL A 225 0.42 21.49 -7.87
N GLY A 226 0.73 21.34 -9.16
CA GLY A 226 1.90 21.97 -9.75
C GLY A 226 1.57 23.36 -10.27
N PRO A 227 2.59 24.14 -10.70
CA PRO A 227 2.34 25.40 -11.40
C PRO A 227 1.32 25.19 -12.54
N LEU A 228 0.34 26.11 -12.60
CA LEU A 228 -0.69 26.06 -13.65
C LEU A 228 -0.36 27.16 -14.67
N CYS A 229 -0.28 26.77 -15.93
CA CYS A 229 0.28 27.62 -16.95
C CYS A 229 -0.81 28.53 -17.56
N LYS A 230 -0.83 29.77 -17.08
CA LYS A 230 -1.80 30.77 -17.48
C LYS A 230 -1.50 31.21 -18.91
N GLY A 231 -2.53 31.22 -19.73
CA GLY A 231 -2.37 31.57 -21.13
C GLY A 231 -1.47 30.59 -21.87
N ASP A 232 -1.40 29.34 -21.38
CA ASP A 232 -0.60 28.27 -21.96
C ASP A 232 0.86 28.69 -22.10
N GLY A 233 1.37 29.44 -21.13
CA GLY A 233 2.80 29.83 -21.04
C GLY A 233 3.50 29.22 -19.84
N LEU A 234 4.65 28.59 -20.08
CA LEU A 234 5.54 28.04 -19.08
C LEU A 234 6.77 28.95 -18.96
N TYR A 235 7.08 29.36 -17.73
CA TYR A 235 8.16 30.31 -17.46
C TYR A 235 9.29 29.60 -16.72
N VAL A 236 10.49 29.74 -17.26
CA VAL A 236 11.67 29.10 -16.74
C VAL A 236 12.72 30.19 -16.54
N SER A 237 13.36 30.21 -15.37
CA SER A 237 14.30 31.23 -15.01
C SER A 237 15.47 30.58 -14.28
N CYS A 238 16.66 31.16 -14.39
CA CYS A 238 17.80 30.60 -13.66
C CYS A 238 18.97 31.58 -13.62
N CYS A 239 19.95 31.21 -12.80
CA CYS A 239 21.26 31.81 -12.78
C CYS A 239 22.23 30.79 -12.20
N ASP A 240 23.41 30.64 -12.82
CA ASP A 240 24.41 29.65 -12.40
C ASP A 240 25.81 30.23 -12.53
N ILE A 241 26.24 30.90 -11.47
CA ILE A 241 27.58 31.41 -11.32
C ILE A 241 28.44 30.33 -10.68
N VAL A 242 29.58 30.01 -11.30
CA VAL A 242 30.43 28.93 -10.81
C VAL A 242 31.76 29.46 -10.29
N GLY A 243 31.97 30.76 -10.36
CA GLY A 243 33.14 31.36 -9.70
C GLY A 243 33.71 32.48 -10.56
N PHE A 244 34.99 32.76 -10.35
CA PHE A 244 35.70 33.81 -11.05
C PHE A 244 36.92 33.22 -11.76
N LEU A 245 37.17 33.75 -12.96
CA LEU A 245 38.43 33.56 -13.66
C LEU A 245 39.39 34.65 -13.20
N VAL A 246 40.59 34.27 -12.78
CA VAL A 246 41.57 35.20 -12.28
C VAL A 246 42.66 35.38 -13.36
N GLY A 247 42.65 36.55 -14.00
CA GLY A 247 43.64 36.90 -14.99
C GLY A 247 45.04 37.03 -14.39
N LYS A 248 46.04 37.07 -15.27
CA LYS A 248 47.45 37.14 -14.93
C LYS A 248 47.74 38.27 -13.92
N ASP A 249 47.12 39.42 -14.11
CA ASP A 249 47.41 40.60 -13.29
C ASP A 249 46.46 40.70 -12.10
N GLY A 250 45.58 39.71 -11.91
CA GLY A 250 44.65 39.71 -10.77
C GLY A 250 43.26 40.19 -11.11
N ASP A 251 43.03 40.64 -12.35
CA ASP A 251 41.70 41.08 -12.80
C ASP A 251 40.78 39.86 -12.85
N MET A 252 39.52 40.04 -12.44
CA MET A 252 38.63 38.88 -12.26
C MET A 252 37.32 39.09 -13.01
N GLN A 253 36.77 37.98 -13.51
CA GLN A 253 35.49 37.98 -14.20
C GLN A 253 34.63 36.84 -13.67
N TYR A 254 33.34 37.09 -13.53
CA TYR A 254 32.39 36.02 -13.26
C TYR A 254 32.39 35.03 -14.41
N ARG A 255 32.20 33.75 -14.08
CA ARG A 255 31.98 32.67 -15.04
C ARG A 255 30.65 32.02 -14.71
N GLY A 256 29.80 31.87 -15.73
CA GLY A 256 28.53 31.18 -15.63
C GLY A 256 28.44 30.03 -16.60
N LEU A 257 27.52 29.10 -16.31
CA LEU A 257 27.27 27.95 -17.13
C LEU A 257 25.80 27.89 -17.51
N PRO A 258 25.46 27.22 -18.62
CA PRO A 258 24.08 27.09 -19.05
C PRO A 258 23.34 26.08 -18.17
N ARG A 259 22.01 26.14 -18.22
CA ARG A 259 21.18 25.19 -17.51
C ARG A 259 20.20 24.57 -18.51
N TYR A 260 20.01 23.26 -18.37
CA TYR A 260 19.08 22.48 -19.15
C TYR A 260 17.83 22.17 -18.32
N PHE A 261 16.68 22.09 -18.98
CA PHE A 261 15.43 21.75 -18.32
C PHE A 261 14.63 20.77 -19.17
N ASN A 262 14.04 19.76 -18.52
CA ASN A 262 13.09 18.84 -19.15
C ASN A 262 11.88 18.80 -18.20
N ILE A 263 10.78 19.43 -18.60
CA ILE A 263 9.61 19.63 -17.75
C ILE A 263 8.48 18.75 -18.26
N LEU A 264 7.88 17.98 -17.34
CA LEU A 264 6.73 17.15 -17.65
C LEU A 264 5.47 17.91 -17.20
N LEU A 265 4.48 18.00 -18.10
CA LEU A 265 3.24 18.67 -17.80
C LEU A 265 2.07 17.74 -18.12
N ARG A 266 0.97 17.96 -17.39
CA ARG A 266 -0.23 17.17 -17.57
C ARG A 266 -1.42 18.12 -17.64
N LYS A 267 -2.50 17.64 -18.27
CA LYS A 267 -3.72 18.42 -18.39
C LYS A 267 -4.51 18.29 -17.09
N ARG A 268 -4.94 19.46 -16.59
CA ARG A 268 -5.68 19.57 -15.37
C ARG A 268 -6.95 20.38 -15.66
N THR A 269 -8.10 19.80 -15.26
CA THR A 269 -9.36 20.53 -15.30
C THR A 269 -9.41 21.50 -14.11
N VAL A 270 -9.83 22.73 -14.37
CA VAL A 270 -10.00 23.76 -13.34
C VAL A 270 -11.39 24.41 -13.52
N ARG A 271 -11.89 25.04 -12.46
CA ARG A 271 -13.18 25.73 -12.49
C ARG A 271 -12.99 27.08 -13.18
N ASN A 272 -13.96 27.43 -14.02
CA ASN A 272 -13.98 28.67 -14.79
C ASN A 272 -15.04 29.60 -14.17
N ASN B 1 12.38 5.79 -29.41
CA ASN B 1 12.32 5.05 -30.70
C ASN B 1 11.96 3.57 -30.48
N ILE B 2 12.45 2.96 -29.38
CA ILE B 2 12.21 1.55 -29.07
C ILE B 2 10.94 1.42 -28.23
N GLU B 3 9.97 0.64 -28.73
CA GLU B 3 8.76 0.28 -27.97
C GLU B 3 9.08 -0.89 -27.04
N VAL B 4 9.05 -0.66 -25.73
CA VAL B 4 9.49 -1.62 -24.74
C VAL B 4 8.29 -2.48 -24.35
N LEU B 5 8.47 -3.81 -24.34
CA LEU B 5 7.41 -4.73 -23.94
C LEU B 5 7.81 -5.39 -22.61
N ASN B 6 7.51 -6.68 -22.44
CA ASN B 6 7.61 -7.33 -21.16
C ASN B 6 9.05 -7.84 -20.95
N LEU B 7 9.39 -8.02 -19.67
CA LEU B 7 10.60 -8.72 -19.26
C LEU B 7 10.51 -10.18 -19.67
N VAL B 8 11.64 -10.75 -20.07
CA VAL B 8 11.80 -12.18 -20.25
C VAL B 8 12.17 -12.76 -18.88
N THR B 9 11.43 -13.78 -18.43
CA THR B 9 11.66 -14.37 -17.11
C THR B 9 12.31 -15.74 -17.31
N GLY B 10 12.85 -16.27 -16.20
CA GLY B 10 13.27 -17.64 -16.11
C GLY B 10 14.78 -17.81 -16.16
N PRO B 11 15.25 -19.04 -16.45
CA PRO B 11 16.69 -19.29 -16.48
C PRO B 11 17.38 -18.56 -17.63
N ASP B 12 18.55 -18.02 -17.33
CA ASP B 12 19.41 -17.37 -18.32
C ASP B 12 18.83 -16.01 -18.74
N SER B 13 17.88 -15.45 -17.97
CA SER B 13 17.28 -14.13 -18.30
C SER B 13 18.14 -12.96 -17.78
N ILE B 14 19.19 -13.27 -17.00
CA ILE B 14 20.05 -12.27 -16.32
C ILE B 14 21.50 -12.53 -16.72
N THR B 15 22.32 -11.48 -16.78
CA THR B 15 23.75 -11.62 -16.94
C THR B 15 24.43 -10.44 -16.25
N THR B 16 25.74 -10.57 -15.96
CA THR B 16 26.49 -9.50 -15.32
C THR B 16 27.74 -9.26 -16.14
N ILE B 17 28.17 -7.99 -16.19
CA ILE B 17 29.37 -7.59 -16.86
C ILE B 17 30.24 -6.91 -15.81
N GLU B 18 31.50 -7.31 -15.74
CA GLU B 18 32.47 -6.72 -14.85
C GLU B 18 33.61 -6.15 -15.70
N LEU B 19 34.04 -4.93 -15.40
CA LEU B 19 35.22 -4.39 -16.06
C LEU B 19 35.82 -3.29 -15.19
N TYR B 20 37.02 -2.85 -15.58
CA TYR B 20 37.61 -1.62 -15.02
C TYR B 20 38.08 -0.78 -16.19
N LEU B 21 38.18 0.52 -15.96
CA LEU B 21 38.80 1.44 -16.89
C LEU B 21 39.92 2.16 -16.16
N ASN B 22 41.11 2.15 -16.77
CA ASN B 22 42.22 2.91 -16.28
C ASN B 22 42.06 4.37 -16.71
N THR B 23 42.65 5.26 -15.91
CA THR B 23 42.53 6.68 -16.06
C THR B 23 43.31 7.15 -17.29
N ARG B 24 42.84 8.25 -17.89
CA ARG B 24 43.47 8.86 -19.05
C ARG B 24 43.78 10.32 -18.72
N MET B 25 44.81 10.52 -17.90
CA MET B 25 45.17 11.84 -17.42
C MET B 25 46.07 12.59 -18.42
N GLY B 26 46.69 11.85 -19.33
CA GLY B 26 47.52 12.46 -20.38
C GLY B 26 48.72 11.61 -20.72
N GLN B 27 49.39 11.04 -19.71
CA GLN B 27 50.38 9.98 -19.96
C GLN B 27 49.62 8.66 -19.84
N ASN B 28 49.18 8.14 -20.99
CA ASN B 28 48.21 7.05 -21.05
C ASN B 28 48.85 5.74 -21.48
N ASP B 29 50.19 5.69 -21.50
CA ASP B 29 50.93 4.50 -21.87
C ASP B 29 51.43 3.80 -20.60
N GLU B 30 50.89 2.60 -20.33
CA GLU B 30 51.15 1.87 -19.09
C GLU B 30 52.60 1.38 -19.00
N SER B 31 53.39 1.51 -20.08
CA SER B 31 54.79 1.09 -20.08
C SER B 31 55.73 2.25 -19.76
N LYS B 32 55.20 3.47 -19.61
CA LYS B 32 56.06 4.64 -19.42
C LYS B 32 55.88 5.22 -18.02
N ASP B 33 56.90 5.94 -17.55
CA ASP B 33 56.84 6.65 -16.30
C ASP B 33 55.67 7.63 -16.37
N ASN B 34 55.16 8.01 -15.19
CA ASN B 34 54.08 9.01 -15.08
C ASN B 34 52.76 8.48 -15.60
N TYR B 35 52.61 7.17 -15.80
CA TYR B 35 51.33 6.60 -16.16
C TYR B 35 50.31 6.93 -15.07
N GLY B 36 49.10 7.32 -15.49
CA GLY B 36 48.06 7.67 -14.50
C GLY B 36 48.19 9.08 -13.99
N TYR B 37 49.09 9.86 -14.59
CA TYR B 37 49.25 11.27 -14.35
C TYR B 37 49.22 11.99 -15.70
N SER B 38 48.99 13.30 -15.66
CA SER B 38 49.21 14.13 -16.83
C SER B 38 50.71 14.43 -16.93
N GLU B 39 51.12 14.92 -18.10
CA GLU B 39 52.36 15.66 -18.21
C GLU B 39 52.21 16.95 -17.40
N LYS B 40 53.34 17.59 -17.10
CA LYS B 40 53.35 18.84 -16.34
C LYS B 40 52.42 19.86 -16.98
N VAL B 41 51.63 20.52 -16.13
CA VAL B 41 50.73 21.55 -16.55
C VAL B 41 51.53 22.79 -16.93
N THR B 42 51.12 23.42 -18.04
CA THR B 42 51.67 24.71 -18.49
C THR B 42 50.51 25.71 -18.57
N VAL B 43 50.85 26.99 -18.66
CA VAL B 43 49.88 28.05 -18.55
C VAL B 43 50.06 29.01 -19.73
N ALA B 44 48.96 29.29 -20.42
CA ALA B 44 48.93 30.20 -21.55
C ALA B 44 49.46 31.58 -21.16
N ASN B 45 50.25 32.18 -22.05
CA ASN B 45 50.70 33.57 -21.88
C ASN B 45 49.50 34.51 -22.10
N SER B 46 48.60 34.14 -23.01
CA SER B 46 47.40 34.93 -23.26
C SER B 46 46.34 33.98 -23.83
N SER B 47 45.08 34.43 -23.86
CA SER B 47 43.99 33.55 -24.24
C SER B 47 44.03 33.20 -25.74
N ASP B 48 44.72 34.03 -26.53
CA ASP B 48 44.87 33.77 -27.97
C ASP B 48 46.15 32.98 -28.26
N GLN B 49 46.90 32.60 -27.22
CA GLN B 49 48.07 31.71 -27.33
C GLN B 49 47.95 30.63 -26.25
N ASP B 50 46.80 29.95 -26.23
CA ASP B 50 46.47 28.95 -25.24
C ASP B 50 46.53 27.59 -25.93
N LYS B 51 47.70 26.95 -25.84
CA LYS B 51 48.01 25.75 -26.58
C LYS B 51 48.59 24.73 -25.61
N PRO B 52 47.75 23.88 -24.99
CA PRO B 52 48.26 22.89 -24.07
C PRO B 52 49.29 21.98 -24.75
N THR B 53 50.33 21.64 -23.99
CA THR B 53 51.32 20.68 -24.43
C THR B 53 50.66 19.32 -24.60
N SER B 54 51.31 18.48 -25.41
CA SER B 54 50.86 17.13 -25.61
C SER B 54 50.92 16.38 -24.28
N GLY B 55 49.78 15.78 -23.90
CA GLY B 55 49.74 14.93 -22.71
C GLY B 55 49.40 15.66 -21.41
N GLU B 56 49.13 16.97 -21.44
CA GLU B 56 48.84 17.66 -20.16
C GLU B 56 47.34 17.76 -19.89
N ILE B 57 46.49 17.18 -20.75
CA ILE B 57 45.05 17.37 -20.54
C ILE B 57 44.34 16.03 -20.41
N PRO B 58 43.53 15.88 -19.34
CA PRO B 58 42.74 14.67 -19.13
C PRO B 58 41.65 14.46 -20.18
N THR B 59 41.37 13.20 -20.46
CA THR B 59 40.35 12.78 -21.40
C THR B 59 39.46 11.73 -20.73
N TYR B 60 38.30 11.49 -21.33
CA TYR B 60 37.39 10.46 -20.86
C TYR B 60 37.96 9.08 -21.14
N SER B 61 37.70 8.17 -20.20
CA SER B 61 37.87 6.74 -20.39
C SER B 61 36.57 6.18 -20.94
N THR B 62 36.65 5.19 -21.82
CA THR B 62 35.43 4.60 -22.37
C THR B 62 35.74 3.22 -22.94
N ALA B 63 34.71 2.35 -22.92
CA ALA B 63 34.77 1.04 -23.56
C ALA B 63 33.39 0.64 -24.03
N ARG B 64 33.36 -0.18 -25.09
CA ARG B 64 32.15 -0.89 -25.51
C ARG B 64 32.39 -2.37 -25.15
N ILE B 65 31.44 -2.96 -24.42
CA ILE B 65 31.52 -4.36 -24.07
C ILE B 65 30.49 -5.14 -24.91
N ASN B 66 30.97 -6.22 -25.54
CA ASN B 66 30.08 -7.12 -26.31
C ASN B 66 29.30 -7.99 -25.33
N LEU B 67 27.98 -8.04 -25.51
CA LEU B 67 27.12 -8.80 -24.66
C LEU B 67 26.78 -10.12 -25.35
N PRO B 68 26.27 -11.13 -24.60
CA PRO B 68 25.83 -12.38 -25.21
C PRO B 68 24.80 -12.13 -26.31
N MET B 69 25.01 -12.78 -27.48
CA MET B 69 24.09 -12.68 -28.62
C MET B 69 22.73 -13.24 -28.21
N LEU B 70 21.67 -12.61 -28.71
CA LEU B 70 20.29 -12.96 -28.44
C LEU B 70 19.64 -13.50 -29.72
N ASN B 71 18.39 -13.13 -30.06
CA ASN B 71 17.68 -13.67 -31.24
C ASN B 71 18.38 -13.22 -32.53
N THR B 78 8.86 -9.01 -32.64
CA THR B 78 9.61 -8.57 -31.46
C THR B 78 11.06 -9.05 -31.52
N LEU B 79 11.93 -8.38 -30.74
CA LEU B 79 13.29 -8.79 -30.51
C LEU B 79 13.56 -8.76 -29.01
N THR B 80 14.65 -9.40 -28.60
CA THR B 80 15.11 -9.33 -27.22
C THR B 80 16.35 -8.43 -27.19
N MET B 81 16.40 -7.55 -26.17
CA MET B 81 17.56 -6.73 -25.90
C MET B 81 17.97 -6.89 -24.43
N TRP B 82 19.26 -6.70 -24.19
CA TRP B 82 19.77 -6.57 -22.85
C TRP B 82 19.44 -5.19 -22.30
N GLU B 83 18.87 -5.17 -21.09
CA GLU B 83 18.52 -3.97 -20.36
C GLU B 83 19.42 -3.88 -19.11
N ALA B 84 20.20 -2.80 -18.99
CA ALA B 84 21.03 -2.58 -17.82
C ALA B 84 20.15 -2.10 -16.67
N VAL B 85 20.14 -2.87 -15.58
CA VAL B 85 19.28 -2.66 -14.42
C VAL B 85 19.98 -1.80 -13.37
N SER B 86 21.26 -2.10 -13.13
CA SER B 86 21.96 -1.52 -12.00
C SER B 86 23.46 -1.65 -12.20
N VAL B 87 24.21 -0.84 -11.46
CA VAL B 87 25.65 -0.93 -11.49
C VAL B 87 26.19 -0.72 -10.06
N LYS B 88 27.22 -1.49 -9.73
CA LYS B 88 28.05 -1.23 -8.57
C LYS B 88 29.39 -0.73 -9.14
N THR B 89 29.76 0.49 -8.75
CA THR B 89 30.97 1.10 -9.29
C THR B 89 31.73 1.73 -8.13
N GLU B 90 33.06 1.63 -8.22
CA GLU B 90 33.96 2.14 -7.19
C GLU B 90 35.19 2.73 -7.85
N VAL B 91 35.73 3.77 -7.20
CA VAL B 91 37.04 4.27 -7.53
C VAL B 91 38.06 3.36 -6.84
N VAL B 92 39.06 2.92 -7.62
CA VAL B 92 40.05 1.96 -7.16
C VAL B 92 41.30 2.72 -6.76
N GLY B 93 41.99 2.24 -5.73
CA GLY B 93 43.28 2.81 -5.35
C GLY B 93 43.18 4.08 -4.54
N VAL B 94 42.03 4.35 -3.89
CA VAL B 94 41.92 5.58 -3.07
C VAL B 94 43.05 5.64 -2.01
N SER B 95 43.38 4.50 -1.40
CA SER B 95 44.38 4.43 -0.33
C SER B 95 45.78 4.85 -0.83
N SER B 96 45.99 4.80 -2.14
CA SER B 96 47.28 5.24 -2.75
C SER B 96 47.55 6.72 -2.44
N LEU B 97 46.51 7.49 -2.07
CA LEU B 97 46.65 8.91 -1.73
C LEU B 97 47.19 9.10 -0.31
N VAL B 98 47.29 8.01 0.47
CA VAL B 98 47.90 8.04 1.78
C VAL B 98 49.41 7.87 1.59
N ASN B 99 50.02 8.91 1.07
CA ASN B 99 51.44 8.86 0.69
C ASN B 99 51.96 10.30 0.72
N VAL B 100 52.86 10.59 1.66
CA VAL B 100 53.42 11.92 1.80
C VAL B 100 54.96 11.87 1.84
N HIS B 101 55.54 10.82 1.22
CA HIS B 101 57.01 10.73 1.13
C HIS B 101 57.49 10.77 -0.32
N MET B 102 56.59 11.03 -1.26
CA MET B 102 56.97 11.14 -2.67
C MET B 102 57.78 12.44 -2.86
N ALA B 103 58.51 12.52 -3.98
CA ALA B 103 59.34 13.68 -4.27
C ALA B 103 58.47 14.87 -4.66
N THR B 104 58.09 15.64 -3.65
CA THR B 104 57.14 16.73 -3.76
C THR B 104 57.62 17.93 -2.95
N LYS B 105 56.98 19.07 -3.16
CA LYS B 105 57.03 20.19 -2.21
C LYS B 105 56.63 19.65 -0.82
N ARG B 106 57.13 20.29 0.24
CA ARG B 106 56.84 19.76 1.57
C ARG B 106 56.50 20.91 2.53
N MET B 107 55.85 20.55 3.64
CA MET B 107 55.38 21.49 4.62
C MET B 107 56.53 21.92 5.57
N TYR B 108 56.34 23.06 6.23
CA TYR B 108 57.10 23.52 7.40
C TYR B 108 58.61 23.55 7.13
N ASP B 109 59.02 24.43 6.20
CA ASP B 109 60.45 24.76 6.00
C ASP B 109 61.27 23.47 5.79
N ASP B 110 60.75 22.61 4.91
CA ASP B 110 61.43 21.40 4.45
C ASP B 110 61.62 20.36 5.57
N LYS B 111 60.80 20.42 6.63
CA LYS B 111 60.88 19.44 7.72
C LYS B 111 59.63 18.54 7.78
N GLY B 112 58.53 19.01 7.19
CA GLY B 112 57.23 18.37 7.31
C GLY B 112 56.95 17.38 6.19
N ILE B 113 55.68 16.95 6.12
CA ILE B 113 55.28 15.96 5.14
C ILE B 113 55.45 16.54 3.72
N GLY B 114 55.63 15.63 2.76
CA GLY B 114 55.40 15.96 1.38
C GLY B 114 53.94 16.28 1.17
N PHE B 115 53.65 17.20 0.25
CA PHE B 115 52.26 17.51 -0.08
C PHE B 115 51.60 16.25 -0.64
N PRO B 116 50.45 15.80 -0.11
CA PRO B 116 49.72 14.72 -0.76
C PRO B 116 49.12 15.25 -2.07
N VAL B 117 48.69 14.32 -2.92
CA VAL B 117 47.90 14.67 -4.08
C VAL B 117 46.65 15.39 -3.57
N GLU B 118 46.40 16.61 -4.06
CA GLU B 118 45.34 17.44 -3.56
C GLU B 118 44.92 18.47 -4.60
N GLY B 119 43.74 19.04 -4.38
CA GLY B 119 43.15 20.00 -5.26
C GLY B 119 41.94 19.44 -5.97
N MET B 120 41.75 19.93 -7.20
CA MET B 120 40.58 19.70 -8.01
C MET B 120 40.24 18.20 -8.07
N ASN B 121 38.96 17.90 -7.82
CA ASN B 121 38.41 16.56 -8.03
C ASN B 121 37.31 16.65 -9.08
N PHE B 122 37.24 15.64 -9.93
CA PHE B 122 36.26 15.52 -10.97
C PHE B 122 35.97 14.03 -11.15
N HIS B 123 34.72 13.66 -10.94
CA HIS B 123 34.31 12.27 -10.96
C HIS B 123 33.04 12.15 -11.78
N MET B 124 33.08 11.32 -12.83
CA MET B 124 31.89 11.07 -13.60
CA MET B 124 31.89 11.07 -13.60
C MET B 124 31.92 9.63 -14.11
N PHE B 125 30.75 9.00 -14.19
CA PHE B 125 30.63 7.74 -14.87
C PHE B 125 29.31 7.75 -15.63
N ALA B 126 29.25 6.90 -16.65
CA ALA B 126 28.06 6.75 -17.48
C ALA B 126 27.97 5.30 -17.93
N VAL B 127 26.73 4.78 -17.92
CA VAL B 127 26.45 3.46 -18.42
C VAL B 127 25.27 3.59 -19.39
N GLY B 128 25.42 3.07 -20.61
CA GLY B 128 24.36 3.20 -21.59
C GLY B 128 24.36 2.09 -22.62
N GLY B 129 23.33 2.11 -23.47
CA GLY B 129 23.15 1.11 -24.52
C GLY B 129 23.62 1.60 -25.88
N GLU B 130 24.35 2.72 -25.87
CA GLU B 130 24.93 3.34 -27.05
C GLU B 130 25.98 4.33 -26.56
N PRO B 131 26.85 4.88 -27.43
CA PRO B 131 27.89 5.82 -26.99
C PRO B 131 27.30 7.05 -26.29
N LEU B 132 28.01 7.53 -25.27
CA LEU B 132 27.65 8.71 -24.57
C LEU B 132 27.66 9.89 -25.56
N GLU B 133 26.57 10.65 -25.56
CA GLU B 133 26.43 11.79 -26.44
C GLU B 133 26.99 13.03 -25.72
N LEU B 134 27.86 13.76 -26.44
CA LEU B 134 28.61 14.87 -25.90
C LEU B 134 28.17 16.19 -26.51
N GLN B 135 28.29 17.25 -25.70
CA GLN B 135 28.12 18.63 -26.07
C GLN B 135 29.47 19.32 -25.87
N PHE B 136 29.88 20.14 -26.85
CA PHE B 136 31.08 20.92 -26.71
C PHE B 136 30.78 22.17 -25.88
N LEU B 137 31.66 22.48 -24.92
CA LEU B 137 31.59 23.71 -24.15
C LEU B 137 32.94 23.90 -23.47
N THR B 138 33.53 25.09 -23.65
CA THR B 138 34.88 25.35 -23.23
C THR B 138 34.95 26.67 -22.49
N GLY B 139 35.93 26.78 -21.58
CA GLY B 139 36.27 28.03 -20.94
C GLY B 139 36.99 29.02 -21.86
N ASN B 140 37.54 28.54 -22.97
CA ASN B 140 38.30 29.40 -23.91
C ASN B 140 38.11 28.85 -25.34
N TYR B 141 37.32 29.56 -26.14
CA TYR B 141 36.96 29.08 -27.49
C TYR B 141 38.21 28.96 -28.37
N ARG B 142 39.27 29.69 -28.02
CA ARG B 142 40.49 29.79 -28.83
C ARG B 142 41.50 28.68 -28.48
N THR B 143 41.19 27.79 -27.52
CA THR B 143 42.17 26.79 -27.14
C THR B 143 42.64 26.02 -28.39
N ASP B 144 43.96 25.85 -28.49
CA ASP B 144 44.60 25.24 -29.64
C ASP B 144 45.11 23.86 -29.24
N TYR B 145 44.50 22.81 -29.80
CA TYR B 145 44.75 21.42 -29.42
C TYR B 145 45.77 20.75 -30.37
N SER B 146 46.45 21.54 -31.22
CA SER B 146 47.23 20.98 -32.34
C SER B 146 48.55 20.36 -31.88
N ALA B 147 48.94 20.53 -30.60
CA ALA B 147 50.12 19.80 -30.10
C ALA B 147 49.86 18.29 -30.04
N ASN B 148 48.59 17.87 -30.08
CA ASN B 148 48.25 16.46 -30.01
C ASN B 148 47.09 16.17 -30.96
N ASP B 149 47.42 15.66 -32.15
CA ASP B 149 46.41 15.44 -33.19
C ASP B 149 45.60 14.16 -32.92
N LYS B 150 45.89 13.43 -31.84
CA LYS B 150 45.08 12.26 -31.48
C LYS B 150 43.83 12.69 -30.67
N LEU B 151 43.78 13.94 -30.19
CA LEU B 151 42.58 14.44 -29.48
C LEU B 151 41.46 14.66 -30.50
N VAL B 152 40.23 14.40 -30.09
CA VAL B 152 39.05 14.67 -30.91
C VAL B 152 38.41 15.95 -30.41
N VAL B 153 38.47 16.99 -31.24
CA VAL B 153 37.94 18.29 -30.98
C VAL B 153 37.30 18.82 -32.26
N PRO B 154 36.43 19.85 -32.20
CA PRO B 154 35.80 20.37 -33.40
C PRO B 154 36.84 21.00 -34.31
N PRO B 155 36.65 20.93 -35.65
CA PRO B 155 37.62 21.50 -36.60
C PRO B 155 37.60 23.04 -36.66
N ILE B 156 36.50 23.66 -36.20
CA ILE B 156 36.36 25.11 -36.24
C ILE B 156 36.14 25.62 -34.81
N LYS B 157 36.59 26.84 -34.57
CA LYS B 157 36.46 27.49 -33.29
C LYS B 157 35.52 28.69 -33.45
N HIS B 158 34.71 28.94 -32.42
CA HIS B 158 33.82 30.08 -32.44
C HIS B 158 33.55 30.56 -31.02
N GLN B 159 33.38 31.88 -30.87
CA GLN B 159 33.15 32.56 -29.61
C GLN B 159 32.00 31.92 -28.82
N SER B 160 30.99 31.42 -29.53
CA SER B 160 29.73 30.97 -28.92
C SER B 160 29.93 29.67 -28.12
N THR B 161 31.05 28.97 -28.34
CA THR B 161 31.33 27.70 -27.69
C THR B 161 31.73 27.88 -26.22
N GLN B 162 31.82 29.11 -25.72
CA GLN B 162 31.96 29.36 -24.28
C GLN B 162 30.60 29.25 -23.59
N GLY B 163 29.53 29.16 -24.38
CA GLY B 163 28.23 28.74 -23.92
C GLY B 163 27.83 27.46 -24.63
N LEU B 164 26.52 27.17 -24.65
CA LEU B 164 26.00 25.97 -25.28
C LEU B 164 25.59 26.36 -26.71
N ASN B 165 26.38 25.88 -27.67
CA ASN B 165 26.05 25.98 -29.09
C ASN B 165 25.73 24.57 -29.58
N PRO B 166 24.46 24.26 -29.84
CA PRO B 166 24.06 22.89 -30.17
C PRO B 166 24.57 22.38 -31.52
N HIS B 167 25.27 23.24 -32.28
CA HIS B 167 25.91 22.82 -33.53
C HIS B 167 27.20 22.06 -33.28
N TYR B 168 27.68 22.03 -32.02
CA TYR B 168 28.93 21.39 -31.70
C TYR B 168 28.67 20.20 -30.75
N LYS B 169 28.48 19.02 -31.34
CA LYS B 169 28.22 17.79 -30.60
C LYS B 169 29.15 16.69 -31.09
N GLN B 170 29.18 15.59 -30.33
CA GLN B 170 29.97 14.43 -30.67
C GLN B 170 29.40 13.22 -29.91
N LYS B 171 30.00 12.06 -30.19
CA LYS B 171 29.75 10.85 -29.42
C LYS B 171 31.09 10.34 -28.91
N LEU B 172 31.07 9.82 -27.69
CA LEU B 172 32.28 9.34 -27.05
C LEU B 172 32.59 7.93 -27.57
N THR B 173 33.39 7.86 -28.63
CA THR B 173 33.62 6.63 -29.35
C THR B 173 35.08 6.20 -29.27
N LYS B 174 35.93 6.96 -28.58
CA LYS B 174 37.32 6.61 -28.47
C LYS B 174 37.83 6.93 -27.06
N ASP B 175 38.50 5.95 -26.45
CA ASP B 175 39.13 6.06 -25.16
C ASP B 175 40.34 7.00 -25.25
N GLY B 176 40.52 7.85 -24.24
CA GLY B 176 41.73 8.63 -24.09
C GLY B 176 41.92 9.68 -25.18
N ALA B 177 40.82 10.22 -25.71
CA ALA B 177 40.89 11.10 -26.90
C ALA B 177 40.04 12.35 -26.80
N PHE B 178 38.94 12.31 -26.02
CA PHE B 178 38.04 13.44 -25.90
C PHE B 178 38.36 14.22 -24.62
N PRO B 179 38.89 15.46 -24.72
CA PRO B 179 39.23 16.23 -23.52
C PRO B 179 38.00 16.56 -22.66
N VAL B 180 38.15 16.38 -21.34
N VAL B 180 38.15 16.38 -21.34
CA VAL B 180 37.06 16.66 -20.41
CA VAL B 180 37.06 16.66 -20.41
C VAL B 180 36.81 18.18 -20.38
C VAL B 180 36.81 18.18 -20.38
N GLU B 181 37.86 18.97 -20.62
CA GLU B 181 37.77 20.42 -20.52
C GLU B 181 36.84 21.03 -21.59
N CYS B 182 36.52 20.31 -22.67
CA CYS B 182 35.71 20.91 -23.72
C CYS B 182 34.54 20.02 -24.14
N TRP B 183 34.39 18.83 -23.56
CA TRP B 183 33.26 17.95 -23.86
C TRP B 183 32.58 17.55 -22.55
N CYS B 184 31.26 17.68 -22.54
CA CYS B 184 30.42 17.26 -21.40
C CYS B 184 29.27 16.42 -21.93
N PRO B 185 28.54 15.70 -21.06
CA PRO B 185 27.35 15.00 -21.49
C PRO B 185 26.35 15.98 -22.09
N ASP B 186 25.70 15.57 -23.19
CA ASP B 186 24.68 16.34 -23.84
C ASP B 186 23.36 16.05 -23.14
N PRO B 187 22.82 16.98 -22.34
CA PRO B 187 21.61 16.71 -21.57
C PRO B 187 20.34 16.62 -22.44
N SER B 188 20.44 17.10 -23.69
CA SER B 188 19.30 17.10 -24.63
C SER B 188 19.17 15.73 -25.30
N LYS B 189 20.18 14.86 -25.15
CA LYS B 189 20.11 13.51 -25.69
C LYS B 189 20.33 12.53 -24.53
N ASN B 190 21.07 11.44 -24.77
CA ASN B 190 21.42 10.45 -23.74
C ASN B 190 20.16 9.87 -23.10
N GLU B 191 19.10 9.64 -23.91
CA GLU B 191 17.89 9.02 -23.39
C GLU B 191 18.15 7.56 -22.99
N ASN B 192 19.21 6.97 -23.52
CA ASN B 192 19.50 5.57 -23.37
C ASN B 192 20.81 5.36 -22.58
N THR B 193 21.21 6.38 -21.82
CA THR B 193 22.42 6.37 -20.99
C THR B 193 22.07 7.05 -19.65
N ARG B 194 22.66 6.56 -18.55
CA ARG B 194 22.59 7.24 -17.27
C ARG B 194 23.99 7.78 -16.96
N TYR B 195 24.09 9.04 -16.58
CA TYR B 195 25.38 9.60 -16.18
C TYR B 195 25.25 10.37 -14.86
N TYR B 196 26.36 10.37 -14.11
CA TYR B 196 26.48 11.00 -12.81
C TYR B 196 27.85 11.65 -12.74
N GLY B 197 27.90 12.90 -12.30
CA GLY B 197 29.17 13.56 -12.20
C GLY B 197 29.21 14.57 -11.08
N SER B 198 30.43 14.86 -10.64
CA SER B 198 30.66 15.87 -9.64
C SER B 198 32.01 16.54 -9.91
N TYR B 199 32.12 17.79 -9.45
CA TYR B 199 33.30 18.57 -9.54
C TYR B 199 33.48 19.32 -8.21
N THR B 200 34.69 19.26 -7.68
CA THR B 200 35.08 20.06 -6.53
C THR B 200 36.37 20.78 -6.90
N GLY B 201 36.35 22.10 -6.94
CA GLY B 201 37.47 22.81 -7.50
C GLY B 201 38.39 23.39 -6.44
N GLY B 202 38.93 24.57 -6.75
CA GLY B 202 39.87 25.27 -5.88
C GLY B 202 41.29 24.79 -6.13
N GLN B 203 42.23 25.34 -5.35
CA GLN B 203 43.68 25.18 -5.65
C GLN B 203 44.32 23.95 -4.97
N SER B 204 44.14 23.83 -3.65
N SER B 204 44.13 23.83 -3.66
CA SER B 204 44.79 22.78 -2.84
CA SER B 204 44.79 22.77 -2.85
C SER B 204 43.74 22.02 -2.03
C SER B 204 43.74 22.02 -2.03
N THR B 205 42.50 22.05 -2.50
CA THR B 205 41.34 21.50 -1.80
C THR B 205 41.57 20.05 -1.40
N PRO B 206 41.19 19.65 -0.16
CA PRO B 206 41.26 18.23 0.23
C PRO B 206 40.40 17.38 -0.69
N PRO B 207 40.95 16.31 -1.29
CA PRO B 207 40.13 15.28 -1.93
C PRO B 207 39.23 14.63 -0.88
N VAL B 208 37.96 14.43 -1.22
CA VAL B 208 37.03 13.75 -0.33
C VAL B 208 36.46 12.57 -1.12
N LEU B 209 36.86 11.35 -0.73
CA LEU B 209 36.64 10.16 -1.53
C LEU B 209 36.11 9.04 -0.66
N GLN B 210 35.31 8.16 -1.28
CA GLN B 210 34.75 7.01 -0.57
C GLN B 210 34.94 5.78 -1.45
N PHE B 211 35.01 4.62 -0.80
CA PHE B 211 35.08 3.35 -1.53
C PHE B 211 34.37 2.29 -0.68
N THR B 212 33.51 1.51 -1.34
CA THR B 212 32.78 0.43 -0.66
C THR B 212 32.32 -0.53 -1.75
N ASN B 213 32.06 -1.78 -1.36
CA ASN B 213 31.49 -2.74 -2.30
C ASN B 213 30.01 -2.99 -1.96
N THR B 214 29.36 -2.05 -1.29
CA THR B 214 28.02 -2.29 -0.74
C THR B 214 26.92 -1.45 -1.39
N VAL B 215 27.27 -0.62 -2.37
CA VAL B 215 26.30 0.35 -2.93
C VAL B 215 25.97 -0.03 -4.37
N THR B 216 24.66 -0.16 -4.63
CA THR B 216 24.12 -0.44 -5.92
C THR B 216 23.39 0.81 -6.44
N THR B 217 23.77 1.25 -7.63
CA THR B 217 23.14 2.36 -8.32
C THR B 217 22.09 1.80 -9.31
N VAL B 218 20.83 2.16 -9.09
CA VAL B 218 19.77 1.71 -9.99
C VAL B 218 19.83 2.52 -11.29
N LEU B 219 19.79 1.84 -12.44
CA LEU B 219 19.88 2.49 -13.76
C LEU B 219 18.50 2.61 -14.43
N LEU B 220 17.46 2.02 -13.83
CA LEU B 220 16.11 2.15 -14.35
C LEU B 220 15.70 3.63 -14.26
N ASP B 221 14.98 4.09 -15.28
CA ASP B 221 14.45 5.43 -15.32
C ASP B 221 13.12 5.46 -14.54
N GLU B 222 12.43 6.60 -14.63
CA GLU B 222 11.19 6.84 -13.89
C GLU B 222 10.07 5.91 -14.39
N ASN B 223 10.24 5.29 -15.57
CA ASN B 223 9.26 4.34 -16.10
C ASN B 223 9.68 2.90 -15.83
N GLY B 224 10.77 2.69 -15.07
CA GLY B 224 11.24 1.35 -14.74
C GLY B 224 12.02 0.70 -15.87
N VAL B 225 12.56 1.50 -16.79
CA VAL B 225 13.29 0.98 -17.92
C VAL B 225 14.75 1.43 -17.83
N GLY B 226 15.66 0.45 -17.96
CA GLY B 226 17.08 0.72 -17.97
C GLY B 226 17.59 0.98 -19.39
N PRO B 227 18.87 1.40 -19.54
CA PRO B 227 19.49 1.47 -20.85
C PRO B 227 19.30 0.16 -21.62
N LEU B 228 18.90 0.27 -22.89
CA LEU B 228 18.70 -0.89 -23.78
C LEU B 228 19.87 -0.97 -24.75
N CYS B 229 20.52 -2.12 -24.78
CA CYS B 229 21.79 -2.26 -25.42
C CYS B 229 21.64 -2.58 -26.91
N LYS B 230 21.78 -1.53 -27.73
CA LYS B 230 21.62 -1.62 -29.17
C LYS B 230 22.81 -2.37 -29.76
N GLY B 231 22.50 -3.36 -30.60
CA GLY B 231 23.52 -4.19 -31.20
C GLY B 231 24.27 -5.00 -30.16
N ASP B 232 23.64 -5.28 -29.02
CA ASP B 232 24.23 -6.03 -27.92
C ASP B 232 25.56 -5.43 -27.49
N GLY B 233 25.64 -4.10 -27.47
CA GLY B 233 26.78 -3.38 -26.89
C GLY B 233 26.40 -2.56 -25.67
N LEU B 234 27.24 -2.70 -24.63
CA LEU B 234 27.14 -1.94 -23.41
C LEU B 234 28.30 -0.93 -23.38
N TYR B 235 27.96 0.34 -23.14
CA TYR B 235 28.93 1.42 -23.19
C TYR B 235 29.14 1.97 -21.77
N VAL B 236 30.40 2.02 -21.36
CA VAL B 236 30.80 2.48 -20.05
C VAL B 236 31.85 3.57 -20.24
N SER B 237 31.68 4.68 -19.54
CA SER B 237 32.55 5.82 -19.66
C SER B 237 32.81 6.41 -18.27
N CYS B 238 33.97 7.04 -18.09
CA CYS B 238 34.23 7.69 -16.80
C CYS B 238 35.43 8.63 -16.90
N CYS B 239 35.59 9.39 -15.80
CA CYS B 239 36.78 10.16 -15.52
C CYS B 239 36.84 10.39 -14.00
N ASP B 240 38.03 10.21 -13.42
CA ASP B 240 38.21 10.32 -11.97
C ASP B 240 39.56 11.00 -11.68
N ILE B 241 39.51 12.32 -11.61
CA ILE B 241 40.60 13.16 -11.21
C ILE B 241 40.56 13.35 -9.70
N VAL B 242 41.67 13.06 -9.01
CA VAL B 242 41.70 13.14 -7.57
C VAL B 242 42.60 14.26 -7.06
N GLY B 243 43.23 14.99 -7.98
CA GLY B 243 43.96 16.20 -7.58
C GLY B 243 45.25 16.32 -8.38
N PHE B 244 46.21 17.06 -7.82
CA PHE B 244 47.49 17.33 -8.45
C PHE B 244 48.61 16.84 -7.52
N LEU B 245 49.63 16.26 -8.16
CA LEU B 245 50.93 16.03 -7.56
C LEU B 245 51.76 17.30 -7.72
N VAL B 246 52.32 17.80 -6.61
CA VAL B 246 53.08 19.01 -6.61
C VAL B 246 54.57 18.65 -6.48
N GLY B 247 55.31 18.80 -7.57
CA GLY B 247 56.73 18.50 -7.59
C GLY B 247 57.52 19.48 -6.73
N LYS B 248 58.79 19.12 -6.49
CA LYS B 248 59.71 19.91 -5.64
C LYS B 248 59.73 21.39 -6.03
N ASP B 249 59.75 21.66 -7.33
CA ASP B 249 59.90 23.04 -7.82
C ASP B 249 58.54 23.71 -8.04
N GLY B 250 57.44 23.00 -7.73
CA GLY B 250 56.10 23.59 -7.91
C GLY B 250 55.40 23.16 -9.19
N ASP B 251 56.08 22.36 -10.03
CA ASP B 251 55.46 21.81 -11.24
C ASP B 251 54.35 20.84 -10.83
N MET B 252 53.22 20.86 -11.55
CA MET B 252 52.05 20.08 -11.10
C MET B 252 51.53 19.18 -12.22
N GLN B 253 51.04 18.01 -11.83
CA GLN B 253 50.46 17.04 -12.76
C GLN B 253 49.13 16.57 -12.20
N TYR B 254 48.13 16.41 -13.07
CA TYR B 254 46.89 15.74 -12.69
C TYR B 254 47.21 14.30 -12.27
N ARG B 255 46.46 13.79 -11.30
CA ARG B 255 46.47 12.41 -10.88
C ARG B 255 45.04 11.87 -11.03
N GLY B 256 44.90 10.73 -11.69
CA GLY B 256 43.65 10.03 -11.84
C GLY B 256 43.72 8.62 -11.30
N LEU B 257 42.54 8.04 -11.03
CA LEU B 257 42.41 6.71 -10.50
C LEU B 257 41.48 5.90 -11.40
N PRO B 258 41.64 4.57 -11.40
CA PRO B 258 40.79 3.69 -12.19
C PRO B 258 39.40 3.58 -11.56
N ARG B 259 38.44 3.09 -12.37
CA ARG B 259 37.11 2.86 -11.89
C ARG B 259 36.71 1.43 -12.28
N TYR B 260 36.06 0.76 -11.33
CA TYR B 260 35.53 -0.59 -11.51
C TYR B 260 34.02 -0.52 -11.69
N PHE B 261 33.48 -1.45 -12.49
CA PHE B 261 32.05 -1.52 -12.73
C PHE B 261 31.59 -2.97 -12.68
N ASN B 262 30.45 -3.22 -12.03
CA ASN B 262 29.77 -4.50 -12.07
C ASN B 262 28.31 -4.19 -12.44
N ILE B 263 27.93 -4.53 -13.67
CA ILE B 263 26.64 -4.15 -14.23
C ILE B 263 25.76 -5.39 -14.36
N LEU B 264 24.54 -5.29 -13.83
CA LEU B 264 23.54 -6.35 -13.94
C LEU B 264 22.60 -6.00 -15.10
N LEU B 265 22.38 -6.97 -15.99
CA LEU B 265 21.50 -6.79 -17.13
C LEU B 265 20.46 -7.92 -17.18
N ARG B 266 19.30 -7.61 -17.75
CA ARG B 266 18.20 -8.55 -17.89
C ARG B 266 17.64 -8.48 -19.32
N LYS B 267 17.01 -9.56 -19.75
CA LYS B 267 16.44 -9.63 -21.09
C LYS B 267 15.09 -8.91 -21.09
N ARG B 268 14.92 -8.06 -22.11
CA ARG B 268 13.73 -7.26 -22.29
C ARG B 268 13.22 -7.47 -23.73
N THR B 269 11.93 -7.81 -23.85
CA THR B 269 11.29 -7.89 -25.16
C THR B 269 10.96 -6.47 -25.62
N VAL B 270 11.26 -6.19 -26.89
CA VAL B 270 10.93 -4.89 -27.51
C VAL B 270 10.28 -5.17 -28.87
N ARG B 271 9.56 -4.17 -29.40
CA ARG B 271 9.02 -4.23 -30.77
C ARG B 271 10.15 -4.00 -31.77
N ASN C 1 29.99 -18.79 -5.36
CA ASN C 1 30.18 -20.26 -5.48
C ASN C 1 29.27 -21.03 -4.52
N ILE C 2 28.94 -20.46 -3.35
CA ILE C 2 28.18 -21.15 -2.29
C ILE C 2 26.69 -20.91 -2.46
N GLU C 3 25.92 -21.99 -2.63
CA GLU C 3 24.45 -21.96 -2.72
C GLU C 3 23.89 -21.92 -1.29
N VAL C 4 23.23 -20.80 -0.96
N VAL C 4 23.23 -20.81 -0.96
CA VAL C 4 22.75 -20.55 0.39
CA VAL C 4 22.74 -20.54 0.37
C VAL C 4 21.34 -21.14 0.53
C VAL C 4 21.34 -21.14 0.53
N LEU C 5 21.11 -21.87 1.63
CA LEU C 5 19.80 -22.42 1.93
C LEU C 5 19.22 -21.71 3.16
N ASN C 6 18.53 -22.43 4.05
CA ASN C 6 17.77 -21.84 5.14
C ASN C 6 18.68 -21.56 6.33
N LEU C 7 18.20 -20.67 7.20
CA LEU C 7 18.80 -20.44 8.52
C LEU C 7 18.59 -21.69 9.39
N VAL C 8 19.59 -22.00 10.22
CA VAL C 8 19.50 -22.98 11.25
C VAL C 8 18.90 -22.30 12.49
N THR C 9 17.87 -22.94 13.06
CA THR C 9 17.21 -22.39 14.25
C THR C 9 17.63 -23.18 15.48
N GLY C 10 17.34 -22.61 16.64
CA GLY C 10 17.42 -23.33 17.90
C GLY C 10 18.61 -22.89 18.74
N PRO C 11 18.94 -23.64 19.80
CA PRO C 11 19.96 -23.18 20.74
C PRO C 11 21.36 -23.16 20.08
N ASP C 12 22.10 -22.10 20.35
CA ASP C 12 23.47 -21.94 19.90
C ASP C 12 23.54 -21.71 18.37
N SER C 13 22.42 -21.27 17.77
CA SER C 13 22.39 -20.88 16.35
C SER C 13 22.91 -19.45 16.10
N ILE C 14 23.21 -18.70 17.16
CA ILE C 14 23.71 -17.33 17.11
C ILE C 14 25.01 -17.24 17.90
N THR C 15 25.94 -16.37 17.50
CA THR C 15 27.13 -16.09 18.28
C THR C 15 27.56 -14.65 18.01
N THR C 16 28.35 -14.09 18.91
CA THR C 16 28.81 -12.69 18.74
C THR C 16 30.32 -12.71 18.95
N ILE C 17 31.01 -11.88 18.19
CA ILE C 17 32.44 -11.73 18.30
C ILE C 17 32.70 -10.26 18.62
N GLU C 18 33.45 -10.02 19.67
CA GLU C 18 33.78 -8.67 20.11
C GLU C 18 35.30 -8.57 20.09
N LEU C 19 35.86 -7.53 19.48
CA LEU C 19 37.29 -7.32 19.52
C LEU C 19 37.62 -5.85 19.27
N TYR C 20 38.89 -5.50 19.47
CA TYR C 20 39.42 -4.24 19.00
C TYR C 20 40.69 -4.55 18.19
N LEU C 21 41.05 -3.63 17.31
CA LEU C 21 42.32 -3.65 16.64
C LEU C 21 43.04 -2.33 16.92
N ASN C 22 44.28 -2.44 17.39
CA ASN C 22 45.15 -1.29 17.58
C ASN C 22 45.70 -0.87 16.21
N THR C 23 46.01 0.42 16.10
CA THR C 23 46.45 1.04 14.87
C THR C 23 47.90 0.59 14.55
N ARG C 24 48.23 0.58 13.26
CA ARG C 24 49.54 0.19 12.76
C ARG C 24 50.06 1.33 11.89
N MET C 25 50.49 2.42 12.55
CA MET C 25 50.91 3.61 11.87
C MET C 25 52.40 3.53 11.50
N GLY C 26 53.14 2.64 12.16
CA GLY C 26 54.55 2.44 11.82
C GLY C 26 55.39 2.10 13.04
N GLN C 27 55.17 2.78 14.16
CA GLN C 27 55.69 2.35 15.46
C GLN C 27 54.63 1.47 16.11
N ASN C 28 54.77 0.15 15.89
CA ASN C 28 53.69 -0.79 16.17
C ASN C 28 53.99 -1.64 17.40
N ASP C 29 55.02 -1.25 18.17
CA ASP C 29 55.40 -1.95 19.39
C ASP C 29 54.86 -1.20 20.60
N GLU C 30 53.91 -1.81 21.30
CA GLU C 30 53.19 -1.18 22.41
C GLU C 30 54.10 -0.92 23.62
N SER C 31 55.34 -1.44 23.60
CA SER C 31 56.27 -1.24 24.71
CA SER C 31 56.27 -1.24 24.71
C SER C 31 57.21 -0.06 24.44
N LYS C 32 57.14 0.55 23.26
CA LYS C 32 58.08 1.60 22.87
C LYS C 32 57.37 2.95 22.77
N ASP C 33 58.16 4.03 22.89
CA ASP C 33 57.68 5.37 22.72
C ASP C 33 57.08 5.49 21.31
N ASN C 34 56.17 6.45 21.14
CA ASN C 34 55.57 6.77 19.83
CA ASN C 34 55.57 6.78 19.84
C ASN C 34 54.66 5.66 19.33
N TYR C 35 54.20 4.77 20.23
CA TYR C 35 53.25 3.76 19.82
C TYR C 35 51.97 4.44 19.32
N GLY C 36 51.42 3.94 18.22
CA GLY C 36 50.20 4.52 17.64
C GLY C 36 50.47 5.73 16.78
N TYR C 37 51.75 5.98 16.49
CA TYR C 37 52.20 6.99 15.57
C TYR C 37 53.16 6.34 14.58
N SER C 38 53.39 6.98 13.44
CA SER C 38 54.48 6.58 12.56
C SER C 38 55.79 7.13 13.11
N GLU C 39 56.88 6.61 12.57
CA GLU C 39 58.16 7.33 12.65
C GLU C 39 58.02 8.61 11.82
N LYS C 40 58.94 9.55 12.04
CA LYS C 40 58.93 10.82 11.30
C LYS C 40 58.89 10.57 9.79
N VAL C 41 58.03 11.33 9.11
CA VAL C 41 57.91 11.27 7.68
C VAL C 41 59.16 11.91 7.05
N THR C 42 59.66 11.25 6.01
CA THR C 42 60.75 11.77 5.17
C THR C 42 60.23 11.90 3.74
N VAL C 43 60.96 12.64 2.91
CA VAL C 43 60.50 12.99 1.58
C VAL C 43 61.59 12.64 0.56
N ALA C 44 61.20 11.88 -0.47
CA ALA C 44 62.09 11.44 -1.51
C ALA C 44 62.74 12.65 -2.20
N ASN C 45 64.02 12.51 -2.53
CA ASN C 45 64.72 13.53 -3.32
C ASN C 45 64.22 13.49 -4.76
N SER C 46 63.89 12.29 -5.24
CA SER C 46 63.34 12.12 -6.58
C SER C 46 62.55 10.83 -6.61
N SER C 47 61.75 10.64 -7.66
CA SER C 47 60.83 9.51 -7.72
C SER C 47 61.59 8.18 -7.89
N ASP C 48 62.83 8.23 -8.38
CA ASP C 48 63.66 7.04 -8.54
C ASP C 48 64.54 6.80 -7.30
N GLN C 49 64.41 7.65 -6.28
CA GLN C 49 65.07 7.46 -4.98
C GLN C 49 64.04 7.66 -3.86
N ASP C 50 62.92 6.95 -3.97
CA ASP C 50 61.79 7.06 -3.07
C ASP C 50 61.77 5.81 -2.20
N LYS C 51 62.41 5.92 -1.03
CA LYS C 51 62.66 4.81 -0.15
C LYS C 51 62.21 5.20 1.25
N PRO C 52 60.94 4.96 1.63
CA PRO C 52 60.50 5.32 2.97
C PRO C 52 61.37 4.64 4.03
N THR C 53 61.66 5.37 5.10
CA THR C 53 62.34 4.82 6.24
C THR C 53 61.48 3.74 6.89
N SER C 54 62.13 2.87 7.64
CA SER C 54 61.43 1.82 8.36
C SER C 54 60.52 2.46 9.39
N GLY C 55 59.24 2.10 9.34
CA GLY C 55 58.30 2.57 10.33
C GLY C 55 57.59 3.89 9.99
N GLU C 56 57.82 4.48 8.83
CA GLU C 56 57.14 5.77 8.55
C GLU C 56 55.86 5.57 7.73
N ILE C 57 55.48 4.32 7.43
CA ILE C 57 54.32 4.12 6.56
C ILE C 57 53.27 3.27 7.26
N PRO C 58 52.01 3.77 7.25
CA PRO C 58 50.89 3.02 7.82
C PRO C 58 50.55 1.74 7.05
N THR C 59 50.10 0.74 7.80
CA THR C 59 49.69 -0.54 7.28
C THR C 59 48.29 -0.85 7.80
N TYR C 60 47.63 -1.83 7.16
CA TYR C 60 46.35 -2.30 7.62
C TYR C 60 46.50 -3.07 8.92
N SER C 61 45.49 -2.93 9.78
CA SER C 61 45.29 -3.77 10.91
C SER C 61 44.39 -4.93 10.49
N THR C 62 44.63 -6.13 11.03
CA THR C 62 43.80 -7.25 10.65
C THR C 62 43.91 -8.34 11.70
N ALA C 63 42.84 -9.13 11.82
CA ALA C 63 42.86 -10.34 12.64
C ALA C 63 41.91 -11.35 12.03
N ARG C 64 42.24 -12.64 12.24
CA ARG C 64 41.33 -13.72 11.97
C ARG C 64 40.84 -14.25 13.32
N ILE C 65 39.52 -14.31 13.50
CA ILE C 65 38.96 -14.80 14.74
C ILE C 65 38.37 -16.18 14.49
N ASN C 66 38.69 -17.14 15.37
CA ASN C 66 38.08 -18.47 15.35
C ASN C 66 36.63 -18.40 15.81
N LEU C 67 35.74 -18.99 15.00
CA LEU C 67 34.35 -19.10 15.35
C LEU C 67 34.10 -20.50 15.87
N PRO C 68 32.97 -20.75 16.54
CA PRO C 68 32.65 -22.10 17.03
C PRO C 68 32.68 -23.14 15.91
N MET C 69 33.41 -24.24 16.13
CA MET C 69 33.85 -25.11 15.02
C MET C 69 32.63 -25.82 14.46
N LEU C 70 32.54 -25.92 13.13
CA LEU C 70 31.45 -26.58 12.44
C LEU C 70 32.02 -27.78 11.66
N ASN C 71 31.12 -28.69 11.27
CA ASN C 71 31.48 -29.82 10.46
C ASN C 71 31.74 -29.35 9.03
N GLU C 72 32.89 -29.83 8.51
CA GLU C 72 33.27 -29.66 7.12
C GLU C 72 33.54 -31.06 6.55
N ASP C 73 32.88 -31.40 5.47
CA ASP C 73 33.08 -32.69 4.80
C ASP C 73 32.70 -32.47 3.33
N LEU C 74 33.08 -33.44 2.51
CA LEU C 74 32.82 -33.43 1.08
C LEU C 74 31.62 -34.34 0.74
N THR C 75 31.05 -35.03 1.74
CA THR C 75 30.10 -36.12 1.48
C THR C 75 28.66 -35.65 1.73
N SER C 76 28.46 -34.84 2.78
CA SER C 76 27.11 -34.39 3.23
C SER C 76 26.45 -33.51 2.15
N ASN C 77 25.13 -33.61 2.03
CA ASN C 77 24.39 -32.88 1.01
C ASN C 77 24.40 -31.37 1.35
N THR C 78 24.34 -31.05 2.65
CA THR C 78 24.42 -29.67 3.13
C THR C 78 25.48 -29.57 4.24
N LEU C 79 25.95 -28.33 4.46
CA LEU C 79 26.80 -27.99 5.58
C LEU C 79 26.24 -26.75 6.28
N THR C 80 26.76 -26.46 7.47
CA THR C 80 26.48 -25.24 8.17
C THR C 80 27.71 -24.33 8.07
N MET C 81 27.44 -23.04 7.82
CA MET C 81 28.45 -22.00 7.90
C MET C 81 27.92 -20.88 8.80
N TRP C 82 28.85 -20.18 9.46
CA TRP C 82 28.55 -18.94 10.14
C TRP C 82 28.37 -17.82 9.12
N GLU C 83 27.29 -17.08 9.27
CA GLU C 83 26.96 -15.93 8.42
C GLU C 83 27.01 -14.65 9.28
N ALA C 84 27.87 -13.71 8.90
CA ALA C 84 27.93 -12.42 9.62
C ALA C 84 26.75 -11.54 9.18
N VAL C 85 25.91 -11.17 10.14
CA VAL C 85 24.66 -10.45 9.89
C VAL C 85 24.88 -8.93 10.00
N SER C 86 25.65 -8.51 11.00
CA SER C 86 25.74 -7.09 11.29
C SER C 86 26.99 -6.83 12.13
N VAL C 87 27.40 -5.56 12.14
CA VAL C 87 28.52 -5.15 12.97
C VAL C 87 28.22 -3.78 13.56
N LYS C 88 28.60 -3.61 14.82
CA LYS C 88 28.69 -2.31 15.46
C LYS C 88 30.19 -2.00 15.57
N THR C 89 30.63 -0.89 14.97
CA THR C 89 32.02 -0.55 14.99
C THR C 89 32.16 0.94 15.31
N GLU C 90 33.22 1.26 16.05
CA GLU C 90 33.50 2.64 16.47
C GLU C 90 35.00 2.86 16.51
N VAL C 91 35.42 4.10 16.23
CA VAL C 91 36.77 4.53 16.47
C VAL C 91 36.88 4.89 17.95
N VAL C 92 37.93 4.38 18.60
CA VAL C 92 38.13 4.53 20.03
C VAL C 92 39.10 5.68 20.26
N GLY C 93 38.89 6.44 21.33
CA GLY C 93 39.84 7.45 21.75
C GLY C 93 39.83 8.71 20.90
N VAL C 94 38.70 9.01 20.28
CA VAL C 94 38.56 10.28 19.54
C VAL C 94 38.86 11.48 20.47
N SER C 95 38.43 11.42 21.74
CA SER C 95 38.62 12.53 22.68
C SER C 95 40.10 12.81 22.94
N SER C 96 40.96 11.82 22.68
CA SER C 96 42.43 12.02 22.82
C SER C 96 42.95 13.16 21.92
N LEU C 97 42.19 13.52 20.89
CA LEU C 97 42.57 14.60 19.96
C LEU C 97 42.29 15.98 20.57
N VAL C 98 41.61 16.03 21.72
CA VAL C 98 41.38 17.26 22.46
C VAL C 98 42.63 17.51 23.32
N ASN C 99 43.72 17.86 22.65
CA ASN C 99 44.99 18.00 23.34
C ASN C 99 45.85 18.94 22.52
N VAL C 100 46.14 20.13 23.08
CA VAL C 100 46.92 21.13 22.41
C VAL C 100 48.07 21.61 23.29
N HIS C 101 48.52 20.78 24.24
CA HIS C 101 49.68 21.12 25.09
C HIS C 101 50.86 20.17 24.86
N MET C 102 50.76 19.29 23.87
CA MET C 102 51.85 18.39 23.54
C MET C 102 53.00 19.19 22.91
N ALA C 103 54.19 18.60 22.89
CA ALA C 103 55.38 19.30 22.37
C ALA C 103 55.29 19.37 20.85
N THR C 104 54.68 20.46 20.36
CA THR C 104 54.35 20.64 18.96
C THR C 104 54.67 22.08 18.55
N LYS C 105 54.65 22.33 17.24
CA LYS C 105 54.53 23.66 16.70
C LYS C 105 53.30 24.33 17.33
N ARG C 106 53.32 25.67 17.44
CA ARG C 106 52.20 26.32 18.11
C ARG C 106 51.79 27.58 17.34
N MET C 107 50.56 28.04 17.61
CA MET C 107 49.96 29.17 16.94
C MET C 107 50.50 30.50 17.53
N TYR C 108 50.35 31.57 16.74
CA TYR C 108 50.42 32.98 17.18
C TYR C 108 51.75 33.28 17.91
N ASP C 109 52.86 33.19 17.17
CA ASP C 109 54.17 33.67 17.63
C ASP C 109 54.50 33.07 19.00
N ASP C 110 54.33 31.74 19.10
CA ASP C 110 54.71 30.94 20.26
C ASP C 110 53.90 31.28 21.52
N LYS C 111 52.72 31.87 21.36
CA LYS C 111 51.86 32.22 22.51
C LYS C 111 50.58 31.38 22.53
N GLY C 112 50.20 30.82 21.38
CA GLY C 112 48.90 30.16 21.21
C GLY C 112 48.99 28.66 21.47
N ILE C 113 47.91 27.97 21.12
CA ILE C 113 47.81 26.54 21.33
C ILE C 113 48.91 25.81 20.54
N GLY C 114 49.29 24.63 21.04
CA GLY C 114 49.96 23.67 20.22
C GLY C 114 49.05 23.22 19.09
N PHE C 115 49.62 22.92 17.93
CA PHE C 115 48.84 22.37 16.82
C PHE C 115 48.24 21.05 17.26
N PRO C 116 46.90 20.85 17.13
CA PRO C 116 46.33 19.54 17.37
C PRO C 116 46.75 18.61 16.23
N VAL C 117 46.57 17.32 16.44
CA VAL C 117 46.71 16.34 15.38
C VAL C 117 45.69 16.73 14.29
N GLU C 118 46.17 16.92 13.07
CA GLU C 118 45.32 17.42 12.01
C GLU C 118 45.89 17.03 10.65
N GLY C 119 45.04 17.12 9.62
CA GLY C 119 45.39 16.78 8.29
C GLY C 119 44.65 15.55 7.82
N MET C 120 45.31 14.83 6.93
CA MET C 120 44.79 13.67 6.21
C MET C 120 44.07 12.72 7.16
N ASN C 121 42.84 12.33 6.77
CA ASN C 121 42.11 11.27 7.45
C ASN C 121 41.87 10.14 6.45
N PHE C 122 41.96 8.92 6.96
CA PHE C 122 41.73 7.72 6.17
C PHE C 122 41.11 6.70 7.11
N HIS C 123 39.90 6.25 6.77
CA HIS C 123 39.15 5.36 7.62
C HIS C 123 38.58 4.24 6.77
N MET C 124 38.89 3.01 7.12
CA MET C 124 38.31 1.88 6.42
CA MET C 124 38.32 1.87 6.42
C MET C 124 38.16 0.73 7.40
N PHE C 125 37.10 -0.07 7.20
CA PHE C 125 36.98 -1.31 7.92
C PHE C 125 36.37 -2.33 6.95
N ALA C 126 36.60 -3.60 7.27
CA ALA C 126 36.09 -4.71 6.47
C ALA C 126 35.79 -5.86 7.42
N VAL C 127 34.70 -6.57 7.13
CA VAL C 127 34.31 -7.76 7.82
C VAL C 127 33.99 -8.81 6.77
N GLY C 128 34.62 -9.98 6.85
CA GLY C 128 34.36 -11.01 5.83
C GLY C 128 34.61 -12.41 6.32
N GLY C 129 34.27 -13.38 5.45
CA GLY C 129 34.39 -14.79 5.74
C GLY C 129 35.67 -15.39 5.18
N GLU C 130 36.58 -14.53 4.72
CA GLU C 130 37.87 -14.92 4.19
C GLU C 130 38.73 -13.68 4.17
N PRO C 131 40.05 -13.79 3.93
CA PRO C 131 40.90 -12.59 3.94
C PRO C 131 40.45 -11.55 2.94
N LEU C 132 40.60 -10.28 3.32
CA LEU C 132 40.31 -9.18 2.42
C LEU C 132 41.24 -9.31 1.22
N GLU C 133 40.64 -9.25 0.03
CA GLU C 133 41.38 -9.37 -1.20
C GLU C 133 41.82 -7.96 -1.63
N LEU C 134 43.11 -7.83 -1.93
CA LEU C 134 43.76 -6.57 -2.21
C LEU C 134 44.19 -6.50 -3.68
N GLN C 135 44.15 -5.27 -4.19
CA GLN C 135 44.67 -4.86 -5.48
C GLN C 135 45.85 -3.91 -5.21
N PHE C 136 46.95 -4.12 -5.92
CA PHE C 136 48.08 -3.23 -5.83
C PHE C 136 47.81 -2.00 -6.70
N LEU C 137 48.09 -0.81 -6.16
CA LEU C 137 48.02 0.43 -6.91
C LEU C 137 48.77 1.48 -6.11
N THR C 138 49.72 2.15 -6.77
CA THR C 138 50.62 3.05 -6.09
C THR C 138 50.71 4.36 -6.86
N GLY C 139 51.01 5.43 -6.14
CA GLY C 139 51.35 6.72 -6.71
C GLY C 139 52.74 6.75 -7.37
N ASN C 140 53.60 5.79 -7.03
CA ASN C 140 54.98 5.73 -7.55
C ASN C 140 55.41 4.27 -7.66
N TYR C 141 55.49 3.78 -8.90
CA TYR C 141 55.77 2.33 -9.13
C TYR C 141 57.17 1.97 -8.62
N ARG C 142 58.04 2.98 -8.49
CA ARG C 142 59.44 2.78 -8.11
C ARG C 142 59.65 2.78 -6.61
N THR C 143 58.60 2.94 -5.79
CA THR C 143 58.80 3.05 -4.36
C THR C 143 59.59 1.80 -3.88
N ASP C 144 60.59 2.06 -3.04
CA ASP C 144 61.51 1.05 -2.56
C ASP C 144 61.22 0.79 -1.09
N TYR C 145 60.70 -0.40 -0.79
CA TYR C 145 60.24 -0.78 0.54
C TYR C 145 61.32 -1.55 1.33
N SER C 146 62.56 -1.58 0.83
CA SER C 146 63.58 -2.50 1.33
C SER C 146 64.15 -2.07 2.68
N ALA C 147 63.82 -0.88 3.18
CA ALA C 147 64.19 -0.50 4.55
C ALA C 147 63.46 -1.35 5.59
N ASN C 148 62.38 -2.02 5.20
CA ASN C 148 61.61 -2.84 6.12
C ASN C 148 61.15 -4.11 5.40
N ASP C 149 61.90 -5.19 5.61
CA ASP C 149 61.64 -6.45 4.90
C ASP C 149 60.44 -7.20 5.51
N LYS C 150 59.82 -6.66 6.57
CA LYS C 150 58.61 -7.28 7.13
C LYS C 150 57.36 -6.84 6.34
N LEU C 151 57.47 -5.80 5.50
CA LEU C 151 56.31 -5.35 4.69
C LEU C 151 56.08 -6.37 3.57
N VAL C 152 54.81 -6.57 3.22
CA VAL C 152 54.45 -7.43 2.11
C VAL C 152 54.11 -6.53 0.92
N VAL C 153 54.95 -6.61 -0.11
CA VAL C 153 54.84 -5.85 -1.34
C VAL C 153 55.22 -6.76 -2.49
N PRO C 154 54.85 -6.43 -3.75
CA PRO C 154 55.17 -7.31 -4.87
C PRO C 154 56.69 -7.35 -5.07
N PRO C 155 57.24 -8.51 -5.52
CA PRO C 155 58.68 -8.61 -5.75
C PRO C 155 59.17 -7.89 -7.02
N ILE C 156 58.26 -7.58 -7.94
CA ILE C 156 58.54 -6.90 -9.18
C ILE C 156 57.76 -5.58 -9.24
N LYS C 157 58.39 -4.60 -9.88
CA LYS C 157 57.83 -3.27 -10.03
C LYS C 157 57.64 -3.04 -11.52
N HIS C 158 56.60 -2.31 -11.89
CA HIS C 158 56.33 -1.96 -13.27
C HIS C 158 55.49 -0.67 -13.31
N GLN C 159 55.70 0.11 -14.37
CA GLN C 159 55.05 1.40 -14.58
C GLN C 159 53.54 1.28 -14.50
N SER C 160 52.97 0.14 -14.91
CA SER C 160 51.53 -0.04 -15.04
C SER C 160 50.83 -0.04 -13.68
N THR C 161 51.59 -0.23 -12.59
CA THR C 161 51.03 -0.32 -11.25
C THR C 161 50.62 1.05 -10.70
N GLN C 162 50.83 2.13 -11.46
CA GLN C 162 50.26 3.44 -11.13
C GLN C 162 48.81 3.52 -11.59
N GLY C 163 48.38 2.53 -12.36
CA GLY C 163 46.96 2.24 -12.60
C GLY C 163 46.60 0.88 -12.05
N LEU C 164 45.51 0.31 -12.56
CA LEU C 164 45.05 -0.99 -12.16
C LEU C 164 45.65 -2.03 -13.10
N ASN C 165 46.60 -2.82 -12.58
CA ASN C 165 47.14 -3.97 -13.25
C ASN C 165 46.69 -5.20 -12.47
N PRO C 166 45.73 -5.98 -13.03
CA PRO C 166 45.14 -7.07 -12.26
C PRO C 166 46.08 -8.25 -12.02
N HIS C 167 47.33 -8.18 -12.54
CA HIS C 167 48.33 -9.20 -12.24
C HIS C 167 48.93 -9.00 -10.84
N TYR C 168 48.63 -7.88 -10.18
CA TYR C 168 49.22 -7.57 -8.90
C TYR C 168 48.13 -7.53 -7.82
N LYS C 169 47.93 -8.68 -7.17
CA LYS C 169 46.93 -8.86 -6.15
C LYS C 169 47.56 -9.53 -4.94
N GLN C 170 46.84 -9.49 -3.80
CA GLN C 170 47.25 -10.13 -2.59
C GLN C 170 46.02 -10.33 -1.71
N LYS C 171 46.23 -10.98 -0.57
CA LYS C 171 45.24 -11.16 0.45
C LYS C 171 45.83 -10.63 1.75
N LEU C 172 44.97 -9.95 2.53
CA LEU C 172 45.40 -9.33 3.78
C LEU C 172 45.45 -10.41 4.87
N THR C 173 46.63 -11.00 5.02
CA THR C 173 46.80 -12.17 5.88
C THR C 173 47.74 -11.88 7.04
N LYS C 174 48.28 -10.66 7.13
CA LYS C 174 49.21 -10.33 8.18
C LYS C 174 48.94 -8.89 8.66
N ASP C 175 48.82 -8.74 9.97
CA ASP C 175 48.65 -7.47 10.65
C ASP C 175 49.94 -6.64 10.52
N GLY C 176 49.78 -5.33 10.29
CA GLY C 176 50.91 -4.41 10.41
C GLY C 176 51.97 -4.63 9.33
N ALA C 177 51.59 -5.12 8.15
CA ALA C 177 52.56 -5.55 7.12
C ALA C 177 52.23 -5.06 5.72
N PHE C 178 50.94 -4.83 5.42
CA PHE C 178 50.53 -4.42 4.09
C PHE C 178 50.35 -2.91 4.04
N PRO C 179 51.21 -2.15 3.34
CA PRO C 179 51.08 -0.69 3.30
C PRO C 179 49.78 -0.23 2.65
N VAL C 180 49.12 0.75 3.28
N VAL C 180 49.13 0.76 3.28
CA VAL C 180 47.88 1.30 2.76
CA VAL C 180 47.89 1.29 2.75
C VAL C 180 48.19 2.05 1.45
C VAL C 180 48.18 2.06 1.46
N GLU C 181 49.39 2.62 1.35
CA GLU C 181 49.74 3.43 0.18
C GLU C 181 49.79 2.64 -1.13
N CYS C 182 49.90 1.30 -1.07
CA CYS C 182 50.03 0.55 -2.31
C CYS C 182 49.07 -0.62 -2.41
N TRP C 183 48.24 -0.84 -1.37
CA TRP C 183 47.24 -1.91 -1.42
C TRP C 183 45.87 -1.32 -1.07
N CYS C 184 44.87 -1.64 -1.89
CA CYS C 184 43.49 -1.25 -1.66
C CYS C 184 42.60 -2.46 -1.81
N PRO C 185 41.34 -2.42 -1.34
CA PRO C 185 40.42 -3.52 -1.58
C PRO C 185 40.24 -3.76 -3.09
N ASP C 186 40.23 -5.03 -3.48
CA ASP C 186 40.06 -5.46 -4.85
C ASP C 186 38.57 -5.50 -5.11
N PRO C 187 38.01 -4.57 -5.89
CA PRO C 187 36.56 -4.52 -6.08
C PRO C 187 36.05 -5.67 -6.98
N SER C 188 36.96 -6.33 -7.68
CA SER C 188 36.61 -7.42 -8.62
C SER C 188 36.44 -8.74 -7.86
N LYS C 189 36.86 -8.77 -6.59
CA LYS C 189 36.68 -9.93 -5.75
C LYS C 189 35.88 -9.50 -4.51
N ASN C 190 36.23 -10.03 -3.32
CA ASN C 190 35.61 -9.65 -2.06
C ASN C 190 34.09 -9.87 -2.10
N GLU C 191 33.62 -10.93 -2.76
CA GLU C 191 32.20 -11.24 -2.80
C GLU C 191 31.71 -11.63 -1.40
N ASN C 192 32.63 -12.05 -0.54
CA ASN C 192 32.35 -12.62 0.74
C ASN C 192 32.87 -11.74 1.89
N THR C 193 33.08 -10.46 1.59
CA THR C 193 33.54 -9.43 2.53
C THR C 193 32.74 -8.16 2.26
N ARG C 194 32.44 -7.40 3.32
CA ARG C 194 31.90 -6.05 3.15
C ARG C 194 32.98 -5.08 3.60
N TYR C 195 33.26 -4.06 2.77
CA TYR C 195 34.23 -3.04 3.19
C TYR C 195 33.66 -1.65 2.93
N TYR C 196 34.11 -0.71 3.79
CA TYR C 196 33.70 0.68 3.74
C TYR C 196 34.93 1.53 4.01
N GLY C 197 35.14 2.56 3.22
CA GLY C 197 36.29 3.40 3.40
C GLY C 197 36.08 4.84 2.95
N SER C 198 36.88 5.73 3.53
CA SER C 198 36.86 7.13 3.18
C SER C 198 38.27 7.71 3.33
N TYR C 199 38.51 8.77 2.58
CA TYR C 199 39.73 9.51 2.58
C TYR C 199 39.37 10.99 2.49
N THR C 200 39.99 11.77 3.36
CA THR C 200 39.92 13.22 3.29
C THR C 200 41.34 13.73 3.35
N GLY C 201 41.80 14.41 2.30
CA GLY C 201 43.20 14.71 2.19
C GLY C 201 43.55 16.13 2.62
N GLY C 202 44.50 16.72 1.90
CA GLY C 202 44.98 18.07 2.17
C GLY C 202 46.04 18.08 3.26
N GLN C 203 46.51 19.29 3.61
CA GLN C 203 47.72 19.45 4.43
C GLN C 203 47.43 19.50 5.94
N SER C 204 46.53 20.40 6.35
N SER C 204 46.53 20.39 6.36
CA SER C 204 46.24 20.67 7.78
CA SER C 204 46.24 20.67 7.78
C SER C 204 44.74 20.57 8.04
C SER C 204 44.74 20.57 8.04
N THR C 205 44.05 19.81 7.18
CA THR C 205 42.60 19.69 7.19
C THR C 205 42.07 19.28 8.56
N PRO C 206 40.97 19.91 9.04
CA PRO C 206 40.36 19.49 10.29
C PRO C 206 39.90 18.05 10.23
N PRO C 207 40.30 17.19 11.20
CA PRO C 207 39.68 15.89 11.35
C PRO C 207 38.20 16.08 11.74
N VAL C 208 37.32 15.31 11.13
CA VAL C 208 35.91 15.31 11.44
C VAL C 208 35.52 13.89 11.79
N LEU C 209 35.24 13.63 13.08
CA LEU C 209 35.09 12.26 13.60
C LEU C 209 33.83 12.20 14.44
N GLN C 210 33.23 10.99 14.50
CA GLN C 210 32.08 10.73 15.34
C GLN C 210 32.31 9.42 16.08
N PHE C 211 31.62 9.25 17.21
CA PHE C 211 31.65 8.02 17.96
C PHE C 211 30.31 7.86 18.67
N THR C 212 29.74 6.65 18.59
CA THR C 212 28.49 6.34 19.25
C THR C 212 28.44 4.82 19.41
N ASN C 213 27.65 4.35 20.38
CA ASN C 213 27.43 2.93 20.54
C ASN C 213 26.03 2.55 20.07
N THR C 214 25.42 3.36 19.18
CA THR C 214 24.01 3.18 18.85
C THR C 214 23.79 2.77 17.39
N VAL C 215 24.87 2.58 16.60
CA VAL C 215 24.72 2.33 15.19
C VAL C 215 25.13 0.90 14.84
N THR C 216 24.20 0.21 14.16
CA THR C 216 24.41 -1.13 13.66
C THR C 216 24.49 -1.09 12.14
N THR C 217 25.59 -1.62 11.58
CA THR C 217 25.79 -1.73 10.15
C THR C 217 25.36 -3.11 9.68
N VAL C 218 24.37 -3.17 8.81
CA VAL C 218 23.91 -4.45 8.27
C VAL C 218 24.92 -4.97 7.25
N LEU C 219 25.32 -6.24 7.37
CA LEU C 219 26.32 -6.84 6.48
C LEU C 219 25.67 -7.72 5.41
N LEU C 220 24.35 -7.94 5.49
CA LEU C 220 23.64 -8.69 4.48
C LEU C 220 23.75 -7.93 3.15
N ASP C 221 23.90 -8.67 2.05
CA ASP C 221 23.93 -8.13 0.72
C ASP C 221 22.48 -7.95 0.23
N GLU C 222 22.34 -7.60 -1.05
CA GLU C 222 21.05 -7.29 -1.65
C GLU C 222 20.16 -8.55 -1.70
N ASN C 223 20.75 -9.75 -1.55
CA ASN C 223 19.99 -10.99 -1.52
C ASN C 223 19.72 -11.46 -0.09
N GLY C 224 20.08 -10.66 0.91
CA GLY C 224 19.86 -11.01 2.31
C GLY C 224 20.89 -11.99 2.86
N VAL C 225 22.06 -12.06 2.22
CA VAL C 225 23.10 -12.98 2.64
C VAL C 225 24.31 -12.21 3.12
N GLY C 226 24.78 -12.55 4.31
CA GLY C 226 25.97 -11.94 4.89
C GLY C 226 27.22 -12.71 4.49
N PRO C 227 28.42 -12.19 4.82
CA PRO C 227 29.65 -12.96 4.63
C PRO C 227 29.53 -14.36 5.26
N LEU C 228 29.94 -15.39 4.51
CA LEU C 228 29.91 -16.77 4.99
C LEU C 228 31.35 -17.21 5.34
N CYS C 229 31.51 -17.71 6.54
CA CYS C 229 32.81 -17.85 7.17
C CYS C 229 33.43 -19.21 6.82
N LYS C 230 34.31 -19.17 5.82
CA LYS C 230 35.02 -20.35 5.32
C LYS C 230 36.05 -20.76 6.37
N GLY C 231 36.03 -22.05 6.67
CA GLY C 231 36.93 -22.60 7.67
C GLY C 231 36.69 -22.01 9.05
N ASP C 232 35.47 -21.53 9.30
CA ASP C 232 35.03 -20.99 10.57
C ASP C 232 35.96 -19.87 11.04
N GLY C 233 36.44 -19.06 10.08
CA GLY C 233 37.22 -17.87 10.35
C GLY C 233 36.42 -16.61 9.99
N LEU C 234 36.47 -15.63 10.91
CA LEU C 234 35.96 -14.31 10.69
C LEU C 234 37.14 -13.36 10.55
N TYR C 235 37.15 -12.57 9.46
CA TYR C 235 38.28 -11.71 9.14
C TYR C 235 37.83 -10.25 9.30
N VAL C 236 38.56 -9.49 10.12
CA VAL C 236 38.26 -8.15 10.43
C VAL C 236 39.52 -7.32 10.16
N SER C 237 39.35 -6.22 9.42
CA SER C 237 40.46 -5.44 8.95
C SER C 237 40.08 -3.96 9.09
N CYS C 238 41.08 -3.11 9.32
CA CYS C 238 40.78 -1.67 9.35
C CYS C 238 42.06 -0.85 9.23
N CYS C 239 41.85 0.46 9.06
CA CYS C 239 42.84 1.48 9.20
C CYS C 239 42.14 2.79 9.54
N ASP C 240 42.68 3.53 10.50
CA ASP C 240 42.07 4.78 10.98
C ASP C 240 43.15 5.80 11.29
N ILE C 241 43.51 6.54 10.25
CA ILE C 241 44.43 7.68 10.34
C ILE C 241 43.61 8.93 10.64
N VAL C 242 44.00 9.66 11.67
CA VAL C 242 43.26 10.85 12.08
C VAL C 242 44.05 12.14 11.86
N GLY C 243 45.27 12.02 11.35
CA GLY C 243 46.04 13.18 10.93
C GLY C 243 47.51 13.03 11.28
N PHE C 244 48.18 14.18 11.42
CA PHE C 244 49.60 14.23 11.71
C PHE C 244 49.81 15.06 12.98
N LEU C 245 50.76 14.59 13.80
CA LEU C 245 51.34 15.36 14.89
C LEU C 245 52.50 16.17 14.32
N VAL C 246 52.48 17.48 14.58
CA VAL C 246 53.49 18.38 14.07
C VAL C 246 54.44 18.76 15.20
N GLY C 247 55.66 18.22 15.17
CA GLY C 247 56.68 18.52 16.14
C GLY C 247 57.15 19.96 16.07
N LYS C 248 57.88 20.38 17.11
CA LYS C 248 58.37 21.75 17.27
C LYS C 248 59.10 22.24 16.01
N ASP C 249 59.91 21.39 15.41
CA ASP C 249 60.74 21.80 14.26
C ASP C 249 60.03 21.54 12.94
N GLY C 250 58.77 21.07 12.97
CA GLY C 250 58.03 20.82 11.74
C GLY C 250 58.05 19.35 11.30
N ASP C 251 58.73 18.50 12.03
CA ASP C 251 58.78 17.04 11.77
C ASP C 251 57.37 16.49 12.04
N MET C 252 56.89 15.56 11.19
CA MET C 252 55.48 15.14 11.30
C MET C 252 55.40 13.62 11.33
N GLN C 253 54.40 13.13 12.08
CA GLN C 253 54.15 11.71 12.23
C GLN C 253 52.66 11.46 12.04
N TYR C 254 52.31 10.37 11.34
CA TYR C 254 50.93 9.90 11.33
C TYR C 254 50.48 9.55 12.74
N ARG C 255 49.20 9.82 13.03
CA ARG C 255 48.52 9.39 14.23
C ARG C 255 47.31 8.55 13.81
N GLY C 256 47.20 7.35 14.42
CA GLY C 256 46.08 6.47 14.22
C GLY C 256 45.38 6.14 15.53
N LEU C 257 44.15 5.66 15.43
CA LEU C 257 43.35 5.29 16.58
C LEU C 257 42.85 3.86 16.41
N PRO C 258 42.55 3.19 17.54
CA PRO C 258 42.04 1.83 17.50
C PRO C 258 40.58 1.81 17.05
N ARG C 259 40.12 0.63 16.67
CA ARG C 259 38.75 0.44 16.23
C ARG C 259 38.19 -0.77 16.98
N TYR C 260 36.95 -0.61 17.44
CA TYR C 260 36.20 -1.64 18.13
C TYR C 260 35.18 -2.26 17.18
N PHE C 261 34.91 -3.57 17.37
CA PHE C 261 33.93 -4.27 16.56
C PHE C 261 33.10 -5.21 17.44
N ASN C 262 31.80 -5.24 17.20
CA ASN C 262 30.87 -6.21 17.78
C ASN C 262 30.07 -6.82 16.63
N ILE C 263 30.37 -8.07 16.27
CA ILE C 263 29.81 -8.71 15.09
C ILE C 263 28.84 -9.83 15.51
N LEU C 264 27.64 -9.78 14.96
CA LEU C 264 26.63 -10.80 15.21
C LEU C 264 26.63 -11.80 14.05
N LEU C 265 26.68 -13.09 14.36
CA LEU C 265 26.69 -14.14 13.34
C LEU C 265 25.60 -15.17 13.64
N ARG C 266 25.11 -15.80 12.58
CA ARG C 266 24.05 -16.81 12.69
C ARG C 266 24.44 -18.01 11.82
N LYS C 267 23.92 -19.19 12.15
CA LYS C 267 24.19 -20.41 11.42
C LYS C 267 23.30 -20.43 10.19
N ARG C 268 23.92 -20.74 9.05
CA ARG C 268 23.27 -20.79 7.77
C ARG C 268 23.60 -22.13 7.11
N THR C 269 22.55 -22.82 6.67
CA THR C 269 22.69 -24.03 5.86
C THR C 269 23.06 -23.64 4.45
N VAL C 270 24.05 -24.33 3.89
CA VAL C 270 24.50 -24.15 2.52
C VAL C 270 24.57 -25.53 1.85
N ARG C 271 24.51 -25.51 0.52
CA ARG C 271 24.59 -26.75 -0.28
C ARG C 271 26.05 -27.14 -0.37
N ASN C 272 26.29 -28.45 -0.22
CA ASN C 272 27.62 -29.00 -0.17
C ASN C 272 27.89 -29.82 -1.43
C ASN D 1 20.59 -9.33 34.71
N ILE D 2 20.02 -8.25 34.15
CA ILE D 2 18.62 -7.90 34.39
C ILE D 2 17.75 -8.55 33.31
N GLU D 3 16.82 -9.41 33.75
CA GLU D 3 15.79 -9.98 32.87
C GLU D 3 14.64 -8.98 32.78
N VAL D 4 14.41 -8.43 31.58
CA VAL D 4 13.44 -7.36 31.39
C VAL D 4 12.08 -7.99 31.08
N LEU D 5 11.03 -7.54 31.78
CA LEU D 5 9.69 -8.05 31.55
C LEU D 5 8.83 -6.93 30.92
N ASN D 6 7.56 -6.83 31.31
CA ASN D 6 6.61 -5.96 30.66
C ASN D 6 6.71 -4.54 31.21
N LEU D 7 6.22 -3.61 30.38
CA LEU D 7 5.99 -2.23 30.80
C LEU D 7 4.87 -2.20 31.83
N VAL D 8 5.00 -1.30 32.80
CA VAL D 8 3.92 -0.95 33.70
C VAL D 8 3.10 0.13 33.01
N THR D 9 1.77 -0.06 32.96
CA THR D 9 0.89 0.87 32.26
C THR D 9 0.13 1.73 33.27
N GLY D 10 -0.45 2.81 32.75
CA GLY D 10 -1.46 3.56 33.44
C GLY D 10 -0.96 4.91 33.93
N PRO D 11 -1.74 5.58 34.82
CA PRO D 11 -1.29 6.84 35.41
C PRO D 11 -0.05 6.64 36.31
N ASP D 12 0.85 7.60 36.21
CA ASP D 12 2.05 7.63 37.05
C ASP D 12 3.06 6.55 36.62
N SER D 13 2.89 5.99 35.41
CA SER D 13 3.90 5.05 34.85
C SER D 13 5.05 5.80 34.15
N ILE D 14 4.95 7.13 34.02
CA ILE D 14 5.89 7.97 33.28
C ILE D 14 6.40 9.08 34.20
N THR D 15 7.65 9.51 34.00
CA THR D 15 8.17 10.69 34.67
C THR D 15 9.18 11.35 33.73
N THR D 16 9.48 12.62 33.99
CA THR D 16 10.47 13.35 33.19
C THR D 16 11.47 13.99 34.13
N ILE D 17 12.71 14.06 33.69
CA ILE D 17 13.79 14.67 34.42
C ILE D 17 14.35 15.76 33.52
N GLU D 18 14.48 16.96 34.06
CA GLU D 18 14.99 18.11 33.33
C GLU D 18 16.20 18.62 34.10
N LEU D 19 17.32 18.88 33.42
CA LEU D 19 18.47 19.44 34.08
C LEU D 19 19.37 20.11 33.04
N TYR D 20 20.34 20.86 33.53
CA TYR D 20 21.43 21.35 32.69
C TYR D 20 22.74 21.02 33.41
N LEU D 21 23.82 20.94 32.64
CA LEU D 21 25.15 20.80 33.16
C LEU D 21 25.97 21.97 32.60
N ASN D 22 26.64 22.68 33.50
CA ASN D 22 27.57 23.71 33.14
C ASN D 22 28.88 23.05 32.69
N THR D 23 29.60 23.78 31.83
CA THR D 23 30.80 23.28 31.19
C THR D 23 31.93 23.19 32.20
N ARG D 24 32.87 22.27 31.96
CA ARG D 24 34.02 22.05 32.80
C ARG D 24 35.29 22.17 31.95
N MET D 25 35.61 23.42 31.56
CA MET D 25 36.72 23.67 30.65
C MET D 25 38.05 23.80 31.42
N GLY D 26 37.96 24.01 32.73
CA GLY D 26 39.19 24.04 33.55
C GLY D 26 39.07 25.01 34.70
N GLN D 27 38.52 26.20 34.45
CA GLN D 27 38.12 27.07 35.54
C GLN D 27 36.63 26.81 35.78
N ASN D 28 36.31 25.97 36.76
CA ASN D 28 34.95 25.40 36.88
C ASN D 28 34.12 26.02 38.02
N ASP D 29 34.68 27.06 38.66
CA ASP D 29 34.06 27.73 39.79
C ASP D 29 33.34 29.00 39.31
N GLU D 30 32.01 29.01 39.40
CA GLU D 30 31.18 30.10 38.86
C GLU D 30 31.42 31.46 39.53
N SER D 31 32.15 31.47 40.64
CA SER D 31 32.42 32.72 41.37
C SER D 31 33.78 33.32 40.97
N LYS D 32 34.58 32.60 40.18
CA LYS D 32 36.00 32.97 39.98
C LYS D 32 36.27 33.37 38.53
N ASP D 33 37.35 34.12 38.30
CA ASP D 33 37.70 34.65 37.00
C ASP D 33 37.85 33.48 36.02
N ASN D 34 37.57 33.71 34.75
CA ASN D 34 37.76 32.73 33.67
C ASN D 34 36.76 31.56 33.76
N TYR D 35 35.67 31.70 34.51
CA TYR D 35 34.66 30.67 34.54
C TYR D 35 34.15 30.39 33.10
N GLY D 36 34.00 29.10 32.78
CA GLY D 36 33.44 28.67 31.51
C GLY D 36 34.49 28.61 30.44
N TYR D 37 35.76 28.85 30.82
CA TYR D 37 36.89 28.78 29.95
C TYR D 37 37.94 27.91 30.65
N SER D 38 38.95 27.47 29.90
CA SER D 38 40.13 26.92 30.52
C SER D 38 41.02 28.07 30.97
N GLU D 39 42.00 27.74 31.80
CA GLU D 39 43.17 28.58 31.96
C GLU D 39 43.93 28.59 30.62
N LYS D 40 44.83 29.56 30.46
CA LYS D 40 45.63 29.69 29.24
C LYS D 40 46.35 28.39 28.92
N VAL D 41 46.30 27.98 27.65
CA VAL D 41 46.98 26.81 27.18
C VAL D 41 48.50 27.07 27.17
N THR D 42 49.24 26.06 27.65
CA THR D 42 50.71 26.04 27.58
C THR D 42 51.14 24.83 26.76
N VAL D 43 52.40 24.83 26.31
CA VAL D 43 52.89 23.83 25.38
C VAL D 43 54.17 23.20 25.93
N ALA D 44 54.18 21.87 25.99
CA ALA D 44 55.32 21.11 26.48
C ALA D 44 56.58 21.44 25.69
N ASN D 45 57.71 21.53 26.40
CA ASN D 45 59.03 21.69 25.74
C ASN D 45 59.43 20.38 25.07
N SER D 46 59.03 19.25 25.66
CA SER D 46 59.31 17.95 25.10
C SER D 46 58.28 16.96 25.65
N SER D 47 58.17 15.80 25.01
CA SER D 47 57.10 14.86 25.37
C SER D 47 57.33 14.25 26.77
N ASP D 48 58.59 14.28 27.25
CA ASP D 48 58.89 13.77 28.59
C ASP D 48 58.81 14.89 29.64
N GLN D 49 58.45 16.11 29.23
CA GLN D 49 58.18 17.22 30.15
C GLN D 49 56.85 17.88 29.75
N ASP D 50 55.82 17.04 29.66
CA ASP D 50 54.49 17.44 29.21
C ASP D 50 53.58 17.44 30.45
N LYS D 51 53.47 18.60 31.08
CA LYS D 51 52.83 18.76 32.37
C LYS D 51 51.85 19.93 32.28
N PRO D 52 50.58 19.68 31.90
CA PRO D 52 49.62 20.77 31.79
C PRO D 52 49.50 21.52 33.13
N THR D 53 49.38 22.84 33.03
CA THR D 53 49.12 23.66 34.18
C THR D 53 47.74 23.32 34.75
N SER D 54 47.57 23.65 36.03
CA SER D 54 46.30 23.45 36.69
C SER D 54 45.23 24.29 36.00
N GLY D 55 44.14 23.64 35.60
CA GLY D 55 43.00 24.31 35.04
C GLY D 55 43.04 24.50 33.51
N GLU D 56 44.06 24.00 32.80
CA GLU D 56 44.13 24.25 31.35
C GLU D 56 43.51 23.10 30.55
N ILE D 57 42.95 22.08 31.21
CA ILE D 57 42.46 20.92 30.45
C ILE D 57 40.99 20.67 30.75
N PRO D 58 40.18 20.51 29.68
CA PRO D 58 38.75 20.21 29.83
C PRO D 58 38.49 18.81 30.40
N THR D 59 37.40 18.71 31.15
CA THR D 59 36.97 17.47 31.76
C THR D 59 35.50 17.24 31.42
N TYR D 60 35.02 16.02 31.63
CA TYR D 60 33.62 15.71 31.44
C TYR D 60 32.76 16.37 32.52
N SER D 61 31.58 16.80 32.12
CA SER D 61 30.51 17.13 33.01
C SER D 61 29.69 15.87 33.28
N THR D 62 29.19 15.71 34.51
CA THR D 62 28.40 14.54 34.81
C THR D 62 27.55 14.83 36.04
N ALA D 63 26.41 14.16 36.11
CA ALA D 63 25.56 14.16 37.29
C ALA D 63 24.87 12.80 37.39
N ARG D 64 24.57 12.43 38.64
CA ARG D 64 23.64 11.35 38.95
C ARG D 64 22.38 12.01 39.49
N ILE D 65 21.23 11.68 38.89
CA ILE D 65 19.98 12.22 39.33
C ILE D 65 19.19 11.13 40.05
N ASN D 66 18.70 11.46 41.25
CA ASN D 66 17.83 10.57 42.03
C ASN D 66 16.44 10.56 41.41
N LEU D 67 15.93 9.37 41.14
CA LEU D 67 14.63 9.22 40.55
C LEU D 67 13.63 8.89 41.65
N PRO D 68 12.31 9.05 41.40
CA PRO D 68 11.28 8.67 42.37
C PRO D 68 11.44 7.20 42.79
N MET D 69 11.43 6.96 44.11
CA MET D 69 11.64 5.60 44.66
C MET D 69 10.46 4.71 44.21
N LEU D 70 10.77 3.44 43.92
CA LEU D 70 9.81 2.45 43.47
C LEU D 70 9.78 1.34 44.53
N THR D 78 9.55 -10.00 41.18
CA THR D 78 9.85 -8.91 40.26
C THR D 78 10.10 -7.60 41.01
N LEU D 79 10.76 -6.65 40.33
CA LEU D 79 10.96 -5.29 40.80
C LEU D 79 10.55 -4.35 39.64
N THR D 80 10.37 -3.08 39.99
CA THR D 80 10.15 -2.04 38.99
C THR D 80 11.43 -1.22 38.91
N MET D 81 11.82 -0.87 37.67
CA MET D 81 12.92 0.06 37.41
C MET D 81 12.42 1.14 36.45
N TRP D 82 13.02 2.33 36.58
CA TRP D 82 12.87 3.38 35.61
C TRP D 82 13.71 3.05 34.37
N GLU D 83 13.06 3.17 33.20
CA GLU D 83 13.69 2.97 31.89
C GLU D 83 13.70 4.30 31.15
N ALA D 84 14.88 4.78 30.77
CA ALA D 84 14.99 6.03 29.99
C ALA D 84 14.62 5.72 28.53
N VAL D 85 13.57 6.40 28.04
CA VAL D 85 12.99 6.14 26.73
C VAL D 85 13.61 7.08 25.68
N SER D 86 13.79 8.35 26.05
CA SER D 86 14.17 9.36 25.08
C SER D 86 14.75 10.56 25.79
N VAL D 87 15.47 11.39 25.04
CA VAL D 87 16.02 12.60 25.57
C VAL D 87 15.92 13.70 24.50
N LYS D 88 15.58 14.90 24.95
CA LYS D 88 15.72 16.12 24.19
C LYS D 88 16.88 16.88 24.79
N THR D 89 17.94 17.13 24.00
CA THR D 89 19.12 17.77 24.54
C THR D 89 19.57 18.86 23.56
N GLU D 90 20.09 19.95 24.11
CA GLU D 90 20.50 21.11 23.34
C GLU D 90 21.72 21.75 24.01
N VAL D 91 22.60 22.32 23.19
CA VAL D 91 23.66 23.16 23.66
C VAL D 91 23.06 24.56 23.86
N VAL D 92 23.34 25.15 25.03
CA VAL D 92 22.77 26.39 25.47
C VAL D 92 23.78 27.50 25.17
N GLY D 93 23.27 28.68 24.78
CA GLY D 93 24.13 29.86 24.66
C GLY D 93 24.94 29.89 23.37
N VAL D 94 24.49 29.19 22.32
CA VAL D 94 25.21 29.25 21.04
C VAL D 94 25.35 30.70 20.54
N SER D 95 24.32 31.51 20.72
CA SER D 95 24.30 32.91 20.24
C SER D 95 25.38 33.75 20.92
N SER D 96 25.89 33.30 22.07
CA SER D 96 26.98 34.00 22.78
C SER D 96 28.25 34.06 21.91
N LEU D 97 28.35 33.19 20.90
CA LEU D 97 29.52 33.18 19.99
C LEU D 97 29.40 34.28 18.93
N VAL D 98 28.26 34.97 18.86
CA VAL D 98 28.09 36.11 17.97
C VAL D 98 28.64 37.35 18.69
N ASN D 99 29.96 37.38 18.82
CA ASN D 99 30.59 38.44 19.61
C ASN D 99 32.01 38.60 19.09
N VAL D 100 32.28 39.76 18.47
CA VAL D 100 33.60 40.02 17.89
C VAL D 100 34.14 41.37 18.39
N HIS D 101 33.70 41.81 19.57
CA HIS D 101 34.23 43.05 20.18
C HIS D 101 34.94 42.76 21.51
N MET D 102 35.13 41.48 21.86
CA MET D 102 35.86 41.16 23.09
C MET D 102 37.35 41.49 22.89
N ALA D 103 38.07 41.59 24.01
CA ALA D 103 39.51 41.88 23.97
C ALA D 103 40.27 40.67 23.44
N THR D 104 40.45 40.65 22.12
CA THR D 104 41.03 39.54 21.39
C THR D 104 41.97 40.07 20.31
N LYS D 105 42.76 39.18 19.73
CA LYS D 105 43.41 39.43 18.44
C LYS D 105 42.33 39.86 17.42
N ARG D 106 42.69 40.65 16.42
CA ARG D 106 41.70 41.13 15.50
C ARG D 106 42.24 41.09 14.06
N MET D 107 41.30 41.14 13.10
CA MET D 107 41.59 41.04 11.68
C MET D 107 42.10 42.39 11.13
N TYR D 108 42.79 42.31 9.99
CA TYR D 108 43.07 43.45 9.07
C TYR D 108 43.77 44.61 9.79
N ASP D 109 44.99 44.36 10.24
CA ASP D 109 45.90 45.43 10.73
C ASP D 109 45.19 46.27 11.79
N ASP D 110 44.56 45.59 12.76
CA ASP D 110 43.92 46.20 13.93
C ASP D 110 42.71 47.07 13.57
N LYS D 111 42.10 46.85 12.41
CA LYS D 111 40.93 47.63 12.00
C LYS D 111 39.66 46.77 11.97
N GLY D 112 39.84 45.46 11.83
CA GLY D 112 38.73 44.52 11.59
C GLY D 112 38.18 43.93 12.88
N ILE D 113 37.31 42.93 12.72
CA ILE D 113 36.63 42.31 13.86
C ILE D 113 37.68 41.65 14.77
N GLY D 114 37.29 41.56 16.05
CA GLY D 114 37.96 40.64 16.95
C GLY D 114 37.72 39.22 16.49
N PHE D 115 38.69 38.35 16.70
CA PHE D 115 38.53 36.93 16.36
C PHE D 115 37.38 36.38 17.20
N PRO D 116 36.36 35.74 16.60
CA PRO D 116 35.37 35.03 17.38
C PRO D 116 36.03 33.79 18.01
N VAL D 117 35.35 33.21 18.98
CA VAL D 117 35.73 31.91 19.51
C VAL D 117 35.66 30.94 18.34
N GLU D 118 36.76 30.24 18.06
CA GLU D 118 36.86 29.41 16.88
C GLU D 118 37.91 28.34 17.09
N GLY D 119 37.84 27.30 16.23
CA GLY D 119 38.75 26.20 16.29
C GLY D 119 38.03 24.94 16.73
N MET D 120 38.79 24.09 17.43
CA MET D 120 38.41 22.74 17.79
C MET D 120 37.02 22.73 18.43
N ASN D 121 36.16 21.82 17.93
CA ASN D 121 34.88 21.53 18.54
C ASN D 121 34.89 20.05 18.99
N PHE D 122 34.25 19.81 20.13
CA PHE D 122 34.11 18.48 20.69
C PHE D 122 32.79 18.46 21.43
N HIS D 123 31.89 17.58 21.01
CA HIS D 123 30.55 17.52 21.55
C HIS D 123 30.21 16.07 21.83
N MET D 124 29.86 15.77 23.08
N MET D 124 29.87 15.76 23.08
CA MET D 124 29.41 14.43 23.41
CA MET D 124 29.41 14.43 23.41
C MET D 124 28.37 14.52 24.52
C MET D 124 28.37 14.52 24.52
N PHE D 125 27.41 13.60 24.51
CA PHE D 125 26.53 13.42 25.63
C PHE D 125 26.27 11.93 25.78
N ALA D 126 25.89 11.54 26.99
CA ALA D 126 25.56 10.18 27.34
C ALA D 126 24.42 10.19 28.36
N VAL D 127 23.50 9.24 28.21
CA VAL D 127 22.44 9.01 29.16
C VAL D 127 22.45 7.53 29.49
N GLY D 128 22.51 7.19 30.78
CA GLY D 128 22.53 5.79 31.17
C GLY D 128 21.96 5.54 32.55
N GLY D 129 21.84 4.24 32.89
CA GLY D 129 21.29 3.81 34.17
C GLY D 129 22.38 3.45 35.17
N GLU D 130 23.62 3.83 34.86
CA GLU D 130 24.78 3.62 35.67
C GLU D 130 25.87 4.53 35.12
N PRO D 131 27.00 4.71 35.84
CA PRO D 131 28.06 5.60 35.36
C PRO D 131 28.57 5.18 33.97
N LEU D 132 28.94 6.19 33.17
CA LEU D 132 29.55 5.97 31.91
C LEU D 132 30.89 5.27 32.14
N GLU D 133 31.10 4.17 31.42
CA GLU D 133 32.31 3.38 31.53
C GLU D 133 33.34 3.94 30.54
N LEU D 134 34.54 4.19 31.05
CA LEU D 134 35.61 4.87 30.33
C LEU D 134 36.77 3.91 30.04
N GLN D 135 37.43 4.18 28.91
CA GLN D 135 38.69 3.59 28.50
C GLN D 135 39.74 4.70 28.48
N PHE D 136 40.93 4.41 29.01
CA PHE D 136 42.04 5.34 28.94
C PHE D 136 42.70 5.23 27.57
N LEU D 137 42.99 6.38 26.94
CA LEU D 137 43.77 6.43 25.72
C LEU D 137 44.25 7.88 25.57
N THR D 138 45.55 8.04 25.35
CA THR D 138 46.16 9.35 25.35
C THR D 138 47.09 9.49 24.13
N GLY D 139 47.26 10.73 23.70
CA GLY D 139 48.24 11.12 22.71
C GLY D 139 49.68 11.04 23.20
N ASN D 140 49.86 11.06 24.53
CA ASN D 140 51.19 11.06 25.15
C ASN D 140 51.12 10.32 26.48
N TYR D 141 51.70 9.10 26.52
CA TYR D 141 51.60 8.25 27.71
C TYR D 141 52.27 8.89 28.91
N ARG D 142 53.20 9.82 28.65
CA ARG D 142 54.02 10.44 29.68
C ARG D 142 53.37 11.68 30.29
N THR D 143 52.17 12.08 29.83
CA THR D 143 51.57 13.30 30.33
C THR D 143 51.50 13.26 31.87
N ASP D 144 51.95 14.37 32.48
CA ASP D 144 52.06 14.49 33.92
C ASP D 144 50.94 15.39 34.43
N TYR D 145 49.99 14.83 35.17
CA TYR D 145 48.78 15.51 35.62
C TYR D 145 48.93 16.03 37.06
N SER D 146 50.15 16.02 37.60
CA SER D 146 50.36 16.26 39.04
C SER D 146 50.21 17.74 39.41
N ALA D 147 50.08 18.65 38.42
CA ALA D 147 49.80 20.05 38.77
C ALA D 147 48.38 20.19 39.35
N ASN D 148 47.52 19.19 39.16
CA ASN D 148 46.16 19.26 39.66
C ASN D 148 45.76 17.88 40.19
N ASP D 149 45.83 17.72 41.52
CA ASP D 149 45.58 16.43 42.14
C ASP D 149 44.07 16.15 42.25
N LYS D 150 43.22 17.07 41.79
CA LYS D 150 41.77 16.81 41.76
C LYS D 150 41.37 16.03 40.49
N LEU D 151 42.27 15.92 39.50
CA LEU D 151 41.97 15.13 38.29
C LEU D 151 42.04 13.63 38.64
N VAL D 152 41.19 12.84 38.00
CA VAL D 152 41.23 11.40 38.10
C VAL D 152 41.91 10.83 36.86
N VAL D 153 43.10 10.26 37.07
CA VAL D 153 43.91 9.65 36.04
C VAL D 153 44.50 8.36 36.59
N PRO D 154 45.04 7.45 35.74
CA PRO D 154 45.63 6.22 36.24
C PRO D 154 46.86 6.51 37.08
N PRO D 155 47.14 5.69 38.12
CA PRO D 155 48.32 5.87 38.95
C PRO D 155 49.64 5.49 38.26
N ILE D 156 49.58 4.70 37.19
CA ILE D 156 50.75 4.22 36.46
C ILE D 156 50.67 4.69 35.00
N LYS D 157 51.83 4.90 34.41
CA LYS D 157 51.94 5.30 33.01
C LYS D 157 52.63 4.17 32.25
N HIS D 158 52.24 3.95 31.01
CA HIS D 158 52.86 2.94 30.17
C HIS D 158 52.68 3.31 28.70
N GLN D 159 53.70 2.96 27.90
CA GLN D 159 53.79 3.25 26.49
C GLN D 159 52.53 2.81 25.74
N SER D 160 51.93 1.70 26.18
CA SER D 160 50.84 1.04 25.45
C SER D 160 49.55 1.88 25.48
N THR D 161 49.47 2.86 26.39
CA THR D 161 48.26 3.66 26.56
C THR D 161 48.07 4.70 25.44
N GLN D 162 49.01 4.76 24.48
CA GLN D 162 48.81 5.53 23.25
C GLN D 162 47.93 4.74 22.26
N GLY D 163 47.71 3.46 22.57
CA GLY D 163 46.69 2.65 21.93
C GLY D 163 45.67 2.23 22.98
N LEU D 164 44.93 1.16 22.69
CA LEU D 164 43.93 0.63 23.57
C LEU D 164 44.56 -0.46 24.42
N ASN D 165 44.76 -0.16 25.71
CA ASN D 165 45.19 -1.14 26.69
C ASN D 165 44.00 -1.35 27.64
N PRO D 166 43.32 -2.50 27.57
CA PRO D 166 42.09 -2.70 28.33
C PRO D 166 42.31 -2.83 29.84
N HIS D 167 43.57 -2.79 30.30
CA HIS D 167 43.88 -2.78 31.72
C HIS D 167 43.66 -1.39 32.33
N TYR D 168 43.42 -0.38 31.50
CA TYR D 168 43.25 0.99 31.98
C TYR D 168 41.83 1.48 31.70
N LYS D 169 40.94 1.28 32.68
CA LYS D 169 39.55 1.67 32.57
C LYS D 169 39.14 2.45 33.83
N GLN D 170 37.95 3.07 33.76
CA GLN D 170 37.40 3.82 34.87
C GLN D 170 35.90 3.97 34.64
N LYS D 171 35.23 4.57 35.61
CA LYS D 171 33.85 4.96 35.51
C LYS D 171 33.75 6.44 35.82
N LEU D 172 32.88 7.13 35.08
CA LEU D 172 32.73 8.59 35.21
C LEU D 172 31.83 8.87 36.42
N THR D 173 32.46 9.05 37.57
CA THR D 173 31.76 9.15 38.84
C THR D 173 31.95 10.53 39.48
N LYS D 174 32.70 11.42 38.83
CA LYS D 174 32.93 12.74 39.40
C LYS D 174 32.91 13.78 38.29
N ASP D 175 32.13 14.84 38.51
CA ASP D 175 32.05 16.00 37.63
C ASP D 175 33.36 16.79 37.65
N GLY D 176 33.79 17.26 36.48
CA GLY D 176 34.89 18.20 36.40
C GLY D 176 36.22 17.63 36.82
N ALA D 177 36.43 16.32 36.62
CA ALA D 177 37.60 15.64 37.18
C ALA D 177 38.31 14.69 36.19
N PHE D 178 37.56 14.14 35.22
CA PHE D 178 38.12 13.19 34.28
C PHE D 178 38.48 13.92 32.98
N PRO D 179 39.78 14.07 32.64
CA PRO D 179 40.17 14.77 31.41
C PRO D 179 39.65 14.09 30.15
N VAL D 180 39.11 14.88 29.23
N VAL D 180 39.11 14.88 29.23
CA VAL D 180 38.63 14.35 27.96
CA VAL D 180 38.62 14.35 27.96
C VAL D 180 39.81 13.84 27.13
C VAL D 180 39.81 13.84 27.13
N GLU D 181 40.98 14.45 27.32
CA GLU D 181 42.15 14.13 26.53
C GLU D 181 42.66 12.70 26.76
N CYS D 182 42.27 12.05 27.86
CA CYS D 182 42.82 10.73 28.15
C CYS D 182 41.75 9.70 28.51
N TRP D 183 40.47 10.11 28.55
CA TRP D 183 39.39 9.19 28.82
C TRP D 183 38.33 9.32 27.72
N CYS D 184 37.89 8.16 27.20
CA CYS D 184 36.83 8.10 26.20
C CYS D 184 35.84 7.02 26.62
N PRO D 185 34.64 6.98 26.04
CA PRO D 185 33.71 5.89 26.32
C PRO D 185 34.34 4.54 25.96
N ASP D 186 34.11 3.55 26.82
CA ASP D 186 34.59 2.21 26.62
C ASP D 186 33.56 1.49 25.76
N PRO D 187 33.86 1.20 24.48
CA PRO D 187 32.86 0.61 23.59
C PRO D 187 32.58 -0.87 23.93
N SER D 188 33.46 -1.49 24.72
CA SER D 188 33.32 -2.91 25.09
C SER D 188 32.36 -3.06 26.27
N LYS D 189 31.98 -1.96 26.90
CA LYS D 189 30.99 -1.97 27.98
C LYS D 189 29.84 -1.04 27.59
N ASN D 190 29.30 -0.28 28.55
CA ASN D 190 28.25 0.70 28.30
C ASN D 190 27.01 0.08 27.70
N GLU D 191 26.66 -1.14 28.14
CA GLU D 191 25.47 -1.80 27.59
C GLU D 191 24.20 -1.08 28.09
N ASN D 192 24.32 -0.30 29.16
CA ASN D 192 23.18 0.30 29.83
C ASN D 192 23.27 1.84 29.74
N THR D 193 24.04 2.33 28.77
CA THR D 193 24.22 3.75 28.48
C THR D 193 24.16 3.95 26.96
N ARG D 194 23.61 5.08 26.50
CA ARG D 194 23.71 5.49 25.11
C ARG D 194 24.62 6.72 25.05
N TYR D 195 25.61 6.72 24.16
CA TYR D 195 26.46 7.91 24.01
C TYR D 195 26.62 8.28 22.54
N TYR D 196 26.80 9.59 22.30
CA TYR D 196 26.95 10.18 20.98
C TYR D 196 28.01 11.26 21.08
N GLY D 197 28.97 11.27 20.15
CA GLY D 197 30.02 12.25 20.20
C GLY D 197 30.54 12.62 18.82
N SER D 198 31.12 13.81 18.73
CA SER D 198 31.76 14.27 17.54
C SER D 198 32.96 15.15 17.89
N TYR D 199 33.92 15.21 16.97
CA TYR D 199 35.11 16.02 17.07
C TYR D 199 35.36 16.65 15.70
N THR D 200 35.62 17.96 15.71
CA THR D 200 36.06 18.69 14.53
C THR D 200 37.30 19.46 14.93
N GLY D 201 38.44 19.15 14.31
CA GLY D 201 39.68 19.70 14.80
C GLY D 201 40.16 20.87 13.97
N GLY D 202 41.48 20.93 13.79
CA GLY D 202 42.15 22.02 13.10
C GLY D 202 42.40 23.20 14.03
N GLN D 203 42.99 24.26 13.48
CA GLN D 203 43.53 25.39 14.27
C GLN D 203 42.49 26.49 14.57
N SER D 204 41.85 27.00 13.50
N SER D 204 41.85 27.00 13.50
CA SER D 204 40.94 28.16 13.57
CA SER D 204 40.94 28.16 13.57
C SER D 204 39.60 27.83 12.91
C SER D 204 39.60 27.83 12.91
N THR D 205 39.29 26.53 12.86
CA THR D 205 38.13 26.00 12.15
C THR D 205 36.85 26.67 12.61
N PRO D 206 35.92 27.03 11.68
CA PRO D 206 34.62 27.56 12.06
C PRO D 206 33.86 26.56 12.93
N PRO D 207 33.36 26.98 14.10
CA PRO D 207 32.36 26.20 14.83
C PRO D 207 31.10 26.11 13.98
N VAL D 208 30.51 24.92 13.93
CA VAL D 208 29.26 24.67 13.25
C VAL D 208 28.31 24.07 14.27
N LEU D 209 27.30 24.83 14.69
CA LEU D 209 26.46 24.49 15.85
C LEU D 209 25.01 24.68 15.48
N GLN D 210 24.13 23.91 16.12
CA GLN D 210 22.69 24.02 15.92
C GLN D 210 22.03 24.02 17.30
N PHE D 211 20.84 24.60 17.39
CA PHE D 211 20.04 24.52 18.60
C PHE D 211 18.56 24.55 18.20
N THR D 212 17.77 23.67 18.83
CA THR D 212 16.35 23.62 18.59
C THR D 212 15.72 22.91 19.81
N ASN D 213 14.44 23.15 20.03
CA ASN D 213 13.69 22.46 21.07
C ASN D 213 12.75 21.43 20.46
N THR D 214 13.02 20.98 19.23
CA THR D 214 12.06 20.15 18.50
C THR D 214 12.55 18.73 18.25
N VAL D 215 13.75 18.36 18.75
CA VAL D 215 14.34 17.08 18.41
C VAL D 215 14.36 16.13 19.61
N THR D 216 13.79 14.94 19.41
CA THR D 216 13.78 13.89 20.41
C THR D 216 14.70 12.76 19.95
N THR D 217 15.67 12.39 20.80
CA THR D 217 16.57 11.28 20.57
C THR D 217 16.03 10.05 21.30
N VAL D 218 15.71 9.00 20.55
CA VAL D 218 15.24 7.75 21.14
C VAL D 218 16.41 7.00 21.77
N LEU D 219 16.24 6.55 23.03
CA LEU D 219 17.30 5.86 23.77
C LEU D 219 17.10 4.35 23.79
N LEU D 220 15.96 3.87 23.26
CA LEU D 220 15.72 2.42 23.20
C LEU D 220 16.78 1.78 22.30
N ASP D 221 17.24 0.59 22.67
CA ASP D 221 18.17 -0.20 21.88
C ASP D 221 17.36 -0.97 20.83
N GLU D 222 18.06 -1.85 20.12
CA GLU D 222 17.50 -2.63 19.01
C GLU D 222 16.45 -3.62 19.53
N ASN D 223 16.42 -3.89 20.84
CA ASN D 223 15.38 -4.76 21.42
C ASN D 223 14.23 -3.95 22.03
N GLY D 224 14.24 -2.63 21.86
CA GLY D 224 13.19 -1.76 22.41
C GLY D 224 13.35 -1.47 23.89
N VAL D 225 14.58 -1.62 24.41
CA VAL D 225 14.83 -1.40 25.81
C VAL D 225 15.77 -0.20 25.98
N GLY D 226 15.38 0.73 26.83
CA GLY D 226 16.18 1.89 27.17
C GLY D 226 17.10 1.58 28.33
N PRO D 227 18.04 2.50 28.66
CA PRO D 227 18.83 2.38 29.87
C PRO D 227 17.92 2.12 31.09
N LEU D 228 18.30 1.13 31.91
CA LEU D 228 17.55 0.79 33.12
C LEU D 228 18.31 1.32 34.34
N CYS D 229 17.60 2.11 35.15
CA CYS D 229 18.24 2.92 36.15
C CYS D 229 18.42 2.14 37.46
N LYS D 230 19.65 1.64 37.64
CA LYS D 230 20.04 0.82 38.78
C LYS D 230 20.10 1.71 40.01
N GLY D 231 19.47 1.25 41.09
CA GLY D 231 19.40 2.02 42.32
C GLY D 231 18.66 3.33 42.15
N ASP D 232 17.75 3.40 41.18
CA ASP D 232 16.95 4.57 40.89
C ASP D 232 17.84 5.80 40.64
N GLY D 233 18.98 5.59 39.97
CA GLY D 233 19.88 6.65 39.54
C GLY D 233 19.95 6.76 38.02
N LEU D 234 19.81 7.99 37.52
CA LEU D 234 19.97 8.35 36.12
C LEU D 234 21.28 9.12 35.98
N TYR D 235 22.13 8.69 35.04
CA TYR D 235 23.44 9.27 34.85
C TYR D 235 23.48 10.02 33.52
N VAL D 236 23.88 11.29 33.58
CA VAL D 236 23.93 12.16 32.44
C VAL D 236 25.34 12.74 32.40
N SER D 237 25.97 12.70 31.22
CA SER D 237 27.34 13.10 31.06
C SER D 237 27.47 13.88 29.75
N CYS D 238 28.40 14.82 29.67
CA CYS D 238 28.59 15.55 28.43
C CYS D 238 29.90 16.34 28.45
N CYS D 239 30.23 16.86 27.26
CA CYS D 239 31.25 17.84 27.08
C CYS D 239 30.97 18.59 25.77
N ASP D 240 31.11 19.91 25.80
CA ASP D 240 30.79 20.77 24.66
C ASP D 240 31.80 21.91 24.54
N ILE D 241 32.89 21.61 23.84
CA ILE D 241 33.91 22.57 23.48
C ILE D 241 33.52 23.22 22.17
N VAL D 242 33.50 24.57 22.14
CA VAL D 242 33.08 25.28 20.94
C VAL D 242 34.22 26.06 20.31
N GLY D 243 35.43 26.00 20.91
CA GLY D 243 36.60 26.55 20.27
C GLY D 243 37.51 27.22 21.28
N PHE D 244 38.33 28.15 20.81
CA PHE D 244 39.27 28.88 21.63
C PHE D 244 39.02 30.38 21.50
N LEU D 245 39.14 31.07 22.64
CA LEU D 245 39.23 32.53 22.68
C LEU D 245 40.71 32.91 22.52
N VAL D 246 40.99 33.81 21.59
CA VAL D 246 42.32 34.22 21.26
C VAL D 246 42.55 35.63 21.82
N GLY D 247 43.36 35.70 22.88
CA GLY D 247 43.65 36.98 23.52
C GLY D 247 44.53 37.85 22.62
N LYS D 248 44.66 39.13 23.00
CA LYS D 248 45.40 40.13 22.23
C LYS D 248 46.82 39.65 21.90
N ASP D 249 47.48 38.98 22.84
CA ASP D 249 48.89 38.59 22.62
C ASP D 249 49.00 37.18 22.02
N GLY D 250 47.86 36.55 21.71
CA GLY D 250 47.89 35.22 21.11
C GLY D 250 47.64 34.08 22.10
N ASP D 251 47.52 34.40 23.38
CA ASP D 251 47.24 33.40 24.44
C ASP D 251 45.82 32.85 24.19
N MET D 252 45.62 31.54 24.37
CA MET D 252 44.33 30.94 23.99
C MET D 252 43.75 30.12 25.15
N GLN D 253 42.42 30.15 25.24
CA GLN D 253 41.69 29.39 26.24
C GLN D 253 40.56 28.63 25.56
N TYR D 254 40.33 27.38 26.00
CA TYR D 254 39.14 26.67 25.60
C TYR D 254 37.89 27.41 26.08
N ARG D 255 36.83 27.37 25.26
CA ARG D 255 35.53 27.87 25.61
C ARG D 255 34.52 26.73 25.50
N GLY D 256 33.72 26.54 26.55
CA GLY D 256 32.66 25.55 26.55
C GLY D 256 31.31 26.18 26.82
N LEU D 257 30.25 25.42 26.47
CA LEU D 257 28.90 25.85 26.66
C LEU D 257 28.15 24.80 27.48
N PRO D 258 27.07 25.20 28.15
CA PRO D 258 26.26 24.28 28.93
C PRO D 258 25.39 23.41 28.01
N ARG D 259 24.90 22.30 28.57
CA ARG D 259 23.99 21.43 27.85
C ARG D 259 22.75 21.22 28.72
N TYR D 260 21.60 21.25 28.07
CA TYR D 260 20.30 21.00 28.66
C TYR D 260 19.82 19.60 28.28
N PHE D 261 19.08 18.96 29.19
CA PHE D 261 18.52 17.64 28.96
C PHE D 261 17.09 17.58 29.49
N ASN D 262 16.21 16.96 28.71
CA ASN D 262 14.86 16.62 29.13
C ASN D 262 14.68 15.13 28.82
N ILE D 263 14.66 14.29 29.86
CA ILE D 263 14.67 12.84 29.70
C ILE D 263 13.31 12.29 30.14
N LEU D 264 12.72 11.47 29.28
CA LEU D 264 11.46 10.82 29.56
C LEU D 264 11.76 9.38 30.01
N LEU D 265 11.17 8.97 31.14
CA LEU D 265 11.37 7.63 31.67
C LEU D 265 10.02 6.96 31.94
N ARG D 266 10.02 5.63 31.85
CA ARG D 266 8.82 4.84 32.07
C ARG D 266 9.16 3.67 33.01
N LYS D 267 8.13 3.16 33.68
CA LYS D 267 8.30 2.06 34.62
C LYS D 267 8.35 0.75 33.83
N ARG D 268 9.34 -0.06 34.17
CA ARG D 268 9.58 -1.34 33.55
C ARG D 268 9.69 -2.40 34.64
N THR D 269 8.91 -3.47 34.49
CA THR D 269 9.01 -4.64 35.37
C THR D 269 10.24 -5.45 34.95
N VAL D 270 11.03 -5.87 35.93
CA VAL D 270 12.19 -6.73 35.72
C VAL D 270 12.13 -7.88 36.72
N ARG D 271 12.85 -8.97 36.43
CA ARG D 271 13.02 -10.08 37.36
C ARG D 271 14.11 -9.67 38.35
N ILE E 2 -3.22 25.59 29.61
CA ILE E 2 -4.40 25.42 28.71
C ILE E 2 -4.69 23.92 28.59
N GLU E 3 -5.92 23.52 28.96
CA GLU E 3 -6.46 22.18 28.64
C GLU E 3 -6.97 22.20 27.19
N VAL E 4 -6.34 21.42 26.32
CA VAL E 4 -6.61 21.45 24.89
C VAL E 4 -7.73 20.45 24.59
N LEU E 5 -8.74 20.87 23.84
CA LEU E 5 -9.84 19.99 23.48
C LEU E 5 -9.79 19.76 21.95
N ASN E 6 -10.94 19.69 21.29
CA ASN E 6 -11.01 19.25 19.91
C ASN E 6 -10.74 20.41 18.96
N LEU E 7 -10.31 20.06 17.75
CA LEU E 7 -10.24 20.98 16.62
C LEU E 7 -11.65 21.42 16.25
N VAL E 8 -11.77 22.68 15.85
CA VAL E 8 -12.97 23.22 15.24
C VAL E 8 -12.87 22.93 13.74
N THR E 9 -13.92 22.34 13.15
CA THR E 9 -13.89 21.96 11.75
C THR E 9 -14.76 22.93 10.93
N GLY E 10 -14.57 22.87 9.62
CA GLY E 10 -15.47 23.46 8.66
C GLY E 10 -14.90 24.72 8.02
N PRO E 11 -15.76 25.51 7.34
CA PRO E 11 -15.32 26.76 6.74
C PRO E 11 -14.90 27.79 7.80
N ASP E 12 -13.82 28.48 7.48
CA ASP E 12 -13.31 29.56 8.33
C ASP E 12 -12.65 29.01 9.60
N SER E 13 -12.34 27.72 9.65
CA SER E 13 -11.57 27.12 10.77
C SER E 13 -10.05 27.31 10.59
N ILE E 14 -9.60 27.85 9.44
CA ILE E 14 -8.19 27.99 9.08
C ILE E 14 -7.92 29.46 8.75
N THR E 15 -6.70 29.95 9.04
CA THR E 15 -6.29 31.24 8.57
C THR E 15 -4.76 31.20 8.37
N THR E 16 -4.24 32.15 7.58
CA THR E 16 -2.81 32.22 7.35
C THR E 16 -2.34 33.63 7.68
N ILE E 17 -1.14 33.70 8.23
CA ILE E 17 -0.51 34.95 8.55
C ILE E 17 0.80 35.00 7.77
N GLU E 18 0.97 36.09 7.03
CA GLU E 18 2.13 36.32 6.22
C GLU E 18 2.80 37.59 6.73
N LEU E 19 4.12 37.53 6.95
CA LEU E 19 4.83 38.75 7.33
C LEU E 19 6.30 38.59 6.96
N TYR E 20 7.01 39.71 7.05
CA TYR E 20 8.46 39.68 7.01
C TYR E 20 8.97 40.48 8.21
N LEU E 21 10.20 40.17 8.63
CA LEU E 21 10.91 40.94 9.59
C LEU E 21 12.22 41.39 8.97
N ASN E 22 12.46 42.69 9.03
CA ASN E 22 13.72 43.27 8.63
C ASN E 22 14.74 43.03 9.74
N THR E 23 16.00 42.97 9.33
CA THR E 23 17.12 42.62 10.16
C THR E 23 17.41 43.79 11.12
N ARG E 24 17.97 43.46 12.29
CA ARG E 24 18.34 44.43 13.32
C ARG E 24 19.81 44.23 13.66
N MET E 25 20.68 44.67 12.73
CA MET E 25 22.10 44.46 12.85
C MET E 25 22.73 45.57 13.68
N GLY E 26 22.05 46.71 13.83
CA GLY E 26 22.55 47.79 14.67
C GLY E 26 22.18 49.16 14.13
N GLN E 27 22.28 49.36 12.81
CA GLN E 27 21.68 50.53 12.17
C GLN E 27 20.29 50.10 11.71
N ASN E 28 19.29 50.39 12.54
CA ASN E 28 17.96 49.81 12.41
C ASN E 28 16.94 50.83 11.92
N ASP E 29 17.41 51.99 11.45
CA ASP E 29 16.55 53.05 10.92
C ASP E 29 16.56 52.99 9.39
N GLU E 30 15.42 52.64 8.81
CA GLU E 30 15.29 52.41 7.36
C GLU E 30 15.45 53.71 6.55
N SER E 31 15.51 54.87 7.22
CA SER E 31 15.68 56.14 6.53
C SER E 31 17.16 56.57 6.49
N LYS E 32 18.05 55.80 7.13
CA LYS E 32 19.44 56.21 7.25
C LYS E 32 20.35 55.27 6.45
N ASP E 33 21.54 55.78 6.11
CA ASP E 33 22.55 55.00 5.43
C ASP E 33 22.91 53.82 6.34
N ASN E 34 23.42 52.74 5.73
CA ASN E 34 23.90 51.57 6.47
C ASN E 34 22.76 50.77 7.10
N TYR E 35 21.52 51.00 6.68
CA TYR E 35 20.41 50.21 7.14
C TYR E 35 20.66 48.73 6.79
N GLY E 36 20.38 47.82 7.73
CA GLY E 36 20.60 46.39 7.46
C GLY E 36 22.03 45.96 7.69
N TYR E 37 22.85 46.86 8.24
CA TYR E 37 24.18 46.59 8.65
C TYR E 37 24.36 47.07 10.11
N SER E 38 25.40 46.58 10.78
CA SER E 38 25.80 47.18 12.03
C SER E 38 26.62 48.43 11.74
N GLU E 39 26.82 49.23 12.79
CA GLU E 39 27.91 50.20 12.79
C GLU E 39 29.22 49.40 12.82
N LYS E 40 30.32 50.09 12.49
CA LYS E 40 31.64 49.48 12.48
C LYS E 40 31.92 48.77 13.81
N VAL E 41 32.45 47.56 13.71
CA VAL E 41 32.84 46.77 14.85
C VAL E 41 34.10 47.39 15.45
N THR E 42 34.11 47.47 16.79
CA THR E 42 35.28 47.90 17.56
C THR E 42 35.66 46.76 18.51
N VAL E 43 36.86 46.85 19.09
CA VAL E 43 37.40 45.79 19.92
C VAL E 43 37.83 46.37 21.27
N ALA E 44 37.37 45.72 22.34
CA ALA E 44 37.64 46.11 23.72
C ALA E 44 39.15 46.24 23.96
N ASN E 45 39.53 47.29 24.70
CA ASN E 45 40.90 47.48 25.15
C ASN E 45 41.29 46.40 26.17
N SER E 46 40.31 45.99 27.00
CA SER E 46 40.51 44.86 27.91
C SER E 46 39.14 44.31 28.25
N SER E 47 39.09 43.13 28.86
CA SER E 47 37.79 42.48 29.15
C SER E 47 37.01 43.25 30.23
N ASP E 48 37.70 44.04 31.05
CA ASP E 48 37.14 44.88 32.08
C ASP E 48 36.67 46.25 31.52
N GLN E 49 36.96 46.53 30.24
CA GLN E 49 36.56 47.73 29.56
C GLN E 49 36.04 47.35 28.17
N ASP E 50 35.04 46.49 28.16
CA ASP E 50 34.45 45.92 26.95
C ASP E 50 33.10 46.58 26.78
N LYS E 51 33.09 47.65 25.96
CA LYS E 51 31.96 48.54 25.86
C LYS E 51 31.64 48.75 24.39
N PRO E 52 30.77 47.89 23.79
CA PRO E 52 30.44 48.08 22.40
C PRO E 52 29.86 49.47 22.13
N THR E 53 30.25 50.06 21.00
CA THR E 53 29.67 51.30 20.56
C THR E 53 28.20 51.10 20.26
N SER E 54 27.45 52.20 20.29
CA SER E 54 26.05 52.18 19.99
C SER E 54 25.88 51.75 18.53
N GLY E 55 25.06 50.72 18.31
CA GLY E 55 24.74 50.27 16.99
C GLY E 55 25.67 49.21 16.41
N GLU E 56 26.69 48.73 17.15
CA GLU E 56 27.60 47.73 16.55
C GLU E 56 27.17 46.30 16.89
N ILE E 57 26.06 46.12 17.63
CA ILE E 57 25.71 44.76 18.04
C ILE E 57 24.33 44.35 17.53
N PRO E 58 24.25 43.17 16.88
CA PRO E 58 22.99 42.64 16.40
C PRO E 58 22.03 42.24 17.53
N THR E 59 20.74 42.42 17.26
CA THR E 59 19.68 42.11 18.18
C THR E 59 18.67 41.22 17.46
N TYR E 60 17.80 40.59 18.23
CA TYR E 60 16.72 39.82 17.66
C TYR E 60 15.69 40.74 17.00
N SER E 61 15.13 40.25 15.89
CA SER E 61 13.93 40.78 15.30
C SER E 61 12.74 40.05 15.92
N THR E 62 11.64 40.78 16.13
CA THR E 62 10.47 40.12 16.71
C THR E 62 9.24 40.97 16.38
N ALA E 63 8.10 40.28 16.31
CA ALA E 63 6.82 40.93 16.16
C ALA E 63 5.77 40.07 16.86
N ARG E 64 4.75 40.76 17.36
CA ARG E 64 3.49 40.16 17.77
C ARG E 64 2.46 40.51 16.70
N ILE E 65 1.79 39.50 16.16
CA ILE E 65 0.77 39.73 15.15
C ILE E 65 -0.58 39.47 15.81
N ASN E 66 -1.50 40.44 15.63
CA ASN E 66 -2.87 40.32 16.12
C ASN E 66 -3.62 39.37 15.19
N LEU E 67 -4.28 38.37 15.77
CA LEU E 67 -5.01 37.41 15.02
C LEU E 67 -6.49 37.78 15.08
N PRO E 68 -7.33 37.25 14.18
CA PRO E 68 -8.78 37.48 14.26
C PRO E 68 -9.32 37.06 15.64
N MET E 69 -10.13 37.96 16.25
CA MET E 69 -10.77 37.69 17.53
C MET E 69 -11.74 36.51 17.35
N LEU E 70 -11.82 35.66 18.37
CA LEU E 70 -12.68 34.48 18.34
C LEU E 70 -13.80 34.57 19.39
N ASN E 71 -13.45 35.04 20.59
CA ASN E 71 -14.24 34.79 21.79
C ASN E 71 -15.18 35.97 22.08
N ASN E 77 -16.83 25.76 30.93
CA ASN E 77 -16.85 26.70 29.79
C ASN E 77 -15.58 26.59 28.92
N THR E 78 -15.72 26.83 27.60
CA THR E 78 -14.63 26.66 26.62
C THR E 78 -14.45 27.93 25.79
N LEU E 79 -13.27 28.07 25.21
CA LEU E 79 -12.91 29.18 24.33
C LEU E 79 -12.25 28.59 23.08
N THR E 80 -12.15 29.42 22.05
CA THR E 80 -11.41 29.04 20.85
C THR E 80 -10.09 29.81 20.85
N MET E 81 -9.02 29.12 20.49
CA MET E 81 -7.70 29.73 20.26
C MET E 81 -7.18 29.31 18.89
N TRP E 82 -6.36 30.19 18.33
CA TRP E 82 -5.59 29.88 17.14
C TRP E 82 -4.40 29.01 17.53
N GLU E 83 -4.24 27.91 16.78
CA GLU E 83 -3.13 26.96 16.94
C GLU E 83 -2.27 27.03 15.67
N ALA E 84 -0.98 27.36 15.82
CA ALA E 84 -0.06 27.40 14.69
C ALA E 84 0.33 25.95 14.31
N VAL E 85 0.02 25.56 13.08
CA VAL E 85 0.22 24.23 12.57
C VAL E 85 1.58 24.09 11.87
N SER E 86 1.95 25.10 11.08
CA SER E 86 3.14 24.98 10.22
C SER E 86 3.58 26.37 9.80
N VAL E 87 4.84 26.44 9.34
CA VAL E 87 5.36 27.69 8.84
C VAL E 87 6.25 27.38 7.61
N LYS E 88 6.13 28.25 6.60
CA LYS E 88 7.07 28.32 5.51
C LYS E 88 7.87 29.61 5.72
N THR E 89 9.20 29.47 5.85
CA THR E 89 10.02 30.62 6.15
C THR E 89 11.26 30.59 5.24
N GLU E 90 11.69 31.77 4.82
CA GLU E 90 12.83 31.90 3.91
C GLU E 90 13.60 33.17 4.26
N VAL E 91 14.91 33.14 4.03
CA VAL E 91 15.72 34.32 4.07
C VAL E 91 15.58 35.01 2.71
N VAL E 92 15.35 36.33 2.77
CA VAL E 92 15.07 37.14 1.60
C VAL E 92 16.35 37.83 1.18
N GLY E 93 16.55 37.98 -0.13
CA GLY E 93 17.65 38.84 -0.63
C GLY E 93 19.00 38.14 -0.61
N VAL E 94 19.02 36.81 -0.61
CA VAL E 94 20.30 36.08 -0.65
C VAL E 94 21.13 36.52 -1.88
N SER E 95 20.47 36.74 -3.02
CA SER E 95 21.16 37.11 -4.28
C SER E 95 21.91 38.44 -4.13
N SER E 96 21.51 39.27 -3.17
CA SER E 96 22.20 40.56 -2.91
C SER E 96 23.68 40.34 -2.54
N LEU E 97 24.04 39.13 -2.11
CA LEU E 97 25.42 38.80 -1.75
C LEU E 97 26.28 38.54 -3.00
N VAL E 98 25.65 38.47 -4.19
CA VAL E 98 26.37 38.37 -5.44
C VAL E 98 26.77 39.80 -5.85
N ASN E 99 27.71 40.35 -5.12
CA ASN E 99 28.09 41.75 -5.31
C ASN E 99 29.51 41.90 -4.81
N VAL E 100 30.43 42.15 -5.75
CA VAL E 100 31.83 42.29 -5.41
C VAL E 100 32.40 43.59 -6.00
N HIS E 101 31.55 44.59 -6.22
CA HIS E 101 32.00 45.91 -6.71
C HIS E 101 31.74 47.02 -5.70
N MET E 102 31.29 46.68 -4.49
CA MET E 102 31.08 47.69 -3.45
C MET E 102 32.44 48.18 -2.96
N ALA E 103 32.44 49.32 -2.27
CA ALA E 103 33.68 49.93 -1.77
C ALA E 103 34.18 49.12 -0.57
N THR E 104 35.02 48.13 -0.88
CA THR E 104 35.52 47.16 0.06
C THR E 104 37.01 46.91 -0.19
N LYS E 105 37.66 46.23 0.76
CA LYS E 105 38.93 45.59 0.53
C LYS E 105 38.79 44.69 -0.69
N ARG E 106 39.90 44.48 -1.41
CA ARG E 106 39.80 43.70 -2.63
C ARG E 106 40.96 42.74 -2.74
N MET E 107 40.77 41.72 -3.60
CA MET E 107 41.75 40.65 -3.79
C MET E 107 42.87 41.12 -4.73
N TYR E 108 44.01 40.41 -4.64
CA TYR E 108 45.11 40.41 -5.63
C TYR E 108 45.62 41.84 -5.89
N ASP E 109 46.20 42.45 -4.85
CA ASP E 109 46.96 43.70 -5.00
C ASP E 109 46.10 44.76 -5.69
N ASP E 110 44.86 44.90 -5.23
CA ASP E 110 43.93 45.94 -5.65
C ASP E 110 43.50 45.81 -7.11
N LYS E 111 43.62 44.61 -7.69
CA LYS E 111 43.19 44.38 -9.06
C LYS E 111 41.96 43.46 -9.15
N GLY E 112 41.72 42.68 -8.09
CA GLY E 112 40.70 41.63 -8.09
C GLY E 112 39.37 42.12 -7.57
N ILE E 113 38.48 41.16 -7.30
CA ILE E 113 37.13 41.45 -6.81
C ILE E 113 37.22 42.15 -5.45
N GLY E 114 36.19 42.95 -5.18
CA GLY E 114 35.91 43.35 -3.82
C GLY E 114 35.54 42.13 -2.99
N PHE E 115 35.92 42.13 -1.72
CA PHE E 115 35.54 41.04 -0.83
C PHE E 115 34.02 41.00 -0.75
N PRO E 116 33.38 39.82 -1.00
CA PRO E 116 31.96 39.72 -0.78
C PRO E 116 31.72 39.72 0.74
N VAL E 117 30.46 39.93 1.13
CA VAL E 117 30.07 39.75 2.51
C VAL E 117 30.37 38.30 2.87
N GLU E 118 31.16 38.09 3.93
CA GLU E 118 31.62 36.78 4.29
C GLU E 118 31.97 36.72 5.78
N GLY E 119 32.05 35.48 6.29
CA GLY E 119 32.36 35.24 7.67
C GLY E 119 31.15 34.67 8.40
N MET E 120 31.08 35.01 9.69
CA MET E 120 30.15 34.43 10.64
C MET E 120 28.73 34.47 10.09
N ASN E 121 28.04 33.32 10.18
CA ASN E 121 26.62 33.24 9.90
C ASN E 121 25.90 32.78 11.17
N PHE E 122 24.71 33.33 11.38
CA PHE E 122 23.87 33.00 12.50
C PHE E 122 22.44 33.13 12.02
N HIS E 123 21.67 32.05 12.10
CA HIS E 123 20.32 32.01 11.59
C HIS E 123 19.43 31.34 12.63
N MET E 124 18.40 32.04 13.06
CA MET E 124 17.44 31.47 13.98
CA MET E 124 17.44 31.46 13.98
C MET E 124 16.06 32.04 13.70
N PHE E 125 15.03 31.22 13.89
CA PHE E 125 13.66 31.73 13.88
C PHE E 125 12.90 30.98 14.96
N ALA E 126 11.81 31.60 15.40
CA ALA E 126 10.93 31.04 16.41
C ALA E 126 9.50 31.47 16.11
N VAL E 127 8.57 30.55 16.30
CA VAL E 127 7.15 30.83 16.17
C VAL E 127 6.48 30.31 17.43
N GLY E 128 5.71 31.18 18.10
CA GLY E 128 5.06 30.75 19.33
C GLY E 128 3.76 31.51 19.59
N GLY E 129 3.06 31.08 20.64
CA GLY E 129 1.81 31.69 21.05
C GLY E 129 1.98 32.66 22.21
N GLU E 130 3.23 33.00 22.49
CA GLU E 130 3.64 33.92 23.53
C GLU E 130 5.07 34.32 23.24
N PRO E 131 5.62 35.36 23.92
CA PRO E 131 6.99 35.78 23.66
C PRO E 131 8.00 34.63 23.88
N LEU E 132 9.04 34.63 23.06
CA LEU E 132 10.14 33.71 23.22
C LEU E 132 10.79 33.95 24.58
N GLU E 133 10.98 32.88 25.34
CA GLU E 133 11.62 32.97 26.64
C GLU E 133 13.13 32.81 26.48
N LEU E 134 13.86 33.73 27.10
CA LEU E 134 15.30 33.88 26.94
C LEU E 134 16.05 33.53 28.22
N GLN E 135 17.26 33.02 28.04
CA GLN E 135 18.26 32.77 29.05
C GLN E 135 19.46 33.67 28.74
N PHE E 136 20.00 34.32 29.77
CA PHE E 136 21.18 35.11 29.60
C PHE E 136 22.41 34.20 29.64
N LEU E 137 23.34 34.42 28.71
CA LEU E 137 24.64 33.75 28.72
C LEU E 137 25.57 34.53 27.79
N THR E 138 26.75 34.87 28.29
CA THR E 138 27.65 35.76 27.61
C THR E 138 29.06 35.19 27.65
N GLY E 139 29.84 35.56 26.63
CA GLY E 139 31.27 35.30 26.57
C GLY E 139 32.07 36.19 27.51
N ASN E 140 31.48 37.29 27.98
CA ASN E 140 32.17 38.23 28.89
C ASN E 140 31.15 38.84 29.84
N TYR E 141 31.18 38.40 31.09
CA TYR E 141 30.16 38.83 32.08
C TYR E 141 30.23 40.34 32.31
N ARG E 142 31.39 40.94 32.01
CA ARG E 142 31.66 42.34 32.32
C ARG E 142 31.18 43.29 31.20
N THR E 143 30.67 42.76 30.08
CA THR E 143 30.35 43.63 28.95
C THR E 143 29.46 44.80 29.41
N ASP E 144 29.82 46.00 28.99
CA ASP E 144 29.15 47.26 29.35
C ASP E 144 28.31 47.73 28.15
N TYR E 145 27.00 47.71 28.32
CA TYR E 145 26.02 48.01 27.28
C TYR E 145 25.53 49.47 27.34
N SER E 146 26.20 50.32 28.14
CA SER E 146 25.64 51.62 28.50
C SER E 146 25.77 52.64 27.36
N ALA E 147 26.48 52.31 26.28
CA ALA E 147 26.51 53.19 25.11
C ALA E 147 25.14 53.23 24.42
N ASN E 148 24.27 52.27 24.71
CA ASN E 148 22.94 52.25 24.10
C ASN E 148 21.93 51.81 25.15
N ASP E 149 21.22 52.79 25.73
CA ASP E 149 20.31 52.48 26.84
C ASP E 149 18.99 51.91 26.32
N LYS E 150 18.83 51.76 24.99
CA LYS E 150 17.62 51.11 24.45
C LYS E 150 17.77 49.59 24.45
N LEU E 151 18.98 49.06 24.67
CA LEU E 151 19.18 47.59 24.77
C LEU E 151 18.59 47.08 26.08
N VAL E 152 18.03 45.89 26.05
CA VAL E 152 17.52 45.23 27.24
C VAL E 152 18.53 44.18 27.67
N VAL E 153 19.16 44.42 28.82
CA VAL E 153 20.16 43.55 29.43
C VAL E 153 19.88 43.49 30.93
N PRO E 154 20.44 42.51 31.68
CA PRO E 154 20.20 42.44 33.11
C PRO E 154 20.80 43.65 33.81
N PRO E 155 20.18 44.13 34.91
CA PRO E 155 20.67 45.31 35.61
C PRO E 155 21.93 45.07 36.44
N ILE E 156 22.25 43.82 36.75
CA ILE E 156 23.49 43.48 37.49
C ILE E 156 24.26 42.43 36.71
N LYS E 157 25.58 42.37 36.88
CA LYS E 157 26.47 41.48 36.21
C LYS E 157 27.13 40.60 37.26
N HIS E 158 27.47 39.36 36.89
CA HIS E 158 28.16 38.42 37.77
C HIS E 158 28.90 37.39 36.90
N GLN E 159 30.03 36.92 37.45
CA GLN E 159 30.95 35.96 36.83
C GLN E 159 30.20 34.75 36.27
N SER E 160 29.15 34.33 36.98
CA SER E 160 28.48 33.05 36.71
C SER E 160 27.71 33.08 35.39
N THR E 161 27.48 34.29 34.84
CA THR E 161 26.71 34.43 33.60
C THR E 161 27.53 34.03 32.36
N GLN E 162 28.79 33.61 32.53
CA GLN E 162 29.55 32.98 31.44
C GLN E 162 29.16 31.51 31.29
N GLY E 163 28.38 31.01 32.26
CA GLY E 163 27.67 29.74 32.15
C GLY E 163 26.19 30.00 32.22
N LEU E 164 25.41 28.96 32.55
CA LEU E 164 23.98 29.06 32.67
C LEU E 164 23.65 29.32 34.14
N ASN E 165 23.22 30.55 34.42
CA ASN E 165 22.70 30.94 35.72
C ASN E 165 21.22 31.22 35.53
N PRO E 166 20.34 30.33 36.03
CA PRO E 166 18.92 30.47 35.78
C PRO E 166 18.25 31.67 36.48
N HIS E 167 19.03 32.46 37.27
CA HIS E 167 18.51 33.68 37.85
C HIS E 167 18.45 34.81 36.81
N TYR E 168 19.04 34.61 35.61
CA TYR E 168 19.10 35.63 34.61
C TYR E 168 18.28 35.22 33.38
N LYS E 169 17.01 35.60 33.35
CA LYS E 169 16.09 35.26 32.25
CA LYS E 169 16.09 35.26 32.25
C LYS E 169 15.35 36.51 31.79
N GLN E 170 14.67 36.41 30.65
CA GLN E 170 13.89 37.49 30.07
C GLN E 170 12.88 36.89 29.08
N LYS E 171 12.05 37.76 28.52
CA LYS E 171 11.17 37.42 27.44
C LYS E 171 11.41 38.40 26.30
N LEU E 172 11.37 37.90 25.06
CA LEU E 172 11.68 38.71 23.88
C LEU E 172 10.41 39.51 23.51
N THR E 173 10.32 40.71 24.06
CA THR E 173 9.12 41.52 23.96
C THR E 173 9.36 42.81 23.18
N LYS E 174 10.58 43.04 22.70
CA LYS E 174 10.88 44.26 21.98
C LYS E 174 11.83 43.93 20.81
N ASP E 175 11.45 44.40 19.62
CA ASP E 175 12.23 44.32 18.41
C ASP E 175 13.48 45.19 18.52
N GLY E 176 14.62 44.69 18.04
CA GLY E 176 15.80 45.47 17.88
C GLY E 176 16.41 45.93 19.19
N ALA E 177 16.25 45.15 20.27
CA ALA E 177 16.63 45.60 21.62
C ALA E 177 17.39 44.54 22.44
N PHE E 178 17.18 43.25 22.16
CA PHE E 178 17.82 42.18 22.92
C PHE E 178 19.05 41.68 22.16
N PRO E 179 20.28 41.93 22.65
CA PRO E 179 21.48 41.48 21.93
C PRO E 179 21.55 39.95 21.83
N VAL E 180 21.91 39.46 20.63
N VAL E 180 21.91 39.46 20.63
CA VAL E 180 22.03 38.03 20.40
CA VAL E 180 22.02 38.03 20.41
C VAL E 180 23.23 37.50 21.20
C VAL E 180 23.23 37.51 21.20
N GLU E 181 24.24 38.36 21.40
CA GLU E 181 25.46 37.95 22.07
C GLU E 181 25.26 37.53 23.54
N CYS E 182 24.16 37.93 24.18
CA CYS E 182 24.00 37.63 25.58
C CYS E 182 22.63 37.01 25.91
N TRP E 183 21.75 36.84 24.91
CA TRP E 183 20.46 36.20 25.12
C TRP E 183 20.28 35.06 24.12
N CYS E 184 19.86 33.90 24.64
CA CYS E 184 19.56 32.74 23.82
C CYS E 184 18.21 32.19 24.26
N PRO E 185 17.58 31.29 23.47
CA PRO E 185 16.35 30.64 23.89
C PRO E 185 16.59 29.85 25.18
N ASP E 186 15.62 29.95 26.10
CA ASP E 186 15.66 29.24 27.36
C ASP E 186 15.10 27.84 27.11
N PRO E 187 15.95 26.79 27.11
CA PRO E 187 15.46 25.45 26.76
C PRO E 187 14.58 24.83 27.86
N SER E 188 14.60 25.42 29.06
CA SER E 188 13.83 24.92 30.22
C SER E 188 12.40 25.43 30.16
N LYS E 189 12.12 26.38 29.26
CA LYS E 189 10.76 26.89 29.08
C LYS E 189 10.39 26.71 27.60
N ASN E 190 9.71 27.70 27.01
CA ASN E 190 9.35 27.69 25.60
C ASN E 190 8.51 26.47 25.25
N GLU E 191 7.59 26.10 26.14
CA GLU E 191 6.70 24.97 25.88
C GLU E 191 5.71 25.32 24.76
N ASN E 192 5.50 26.60 24.52
CA ASN E 192 4.45 27.05 23.60
C ASN E 192 5.10 27.82 22.43
N THR E 193 6.40 27.56 22.19
CA THR E 193 7.16 28.12 21.07
C THR E 193 8.01 27.02 20.44
N ARG E 194 8.20 27.06 19.12
CA ARG E 194 9.18 26.21 18.45
C ARG E 194 10.31 27.11 17.95
N TYR E 195 11.56 26.74 18.22
CA TYR E 195 12.69 27.54 17.70
C TYR E 195 13.73 26.62 17.06
N TYR E 196 14.45 27.18 16.07
CA TYR E 196 15.46 26.52 15.29
C TYR E 196 16.59 27.51 15.05
N GLY E 197 17.84 27.09 15.26
CA GLY E 197 18.94 27.98 15.01
C GLY E 197 20.22 27.27 14.62
N SER E 198 21.10 28.04 14.00
CA SER E 198 22.41 27.54 13.59
C SER E 198 23.41 28.68 13.61
N TYR E 199 24.67 28.30 13.82
CA TYR E 199 25.78 29.21 13.86
C TYR E 199 26.95 28.56 13.09
N THR E 200 27.56 29.34 12.22
CA THR E 200 28.77 28.94 11.54
C THR E 200 29.77 30.08 11.73
N GLY E 201 30.89 29.80 12.41
CA GLY E 201 31.74 30.91 12.82
C GLY E 201 32.96 31.06 11.92
N GLY E 202 34.09 31.38 12.55
CA GLY E 202 35.34 31.65 11.86
C GLY E 202 35.42 33.08 11.35
N GLN E 203 36.52 33.38 10.66
CA GLN E 203 36.87 34.79 10.32
C GLN E 203 36.28 35.28 8.99
N SER E 204 36.56 34.51 7.91
N SER E 204 36.55 34.52 7.91
CA SER E 204 36.19 34.91 6.53
CA SER E 204 36.19 34.90 6.53
C SER E 204 35.42 33.77 5.85
C SER E 204 35.42 33.77 5.85
N THR E 205 34.79 32.93 6.68
CA THR E 205 34.10 31.72 6.26
C THR E 205 33.10 32.00 5.14
N PRO E 206 33.04 31.16 4.09
CA PRO E 206 32.00 31.29 3.07
C PRO E 206 30.62 31.18 3.69
N PRO E 207 29.71 32.14 3.46
CA PRO E 207 28.30 31.94 3.77
C PRO E 207 27.76 30.82 2.89
N VAL E 208 26.96 29.93 3.47
CA VAL E 208 26.32 28.87 2.71
C VAL E 208 24.81 29.00 2.97
N LEU E 209 24.07 29.44 1.95
CA LEU E 209 22.69 29.87 2.13
C LEU E 209 21.80 29.20 1.09
N GLN E 210 20.54 28.99 1.48
CA GLN E 210 19.55 28.42 0.56
C GLN E 210 18.29 29.29 0.64
N PHE E 211 17.50 29.26 -0.44
CA PHE E 211 16.21 29.90 -0.46
C PHE E 211 15.32 29.08 -1.40
N THR E 212 14.09 28.82 -0.95
CA THR E 212 13.11 28.11 -1.74
C THR E 212 11.74 28.44 -1.15
N ASN E 213 10.70 28.29 -1.97
CA ASN E 213 9.33 28.48 -1.48
C ASN E 213 8.63 27.14 -1.35
N THR E 214 9.40 26.05 -1.20
CA THR E 214 8.82 24.71 -1.29
C THR E 214 8.87 23.92 0.04
N VAL E 215 9.36 24.53 1.11
CA VAL E 215 9.58 23.79 2.37
C VAL E 215 8.61 24.27 3.46
N THR E 216 7.89 23.30 4.02
CA THR E 216 6.96 23.53 5.11
C THR E 216 7.52 22.89 6.39
N THR E 217 7.66 23.70 7.45
CA THR E 217 8.10 23.26 8.76
C THR E 217 6.87 23.00 9.64
N VAL E 218 6.70 21.75 10.08
CA VAL E 218 5.56 21.42 10.96
C VAL E 218 5.85 21.94 12.38
N LEU E 219 4.88 22.64 12.97
CA LEU E 219 5.04 23.23 14.32
C LEU E 219 4.34 22.39 15.40
N LEU E 220 3.60 21.36 15.01
CA LEU E 220 2.96 20.48 16.00
C LEU E 220 4.07 19.78 16.81
N ASP E 221 3.82 19.61 18.10
CA ASP E 221 4.71 18.90 18.99
C ASP E 221 4.41 17.40 18.88
N GLU E 222 5.05 16.62 19.75
CA GLU E 222 4.96 15.16 19.76
C GLU E 222 3.54 14.71 20.12
N ASN E 223 2.72 15.59 20.69
CA ASN E 223 1.31 15.27 20.99
C ASN E 223 0.36 15.77 19.91
N GLY E 224 0.90 16.32 18.81
CA GLY E 224 0.08 16.84 17.71
C GLY E 224 -0.52 18.21 18.00
N VAL E 225 0.10 18.96 18.92
CA VAL E 225 -0.40 20.26 19.30
C VAL E 225 0.63 21.32 18.90
N GLY E 226 0.14 22.35 18.20
CA GLY E 226 0.98 23.47 17.81
C GLY E 226 0.97 24.55 18.88
N PRO E 227 1.82 25.58 18.75
CA PRO E 227 1.75 26.74 19.62
C PRO E 227 0.30 27.30 19.66
N LEU E 228 -0.18 27.57 20.87
CA LEU E 228 -1.53 28.11 21.07
C LEU E 228 -1.42 29.59 21.41
N CYS E 229 -2.14 30.42 20.64
CA CYS E 229 -1.90 31.83 20.65
C CYS E 229 -2.73 32.52 21.73
N LYS E 230 -2.04 32.81 22.84
CA LYS E 230 -2.64 33.42 24.02
C LYS E 230 -2.97 34.88 23.72
N GLY E 231 -4.20 35.26 24.04
CA GLY E 231 -4.69 36.58 23.76
C GLY E 231 -4.71 36.90 22.28
N ASP E 232 -4.86 35.87 21.45
CA ASP E 232 -4.92 36.00 19.99
C ASP E 232 -3.69 36.74 19.45
N GLY E 233 -2.52 36.48 20.04
CA GLY E 233 -1.26 36.99 19.56
C GLY E 233 -0.33 35.86 19.09
N LEU E 234 0.23 36.04 17.88
CA LEU E 234 1.22 35.17 17.30
C LEU E 234 2.58 35.87 17.36
N TYR E 235 3.57 35.19 17.91
CA TYR E 235 4.89 35.77 18.11
C TYR E 235 5.89 35.11 17.17
N VAL E 236 6.60 35.96 16.42
CA VAL E 236 7.56 35.54 15.45
C VAL E 236 8.85 36.28 15.75
N SER E 237 9.96 35.53 15.79
CA SER E 237 11.25 36.09 16.14
C SER E 237 12.30 35.50 15.20
N CYS E 238 13.37 36.26 14.96
CA CYS E 238 14.45 35.73 14.13
C CYS E 238 15.70 36.60 14.25
N CYS E 239 16.79 36.05 13.70
CA CYS E 239 18.01 36.74 13.44
C CYS E 239 18.71 36.01 12.29
N ASP E 240 19.23 36.77 11.32
CA ASP E 240 19.88 36.22 10.13
C ASP E 240 21.08 37.08 9.75
N ILE E 241 22.22 36.72 10.34
CA ILE E 241 23.50 37.30 10.05
C ILE E 241 24.14 36.49 8.93
N VAL E 242 24.57 37.17 7.85
CA VAL E 242 25.14 36.47 6.71
C VAL E 242 26.62 36.77 6.53
N GLY E 243 27.18 37.61 7.40
CA GLY E 243 28.63 37.79 7.39
C GLY E 243 28.96 39.24 7.66
N PHE E 244 30.16 39.65 7.23
CA PHE E 244 30.67 40.99 7.42
C PHE E 244 31.02 41.61 6.07
N LEU E 245 30.70 42.90 5.94
CA LEU E 245 31.22 43.74 4.87
C LEU E 245 32.56 44.30 5.33
N VAL E 246 33.58 44.14 4.48
CA VAL E 246 34.93 44.56 4.82
C VAL E 246 35.25 45.84 4.04
N GLY E 247 35.29 46.98 4.73
CA GLY E 247 35.61 48.25 4.13
C GLY E 247 37.06 48.31 3.65
N LYS E 248 37.35 49.35 2.84
CA LYS E 248 38.67 49.51 2.22
C LYS E 248 39.81 49.43 3.23
N ASP E 249 39.62 50.06 4.40
CA ASP E 249 40.69 50.13 5.40
C ASP E 249 40.64 48.96 6.39
N GLY E 250 39.71 48.02 6.19
CA GLY E 250 39.64 46.82 7.05
C GLY E 250 38.55 46.90 8.11
N ASP E 251 37.85 48.04 8.21
CA ASP E 251 36.72 48.20 9.13
C ASP E 251 35.60 47.27 8.68
N MET E 252 34.91 46.64 9.62
CA MET E 252 33.93 45.60 9.27
C MET E 252 32.58 45.89 9.93
N GLN E 253 31.51 45.53 9.23
CA GLN E 253 30.15 45.68 9.71
C GLN E 253 29.41 44.36 9.50
N TYR E 254 28.58 43.95 10.47
CA TYR E 254 27.66 42.88 10.27
C TYR E 254 26.68 43.23 9.14
N ARG E 255 26.31 42.21 8.36
CA ARG E 255 25.26 42.29 7.38
C ARG E 255 24.20 41.26 7.73
N GLY E 256 22.94 41.70 7.75
CA GLY E 256 21.81 40.83 7.97
C GLY E 256 20.82 40.92 6.82
N LEU E 257 19.96 39.90 6.74
CA LEU E 257 18.96 39.83 5.72
C LEU E 257 17.59 39.65 6.37
N PRO E 258 16.52 40.08 5.67
CA PRO E 258 15.17 39.90 6.19
C PRO E 258 14.74 38.43 6.12
N ARG E 259 13.69 38.10 6.90
CA ARG E 259 13.12 36.79 6.86
C ARG E 259 11.61 36.92 6.63
N TYR E 260 11.09 36.04 5.78
CA TYR E 260 9.70 35.93 5.45
C TYR E 260 9.09 34.74 6.19
N PHE E 261 7.81 34.87 6.56
CA PHE E 261 7.08 33.81 7.23
C PHE E 261 5.68 33.71 6.66
N ASN E 262 5.22 32.47 6.44
CA ASN E 262 3.84 32.18 6.08
C ASN E 262 3.39 31.09 7.05
N ILE E 263 2.53 31.47 8.01
CA ILE E 263 2.14 30.59 9.10
C ILE E 263 0.68 30.19 8.90
N LEU E 264 0.42 28.88 8.96
CA LEU E 264 -0.93 28.34 8.88
C LEU E 264 -1.43 28.08 10.31
N LEU E 265 -2.63 28.56 10.61
CA LEU E 265 -3.22 28.39 11.94
C LEU E 265 -4.62 27.81 11.78
N ARG E 266 -5.03 27.07 12.82
CA ARG E 266 -6.35 26.45 12.85
C ARG E 266 -6.99 26.72 14.21
N LYS E 267 -8.33 26.66 14.24
CA LYS E 267 -9.07 26.91 15.45
C LYS E 267 -9.06 25.65 16.31
N ARG E 268 -8.76 25.86 17.59
CA ARG E 268 -8.68 24.81 18.57
C ARG E 268 -9.55 25.21 19.78
N THR E 269 -10.45 24.31 20.18
CA THR E 269 -11.22 24.49 21.40
C THR E 269 -10.33 24.17 22.60
N VAL E 270 -10.38 25.03 23.62
CA VAL E 270 -9.66 24.83 24.86
C VAL E 270 -10.62 25.09 26.03
N ARG E 271 -10.28 24.56 27.21
CA ARG E 271 -11.07 24.79 28.43
C ARG E 271 -10.72 26.17 28.97
N ASN E 272 -11.76 26.87 29.44
CA ASN E 272 -11.63 28.10 30.22
C ASN E 272 -11.75 27.80 31.74
N ASN F 1 -58.90 -22.82 22.66
CA ASN F 1 -59.03 -23.42 21.31
C ASN F 1 -60.41 -23.04 20.70
N ILE F 2 -60.41 -22.68 19.43
CA ILE F 2 -61.64 -22.73 18.58
C ILE F 2 -61.79 -24.15 18.00
N GLU F 3 -62.93 -24.79 18.27
CA GLU F 3 -63.28 -26.08 17.64
C GLU F 3 -63.85 -25.82 16.23
N VAL F 4 -63.12 -26.27 15.21
CA VAL F 4 -63.44 -25.94 13.83
C VAL F 4 -64.35 -27.04 13.29
N LEU F 5 -65.46 -26.64 12.64
CA LEU F 5 -66.37 -27.60 12.04
C LEU F 5 -66.31 -27.47 10.51
N ASN F 6 -67.44 -27.59 9.83
CA ASN F 6 -67.47 -27.73 8.38
C ASN F 6 -67.41 -26.35 7.71
N LEU F 7 -66.88 -26.35 6.48
CA LEU F 7 -66.94 -25.21 5.58
C LEU F 7 -68.39 -24.92 5.22
N VAL F 8 -68.72 -23.64 5.08
CA VAL F 8 -69.99 -23.20 4.54
C VAL F 8 -69.78 -23.06 3.03
N THR F 9 -70.65 -23.68 2.22
CA THR F 9 -70.50 -23.62 0.76
C THR F 9 -71.58 -22.72 0.16
N GLY F 10 -71.41 -22.41 -1.13
CA GLY F 10 -72.41 -21.73 -1.91
C GLY F 10 -71.93 -20.35 -2.32
N PRO F 11 -72.77 -19.56 -3.03
CA PRO F 11 -72.28 -18.35 -3.67
C PRO F 11 -71.87 -17.26 -2.67
N ASP F 12 -72.48 -17.10 -1.50
CA ASP F 12 -72.13 -16.01 -0.65
C ASP F 12 -70.92 -16.38 0.25
N SER F 13 -70.23 -17.51 0.04
CA SER F 13 -69.39 -18.12 1.08
C SER F 13 -67.96 -17.59 1.08
N ILE F 14 -67.62 -16.74 0.08
CA ILE F 14 -66.25 -16.28 -0.16
C ILE F 14 -66.26 -14.75 -0.18
N THR F 15 -65.15 -14.15 0.27
CA THR F 15 -64.96 -12.72 0.12
C THR F 15 -63.45 -12.46 -0.05
N THR F 16 -63.12 -11.31 -0.60
CA THR F 16 -61.71 -10.95 -0.80
C THR F 16 -61.49 -9.57 -0.20
N ILE F 17 -60.33 -9.39 0.41
CA ILE F 17 -59.96 -8.13 0.98
C ILE F 17 -58.67 -7.70 0.29
N GLU F 18 -58.68 -6.48 -0.26
CA GLU F 18 -57.55 -5.94 -0.97
C GLU F 18 -57.11 -4.67 -0.24
N LEU F 19 -55.82 -4.54 0.03
CA LEU F 19 -55.32 -3.31 0.66
C LEU F 19 -53.83 -3.17 0.37
N TYR F 20 -53.29 -1.99 0.68
CA TYR F 20 -51.85 -1.79 0.73
C TYR F 20 -51.52 -1.14 2.07
N LEU F 21 -50.27 -1.30 2.51
CA LEU F 21 -49.73 -0.61 3.65
C LEU F 21 -48.50 0.14 3.20
N ASN F 22 -48.45 1.43 3.53
CA ASN F 22 -47.26 2.23 3.30
C ASN F 22 -46.26 1.96 4.41
N THR F 23 -44.99 2.15 4.06
CA THR F 23 -43.85 1.86 4.93
C THR F 23 -43.81 2.88 6.08
N ARG F 24 -43.26 2.44 7.21
CA ARG F 24 -43.10 3.25 8.41
C ARG F 24 -41.61 3.24 8.81
N MET F 25 -40.80 3.96 8.03
CA MET F 25 -39.37 3.96 8.20
C MET F 25 -38.94 4.99 9.26
N GLY F 26 -39.82 5.96 9.56
CA GLY F 26 -39.53 6.93 10.62
C GLY F 26 -40.10 8.31 10.31
N GLN F 27 -39.98 8.74 9.05
CA GLN F 27 -40.73 9.90 8.57
C GLN F 27 -42.02 9.35 7.94
N ASN F 28 -43.08 9.31 8.75
CA ASN F 28 -44.29 8.56 8.44
C ASN F 28 -45.45 9.49 8.06
N ASP F 29 -45.16 10.77 7.85
CA ASP F 29 -46.16 11.76 7.47
C ASP F 29 -46.09 12.00 5.96
N GLU F 30 -47.13 11.58 5.24
CA GLU F 30 -47.16 11.62 3.77
C GLU F 30 -47.19 13.06 3.23
N SER F 31 -47.35 14.05 4.11
CA SER F 31 -47.36 15.46 3.69
C SER F 31 -45.98 16.11 3.81
N LYS F 32 -45.00 15.39 4.36
CA LYS F 32 -43.69 15.97 4.64
C LYS F 32 -42.61 15.35 3.75
N ASP F 33 -41.51 16.10 3.57
CA ASP F 33 -40.38 15.61 2.81
C ASP F 33 -39.85 14.35 3.51
N ASN F 34 -39.14 13.52 2.74
CA ASN F 34 -38.49 12.31 3.27
C ASN F 34 -39.51 11.24 3.69
N TYR F 35 -40.77 11.36 3.23
CA TYR F 35 -41.74 10.31 3.48
C TYR F 35 -41.24 8.99 2.89
N GLY F 36 -41.38 7.90 3.64
CA GLY F 36 -40.94 6.59 3.19
C GLY F 36 -39.46 6.34 3.42
N TYR F 37 -38.82 7.26 4.16
CA TYR F 37 -37.47 7.11 4.61
C TYR F 37 -37.43 7.36 6.13
N SER F 38 -36.35 6.92 6.78
CA SER F 38 -36.09 7.31 8.13
C SER F 38 -35.47 8.71 8.13
N GLU F 39 -35.47 9.34 9.31
CA GLU F 39 -34.55 10.44 9.55
C GLU F 39 -33.12 9.88 9.52
N LYS F 40 -32.15 10.78 9.41
CA LYS F 40 -30.74 10.39 9.36
C LYS F 40 -30.39 9.51 10.57
N VAL F 41 -29.67 8.43 10.31
CA VAL F 41 -29.19 7.53 11.32
C VAL F 41 -28.08 8.22 12.13
N THR F 42 -28.15 8.04 13.44
CA THR F 42 -27.10 8.48 14.36
C THR F 42 -26.57 7.25 15.10
N VAL F 43 -25.40 7.42 15.74
CA VAL F 43 -24.70 6.31 16.36
C VAL F 43 -24.40 6.65 17.82
N ALA F 44 -24.77 5.74 18.72
CA ALA F 44 -24.55 5.87 20.16
C ALA F 44 -23.07 6.09 20.46
N ASN F 45 -22.81 7.00 21.41
CA ASN F 45 -21.49 7.26 21.92
C ASN F 45 -20.99 6.05 22.71
N SER F 46 -21.90 5.37 23.41
CA SER F 46 -21.60 4.15 24.13
C SER F 46 -22.89 3.38 24.32
N SER F 47 -22.78 2.10 24.68
CA SER F 47 -23.99 1.24 24.76
C SER F 47 -24.89 1.67 25.93
N ASP F 48 -24.35 2.39 26.91
CA ASP F 48 -25.21 2.89 28.03
C ASP F 48 -25.77 4.28 27.73
N GLN F 49 -25.45 4.85 26.56
CA GLN F 49 -26.01 6.10 26.09
C GLN F 49 -26.49 5.96 24.64
N ASP F 50 -27.37 4.98 24.45
CA ASP F 50 -27.88 4.63 23.12
C ASP F 50 -29.33 5.11 23.02
N LYS F 51 -29.50 6.29 22.45
CA LYS F 51 -30.79 6.99 22.44
C LYS F 51 -31.09 7.44 21.02
N PRO F 52 -31.76 6.60 20.20
CA PRO F 52 -32.04 7.00 18.82
C PRO F 52 -32.85 8.31 18.78
N THR F 53 -32.53 9.13 17.79
CA THR F 53 -33.28 10.34 17.54
C THR F 53 -34.70 9.98 17.11
N SER F 54 -35.61 10.94 17.28
CA SER F 54 -36.98 10.76 16.87
C SER F 54 -37.00 10.59 15.35
N GLY F 55 -37.63 9.50 14.88
CA GLY F 55 -37.85 9.28 13.49
C GLY F 55 -36.75 8.50 12.78
N GLU F 56 -35.71 8.04 13.49
CA GLU F 56 -34.63 7.30 12.80
C GLU F 56 -34.82 5.78 12.86
N ILE F 57 -35.94 5.32 13.42
CA ILE F 57 -36.17 3.91 13.73
C ILE F 57 -37.37 3.36 12.95
N PRO F 58 -37.20 2.32 12.12
CA PRO F 58 -38.34 1.70 11.46
C PRO F 58 -39.27 0.95 12.42
N THR F 59 -40.56 0.96 12.08
CA THR F 59 -41.60 0.32 12.85
C THR F 59 -42.42 -0.56 11.90
N TYR F 60 -43.20 -1.46 12.49
CA TYR F 60 -44.13 -2.28 11.74
C TYR F 60 -45.28 -1.43 11.21
N SER F 61 -45.72 -1.81 10.01
CA SER F 61 -46.96 -1.37 9.42
C SER F 61 -48.04 -2.36 9.84
N THR F 62 -49.26 -1.88 10.09
CA THR F 62 -50.32 -2.80 10.47
C THR F 62 -51.67 -2.14 10.21
N ALA F 63 -52.67 -2.98 9.95
CA ALA F 63 -54.07 -2.54 9.82
C ALA F 63 -54.99 -3.66 10.27
N ARG F 64 -56.13 -3.26 10.83
CA ARG F 64 -57.23 -4.19 11.10
C ARG F 64 -58.33 -3.87 10.09
N ILE F 65 -58.79 -4.86 9.35
CA ILE F 65 -59.85 -4.66 8.37
C ILE F 65 -61.15 -5.28 8.90
N ASN F 66 -62.24 -4.50 8.87
CA ASN F 66 -63.58 -4.97 9.25
C ASN F 66 -64.13 -5.88 8.14
N LEU F 67 -64.59 -7.06 8.53
CA LEU F 67 -65.12 -8.00 7.57
C LEU F 67 -66.65 -7.97 7.66
N PRO F 68 -67.37 -8.50 6.66
CA PRO F 68 -68.83 -8.60 6.73
C PRO F 68 -69.27 -9.39 7.98
N MET F 69 -70.26 -8.87 8.71
CA MET F 69 -70.87 -9.55 9.86
C MET F 69 -71.50 -10.87 9.41
N LEU F 70 -71.39 -11.88 10.26
CA LEU F 70 -71.91 -13.23 9.97
C LEU F 70 -72.94 -13.67 11.01
N ASN F 71 -73.45 -14.89 10.79
CA ASN F 71 -74.52 -15.46 11.62
C ASN F 71 -73.95 -16.32 12.76
N GLU F 72 -74.83 -16.60 13.73
CA GLU F 72 -74.63 -17.69 14.67
C GLU F 72 -75.87 -18.59 14.66
N ASP F 73 -75.74 -19.79 15.24
CA ASP F 73 -76.85 -20.69 15.38
C ASP F 73 -76.86 -21.21 16.83
N LEU F 74 -77.78 -20.67 17.64
CA LEU F 74 -77.79 -20.98 19.06
C LEU F 74 -78.25 -22.42 19.30
N THR F 75 -79.11 -22.93 18.43
CA THR F 75 -79.63 -24.30 18.60
C THR F 75 -78.48 -25.31 18.51
N SER F 76 -77.55 -25.10 17.56
CA SER F 76 -76.46 -26.03 17.30
C SER F 76 -75.28 -25.63 18.17
N ASN F 77 -75.32 -24.44 18.80
CA ASN F 77 -74.26 -23.90 19.61
C ASN F 77 -73.00 -23.63 18.76
N THR F 78 -73.24 -23.11 17.54
CA THR F 78 -72.16 -22.83 16.56
C THR F 78 -72.29 -21.39 16.03
N LEU F 79 -71.19 -20.89 15.46
CA LEU F 79 -71.21 -19.60 14.76
C LEU F 79 -70.41 -19.76 13.48
N THR F 80 -70.51 -18.75 12.61
CA THR F 80 -69.74 -18.68 11.39
C THR F 80 -68.64 -17.65 11.59
N MET F 81 -67.43 -18.00 11.14
CA MET F 81 -66.28 -17.11 11.13
C MET F 81 -65.66 -17.10 9.74
N TRP F 82 -65.04 -15.96 9.41
CA TRP F 82 -64.21 -15.83 8.26
C TRP F 82 -62.87 -16.53 8.49
N GLU F 83 -62.49 -17.36 7.53
CA GLU F 83 -61.22 -18.10 7.54
C GLU F 83 -60.38 -17.60 6.37
N ALA F 84 -59.18 -17.10 6.65
CA ALA F 84 -58.27 -16.64 5.61
C ALA F 84 -57.60 -17.85 4.96
N VAL F 85 -57.81 -18.02 3.65
CA VAL F 85 -57.38 -19.18 2.89
C VAL F 85 -55.99 -18.94 2.27
N SER F 86 -55.81 -17.75 1.71
CA SER F 86 -54.63 -17.48 0.91
C SER F 86 -54.44 -15.97 0.78
N VAL F 87 -53.22 -15.59 0.40
CA VAL F 87 -52.90 -14.21 0.16
C VAL F 87 -51.97 -14.11 -1.05
N LYS F 88 -52.23 -13.12 -1.89
CA LYS F 88 -51.29 -12.66 -2.90
C LYS F 88 -50.72 -11.34 -2.40
N THR F 89 -49.41 -11.28 -2.18
CA THR F 89 -48.78 -10.10 -1.65
C THR F 89 -47.55 -9.78 -2.48
N GLU F 90 -47.30 -8.49 -2.66
CA GLU F 90 -46.18 -7.99 -3.44
C GLU F 90 -45.62 -6.72 -2.82
N VAL F 91 -44.31 -6.55 -2.97
CA VAL F 91 -43.67 -5.29 -2.65
C VAL F 91 -43.89 -4.38 -3.86
N VAL F 92 -44.33 -3.14 -3.58
CA VAL F 92 -44.70 -2.19 -4.60
C VAL F 92 -43.53 -1.24 -4.80
N GLY F 93 -43.31 -0.79 -6.04
CA GLY F 93 -42.31 0.27 -6.27
C GLY F 93 -40.88 -0.24 -6.30
N VAL F 94 -40.66 -1.53 -6.53
CA VAL F 94 -39.27 -2.04 -6.64
C VAL F 94 -38.49 -1.26 -7.71
N SER F 95 -39.13 -0.94 -8.84
CA SER F 95 -38.45 -0.26 -9.95
C SER F 95 -37.94 1.14 -9.53
N SER F 96 -38.50 1.71 -8.47
CA SER F 96 -38.04 3.01 -7.95
C SER F 96 -36.57 2.96 -7.53
N LEU F 97 -36.03 1.76 -7.29
CA LEU F 97 -34.63 1.61 -6.89
C LEU F 97 -33.69 1.72 -8.10
N VAL F 98 -34.24 1.76 -9.32
CA VAL F 98 -33.47 2.00 -10.52
C VAL F 98 -33.33 3.52 -10.68
N ASN F 99 -32.51 4.09 -9.81
CA ASN F 99 -32.36 5.54 -9.75
C ASN F 99 -30.98 5.81 -9.14
N VAL F 100 -30.08 6.36 -9.97
CA VAL F 100 -28.73 6.64 -9.52
C VAL F 100 -28.35 8.10 -9.82
N HIS F 101 -29.34 8.98 -9.93
CA HIS F 101 -29.07 10.42 -10.15
C HIS F 101 -29.56 11.27 -8.97
N MET F 102 -30.00 10.63 -7.88
CA MET F 102 -30.40 11.36 -6.69
C MET F 102 -29.16 11.98 -6.03
N ALA F 103 -29.40 12.95 -5.15
CA ALA F 103 -28.30 13.66 -4.46
C ALA F 103 -27.69 12.75 -3.39
N THR F 104 -26.69 11.98 -3.82
CA THR F 104 -26.06 10.94 -3.02
C THR F 104 -24.55 11.00 -3.22
N LYS F 105 -23.82 10.27 -2.37
CA LYS F 105 -22.45 9.89 -2.63
C LYS F 105 -22.40 9.21 -4.00
N ARG F 106 -21.25 9.30 -4.68
CA ARG F 106 -21.19 8.74 -6.03
C ARG F 106 -19.86 8.00 -6.23
N MET F 107 -19.86 7.14 -7.24
CA MET F 107 -18.73 6.28 -7.55
C MET F 107 -17.66 7.07 -8.33
N TYR F 108 -16.42 6.54 -8.30
CA TYR F 108 -15.32 6.88 -9.23
C TYR F 108 -15.02 8.39 -9.24
N ASP F 109 -14.56 8.90 -8.10
CA ASP F 109 -14.01 10.26 -7.99
C ASP F 109 -15.00 11.28 -8.57
N ASP F 110 -16.26 11.15 -8.14
CA ASP F 110 -17.33 12.11 -8.44
C ASP F 110 -17.69 12.13 -9.92
N LYS F 111 -17.37 11.07 -10.67
CA LYS F 111 -17.72 11.01 -12.10
C LYS F 111 -18.79 9.94 -12.38
N GLY F 112 -18.92 8.97 -11.47
CA GLY F 112 -19.75 7.78 -11.70
C GLY F 112 -21.16 7.94 -11.16
N ILE F 113 -21.88 6.83 -11.12
CA ILE F 113 -23.29 6.85 -10.68
C ILE F 113 -23.36 7.31 -9.23
N GLY F 114 -24.52 7.89 -8.89
CA GLY F 114 -24.90 8.01 -7.50
C GLY F 114 -25.11 6.62 -6.92
N PHE F 115 -24.79 6.45 -5.64
CA PHE F 115 -25.02 5.17 -4.99
C PHE F 115 -26.52 4.89 -5.02
N PRO F 116 -26.98 3.71 -5.51
CA PRO F 116 -28.37 3.35 -5.37
C PRO F 116 -28.65 3.04 -3.90
N VAL F 117 -29.94 2.99 -3.55
CA VAL F 117 -30.36 2.51 -2.26
C VAL F 117 -29.85 1.08 -2.12
N GLU F 118 -29.08 0.80 -1.07
CA GLU F 118 -28.44 -0.49 -0.93
C GLU F 118 -28.12 -0.75 0.54
N GLY F 119 -27.85 -2.01 0.84
CA GLY F 119 -27.56 -2.47 2.16
C GLY F 119 -28.66 -3.36 2.70
N MET F 120 -28.84 -3.29 4.02
CA MET F 120 -29.71 -4.13 4.79
C MET F 120 -31.09 -4.22 4.16
N ASN F 121 -31.58 -5.45 4.01
CA ASN F 121 -32.95 -5.72 3.62
C ASN F 121 -33.63 -6.49 4.75
N PHE F 122 -34.90 -6.17 4.98
CA PHE F 122 -35.71 -6.82 5.98
C PHE F 122 -37.14 -6.82 5.45
N HIS F 123 -37.71 -8.02 5.30
CA HIS F 123 -39.01 -8.17 4.68
C HIS F 123 -39.82 -9.13 5.54
N MET F 124 -40.98 -8.70 5.99
CA MET F 124 -41.86 -9.58 6.74
CA MET F 124 -41.86 -9.58 6.73
C MET F 124 -43.31 -9.18 6.46
N PHE F 125 -44.19 -10.18 6.42
CA PHE F 125 -45.61 -9.91 6.42
C PHE F 125 -46.28 -10.96 7.29
N ALA F 126 -47.47 -10.61 7.76
CA ALA F 126 -48.29 -11.48 8.58
C ALA F 126 -49.76 -11.23 8.24
N VAL F 127 -50.53 -12.31 8.22
CA VAL F 127 -51.97 -12.25 8.07
C VAL F 127 -52.57 -13.12 9.18
N GLY F 128 -53.51 -12.55 9.94
CA GLY F 128 -54.09 -13.32 11.02
C GLY F 128 -55.49 -12.86 11.39
N GLY F 129 -56.10 -13.63 12.30
CA GLY F 129 -57.45 -13.36 12.78
C GLY F 129 -57.49 -12.63 14.10
N GLU F 130 -56.33 -12.11 14.49
CA GLU F 130 -56.15 -11.33 15.71
C GLU F 130 -54.82 -10.62 15.58
N PRO F 131 -54.49 -9.65 16.47
CA PRO F 131 -53.22 -8.93 16.34
C PRO F 131 -52.01 -9.88 16.42
N LEU F 132 -50.97 -9.55 15.66
CA LEU F 132 -49.74 -10.27 15.72
C LEU F 132 -49.17 -10.18 17.13
N GLU F 133 -48.80 -11.32 17.70
CA GLU F 133 -48.26 -11.38 19.02
C GLU F 133 -46.74 -11.25 18.95
N LEU F 134 -46.19 -10.35 19.77
CA LEU F 134 -44.80 -9.94 19.71
C LEU F 134 -44.05 -10.41 20.97
N GLN F 135 -42.76 -10.69 20.77
CA GLN F 135 -41.79 -10.96 21.80
C GLN F 135 -40.75 -9.84 21.74
N PHE F 136 -40.38 -9.29 22.90
CA PHE F 136 -39.34 -8.32 22.96
C PHE F 136 -37.97 -9.02 22.92
N LEU F 137 -37.06 -8.49 22.10
CA LEU F 137 -35.68 -8.95 22.06
C LEU F 137 -34.88 -7.87 21.35
N THR F 138 -33.78 -7.45 21.98
CA THR F 138 -33.02 -6.31 21.51
C THR F 138 -31.54 -6.65 21.51
N GLY F 139 -30.80 -5.96 20.66
CA GLY F 139 -29.33 -5.99 20.66
C GLY F 139 -28.72 -5.23 21.83
N ASN F 140 -29.49 -4.35 22.46
CA ASN F 140 -28.99 -3.49 23.57
C ASN F 140 -30.13 -3.20 24.54
N TYR F 141 -30.10 -3.84 25.70
CA TYR F 141 -31.19 -3.73 26.68
C TYR F 141 -31.36 -2.28 27.17
N ARG F 142 -30.30 -1.48 27.04
CA ARG F 142 -30.26 -0.12 27.56
C ARG F 142 -30.85 0.91 26.58
N THR F 143 -31.21 0.49 25.37
CA THR F 143 -31.69 1.45 24.38
C THR F 143 -32.80 2.32 24.95
N ASP F 144 -32.65 3.64 24.76
CA ASP F 144 -33.54 4.64 25.30
C ASP F 144 -34.41 5.21 24.19
N TYR F 145 -35.72 4.91 24.23
CA TYR F 145 -36.67 5.27 23.16
C TYR F 145 -37.40 6.58 23.44
N SER F 146 -36.98 7.33 24.47
CA SER F 146 -37.79 8.41 25.02
C SER F 146 -37.78 9.67 24.13
N ALA F 147 -36.95 9.72 23.09
CA ALA F 147 -36.99 10.82 22.13
C ALA F 147 -38.29 10.81 21.33
N ASN F 148 -39.01 9.68 21.33
CA ASN F 148 -40.28 9.57 20.64
C ASN F 148 -41.25 8.79 21.51
N ASP F 149 -42.14 9.54 22.19
CA ASP F 149 -43.04 8.93 23.16
C ASP F 149 -44.22 8.23 22.46
N LYS F 150 -44.29 8.28 21.13
CA LYS F 150 -45.35 7.54 20.41
C LYS F 150 -44.94 6.07 20.20
N LEU F 151 -43.66 5.73 20.39
CA LEU F 151 -43.21 4.34 20.23
C LEU F 151 -43.69 3.51 21.42
N VAL F 152 -44.06 2.26 21.15
CA VAL F 152 -44.52 1.37 22.18
C VAL F 152 -43.38 0.40 22.49
N VAL F 153 -42.87 0.52 23.72
CA VAL F 153 -41.75 -0.27 24.21
C VAL F 153 -42.05 -0.65 25.65
N PRO F 154 -41.36 -1.65 26.24
CA PRO F 154 -41.59 -2.04 27.61
C PRO F 154 -41.26 -0.90 28.57
N PRO F 155 -42.00 -0.81 29.70
CA PRO F 155 -41.75 0.25 30.69
C PRO F 155 -40.47 0.09 31.50
N ILE F 156 -39.92 -1.14 31.56
CA ILE F 156 -38.70 -1.42 32.32
C ILE F 156 -37.68 -2.04 31.36
N LYS F 157 -36.40 -1.88 31.68
CA LYS F 157 -35.31 -2.45 30.94
C LYS F 157 -34.61 -3.46 31.85
N HIS F 158 -34.09 -4.53 31.23
CA HIS F 158 -33.33 -5.52 31.96
C HIS F 158 -32.37 -6.24 31.01
N GLN F 159 -31.22 -6.65 31.56
CA GLN F 159 -30.13 -7.28 30.85
C GLN F 159 -30.62 -8.49 30.04
N SER F 160 -31.61 -9.19 30.57
CA SER F 160 -32.05 -10.48 30.02
C SER F 160 -32.75 -10.32 28.67
N THR F 161 -33.15 -9.10 28.33
CA THR F 161 -33.90 -8.83 27.10
C THR F 161 -33.00 -8.88 25.85
N GLN F 162 -31.70 -9.10 26.02
CA GLN F 162 -30.81 -9.39 24.89
C GLN F 162 -30.95 -10.86 24.46
N GLY F 163 -31.65 -11.66 25.28
CA GLY F 163 -32.15 -12.96 24.91
C GLY F 163 -33.67 -12.95 24.94
N LEU F 164 -34.26 -14.14 25.03
CA LEU F 164 -35.71 -14.29 25.09
C LEU F 164 -36.10 -14.35 26.57
N ASN F 165 -36.74 -13.28 27.04
CA ASN F 165 -37.35 -13.22 28.36
C ASN F 165 -38.86 -13.15 28.14
N PRO F 166 -39.59 -14.25 28.44
CA PRO F 166 -41.01 -14.30 28.11
C PRO F 166 -41.88 -13.38 28.96
N HIS F 167 -41.29 -12.63 29.91
CA HIS F 167 -42.03 -11.61 30.66
C HIS F 167 -42.24 -10.34 29.80
N TYR F 168 -41.58 -10.25 28.64
CA TYR F 168 -41.65 -9.06 27.82
C TYR F 168 -42.34 -9.37 26.49
N LYS F 169 -43.65 -9.20 26.45
CA LYS F 169 -44.45 -9.47 25.26
C LYS F 169 -45.38 -8.29 24.97
N GLN F 170 -45.99 -8.30 23.78
CA GLN F 170 -46.92 -7.29 23.36
C GLN F 170 -47.77 -7.84 22.21
N LYS F 171 -48.73 -7.04 21.76
CA LYS F 171 -49.48 -7.30 20.55
C LYS F 171 -49.34 -6.08 19.64
N LEU F 172 -49.27 -6.35 18.33
CA LEU F 172 -49.09 -5.29 17.34
C LEU F 172 -50.45 -4.64 17.07
N THR F 173 -50.75 -3.59 17.83
CA THR F 173 -52.06 -2.98 17.82
C THR F 173 -52.05 -1.56 17.29
N LYS F 174 -50.88 -1.05 16.89
CA LYS F 174 -50.79 0.30 16.38
C LYS F 174 -49.77 0.35 15.24
N ASP F 175 -50.17 0.98 14.13
CA ASP F 175 -49.32 1.23 12.97
C ASP F 175 -48.24 2.24 13.31
N GLY F 176 -47.02 2.01 12.82
CA GLY F 176 -45.97 3.01 12.90
C GLY F 176 -45.50 3.30 14.30
N ALA F 177 -45.57 2.33 15.21
CA ALA F 177 -45.31 2.59 16.64
C ALA F 177 -44.42 1.54 17.31
N PHE F 178 -44.40 0.30 16.79
CA PHE F 178 -43.62 -0.77 17.40
C PHE F 178 -42.30 -0.92 16.65
N PRO F 179 -41.14 -0.58 17.25
CA PRO F 179 -39.87 -0.70 16.54
C PRO F 179 -39.53 -2.15 16.17
N VAL F 180 -39.06 -2.34 14.95
N VAL F 180 -39.05 -2.34 14.94
CA VAL F 180 -38.69 -3.68 14.46
CA VAL F 180 -38.69 -3.67 14.47
C VAL F 180 -37.44 -4.14 15.23
C VAL F 180 -37.44 -4.14 15.23
N GLU F 181 -36.59 -3.20 15.65
CA GLU F 181 -35.34 -3.54 16.30
C GLU F 181 -35.52 -4.23 17.65
N CYS F 182 -36.71 -4.11 18.29
CA CYS F 182 -36.85 -4.71 19.61
C CYS F 182 -38.10 -5.58 19.74
N TRP F 183 -38.90 -5.70 18.68
CA TRP F 183 -40.07 -6.55 18.70
C TRP F 183 -40.03 -7.49 17.50
N CYS F 184 -40.24 -8.77 17.78
CA CYS F 184 -40.32 -9.81 16.75
C CYS F 184 -41.56 -10.63 16.97
N PRO F 185 -42.00 -11.43 15.98
CA PRO F 185 -43.12 -12.35 16.21
C PRO F 185 -42.80 -13.31 17.35
N ASP F 186 -43.78 -13.55 18.22
CA ASP F 186 -43.66 -14.46 19.33
C ASP F 186 -43.97 -15.85 18.81
N PRO F 187 -42.96 -16.74 18.68
CA PRO F 187 -43.20 -18.05 18.07
C PRO F 187 -43.99 -18.99 19.00
N SER F 188 -44.09 -18.63 20.29
CA SER F 188 -44.79 -19.46 21.29
C SER F 188 -46.30 -19.18 21.24
N LYS F 189 -46.71 -18.15 20.51
CA LYS F 189 -48.12 -17.83 20.31
C LYS F 189 -48.40 -17.80 18.81
N ASN F 190 -49.22 -16.86 18.33
CA ASN F 190 -49.52 -16.67 16.94
C ASN F 190 -50.10 -17.95 16.30
N GLU F 191 -50.93 -18.68 17.05
CA GLU F 191 -51.55 -19.88 16.52
C GLU F 191 -52.54 -19.52 15.39
N ASN F 192 -53.00 -18.27 15.39
CA ASN F 192 -54.07 -17.83 14.53
C ASN F 192 -53.57 -16.74 13.58
N THR F 193 -52.26 -16.74 13.32
CA THR F 193 -51.61 -15.81 12.38
C THR F 193 -50.55 -16.62 11.62
N ARG F 194 -50.35 -16.29 10.33
CA ARG F 194 -49.21 -16.80 9.60
C ARG F 194 -48.25 -15.65 9.37
N TYR F 195 -46.96 -15.84 9.65
CA TYR F 195 -45.97 -14.81 9.37
C TYR F 195 -44.77 -15.41 8.63
N TYR F 196 -44.14 -14.57 7.81
CA TYR F 196 -43.02 -14.92 6.98
C TYR F 196 -42.06 -13.74 6.98
N GLY F 197 -40.77 -14.01 7.26
CA GLY F 197 -39.82 -12.93 7.23
C GLY F 197 -38.44 -13.35 6.76
N SER F 198 -37.67 -12.34 6.38
CA SER F 198 -36.29 -12.54 5.99
C SER F 198 -35.49 -11.29 6.34
N TYR F 199 -34.18 -11.50 6.53
CA TYR F 199 -33.24 -10.44 6.80
C TYR F 199 -31.96 -10.77 6.01
N THR F 200 -31.45 -9.75 5.32
CA THR F 200 -30.16 -9.82 4.66
C THR F 200 -29.39 -8.59 5.10
N GLY F 201 -28.28 -8.79 5.81
CA GLY F 201 -27.61 -7.68 6.43
C GLY F 201 -26.40 -7.21 5.64
N GLY F 202 -25.37 -6.82 6.38
CA GLY F 202 -24.15 -6.25 5.83
C GLY F 202 -24.30 -4.76 5.55
N GLN F 203 -23.25 -4.15 5.01
CA GLN F 203 -23.12 -2.68 4.95
C GLN F 203 -23.73 -2.06 3.67
N SER F 204 -23.30 -2.57 2.51
N SER F 204 -23.30 -2.57 2.51
CA SER F 204 -23.69 -2.01 1.20
CA SER F 204 -23.68 -2.01 1.20
C SER F 204 -24.25 -3.10 0.28
C SER F 204 -24.25 -3.10 0.28
N THR F 205 -24.76 -4.16 0.91
CA THR F 205 -25.22 -5.37 0.25
C THR F 205 -26.24 -5.05 -0.85
N PRO F 206 -26.12 -5.69 -2.03
CA PRO F 206 -27.14 -5.54 -3.08
C PRO F 206 -28.51 -5.96 -2.58
N PRO F 207 -29.54 -5.11 -2.72
CA PRO F 207 -30.92 -5.57 -2.53
C PRO F 207 -31.23 -6.59 -3.64
N VAL F 208 -31.89 -7.68 -3.26
CA VAL F 208 -32.34 -8.69 -4.21
C VAL F 208 -33.84 -8.84 -4.01
N LEU F 209 -34.62 -8.37 -4.99
CA LEU F 209 -36.05 -8.19 -4.83
C LEU F 209 -36.78 -8.78 -6.05
N GLN F 210 -38.00 -9.23 -5.81
CA GLN F 210 -38.85 -9.78 -6.86
C GLN F 210 -40.22 -9.14 -6.75
N PHE F 211 -40.93 -9.10 -7.88
CA PHE F 211 -42.33 -8.67 -7.90
C PHE F 211 -43.04 -9.43 -9.03
N THR F 212 -44.23 -9.95 -8.72
CA THR F 212 -45.04 -10.65 -9.69
C THR F 212 -46.48 -10.65 -9.16
N ASN F 213 -47.45 -10.80 -10.04
CA ASN F 213 -48.84 -10.91 -9.64
C ASN F 213 -49.31 -12.37 -9.82
N THR F 214 -48.40 -13.33 -9.81
CA THR F 214 -48.74 -14.72 -10.17
C THR F 214 -48.59 -15.68 -8.98
N VAL F 215 -48.21 -15.19 -7.79
CA VAL F 215 -47.90 -16.07 -6.67
C VAL F 215 -48.97 -15.93 -5.57
N THR F 216 -49.52 -17.08 -5.19
CA THR F 216 -50.49 -17.22 -4.14
C THR F 216 -49.85 -17.97 -2.98
N THR F 217 -49.89 -17.35 -1.79
CA THR F 217 -49.40 -17.95 -0.55
C THR F 217 -50.58 -18.59 0.19
N VAL F 218 -50.53 -19.91 0.37
CA VAL F 218 -51.58 -20.62 1.11
C VAL F 218 -51.41 -20.34 2.61
N LEU F 219 -52.50 -19.96 3.28
CA LEU F 219 -52.49 -19.63 4.71
C LEU F 219 -53.04 -20.78 5.57
N LEU F 220 -53.56 -21.84 4.94
CA LEU F 220 -54.04 -23.00 5.70
C LEU F 220 -52.84 -23.65 6.41
N ASP F 221 -53.08 -24.13 7.63
CA ASP F 221 -52.09 -24.84 8.41
C ASP F 221 -52.09 -26.32 7.99
N GLU F 222 -51.34 -27.13 8.74
CA GLU F 222 -51.15 -28.54 8.43
C GLU F 222 -52.47 -29.31 8.59
N ASN F 223 -53.46 -28.74 9.28
CA ASN F 223 -54.78 -29.38 9.43
C ASN F 223 -55.78 -28.81 8.40
N GLY F 224 -55.34 -27.97 7.48
CA GLY F 224 -56.22 -27.38 6.47
C GLY F 224 -57.05 -26.22 7.00
N VAL F 225 -56.61 -25.59 8.09
CA VAL F 225 -57.35 -24.50 8.70
C VAL F 225 -56.53 -23.20 8.59
N GLY F 226 -57.17 -22.16 8.08
CA GLY F 226 -56.56 -20.85 7.97
C GLY F 226 -56.81 -20.02 9.22
N PRO F 227 -56.18 -18.84 9.33
CA PRO F 227 -56.52 -17.89 10.40
C PRO F 227 -58.03 -17.66 10.47
N LEU F 228 -58.58 -17.73 11.68
CA LEU F 228 -60.01 -17.50 11.94
C LEU F 228 -60.19 -16.10 12.54
N CYS F 229 -61.04 -15.30 11.91
CA CYS F 229 -61.11 -13.88 12.19
C CYS F 229 -62.06 -13.59 13.35
N LYS F 230 -61.46 -13.40 14.53
CA LYS F 230 -62.17 -13.15 15.77
C LYS F 230 -62.73 -11.74 15.73
N GLY F 231 -64.03 -11.64 16.06
CA GLY F 231 -64.69 -10.35 16.02
C GLY F 231 -64.77 -9.78 14.62
N ASP F 232 -64.71 -10.65 13.60
CA ASP F 232 -64.80 -10.29 12.19
C ASP F 232 -63.76 -9.23 11.85
N GLY F 233 -62.55 -9.38 12.41
CA GLY F 233 -61.40 -8.54 12.09
C GLY F 233 -60.28 -9.36 11.45
N LEU F 234 -59.72 -8.81 10.36
CA LEU F 234 -58.58 -9.36 9.66
C LEU F 234 -57.39 -8.44 9.93
N TYR F 235 -56.27 -9.02 10.38
CA TYR F 235 -55.10 -8.26 10.78
C TYR F 235 -53.97 -8.53 9.80
N VAL F 236 -53.40 -7.46 9.25
CA VAL F 236 -52.36 -7.52 8.26
C VAL F 236 -51.21 -6.63 8.74
N SER F 237 -49.99 -7.17 8.73
CA SER F 237 -48.85 -6.50 9.27
C SER F 237 -47.66 -6.71 8.32
N CYS F 238 -46.73 -5.75 8.28
CA CYS F 238 -45.55 -5.95 7.43
C CYS F 238 -44.46 -4.94 7.78
N CYS F 239 -43.29 -5.20 7.18
CA CYS F 239 -42.19 -4.27 7.12
C CYS F 239 -41.32 -4.66 5.92
N ASP F 240 -40.89 -3.68 5.15
CA ASP F 240 -40.11 -3.89 3.93
C ASP F 240 -39.05 -2.80 3.79
N ILE F 241 -37.89 -3.08 4.38
CA ILE F 241 -36.70 -2.25 4.28
C ILE F 241 -35.89 -2.74 3.09
N VAL F 242 -35.55 -1.83 2.18
CA VAL F 242 -34.83 -2.20 0.97
C VAL F 242 -33.41 -1.64 0.95
N GLY F 243 -33.01 -0.91 1.99
CA GLY F 243 -31.64 -0.50 2.14
C GLY F 243 -31.54 0.92 2.68
N PHE F 244 -30.41 1.57 2.40
CA PHE F 244 -30.12 2.92 2.86
C PHE F 244 -29.84 3.80 1.65
N LEU F 245 -30.33 5.03 1.73
CA LEU F 245 -29.92 6.11 0.86
C LEU F 245 -28.70 6.79 1.49
N VAL F 246 -27.64 6.94 0.70
CA VAL F 246 -26.39 7.49 1.19
C VAL F 246 -26.26 8.92 0.65
N GLY F 247 -26.43 9.91 1.52
CA GLY F 247 -26.32 11.31 1.17
C GLY F 247 -24.89 11.67 0.80
N LYS F 248 -24.75 12.86 0.20
CA LYS F 248 -23.47 13.38 -0.30
C LYS F 248 -22.36 13.29 0.76
N ASP F 249 -22.69 13.62 2.01
CA ASP F 249 -21.68 13.70 3.07
C ASP F 249 -21.57 12.37 3.82
N GLY F 250 -22.31 11.34 3.41
CA GLY F 250 -22.22 10.04 4.07
C GLY F 250 -23.35 9.76 5.04
N ASP F 251 -24.24 10.74 5.27
CA ASP F 251 -25.41 10.57 6.11
CA ASP F 251 -25.41 10.57 6.11
C ASP F 251 -26.35 9.54 5.46
N MET F 252 -26.95 8.66 6.27
CA MET F 252 -27.72 7.55 5.71
C MET F 252 -29.12 7.50 6.31
N GLN F 253 -30.09 7.12 5.46
CA GLN F 253 -31.47 6.95 5.89
C GLN F 253 -31.98 5.60 5.41
N TYR F 254 -32.76 4.91 6.24
CA TYR F 254 -33.51 3.74 5.78
C TYR F 254 -34.49 4.15 4.68
N ARG F 255 -34.67 3.25 3.70
CA ARG F 255 -35.67 3.35 2.67
C ARG F 255 -36.56 2.11 2.76
N GLY F 256 -37.88 2.33 2.79
CA GLY F 256 -38.85 1.27 2.77
C GLY F 256 -39.80 1.41 1.59
N LEU F 257 -40.48 0.30 1.28
CA LEU F 257 -41.43 0.26 0.19
C LEU F 257 -42.78 -0.23 0.73
N PRO F 258 -43.87 0.12 0.04
CA PRO F 258 -45.20 -0.35 0.42
C PRO F 258 -45.39 -1.82 0.05
N ARG F 259 -46.42 -2.43 0.66
CA ARG F 259 -46.76 -3.80 0.35
C ARG F 259 -48.26 -3.86 0.06
N TYR F 260 -48.61 -4.65 -0.95
CA TYR F 260 -49.97 -4.89 -1.37
C TYR F 260 -50.39 -6.29 -0.92
N PHE F 261 -51.69 -6.44 -0.60
CA PHE F 261 -52.25 -7.70 -0.19
C PHE F 261 -53.61 -7.93 -0.84
N ASN F 262 -53.85 -9.15 -1.30
CA ASN F 262 -55.15 -9.59 -1.76
C ASN F 262 -55.42 -10.91 -1.05
N ILE F 263 -56.34 -10.89 -0.07
CA ILE F 263 -56.58 -12.01 0.82
C ILE F 263 -57.96 -12.61 0.50
N LEU F 264 -57.99 -13.92 0.30
CA LEU F 264 -59.19 -14.67 0.05
C LEU F 264 -59.65 -15.30 1.36
N LEU F 265 -60.92 -15.10 1.72
CA LEU F 265 -61.49 -15.66 2.93
C LEU F 265 -62.76 -16.43 2.60
N ARG F 266 -63.05 -17.44 3.44
CA ARG F 266 -64.21 -18.29 3.28
C ARG F 266 -64.91 -18.45 4.62
N LYS F 267 -66.20 -18.77 4.57
CA LYS F 267 -66.98 -18.97 5.77
C LYS F 267 -66.72 -20.37 6.35
N ARG F 268 -66.49 -20.42 7.65
CA ARG F 268 -66.23 -21.63 8.39
C ARG F 268 -67.15 -21.70 9.61
N THR F 269 -67.82 -22.84 9.80
CA THR F 269 -68.60 -23.09 11.01
C THR F 269 -67.63 -23.48 12.14
N VAL F 270 -67.82 -22.88 13.31
CA VAL F 270 -67.02 -23.23 14.50
C VAL F 270 -67.98 -23.38 15.69
N ARG F 271 -67.48 -24.08 16.73
CA ARG F 271 -68.25 -24.24 17.97
C ARG F 271 -68.17 -22.95 18.79
N ASN F 272 -69.32 -22.59 19.36
CA ASN F 272 -69.45 -21.41 20.19
C ASN F 272 -68.74 -21.59 21.54
N ILE G 2 -65.20 -10.30 -17.99
CA ILE G 2 -65.44 -11.35 -19.02
C ILE G 2 -65.90 -12.62 -18.30
N GLU G 3 -67.09 -13.11 -18.63
CA GLU G 3 -67.55 -14.47 -18.26
C GLU G 3 -66.95 -15.45 -19.29
N VAL G 4 -66.07 -16.32 -18.81
CA VAL G 4 -65.30 -17.20 -19.67
C VAL G 4 -66.08 -18.49 -19.88
N LEU G 5 -66.22 -18.94 -21.12
CA LEU G 5 -66.91 -20.19 -21.42
C LEU G 5 -65.89 -21.21 -21.93
N ASN G 6 -66.27 -22.03 -22.94
CA ASN G 6 -65.49 -23.17 -23.31
C ASN G 6 -64.39 -22.76 -24.31
N LEU G 7 -63.36 -23.59 -24.37
CA LEU G 7 -62.34 -23.53 -25.40
C LEU G 7 -62.98 -23.91 -26.74
N VAL G 8 -62.53 -23.25 -27.81
CA VAL G 8 -62.85 -23.61 -29.17
C VAL G 8 -61.81 -24.64 -29.60
N THR G 9 -62.29 -25.78 -30.13
CA THR G 9 -61.40 -26.87 -30.52
C THR G 9 -61.31 -26.92 -32.05
N GLY G 10 -60.30 -27.66 -32.51
CA GLY G 10 -60.22 -28.05 -33.90
C GLY G 10 -59.14 -27.28 -34.66
N PRO G 11 -59.18 -27.32 -36.01
CA PRO G 11 -58.17 -26.64 -36.81
C PRO G 11 -58.26 -25.11 -36.66
N ASP G 12 -57.10 -24.49 -36.57
CA ASP G 12 -56.98 -23.04 -36.53
C ASP G 12 -57.42 -22.49 -35.16
N SER G 13 -57.55 -23.34 -34.13
CA SER G 13 -57.94 -22.89 -32.78
C SER G 13 -56.73 -22.35 -31.98
N ILE G 14 -55.51 -22.49 -32.53
CA ILE G 14 -54.25 -22.11 -31.89
C ILE G 14 -53.51 -21.16 -32.81
N THR G 15 -52.76 -20.21 -32.25
CA THR G 15 -51.86 -19.37 -33.03
C THR G 15 -50.67 -18.98 -32.14
N THR G 16 -49.59 -18.52 -32.76
CA THR G 16 -48.41 -18.13 -32.01
C THR G 16 -48.00 -16.74 -32.49
N ILE G 17 -47.48 -15.94 -31.57
CA ILE G 17 -46.99 -14.62 -31.84
C ILE G 17 -45.52 -14.62 -31.41
N GLU G 18 -44.64 -14.18 -32.30
CA GLU G 18 -43.22 -14.14 -32.06
C GLU G 18 -42.77 -12.70 -32.27
N LEU G 19 -41.99 -12.14 -31.34
CA LEU G 19 -41.49 -10.78 -31.52
C LEU G 19 -40.27 -10.59 -30.63
N TYR G 20 -39.58 -9.48 -30.82
CA TYR G 20 -38.56 -9.02 -29.88
C TYR G 20 -38.84 -7.56 -29.57
N LEU G 21 -38.36 -7.11 -28.43
CA LEU G 21 -38.34 -5.69 -28.09
C LEU G 21 -36.90 -5.29 -27.79
N ASN G 22 -36.45 -4.23 -28.47
CA ASN G 22 -35.16 -3.65 -28.20
C ASN G 22 -35.27 -2.77 -26.93
N THR G 23 -34.15 -2.62 -26.25
CA THR G 23 -34.05 -1.94 -24.97
C THR G 23 -34.22 -0.43 -25.17
N ARG G 24 -34.71 0.24 -24.12
CA ARG G 24 -34.93 1.67 -24.10
C ARG G 24 -34.20 2.25 -22.89
N MET G 25 -32.87 2.32 -22.99
CA MET G 25 -32.03 2.75 -21.90
C MET G 25 -31.88 4.26 -21.87
N GLY G 26 -32.18 4.92 -22.99
CA GLY G 26 -32.16 6.39 -23.02
C GLY G 26 -31.71 6.91 -24.38
N GLN G 27 -30.67 6.30 -24.98
CA GLN G 27 -30.37 6.54 -26.40
C GLN G 27 -31.10 5.45 -27.18
N ASN G 28 -32.30 5.79 -27.68
CA ASN G 28 -33.24 4.80 -28.18
C ASN G 28 -33.34 4.81 -29.70
N ASP G 29 -32.43 5.53 -30.36
CA ASP G 29 -32.41 5.64 -31.82
C ASP G 29 -31.35 4.70 -32.38
N GLU G 30 -31.80 3.66 -33.12
CA GLU G 30 -30.93 2.59 -33.61
C GLU G 30 -29.91 3.09 -34.65
N SER G 31 -30.08 4.32 -35.14
CA SER G 31 -29.18 4.88 -36.14
C SER G 31 -28.06 5.71 -35.50
N LYS G 32 -28.09 5.91 -34.18
CA LYS G 32 -27.13 6.78 -33.50
C LYS G 32 -26.18 5.99 -32.61
N ASP G 33 -25.02 6.58 -32.35
CA ASP G 33 -24.04 5.98 -31.44
C ASP G 33 -24.72 5.84 -30.05
N ASN G 34 -24.20 4.91 -29.27
CA ASN G 34 -24.67 4.65 -27.90
C ASN G 34 -26.06 4.04 -27.87
N TYR G 35 -26.54 3.50 -29.00
CA TYR G 35 -27.83 2.80 -28.99
C TYR G 35 -27.75 1.63 -28.00
N GLY G 36 -28.81 1.45 -27.21
CA GLY G 36 -28.85 0.36 -26.26
C GLY G 36 -28.14 0.69 -24.95
N TYR G 37 -27.73 1.95 -24.80
CA TYR G 37 -27.18 2.47 -23.59
C TYR G 37 -27.94 3.75 -23.22
N SER G 38 -27.81 4.18 -21.96
CA SER G 38 -28.26 5.49 -21.58
C SER G 38 -27.17 6.50 -21.98
N GLU G 39 -27.56 7.78 -21.95
CA GLU G 39 -26.57 8.84 -21.88
C GLU G 39 -25.88 8.75 -20.50
N LYS G 40 -24.75 9.43 -20.38
CA LYS G 40 -23.98 9.44 -19.13
C LYS G 40 -24.89 9.86 -17.97
N VAL G 41 -24.78 9.11 -16.86
CA VAL G 41 -25.49 9.40 -15.65
C VAL G 41 -24.90 10.67 -15.01
N THR G 42 -25.79 11.54 -14.54
CA THR G 42 -25.44 12.72 -13.75
C THR G 42 -26.11 12.61 -12.38
N VAL G 43 -25.62 13.41 -11.42
CA VAL G 43 -26.05 13.28 -10.05
C VAL G 43 -26.49 14.66 -9.53
N ALA G 44 -27.68 14.71 -8.93
CA ALA G 44 -28.26 15.90 -8.38
C ALA G 44 -27.33 16.52 -7.31
N ASN G 45 -27.24 17.83 -7.32
CA ASN G 45 -26.53 18.57 -6.24
C ASN G 45 -27.34 18.48 -4.94
N SER G 46 -28.67 18.50 -5.07
CA SER G 46 -29.55 18.41 -3.94
C SER G 46 -30.88 17.85 -4.41
N SER G 47 -31.71 17.39 -3.46
CA SER G 47 -32.94 16.69 -3.84
C SER G 47 -33.96 17.64 -4.49
N ASP G 48 -33.80 18.96 -4.25
CA ASP G 48 -34.70 19.96 -4.86
C ASP G 48 -34.10 20.50 -6.16
N GLN G 49 -32.96 19.99 -6.59
CA GLN G 49 -32.37 20.28 -7.90
C GLN G 49 -31.98 18.97 -8.59
N ASP G 50 -32.94 18.05 -8.66
CA ASP G 50 -32.74 16.71 -9.18
C ASP G 50 -33.43 16.64 -10.55
N LYS G 51 -32.66 16.90 -11.59
CA LYS G 51 -33.16 17.08 -12.94
C LYS G 51 -32.33 16.22 -13.88
N PRO G 52 -32.70 14.95 -14.11
CA PRO G 52 -31.95 14.11 -15.02
C PRO G 52 -31.83 14.73 -16.41
N THR G 53 -30.65 14.57 -17.00
CA THR G 53 -30.43 14.98 -18.36
C THR G 53 -31.29 14.14 -19.30
N SER G 54 -31.55 14.70 -20.48
CA SER G 54 -32.27 13.99 -21.50
C SER G 54 -31.49 12.74 -21.91
N GLY G 55 -32.15 11.59 -21.84
CA GLY G 55 -31.58 10.35 -22.33
C GLY G 55 -30.83 9.55 -21.27
N GLU G 56 -30.77 10.01 -20.01
CA GLU G 56 -30.02 9.25 -18.99
C GLU G 56 -30.91 8.30 -18.19
N ILE G 57 -32.18 8.19 -18.54
CA ILE G 57 -33.19 7.47 -17.73
C ILE G 57 -33.78 6.32 -18.53
N PRO G 58 -33.66 5.07 -18.05
CA PRO G 58 -34.32 3.95 -18.73
C PRO G 58 -35.85 3.98 -18.62
N THR G 59 -36.49 3.49 -19.68
CA THR G 59 -37.93 3.43 -19.78
C THR G 59 -38.34 2.00 -20.15
N TYR G 60 -39.63 1.70 -19.98
CA TYR G 60 -40.15 0.40 -20.38
C TYR G 60 -40.21 0.31 -21.91
N SER G 61 -39.94 -0.90 -22.39
CA SER G 61 -40.24 -1.30 -23.75
C SER G 61 -41.66 -1.84 -23.79
N THR G 62 -42.38 -1.60 -24.88
CA THR G 62 -43.74 -2.13 -24.99
C THR G 62 -44.14 -2.17 -26.46
N ALA G 63 -45.02 -3.12 -26.78
CA ALA G 63 -45.64 -3.20 -28.09
C ALA G 63 -47.05 -3.77 -27.92
N ARG G 64 -47.95 -3.30 -28.81
CA ARG G 64 -49.27 -3.87 -28.95
C ARG G 64 -49.32 -4.61 -30.28
N ILE G 65 -49.66 -5.89 -30.24
CA ILE G 65 -49.58 -6.76 -31.40
C ILE G 65 -51.02 -7.10 -31.83
N ASN G 66 -51.27 -6.93 -33.14
CA ASN G 66 -52.51 -7.36 -33.80
C ASN G 66 -52.55 -8.89 -33.88
N LEU G 67 -53.67 -9.45 -33.44
CA LEU G 67 -53.90 -10.86 -33.51
C LEU G 67 -54.76 -11.20 -34.72
N PRO G 68 -54.79 -12.48 -35.15
CA PRO G 68 -55.68 -12.86 -36.26
C PRO G 68 -57.14 -12.51 -35.96
N MET G 69 -57.82 -11.92 -36.94
CA MET G 69 -59.22 -11.51 -36.84
C MET G 69 -60.10 -12.75 -36.56
N LEU G 70 -61.09 -12.55 -35.70
CA LEU G 70 -62.04 -13.55 -35.26
C LEU G 70 -63.42 -13.05 -35.70
N ASN G 71 -63.65 -13.08 -37.01
CA ASN G 71 -64.76 -12.34 -37.62
C ASN G 71 -66.08 -13.07 -37.34
N GLU G 72 -67.02 -12.30 -36.82
CA GLU G 72 -68.22 -12.81 -36.13
C GLU G 72 -69.21 -11.65 -35.94
N ASP G 73 -70.47 -12.00 -35.67
CA ASP G 73 -71.53 -11.03 -35.39
C ASP G 73 -71.39 -10.54 -33.93
N LEU G 74 -71.11 -9.24 -33.79
CA LEU G 74 -70.77 -8.63 -32.52
C LEU G 74 -72.04 -8.43 -31.65
N THR G 75 -73.23 -8.78 -32.16
CA THR G 75 -74.46 -8.60 -31.42
C THR G 75 -74.93 -9.94 -30.81
N SER G 76 -74.16 -11.02 -31.00
CA SER G 76 -74.48 -12.39 -30.54
C SER G 76 -74.33 -12.54 -29.01
N ASN G 77 -74.82 -13.69 -28.54
CA ASN G 77 -74.79 -14.01 -27.10
C ASN G 77 -73.35 -14.34 -26.66
N THR G 78 -72.48 -14.84 -27.56
CA THR G 78 -71.07 -15.12 -27.23
C THR G 78 -70.14 -14.48 -28.26
N LEU G 79 -68.87 -14.31 -27.87
CA LEU G 79 -67.80 -13.89 -28.77
C LEU G 79 -66.61 -14.84 -28.57
N THR G 80 -65.66 -14.81 -29.50
CA THR G 80 -64.42 -15.53 -29.37
C THR G 80 -63.32 -14.51 -29.09
N MET G 81 -62.42 -14.85 -28.18
CA MET G 81 -61.22 -14.08 -27.89
C MET G 81 -60.01 -15.02 -27.92
N TRP G 82 -58.86 -14.44 -28.24
CA TRP G 82 -57.59 -15.11 -28.07
C TRP G 82 -57.19 -15.09 -26.61
N GLU G 83 -56.83 -16.26 -26.10
CA GLU G 83 -56.34 -16.45 -24.72
C GLU G 83 -54.86 -16.83 -24.77
N ALA G 84 -54.01 -16.03 -24.14
CA ALA G 84 -52.58 -16.32 -24.07
C ALA G 84 -52.35 -17.40 -23.02
N VAL G 85 -51.80 -18.53 -23.46
CA VAL G 85 -51.65 -19.74 -22.65
C VAL G 85 -50.26 -19.77 -22.00
N SER G 86 -49.24 -19.38 -22.76
CA SER G 86 -47.87 -19.54 -22.33
C SER G 86 -46.98 -18.63 -23.15
N VAL G 87 -45.77 -18.39 -22.61
CA VAL G 87 -44.79 -17.62 -23.31
C VAL G 87 -43.41 -18.24 -23.06
N LYS G 88 -42.61 -18.27 -24.12
CA LYS G 88 -41.18 -18.56 -24.03
C LYS G 88 -40.47 -17.22 -24.28
N THR G 89 -39.72 -16.76 -23.28
CA THR G 89 -39.07 -15.48 -23.37
C THR G 89 -37.61 -15.64 -22.93
N GLU G 90 -36.73 -14.89 -23.59
CA GLU G 90 -35.31 -14.94 -23.33
C GLU G 90 -34.71 -13.54 -23.51
N VAL G 91 -33.68 -13.24 -22.71
CA VAL G 91 -32.85 -12.09 -22.95
C VAL G 91 -31.84 -12.45 -24.04
N VAL G 92 -31.71 -11.58 -25.04
CA VAL G 92 -30.91 -11.81 -26.21
C VAL G 92 -29.57 -11.09 -26.02
N GLY G 93 -28.49 -11.72 -26.51
CA GLY G 93 -27.21 -11.02 -26.55
C GLY G 93 -26.45 -11.04 -25.22
N VAL G 94 -26.77 -12.01 -24.36
CA VAL G 94 -26.04 -12.09 -23.07
C VAL G 94 -24.53 -12.22 -23.30
N SER G 95 -24.11 -12.98 -24.31
CA SER G 95 -22.69 -13.22 -24.60
C SER G 95 -21.96 -11.93 -24.94
N SER G 96 -22.70 -10.89 -25.36
CA SER G 96 -22.09 -9.57 -25.66
C SER G 96 -21.41 -8.97 -24.42
N LEU G 97 -21.77 -9.45 -23.21
CA LEU G 97 -21.16 -8.97 -21.97
C LEU G 97 -19.80 -9.62 -21.73
N VAL G 98 -19.42 -10.60 -22.55
CA VAL G 98 -18.08 -11.18 -22.51
C VAL G 98 -17.17 -10.30 -23.35
N ASN G 99 -16.88 -9.13 -22.80
CA ASN G 99 -16.11 -8.13 -23.55
C ASN G 99 -15.43 -7.23 -22.54
N VAL G 100 -14.09 -7.31 -22.48
CA VAL G 100 -13.32 -6.52 -21.54
C VAL G 100 -12.21 -5.75 -22.25
N HIS G 101 -12.39 -5.45 -23.53
CA HIS G 101 -11.42 -4.62 -24.28
C HIS G 101 -12.04 -3.31 -24.76
N MET G 102 -13.27 -3.02 -24.32
CA MET G 102 -13.91 -1.74 -24.70
C MET G 102 -13.22 -0.61 -23.94
N ALA G 103 -13.44 0.62 -24.42
CA ALA G 103 -12.77 1.80 -23.84
C ALA G 103 -13.44 2.13 -22.50
N THR G 104 -12.90 1.55 -21.43
CA THR G 104 -13.43 1.60 -20.08
C THR G 104 -12.28 1.81 -19.09
N LYS G 105 -12.63 2.12 -17.85
CA LYS G 105 -11.75 1.94 -16.71
C LYS G 105 -11.22 0.50 -16.73
N ARG G 106 -10.03 0.28 -16.17
CA ARG G 106 -9.46 -1.07 -16.22
C ARG G 106 -8.83 -1.43 -14.87
N MET G 107 -8.64 -2.73 -14.66
CA MET G 107 -8.14 -3.28 -13.41
C MET G 107 -6.59 -3.14 -13.36
N TYR G 108 -6.07 -3.23 -12.12
CA TYR G 108 -4.64 -3.49 -11.81
C TYR G 108 -3.71 -2.48 -12.51
N ASP G 109 -3.82 -1.21 -12.10
CA ASP G 109 -2.83 -0.17 -12.48
C ASP G 109 -2.66 -0.14 -14.00
N ASP G 110 -3.79 -0.15 -14.71
CA ASP G 110 -3.87 0.04 -16.16
C ASP G 110 -3.23 -1.13 -16.93
N LYS G 111 -3.09 -2.31 -16.30
CA LYS G 111 -2.54 -3.47 -16.97
C LYS G 111 -3.58 -4.57 -17.20
N GLY G 112 -4.66 -4.54 -16.43
CA GLY G 112 -5.65 -5.62 -16.41
C GLY G 112 -6.79 -5.38 -17.37
N ILE G 113 -7.83 -6.22 -17.22
CA ILE G 113 -8.99 -6.16 -18.11
C ILE G 113 -9.68 -4.79 -17.96
N GLY G 114 -10.37 -4.40 -19.03
CA GLY G 114 -11.38 -3.38 -18.94
C GLY G 114 -12.51 -3.88 -18.06
N PHE G 115 -13.13 -2.97 -17.31
CA PHE G 115 -14.29 -3.34 -16.50
C PHE G 115 -15.38 -3.86 -17.41
N PRO G 116 -15.94 -5.07 -17.17
CA PRO G 116 -17.11 -5.50 -17.92
C PRO G 116 -18.31 -4.65 -17.47
N VAL G 117 -19.37 -4.69 -18.26
CA VAL G 117 -20.65 -4.13 -17.84
C VAL G 117 -21.07 -4.85 -16.56
N GLU G 118 -21.31 -4.08 -15.50
CA GLU G 118 -21.59 -4.67 -14.21
C GLU G 118 -22.37 -3.68 -13.34
N GLY G 119 -22.99 -4.22 -12.28
CA GLY G 119 -23.78 -3.47 -11.37
C GLY G 119 -25.24 -3.85 -11.45
N MET G 120 -26.08 -2.85 -11.20
CA MET G 120 -27.52 -2.99 -11.05
C MET G 120 -28.10 -3.79 -12.21
N ASN G 121 -28.94 -4.79 -11.86
CA ASN G 121 -29.71 -5.51 -12.84
C ASN G 121 -31.20 -5.31 -12.49
N PHE G 122 -32.01 -5.19 -13.53
CA PHE G 122 -33.44 -5.04 -13.42
C PHE G 122 -34.06 -5.72 -14.62
N HIS G 123 -34.90 -6.71 -14.36
CA HIS G 123 -35.47 -7.54 -15.41
C HIS G 123 -36.95 -7.71 -15.13
N MET G 124 -37.78 -7.29 -16.08
N MET G 124 -37.80 -7.27 -16.07
CA MET G 124 -39.21 -7.52 -15.96
CA MET G 124 -39.22 -7.51 -15.95
C MET G 124 -39.80 -7.78 -17.34
C MET G 124 -39.79 -7.79 -17.34
N PHE G 125 -40.83 -8.62 -17.40
CA PHE G 125 -41.62 -8.75 -18.58
C PHE G 125 -43.08 -8.92 -18.17
N ALA G 126 -43.96 -8.59 -19.12
CA ALA G 126 -45.40 -8.69 -18.90
C ALA G 126 -46.05 -9.08 -20.23
N VAL G 127 -47.08 -9.94 -20.14
CA VAL G 127 -47.89 -10.33 -21.24
C VAL G 127 -49.35 -10.16 -20.82
N GLY G 128 -50.13 -9.40 -21.59
CA GLY G 128 -51.53 -9.20 -21.22
C GLY G 128 -52.43 -8.90 -22.38
N GLY G 129 -53.73 -8.85 -22.08
CA GLY G 129 -54.79 -8.51 -23.05
C GLY G 129 -55.21 -7.06 -22.91
N GLU G 130 -54.39 -6.25 -22.24
CA GLU G 130 -54.58 -4.84 -22.10
C GLU G 130 -53.24 -4.24 -21.68
N PRO G 131 -53.09 -2.90 -21.73
CA PRO G 131 -51.83 -2.28 -21.34
C PRO G 131 -51.47 -2.62 -19.90
N LEU G 132 -50.18 -2.71 -19.63
CA LEU G 132 -49.73 -2.88 -18.26
C LEU G 132 -50.16 -1.64 -17.47
N GLU G 133 -50.84 -1.88 -16.35
CA GLU G 133 -51.35 -0.83 -15.51
C GLU G 133 -50.27 -0.48 -14.49
N LEU G 134 -49.97 0.82 -14.39
CA LEU G 134 -48.85 1.32 -13.64
C LEU G 134 -49.32 2.12 -12.43
N GLN G 135 -48.50 2.07 -11.37
CA GLN G 135 -48.60 2.87 -10.19
C GLN G 135 -47.36 3.76 -10.13
N PHE G 136 -47.56 5.04 -9.81
CA PHE G 136 -46.45 5.95 -9.63
C PHE G 136 -45.87 5.76 -8.23
N LEU G 137 -44.53 5.68 -8.16
CA LEU G 137 -43.82 5.67 -6.89
C LEU G 137 -42.36 6.00 -7.19
N THR G 138 -41.82 6.97 -6.45
CA THR G 138 -40.51 7.49 -6.74
C THR G 138 -39.71 7.60 -5.44
N GLY G 139 -38.38 7.52 -5.60
CA GLY G 139 -37.44 7.78 -4.52
C GLY G 139 -37.32 9.27 -4.18
N ASN G 140 -37.78 10.15 -5.07
CA ASN G 140 -37.67 11.60 -4.88
C ASN G 140 -38.85 12.28 -5.56
N TYR G 141 -39.81 12.76 -4.75
CA TYR G 141 -41.06 13.33 -5.30
C TYR G 141 -40.75 14.57 -6.14
N ARG G 142 -39.61 15.20 -5.89
CA ARG G 142 -39.23 16.47 -6.53
C ARG G 142 -38.50 16.27 -7.86
N THR G 143 -38.29 15.03 -8.30
CA THR G 143 -37.52 14.81 -9.53
C THR G 143 -38.17 15.63 -10.66
N ASP G 144 -37.33 16.34 -11.41
CA ASP G 144 -37.77 17.23 -12.48
C ASP G 144 -37.42 16.58 -13.82
N TYR G 145 -38.47 16.19 -14.57
CA TYR G 145 -38.31 15.43 -15.82
C TYR G 145 -38.36 16.36 -17.05
N SER G 146 -38.28 17.67 -16.85
CA SER G 146 -38.58 18.64 -17.92
C SER G 146 -37.44 18.72 -18.96
N ALA G 147 -36.29 18.07 -18.73
CA ALA G 147 -35.26 18.03 -19.81
C ALA G 147 -35.73 17.15 -20.98
N ASN G 148 -36.76 16.33 -20.77
CA ASN G 148 -37.26 15.45 -21.82
C ASN G 148 -38.78 15.40 -21.73
N ASP G 149 -39.45 16.21 -22.56
CA ASP G 149 -40.90 16.34 -22.47
C ASP G 149 -41.60 15.15 -23.15
N LYS G 150 -40.85 14.18 -23.71
CA LYS G 150 -41.45 12.99 -24.28
C LYS G 150 -41.71 11.93 -23.19
N LEU G 151 -41.14 12.11 -21.99
CA LEU G 151 -41.41 11.17 -20.87
C LEU G 151 -42.81 11.44 -20.35
N VAL G 152 -43.51 10.37 -19.94
CA VAL G 152 -44.85 10.47 -19.41
C VAL G 152 -44.74 10.35 -17.89
N VAL G 153 -45.01 11.46 -17.20
CA VAL G 153 -44.89 11.59 -15.79
C VAL G 153 -46.03 12.47 -15.31
N PRO G 154 -46.40 12.42 -14.01
CA PRO G 154 -47.48 13.27 -13.50
C PRO G 154 -47.07 14.73 -13.53
N PRO G 155 -48.01 15.66 -13.82
CA PRO G 155 -47.62 17.06 -14.07
C PRO G 155 -47.31 17.84 -12.79
N ILE G 156 -47.78 17.35 -11.64
CA ILE G 156 -47.67 17.98 -10.35
C ILE G 156 -46.98 16.98 -9.41
N LYS G 157 -46.22 17.52 -8.44
CA LYS G 157 -45.45 16.73 -7.55
C LYS G 157 -46.03 16.83 -6.13
N HIS G 158 -45.98 15.70 -5.43
CA HIS G 158 -46.42 15.69 -4.05
C HIS G 158 -45.57 14.71 -3.24
N GLN G 159 -45.33 15.10 -1.99
CA GLN G 159 -44.51 14.37 -1.03
C GLN G 159 -44.97 12.91 -0.91
N SER G 160 -46.27 12.67 -1.04
CA SER G 160 -46.87 11.36 -0.77
C SER G 160 -46.44 10.31 -1.79
N THR G 161 -45.89 10.75 -2.93
CA THR G 161 -45.55 9.85 -4.04
C THR G 161 -44.25 9.08 -3.76
N GLN G 162 -43.60 9.33 -2.60
CA GLN G 162 -42.49 8.49 -2.15
C GLN G 162 -43.02 7.22 -1.48
N GLY G 163 -44.35 7.17 -1.26
CA GLY G 163 -45.05 5.95 -0.96
C GLY G 163 -46.06 5.68 -2.06
N LEU G 164 -47.07 4.83 -1.75
CA LEU G 164 -48.10 4.49 -2.70
C LEU G 164 -49.27 5.45 -2.48
N ASN G 165 -49.47 6.34 -3.45
CA ASN G 165 -50.61 7.22 -3.53
C ASN G 165 -51.44 6.77 -4.74
N PRO G 166 -52.60 6.13 -4.50
CA PRO G 166 -53.37 5.53 -5.59
C PRO G 166 -54.01 6.56 -6.53
N HIS G 167 -53.86 7.87 -6.26
CA HIS G 167 -54.32 8.90 -7.18
C HIS G 167 -53.37 9.06 -8.39
N TYR G 168 -52.20 8.42 -8.33
N TYR G 168 -52.20 8.40 -8.35
CA TYR G 168 -51.21 8.56 -9.39
CA TYR G 168 -51.23 8.55 -9.43
C TYR G 168 -51.01 7.22 -10.12
C TYR G 168 -51.01 7.20 -10.12
N LYS G 169 -51.79 7.00 -11.19
CA LYS G 169 -51.73 5.78 -11.98
C LYS G 169 -51.60 6.11 -13.46
N GLN G 170 -51.26 5.09 -14.27
CA GLN G 170 -51.11 5.22 -15.71
C GLN G 170 -51.20 3.86 -16.35
N LYS G 171 -51.21 3.86 -17.68
CA LYS G 171 -51.17 2.64 -18.47
C LYS G 171 -50.00 2.76 -19.44
N LEU G 172 -49.29 1.64 -19.62
CA LEU G 172 -48.09 1.62 -20.44
C LEU G 172 -48.52 1.48 -21.89
N THR G 173 -48.70 2.62 -22.56
CA THR G 173 -49.25 2.65 -23.89
C THR G 173 -48.26 3.25 -24.89
N LYS G 174 -47.06 3.63 -24.41
CA LYS G 174 -46.05 4.17 -25.31
C LYS G 174 -44.69 3.58 -24.94
N ASP G 175 -44.01 3.07 -25.97
CA ASP G 175 -42.66 2.55 -25.90
C ASP G 175 -41.67 3.66 -25.61
N GLY G 176 -40.68 3.39 -24.75
CA GLY G 176 -39.58 4.30 -24.56
C GLY G 176 -39.97 5.64 -23.94
N ALA G 177 -41.01 5.68 -23.10
CA ALA G 177 -41.56 6.94 -22.59
C ALA G 177 -41.85 6.97 -21.09
N PHE G 178 -42.09 5.79 -20.49
CA PHE G 178 -42.44 5.70 -19.08
C PHE G 178 -41.20 5.33 -18.29
N PRO G 179 -40.62 6.24 -17.47
CA PRO G 179 -39.43 5.91 -16.70
C PRO G 179 -39.67 4.78 -15.70
N VAL G 180 -38.73 3.84 -15.63
N VAL G 180 -38.74 3.83 -15.63
CA VAL G 180 -38.84 2.71 -14.71
CA VAL G 180 -38.85 2.72 -14.71
C VAL G 180 -38.70 3.25 -13.27
C VAL G 180 -38.70 3.25 -13.27
N GLU G 181 -37.94 4.32 -13.09
CA GLU G 181 -37.65 4.86 -11.77
C GLU G 181 -38.90 5.39 -11.04
N CYS G 182 -40.00 5.69 -11.76
CA CYS G 182 -41.15 6.27 -11.10
C CYS G 182 -42.45 5.54 -11.43
N TRP G 183 -42.42 4.52 -12.27
CA TRP G 183 -43.60 3.73 -12.59
C TRP G 183 -43.31 2.25 -12.38
N CYS G 184 -44.20 1.58 -11.63
CA CYS G 184 -44.13 0.14 -11.41
C CYS G 184 -45.47 -0.49 -11.72
N PRO G 185 -45.55 -1.83 -11.85
CA PRO G 185 -46.84 -2.47 -12.03
C PRO G 185 -47.77 -2.17 -10.85
N ASP G 186 -49.04 -1.89 -11.18
CA ASP G 186 -50.06 -1.62 -10.20
C ASP G 186 -50.62 -2.97 -9.78
N PRO G 187 -50.32 -3.46 -8.55
CA PRO G 187 -50.77 -4.79 -8.16
C PRO G 187 -52.28 -4.85 -7.88
N SER G 188 -52.92 -3.70 -7.75
CA SER G 188 -54.38 -3.62 -7.47
C SER G 188 -55.18 -3.78 -8.77
N LYS G 189 -54.51 -3.72 -9.93
CA LYS G 189 -55.17 -3.95 -11.21
C LYS G 189 -54.47 -5.12 -11.91
N ASN G 190 -54.26 -5.02 -13.23
CA ASN G 190 -53.54 -6.01 -14.01
C ASN G 190 -54.18 -7.40 -13.89
N GLU G 191 -55.50 -7.46 -13.83
CA GLU G 191 -56.19 -8.75 -13.68
C GLU G 191 -56.03 -9.58 -14.97
N ASN G 192 -55.75 -8.91 -16.08
CA ASN G 192 -55.73 -9.54 -17.38
C ASN G 192 -54.31 -9.46 -17.98
N THR G 193 -53.31 -9.35 -17.11
CA THR G 193 -51.89 -9.32 -17.47
C THR G 193 -51.14 -10.20 -16.46
N ARG G 194 -50.07 -10.88 -16.92
CA ARG G 194 -49.14 -11.53 -16.01
C ARG G 194 -47.82 -10.77 -16.09
N TYR G 195 -47.24 -10.39 -14.95
CA TYR G 195 -45.93 -9.75 -14.95
C TYR G 195 -45.00 -10.43 -13.93
N TYR G 196 -43.70 -10.38 -14.26
CA TYR G 196 -42.63 -10.97 -13.48
C TYR G 196 -41.46 -10.03 -13.51
N GLY G 197 -40.87 -9.74 -12.35
CA GLY G 197 -39.78 -8.82 -12.28
C GLY G 197 -38.81 -9.11 -11.16
N SER G 198 -37.57 -8.68 -11.35
CA SER G 198 -36.55 -8.80 -10.36
C SER G 198 -35.62 -7.59 -10.43
N TYR G 199 -34.97 -7.30 -9.30
CA TYR G 199 -34.03 -6.25 -9.14
C TYR G 199 -32.87 -6.79 -8.28
N THR G 200 -31.65 -6.54 -8.74
CA THR G 200 -30.46 -6.83 -7.99
C THR G 200 -29.61 -5.56 -8.01
N GLY G 201 -29.38 -4.95 -6.85
CA GLY G 201 -28.79 -3.65 -6.85
C GLY G 201 -27.31 -3.67 -6.53
N GLY G 202 -26.89 -2.66 -5.75
CA GLY G 202 -25.50 -2.46 -5.40
C GLY G 202 -24.72 -1.73 -6.50
N GLN G 203 -23.42 -1.55 -6.27
CA GLN G 203 -22.59 -0.64 -7.10
C GLN G 203 -21.96 -1.31 -8.34
N SER G 204 -21.25 -2.43 -8.11
N SER G 204 -21.25 -2.43 -8.11
CA SER G 204 -20.47 -3.12 -9.14
CA SER G 204 -20.47 -3.12 -9.14
C SER G 204 -20.83 -4.60 -9.17
C SER G 204 -20.83 -4.60 -9.17
N THR G 205 -22.04 -4.92 -8.69
CA THR G 205 -22.52 -6.27 -8.52
C THR G 205 -22.40 -7.08 -9.80
N PRO G 206 -21.94 -8.36 -9.73
CA PRO G 206 -21.90 -9.22 -10.89
C PRO G 206 -23.29 -9.41 -11.47
N PRO G 207 -23.49 -9.16 -12.78
CA PRO G 207 -24.71 -9.61 -13.46
C PRO G 207 -24.74 -11.14 -13.43
N VAL G 208 -25.91 -11.71 -13.14
CA VAL G 208 -26.12 -13.15 -13.18
C VAL G 208 -27.30 -13.38 -14.10
N LEU G 209 -27.03 -13.94 -15.29
CA LEU G 209 -27.98 -14.00 -16.40
C LEU G 209 -28.00 -15.43 -16.95
N GLN G 210 -29.15 -15.80 -17.51
CA GLN G 210 -29.31 -17.12 -18.14
C GLN G 210 -30.00 -16.92 -19.49
N PHE G 211 -29.82 -17.86 -20.40
CA PHE G 211 -30.54 -17.86 -21.66
C PHE G 211 -30.68 -19.31 -22.12
N THR G 212 -31.89 -19.66 -22.56
CA THR G 212 -32.19 -20.97 -23.07
C THR G 212 -33.45 -20.86 -23.91
N ASN G 213 -33.64 -21.80 -24.84
CA ASN G 213 -34.85 -21.86 -25.63
C ASN G 213 -35.74 -23.01 -25.16
N THR G 214 -35.57 -23.46 -23.93
CA THR G 214 -36.23 -24.68 -23.47
C THR G 214 -37.28 -24.44 -22.37
N VAL G 215 -37.50 -23.16 -21.96
CA VAL G 215 -38.37 -22.87 -20.84
C VAL G 215 -39.66 -22.19 -21.29
N THR G 216 -40.78 -22.78 -20.87
CA THR G 216 -42.10 -22.26 -21.14
C THR G 216 -42.71 -21.75 -19.83
N THR G 217 -43.13 -20.48 -19.83
CA THR G 217 -43.82 -19.86 -18.72
C THR G 217 -45.33 -19.95 -18.93
N VAL G 218 -46.02 -20.64 -18.04
CA VAL G 218 -47.48 -20.78 -18.14
C VAL G 218 -48.13 -19.45 -17.69
N LEU G 219 -49.07 -18.94 -18.51
CA LEU G 219 -49.73 -17.67 -18.24
C LEU G 219 -51.13 -17.86 -17.66
N LEU G 220 -51.61 -19.10 -17.58
CA LEU G 220 -52.93 -19.37 -16.99
C LEU G 220 -52.90 -18.96 -15.52
N ASP G 221 -54.00 -18.39 -15.03
CA ASP G 221 -54.16 -18.01 -13.65
C ASP G 221 -54.62 -19.25 -12.86
N GLU G 222 -54.99 -19.02 -11.59
CA GLU G 222 -55.38 -20.08 -10.67
C GLU G 222 -56.69 -20.74 -11.12
N ASN G 223 -57.45 -20.08 -12.01
CA ASN G 223 -58.69 -20.65 -12.55
C ASN G 223 -58.47 -21.31 -13.92
N GLY G 224 -57.22 -21.37 -14.38
CA GLY G 224 -56.89 -21.98 -15.67
C GLY G 224 -57.18 -21.07 -16.86
N VAL G 225 -57.24 -19.75 -16.60
CA VAL G 225 -57.54 -18.80 -17.65
C VAL G 225 -56.33 -17.89 -17.87
N GLY G 226 -55.93 -17.77 -19.14
CA GLY G 226 -54.84 -16.89 -19.52
C GLY G 226 -55.36 -15.47 -19.81
N PRO G 227 -54.46 -14.50 -20.03
CA PRO G 227 -54.86 -13.18 -20.49
C PRO G 227 -55.78 -13.30 -21.73
N LEU G 228 -56.89 -12.56 -21.72
CA LEU G 228 -57.85 -12.52 -22.85
C LEU G 228 -57.65 -11.22 -23.61
N CYS G 229 -57.48 -11.40 -24.92
CA CYS G 229 -56.96 -10.45 -25.96
C CYS G 229 -57.92 -10.58 -27.16
N LYS G 230 -58.55 -9.48 -27.62
CA LYS G 230 -59.16 -9.45 -28.94
C LYS G 230 -58.31 -8.52 -29.84
N GLY G 231 -58.07 -8.97 -31.06
CA GLY G 231 -57.82 -8.08 -32.18
C GLY G 231 -56.46 -7.42 -32.03
N ASP G 232 -56.47 -6.09 -32.01
CA ASP G 232 -55.25 -5.26 -31.89
C ASP G 232 -55.05 -5.02 -30.38
N GLY G 233 -54.97 -6.12 -29.63
CA GLY G 233 -54.61 -6.10 -28.24
C GLY G 233 -54.02 -7.41 -27.73
N LEU G 234 -52.77 -7.74 -28.16
CA LEU G 234 -51.83 -8.46 -27.25
C LEU G 234 -50.76 -7.44 -26.86
N TYR G 235 -50.52 -7.30 -25.55
CA TYR G 235 -49.59 -6.33 -25.03
C TYR G 235 -48.40 -7.08 -24.42
N VAL G 236 -47.21 -6.68 -24.83
CA VAL G 236 -45.98 -7.25 -24.37
C VAL G 236 -45.10 -6.08 -23.92
N SER G 237 -44.51 -6.20 -22.73
CA SER G 237 -43.78 -5.13 -22.12
C SER G 237 -42.55 -5.73 -21.43
N CYS G 238 -41.46 -4.97 -21.35
CA CYS G 238 -40.31 -5.45 -20.62
C CYS G 238 -39.31 -4.32 -20.31
N CYS G 239 -38.32 -4.68 -19.51
CA CYS G 239 -37.13 -3.92 -19.28
C CYS G 239 -36.04 -4.87 -18.82
N ASP G 240 -34.83 -4.72 -19.36
CA ASP G 240 -33.71 -5.61 -19.05
C ASP G 240 -32.42 -4.81 -18.98
N ILE G 241 -32.16 -4.28 -17.79
CA ILE G 241 -30.93 -3.59 -17.46
C ILE G 241 -29.92 -4.63 -16.95
N VAL G 242 -28.73 -4.64 -17.54
CA VAL G 242 -27.73 -5.65 -17.20
C VAL G 242 -26.52 -5.03 -16.51
N GLY G 243 -26.52 -3.70 -16.34
CA GLY G 243 -25.50 -3.06 -15.52
C GLY G 243 -25.08 -1.74 -16.13
N PHE G 244 -23.88 -1.29 -15.79
CA PHE G 244 -23.33 -0.04 -16.26
C PHE G 244 -22.00 -0.31 -16.99
N LEU G 245 -21.81 0.44 -18.06
CA LEU G 245 -20.51 0.58 -18.71
C LEU G 245 -19.76 1.72 -18.01
N VAL G 246 -18.53 1.45 -17.59
CA VAL G 246 -17.75 2.43 -16.86
C VAL G 246 -16.66 2.97 -17.79
N GLY G 247 -16.82 4.23 -18.22
CA GLY G 247 -15.87 4.88 -19.10
C GLY G 247 -14.55 5.14 -18.40
N LYS G 248 -13.54 5.52 -19.19
CA LYS G 248 -12.17 5.76 -18.73
C LYS G 248 -12.13 6.72 -17.52
N ASP G 249 -12.94 7.78 -17.55
CA ASP G 249 -12.90 8.77 -16.45
C ASP G 249 -13.89 8.46 -15.34
N GLY G 250 -14.61 7.34 -15.45
CA GLY G 250 -15.56 6.97 -14.41
C GLY G 250 -17.01 7.35 -14.73
N ASP G 251 -17.26 8.01 -15.86
CA ASP G 251 -18.60 8.25 -16.37
C ASP G 251 -19.29 6.92 -16.69
N MET G 252 -20.57 6.81 -16.33
CA MET G 252 -21.25 5.51 -16.40
C MET G 252 -22.55 5.65 -17.19
N GLN G 253 -22.88 4.58 -17.93
CA GLN G 253 -24.09 4.51 -18.72
C GLN G 253 -24.78 3.18 -18.44
N TYR G 254 -26.10 3.20 -18.32
CA TYR G 254 -26.87 1.98 -18.29
C TYR G 254 -26.67 1.21 -19.61
N ARG G 255 -26.67 -0.12 -19.50
CA ARG G 255 -26.67 -1.02 -20.63
C ARG G 255 -27.88 -1.93 -20.52
N GLY G 256 -28.65 -2.02 -21.61
CA GLY G 256 -29.77 -2.92 -21.68
C GLY G 256 -29.64 -3.90 -22.84
N LEU G 257 -30.43 -4.97 -22.76
CA LEU G 257 -30.44 -6.01 -23.79
C LEU G 257 -31.86 -6.21 -24.28
N PRO G 258 -32.00 -6.73 -25.53
CA PRO G 258 -33.33 -7.00 -26.08
C PRO G 258 -33.93 -8.26 -25.44
N ARG G 259 -35.24 -8.42 -25.59
CA ARG G 259 -35.95 -9.57 -25.10
C ARG G 259 -36.79 -10.13 -26.25
N TYR G 260 -36.77 -11.46 -26.36
CA TYR G 260 -37.53 -12.21 -27.32
C TYR G 260 -38.74 -12.85 -26.65
N PHE G 261 -39.84 -12.96 -27.39
CA PHE G 261 -41.05 -13.59 -26.89
C PHE G 261 -41.66 -14.49 -27.95
N ASN G 262 -42.12 -15.67 -27.52
CA ASN G 262 -42.91 -16.57 -28.35
C ASN G 262 -44.13 -16.94 -27.52
N ILE G 263 -45.30 -16.41 -27.90
CA ILE G 263 -46.53 -16.53 -27.12
C ILE G 263 -47.49 -17.46 -27.85
N LEU G 264 -47.99 -18.47 -27.14
CA LEU G 264 -48.99 -19.38 -27.67
C LEU G 264 -50.37 -18.93 -27.20
N LEU G 265 -51.32 -18.82 -28.13
CA LEU G 265 -52.67 -18.39 -27.83
C LEU G 265 -53.67 -19.41 -28.39
N ARG G 266 -54.82 -19.50 -27.72
CA ARG G 266 -55.88 -20.40 -28.10
C ARG G 266 -57.22 -19.64 -28.09
N LYS G 267 -58.19 -20.14 -28.87
CA LYS G 267 -59.46 -19.48 -28.98
C LYS G 267 -60.33 -19.86 -27.77
N ARG G 268 -60.95 -18.85 -27.17
CA ARG G 268 -61.77 -19.01 -26.01
C ARG G 268 -63.11 -18.31 -26.26
N THR G 269 -64.21 -19.05 -26.04
CA THR G 269 -65.54 -18.49 -26.08
C THR G 269 -65.79 -17.73 -24.77
N VAL G 270 -66.35 -16.53 -24.88
CA VAL G 270 -66.75 -15.72 -23.73
C VAL G 270 -68.17 -15.22 -23.95
N ARG G 271 -68.83 -14.82 -22.85
CA ARG G 271 -70.19 -14.28 -22.92
C ARG G 271 -70.12 -12.82 -23.39
N ASN G 272 -71.05 -12.45 -24.28
CA ASN G 272 -71.17 -11.12 -24.85
C ASN G 272 -72.36 -10.41 -24.20
N ILE H 2 -40.70 -30.66 -40.95
CA ILE H 2 -40.63 -32.14 -40.89
C ILE H 2 -41.86 -32.66 -40.14
N GLU H 3 -42.66 -33.51 -40.81
CA GLU H 3 -43.79 -34.22 -40.18
C GLU H 3 -43.23 -35.48 -39.50
N VAL H 4 -43.31 -35.51 -38.17
CA VAL H 4 -42.70 -36.56 -37.37
C VAL H 4 -43.71 -37.69 -37.20
N LEU H 5 -43.27 -38.92 -37.44
CA LEU H 5 -44.12 -40.10 -37.27
C LEU H 5 -43.62 -40.92 -36.08
N ASN H 6 -43.66 -42.26 -36.18
CA ASN H 6 -43.43 -43.14 -35.04
C ASN H 6 -41.93 -43.38 -34.86
N LEU H 7 -41.58 -43.77 -33.64
CA LEU H 7 -40.25 -44.28 -33.31
C LEU H 7 -40.04 -45.63 -34.00
N VAL H 8 -38.80 -45.86 -34.45
CA VAL H 8 -38.36 -47.13 -34.96
C VAL H 8 -37.86 -47.95 -33.77
N THR H 9 -38.32 -49.20 -33.66
CA THR H 9 -37.95 -50.08 -32.55
C THR H 9 -36.95 -51.15 -33.02
N GLY H 10 -36.35 -51.83 -32.04
CA GLY H 10 -35.55 -53.00 -32.28
C GLY H 10 -34.08 -52.77 -32.06
N PRO H 11 -33.22 -53.75 -32.39
CA PRO H 11 -31.78 -53.59 -32.21
C PRO H 11 -31.21 -52.51 -33.16
N ASP H 12 -30.31 -51.71 -32.63
CA ASP H 12 -29.63 -50.67 -33.41
C ASP H 12 -30.59 -49.50 -33.71
N SER H 13 -31.73 -49.41 -33.00
CA SER H 13 -32.60 -48.23 -33.06
C SER H 13 -32.10 -47.08 -32.16
N ILE H 14 -31.07 -47.34 -31.34
CA ILE H 14 -30.50 -46.41 -30.38
C ILE H 14 -29.01 -46.34 -30.68
N THR H 15 -28.42 -45.16 -30.50
CA THR H 15 -26.99 -45.01 -30.57
C THR H 15 -26.58 -43.90 -29.61
N THR H 16 -25.30 -43.90 -29.24
CA THR H 16 -24.78 -42.86 -28.36
C THR H 16 -23.55 -42.26 -29.02
N ILE H 17 -23.39 -40.95 -28.84
CA ILE H 17 -22.27 -40.22 -29.35
C ILE H 17 -21.58 -39.58 -28.14
N GLU H 18 -20.27 -39.84 -28.03
CA GLU H 18 -19.47 -39.35 -26.96
C GLU H 18 -18.38 -38.49 -27.55
N LEU H 19 -18.17 -37.28 -27.02
CA LEU H 19 -17.07 -36.47 -27.49
C LEU H 19 -16.71 -35.43 -26.42
N TYR H 20 -15.57 -34.77 -26.64
CA TYR H 20 -15.25 -33.58 -25.87
C TYR H 20 -14.89 -32.47 -26.87
N LEU H 21 -15.03 -31.23 -26.43
CA LEU H 21 -14.56 -30.08 -27.16
C LEU H 21 -13.61 -29.30 -26.24
N ASN H 22 -12.39 -29.04 -26.74
CA ASN H 22 -11.46 -28.19 -26.07
C ASN H 22 -11.87 -26.72 -26.26
N THR H 23 -11.49 -25.90 -25.29
CA THR H 23 -11.85 -24.50 -25.21
C THR H 23 -11.09 -23.72 -26.31
N ARG H 24 -11.70 -22.63 -26.74
CA ARG H 24 -11.13 -21.73 -27.76
C ARG H 24 -11.08 -20.32 -27.19
N MET H 25 -10.14 -20.10 -26.27
CA MET H 25 -10.04 -18.85 -25.57
C MET H 25 -9.23 -17.83 -26.37
N GLY H 26 -8.43 -18.30 -27.34
CA GLY H 26 -7.67 -17.40 -28.20
C GLY H 26 -6.31 -17.97 -28.58
N GLN H 27 -5.61 -18.60 -27.64
CA GLN H 27 -4.46 -19.46 -28.00
C GLN H 27 -4.97 -20.87 -28.15
N ASN H 28 -5.28 -21.24 -29.40
CA ASN H 28 -6.06 -22.43 -29.71
C ASN H 28 -5.18 -23.55 -30.31
N ASP H 29 -3.86 -23.39 -30.23
CA ASP H 29 -2.91 -24.39 -30.74
C ASP H 29 -2.38 -25.22 -29.57
N GLU H 30 -2.75 -26.50 -29.53
CA GLU H 30 -2.44 -27.40 -28.42
C GLU H 30 -0.94 -27.69 -28.28
N SER H 31 -0.13 -27.28 -29.27
CA SER H 31 1.31 -27.51 -29.23
C SER H 31 2.05 -26.31 -28.67
N LYS H 32 1.35 -25.20 -28.38
CA LYS H 32 1.99 -23.95 -27.97
C LYS H 32 1.66 -23.63 -26.51
N ASP H 33 2.53 -22.81 -25.91
CA ASP H 33 2.34 -22.33 -24.57
C ASP H 33 0.99 -21.57 -24.52
N ASN H 34 0.41 -21.50 -23.32
CA ASN H 34 -0.82 -20.73 -23.08
C ASN H 34 -2.03 -21.34 -23.77
N TYR H 35 -1.96 -22.63 -24.15
CA TYR H 35 -3.12 -23.27 -24.71
C TYR H 35 -4.26 -23.28 -23.67
N GLY H 36 -5.48 -23.00 -24.11
CA GLY H 36 -6.62 -22.96 -23.19
C GLY H 36 -6.75 -21.65 -22.44
N TYR H 37 -5.94 -20.66 -22.86
CA TYR H 37 -6.03 -19.32 -22.37
C TYR H 37 -6.12 -18.38 -23.58
N SER H 38 -6.59 -17.14 -23.34
CA SER H 38 -6.47 -16.10 -24.35
C SER H 38 -5.07 -15.54 -24.31
N GLU H 39 -4.73 -14.80 -25.36
CA GLU H 39 -3.63 -13.83 -25.27
C GLU H 39 -4.03 -12.74 -24.27
N LYS H 40 -3.04 -11.99 -23.80
CA LYS H 40 -3.26 -10.91 -22.84
C LYS H 40 -4.34 -9.95 -23.37
N VAL H 41 -5.26 -9.59 -22.47
CA VAL H 41 -6.30 -8.63 -22.77
C VAL H 41 -5.71 -7.23 -22.89
N THR H 42 -6.16 -6.50 -23.91
CA THR H 42 -5.83 -5.08 -24.09
C THR H 42 -7.13 -4.27 -24.10
N VAL H 43 -7.01 -2.94 -23.96
CA VAL H 43 -8.18 -2.10 -23.74
C VAL H 43 -8.15 -0.92 -24.72
N ALA H 44 -9.25 -0.72 -25.44
CA ALA H 44 -9.39 0.35 -26.43
C ALA H 44 -9.14 1.72 -25.78
N ASN H 45 -8.46 2.60 -26.52
CA ASN H 45 -8.31 4.00 -26.08
C ASN H 45 -9.64 4.73 -26.23
N SER H 46 -10.42 4.37 -27.24
CA SER H 46 -11.71 4.97 -27.47
C SER H 46 -12.55 3.98 -28.28
N SER H 47 -13.87 4.22 -28.32
CA SER H 47 -14.77 3.24 -28.92
C SER H 47 -14.58 3.16 -30.44
N ASP H 48 -14.02 4.22 -31.06
CA ASP H 48 -13.76 4.22 -32.50
C ASP H 48 -12.35 3.71 -32.81
N GLN H 49 -11.59 3.31 -31.79
CA GLN H 49 -10.28 2.66 -31.95
C GLN H 49 -10.24 1.40 -31.07
N ASP H 50 -11.25 0.55 -31.25
CA ASP H 50 -11.45 -0.65 -30.45
C ASP H 50 -11.14 -1.84 -31.35
N LYS H 51 -9.88 -2.29 -31.28
CA LYS H 51 -9.34 -3.29 -32.16
C LYS H 51 -8.65 -4.36 -31.33
N PRO H 52 -9.37 -5.42 -30.92
CA PRO H 52 -8.73 -6.46 -30.12
C PRO H 52 -7.52 -7.06 -30.86
N THR H 53 -6.47 -7.35 -30.09
CA THR H 53 -5.31 -8.03 -30.62
C THR H 53 -5.71 -9.45 -31.04
N SER H 54 -4.91 -10.02 -31.93
CA SER H 54 -5.12 -11.37 -32.39
C SER H 54 -4.95 -12.32 -31.20
N GLY H 55 -5.96 -13.15 -30.99
CA GLY H 55 -5.92 -14.21 -29.98
C GLY H 55 -6.44 -13.77 -28.60
N GLU H 56 -6.93 -12.53 -28.43
CA GLU H 56 -7.35 -12.11 -27.07
C GLU H 56 -8.86 -12.31 -26.87
N ILE H 57 -9.58 -12.84 -27.87
CA ILE H 57 -11.04 -12.96 -27.71
C ILE H 57 -11.49 -14.41 -27.83
N PRO H 58 -12.29 -14.87 -26.86
CA PRO H 58 -12.87 -16.21 -26.91
C PRO H 58 -13.88 -16.39 -28.05
N THR H 59 -13.91 -17.62 -28.57
CA THR H 59 -14.80 -18.01 -29.63
C THR H 59 -15.53 -19.28 -29.19
N TYR H 60 -16.62 -19.59 -29.89
CA TYR H 60 -17.34 -20.82 -29.66
C TYR H 60 -16.53 -22.03 -30.13
N SER H 61 -16.66 -23.12 -29.38
CA SER H 61 -16.24 -24.43 -29.78
C SER H 61 -17.42 -25.10 -30.49
N THR H 62 -17.12 -25.89 -31.53
CA THR H 62 -18.21 -26.56 -32.24
C THR H 62 -17.65 -27.76 -33.00
N ALA H 63 -18.51 -28.75 -33.21
CA ALA H 63 -18.22 -29.88 -34.05
C ALA H 63 -19.50 -30.38 -34.70
N ARG H 64 -19.35 -30.97 -35.89
CA ARG H 64 -20.37 -31.77 -36.52
C ARG H 64 -19.93 -33.22 -36.43
N ILE H 65 -20.79 -34.09 -35.89
CA ILE H 65 -20.47 -35.50 -35.79
C ILE H 65 -21.30 -36.26 -36.83
N ASN H 66 -20.64 -37.11 -37.62
CA ASN H 66 -21.30 -38.01 -38.57
C ASN H 66 -21.98 -39.15 -37.82
N LEU H 67 -23.26 -39.36 -38.11
CA LEU H 67 -24.01 -40.40 -37.48
C LEU H 67 -24.10 -41.57 -38.45
N PRO H 68 -24.45 -42.79 -37.98
CA PRO H 68 -24.64 -43.93 -38.86
C PRO H 68 -25.67 -43.63 -39.95
N MET H 69 -25.33 -43.95 -41.21
CA MET H 69 -26.19 -43.65 -42.36
C MET H 69 -27.48 -44.47 -42.24
N LEU H 70 -28.60 -43.88 -42.64
CA LEU H 70 -29.91 -44.49 -42.61
C LEU H 70 -30.40 -44.55 -44.06
N ASN H 77 -42.25 -42.87 -49.21
CA ASN H 77 -43.21 -42.07 -48.47
C ASN H 77 -42.54 -41.49 -47.20
N THR H 78 -41.66 -42.28 -46.56
CA THR H 78 -41.05 -41.90 -45.27
C THR H 78 -39.53 -42.04 -45.33
N LEU H 79 -38.85 -41.37 -44.39
CA LEU H 79 -37.42 -41.53 -44.16
C LEU H 79 -37.20 -41.75 -42.66
N THR H 80 -36.00 -42.23 -42.31
CA THR H 80 -35.59 -42.33 -40.92
C THR H 80 -34.58 -41.22 -40.65
N MET H 81 -34.73 -40.59 -39.48
CA MET H 81 -33.75 -39.61 -38.97
C MET H 81 -33.36 -40.00 -37.55
N TRP H 82 -32.12 -39.66 -37.19
CA TRP H 82 -31.66 -39.74 -35.83
C TRP H 82 -32.25 -38.56 -35.04
N GLU H 83 -32.82 -38.87 -33.89
CA GLU H 83 -33.43 -37.92 -32.97
C GLU H 83 -32.61 -37.90 -31.67
N ALA H 84 -32.07 -36.73 -31.32
CA ALA H 84 -31.33 -36.60 -30.05
C ALA H 84 -32.35 -36.51 -28.90
N VAL H 85 -32.25 -37.46 -27.97
CA VAL H 85 -33.19 -37.63 -26.87
C VAL H 85 -32.69 -36.89 -25.63
N SER H 86 -31.40 -37.00 -25.34
CA SER H 86 -30.86 -36.52 -24.08
C SER H 86 -29.35 -36.34 -24.19
N VAL H 87 -28.79 -35.57 -23.26
CA VAL H 87 -27.37 -35.38 -23.19
C VAL H 87 -26.93 -35.34 -21.73
N LYS H 88 -25.80 -35.99 -21.46
CA LYS H 88 -25.06 -35.82 -20.22
C LYS H 88 -23.82 -35.01 -20.57
N THR H 89 -23.67 -33.84 -19.97
CA THR H 89 -22.56 -32.97 -20.30
C THR H 89 -21.95 -32.45 -19.00
N GLU H 90 -20.63 -32.30 -19.01
CA GLU H 90 -19.88 -31.84 -17.85
C GLU H 90 -18.72 -30.97 -18.30
N VAL H 91 -18.38 -29.99 -17.47
CA VAL H 91 -17.15 -29.24 -17.64
C VAL H 91 -16.04 -30.07 -17.02
N VAL H 92 -14.95 -30.22 -17.78
CA VAL H 92 -13.85 -31.09 -17.42
C VAL H 92 -12.76 -30.23 -16.78
N GLY H 93 -12.05 -30.79 -15.81
CA GLY H 93 -10.90 -30.12 -15.25
C GLY H 93 -11.21 -29.01 -14.26
N VAL H 94 -12.42 -29.02 -13.65
CA VAL H 94 -12.73 -27.99 -12.66
C VAL H 94 -11.69 -27.95 -11.54
N SER H 95 -11.21 -29.12 -11.09
CA SER H 95 -10.24 -29.20 -9.98
C SER H 95 -8.93 -28.50 -10.33
N SER H 96 -8.66 -28.29 -11.62
CA SER H 96 -7.45 -27.55 -12.06
C SER H 96 -7.43 -26.11 -11.51
N LEU H 97 -8.60 -25.59 -11.10
CA LEU H 97 -8.67 -24.23 -10.52
C LEU H 97 -8.24 -24.21 -9.05
N VAL H 98 -8.00 -25.39 -8.45
CA VAL H 98 -7.43 -25.50 -7.12
C VAL H 98 -5.91 -25.37 -7.25
N ASN H 99 -5.47 -24.16 -7.54
CA ASN H 99 -4.05 -23.92 -7.85
C ASN H 99 -3.79 -22.45 -7.58
N VAL H 100 -2.99 -22.16 -6.56
CA VAL H 100 -2.65 -20.84 -6.15
C VAL H 100 -1.13 -20.65 -6.02
N HIS H 101 -0.37 -21.43 -6.77
CA HIS H 101 1.11 -21.29 -6.77
C HIS H 101 1.63 -20.94 -8.16
N MET H 102 0.74 -20.66 -9.11
CA MET H 102 1.16 -20.23 -10.45
C MET H 102 1.72 -18.82 -10.37
N ALA H 103 2.47 -18.44 -11.41
CA ALA H 103 3.13 -17.11 -11.44
C ALA H 103 2.07 -16.03 -11.69
N THR H 104 1.52 -15.52 -10.59
CA THR H 104 0.41 -14.58 -10.59
C THR H 104 0.66 -13.49 -9.54
N LYS H 105 -0.17 -12.45 -9.60
CA LYS H 105 -0.35 -11.54 -8.46
C LYS H 105 -0.70 -12.38 -7.23
N ARG H 106 -0.36 -11.88 -6.04
CA ARG H 106 -0.61 -12.65 -4.84
C ARG H 106 -1.17 -11.75 -3.72
N MET H 107 -1.80 -12.40 -2.74
CA MET H 107 -2.43 -11.73 -1.61
C MET H 107 -1.40 -11.31 -0.55
N TYR H 108 -1.80 -10.35 0.29
CA TYR H 108 -1.17 -10.00 1.57
C TYR H 108 0.33 -9.69 1.41
N ASP H 109 0.63 -8.61 0.69
CA ASP H 109 1.98 -8.03 0.65
C ASP H 109 3.00 -9.11 0.27
N ASP H 110 2.68 -9.87 -0.78
CA ASP H 110 3.55 -10.85 -1.41
C ASP H 110 3.86 -12.04 -0.49
N LYS H 111 3.01 -12.30 0.51
CA LYS H 111 3.21 -13.44 1.40
C LYS H 111 2.12 -14.50 1.23
N GLY H 112 0.98 -14.11 0.67
CA GLY H 112 -0.23 -14.96 0.62
C GLY H 112 -0.30 -15.75 -0.67
N ILE H 113 -1.46 -16.38 -0.89
CA ILE H 113 -1.67 -17.21 -2.06
C ILE H 113 -1.53 -16.38 -3.34
N GLY H 114 -1.15 -17.05 -4.42
CA GLY H 114 -1.37 -16.52 -5.74
C GLY H 114 -2.86 -16.41 -6.00
N PHE H 115 -3.26 -15.39 -6.77
CA PHE H 115 -4.67 -15.26 -7.14
C PHE H 115 -5.09 -16.48 -7.93
N PRO H 116 -6.18 -17.17 -7.55
CA PRO H 116 -6.72 -18.23 -8.40
C PRO H 116 -7.36 -17.58 -9.63
N VAL H 117 -7.58 -18.40 -10.66
CA VAL H 117 -8.36 -17.98 -11.80
C VAL H 117 -9.73 -17.56 -11.27
N GLU H 118 -10.14 -16.33 -11.57
CA GLU H 118 -11.38 -15.80 -10.99
C GLU H 118 -11.93 -14.69 -11.88
N GLY H 119 -13.20 -14.36 -11.64
CA GLY H 119 -13.89 -13.35 -12.38
C GLY H 119 -14.96 -13.96 -13.26
N MET H 120 -15.19 -13.28 -14.38
CA MET H 120 -16.26 -13.55 -15.31
C MET H 120 -16.35 -15.05 -15.64
N ASN H 121 -17.57 -15.60 -15.54
CA ASN H 121 -17.87 -16.94 -15.99
C ASN H 121 -18.93 -16.86 -17.08
N PHE H 122 -18.79 -17.70 -18.10
CA PHE H 122 -19.70 -17.80 -19.19
C PHE H 122 -19.74 -19.26 -19.62
N HIS H 123 -20.92 -19.87 -19.56
CA HIS H 123 -21.08 -21.28 -19.83
C HIS H 123 -22.28 -21.45 -20.74
N MET H 124 -22.06 -22.09 -21.90
N MET H 124 -22.07 -22.09 -21.90
CA MET H 124 -23.17 -22.40 -22.77
CA MET H 124 -23.16 -22.40 -22.78
C MET H 124 -22.85 -23.72 -23.50
C MET H 124 -22.85 -23.71 -23.50
N PHE H 125 -23.90 -24.50 -23.78
CA PHE H 125 -23.78 -25.60 -24.68
C PHE H 125 -25.06 -25.66 -25.51
N ALA H 126 -24.94 -26.31 -26.67
CA ALA H 126 -26.06 -26.50 -27.57
C ALA H 126 -25.90 -27.85 -28.26
N VAL H 127 -27.02 -28.55 -28.45
CA VAL H 127 -27.07 -29.78 -29.18
C VAL H 127 -28.21 -29.67 -30.19
N GLY H 128 -27.90 -29.93 -31.46
CA GLY H 128 -28.93 -29.81 -32.48
C GLY H 128 -28.69 -30.69 -33.69
N GLY H 129 -29.68 -30.68 -34.59
CA GLY H 129 -29.63 -31.47 -35.81
C GLY H 129 -29.19 -30.67 -37.03
N GLU H 130 -28.67 -29.48 -36.77
CA GLU H 130 -28.16 -28.56 -37.78
C GLU H 130 -27.32 -27.53 -37.05
N PRO H 131 -26.54 -26.68 -37.74
CA PRO H 131 -25.71 -25.70 -37.06
C PRO H 131 -26.55 -24.76 -36.17
N LEU H 132 -25.96 -24.35 -35.07
CA LEU H 132 -26.55 -23.38 -34.19
C LEU H 132 -26.70 -22.07 -34.97
N GLU H 133 -27.92 -21.52 -34.93
CA GLU H 133 -28.22 -20.28 -35.62
C GLU H 133 -27.91 -19.12 -34.69
N LEU H 134 -27.15 -18.14 -35.20
CA LEU H 134 -26.61 -17.04 -34.43
C LEU H 134 -27.25 -15.71 -34.85
N GLN H 135 -27.34 -14.82 -33.87
CA GLN H 135 -27.72 -13.43 -34.01
C GLN H 135 -26.52 -12.59 -33.61
N PHE H 136 -26.22 -11.56 -34.40
CA PHE H 136 -25.17 -10.64 -34.07
C PHE H 136 -25.71 -9.62 -33.06
N LEU H 137 -24.94 -9.35 -32.01
CA LEU H 137 -25.23 -8.29 -31.06
C LEU H 137 -23.95 -8.02 -30.27
N THR H 138 -23.57 -6.74 -30.23
CA THR H 138 -22.31 -6.34 -29.70
C THR H 138 -22.49 -5.15 -28.75
N GLY H 139 -21.57 -5.04 -27.79
CA GLY H 139 -21.43 -3.90 -26.94
C GLY H 139 -20.89 -2.65 -27.66
N ASN H 140 -20.24 -2.85 -28.81
CA ASN H 140 -19.61 -1.74 -29.56
C ASN H 140 -19.66 -2.07 -31.05
N TYR H 141 -20.54 -1.37 -31.78
CA TYR H 141 -20.76 -1.67 -33.19
C TYR H 141 -19.49 -1.45 -34.02
N ARG H 142 -18.58 -0.63 -33.51
CA ARG H 142 -17.39 -0.19 -34.23
C ARG H 142 -16.21 -1.16 -34.02
N THR H 143 -16.38 -2.24 -33.23
CA THR H 143 -15.25 -3.11 -32.95
C THR H 143 -14.62 -3.57 -34.26
N ASP H 144 -13.29 -3.48 -34.31
CA ASP H 144 -12.50 -3.78 -35.51
C ASP H 144 -11.78 -5.11 -35.30
N TYR H 145 -12.20 -6.13 -36.06
CA TYR H 145 -11.73 -7.51 -35.89
C TYR H 145 -10.60 -7.84 -36.90
N SER H 146 -10.04 -6.81 -37.56
CA SER H 146 -9.12 -7.04 -38.69
C SER H 146 -7.73 -7.51 -38.22
N ALA H 147 -7.45 -7.53 -36.92
CA ALA H 147 -6.18 -8.12 -36.44
C ALA H 147 -6.17 -9.64 -36.66
N ASN H 148 -7.34 -10.25 -36.88
CA ASN H 148 -7.42 -11.68 -37.05
C ASN H 148 -8.47 -12.00 -38.11
N ASP H 149 -8.00 -12.27 -39.33
CA ASP H 149 -8.92 -12.46 -40.46
C ASP H 149 -9.53 -13.87 -40.44
N LYS H 150 -9.16 -14.71 -39.47
CA LYS H 150 -9.78 -16.04 -39.34
C LYS H 150 -11.10 -15.95 -38.55
N LEU H 151 -11.38 -14.83 -37.89
CA LEU H 151 -12.65 -14.65 -37.18
C LEU H 151 -13.76 -14.42 -38.21
N VAL H 152 -14.96 -14.94 -37.92
CA VAL H 152 -16.11 -14.73 -38.76
C VAL H 152 -16.99 -13.66 -38.12
N VAL H 153 -17.07 -12.50 -38.78
CA VAL H 153 -17.84 -11.36 -38.32
C VAL H 153 -18.53 -10.74 -39.52
N PRO H 154 -19.57 -9.89 -39.33
CA PRO H 154 -20.24 -9.27 -40.46
C PRO H 154 -19.30 -8.34 -41.22
N PRO H 155 -19.47 -8.21 -42.55
CA PRO H 155 -18.60 -7.36 -43.36
C PRO H 155 -18.86 -5.86 -43.18
N ILE H 156 -20.04 -5.49 -42.68
CA ILE H 156 -20.44 -4.10 -42.50
C ILE H 156 -20.80 -3.90 -41.03
N LYS H 157 -20.60 -2.67 -40.56
CA LYS H 157 -20.89 -2.28 -39.20
C LYS H 157 -22.01 -1.25 -39.24
N HIS H 158 -22.87 -1.28 -38.23
CA HIS H 158 -23.93 -0.30 -38.10
C HIS H 158 -24.32 -0.16 -36.62
N GLN H 159 -24.71 1.06 -36.25
CA GLN H 159 -25.06 1.46 -34.90
C GLN H 159 -26.11 0.51 -34.30
N SER H 160 -27.01 0.00 -35.13
CA SER H 160 -28.18 -0.76 -34.69
C SER H 160 -27.78 -2.13 -34.10
N THR H 161 -26.54 -2.57 -34.37
CA THR H 161 -26.08 -3.89 -33.92
C THR H 161 -25.75 -3.88 -32.42
N GLN H 162 -25.89 -2.76 -31.72
CA GLN H 162 -25.83 -2.73 -30.26
C GLN H 162 -27.18 -3.16 -29.67
N GLY H 163 -28.19 -3.29 -30.52
CA GLY H 163 -29.43 -3.98 -30.21
C GLY H 163 -29.59 -5.17 -31.13
N LEU H 164 -30.81 -5.66 -31.27
CA LEU H 164 -31.12 -6.78 -32.13
C LEU H 164 -31.53 -6.23 -33.50
N ASN H 165 -30.66 -6.41 -34.48
CA ASN H 165 -30.96 -6.12 -35.89
C ASN H 165 -31.00 -7.46 -36.61
N PRO H 166 -32.19 -7.93 -36.99
CA PRO H 166 -32.33 -9.26 -37.58
C PRO H 166 -31.70 -9.40 -38.97
N HIS H 167 -31.13 -8.34 -39.53
CA HIS H 167 -30.38 -8.43 -40.79
C HIS H 167 -28.99 -9.02 -40.56
N TYR H 168 -28.56 -9.17 -39.30
CA TYR H 168 -27.23 -9.65 -39.01
C TYR H 168 -27.30 -11.00 -38.29
N LYS H 169 -27.26 -12.08 -39.07
CA LYS H 169 -27.33 -13.44 -38.59
C LYS H 169 -26.20 -14.28 -39.19
N GLN H 170 -26.00 -15.48 -38.64
CA GLN H 170 -25.01 -16.41 -39.12
C GLN H 170 -25.39 -17.81 -38.61
N LYS H 171 -24.60 -18.79 -39.03
CA LYS H 171 -24.68 -20.14 -38.49
C LYS H 171 -23.28 -20.52 -38.00
N LEU H 172 -23.26 -21.26 -36.88
CA LEU H 172 -22.00 -21.63 -36.24
C LEU H 172 -21.43 -22.87 -36.97
N THR H 173 -20.60 -22.61 -37.98
CA THR H 173 -20.13 -23.63 -38.89
C THR H 173 -18.62 -23.82 -38.79
N LYS H 174 -17.94 -23.07 -37.92
CA LYS H 174 -16.51 -23.19 -37.79
C LYS H 174 -16.11 -23.08 -36.31
N ASP H 175 -15.31 -24.03 -35.84
CA ASP H 175 -14.71 -24.05 -34.52
C ASP H 175 -13.70 -22.94 -34.36
N GLY H 176 -13.70 -22.27 -33.21
CA GLY H 176 -12.64 -21.34 -32.86
C GLY H 176 -12.60 -20.10 -33.74
N ALA H 177 -13.75 -19.66 -34.26
CA ALA H 177 -13.77 -18.58 -35.26
C ALA H 177 -14.87 -17.54 -35.01
N PHE H 178 -15.96 -17.90 -34.32
CA PHE H 178 -17.06 -16.97 -34.08
C PHE H 178 -16.92 -16.37 -32.68
N PRO H 179 -16.60 -15.06 -32.54
CA PRO H 179 -16.44 -14.46 -31.21
C PRO H 179 -17.74 -14.50 -30.38
N VAL H 180 -17.60 -14.87 -29.11
N VAL H 180 -17.60 -14.87 -29.11
CA VAL H 180 -18.76 -14.93 -28.22
CA VAL H 180 -18.76 -14.94 -28.23
C VAL H 180 -19.26 -13.50 -27.97
C VAL H 180 -19.26 -13.50 -27.97
N GLU H 181 -18.35 -12.52 -27.99
CA GLU H 181 -18.68 -11.15 -27.68
C GLU H 181 -19.67 -10.52 -28.67
N CYS H 182 -19.82 -11.08 -29.88
CA CYS H 182 -20.69 -10.44 -30.86
C CYS H 182 -21.70 -11.41 -31.49
N TRP H 183 -21.67 -12.69 -31.11
CA TRP H 183 -22.61 -13.67 -31.62
C TRP H 183 -23.27 -14.40 -30.45
N CYS H 184 -24.60 -14.48 -30.48
CA CYS H 184 -25.39 -15.20 -29.50
C CYS H 184 -26.37 -16.11 -30.24
N PRO H 185 -27.01 -17.09 -29.55
CA PRO H 185 -28.04 -17.89 -30.17
C PRO H 185 -29.18 -16.98 -30.66
N ASP H 186 -29.71 -17.30 -31.84
CA ASP H 186 -30.81 -16.60 -32.42
C ASP H 186 -32.09 -17.21 -31.87
N PRO H 187 -32.82 -16.52 -30.97
CA PRO H 187 -33.99 -17.13 -30.34
C PRO H 187 -35.18 -17.26 -31.31
N SER H 188 -35.13 -16.56 -32.45
CA SER H 188 -36.20 -16.57 -33.45
C SER H 188 -36.08 -17.79 -34.36
N LYS H 189 -34.95 -18.51 -34.28
CA LYS H 189 -34.74 -19.74 -35.04
C LYS H 189 -34.42 -20.86 -34.05
N ASN H 190 -33.48 -21.75 -34.40
CA ASN H 190 -33.03 -22.82 -33.53
C ASN H 190 -34.19 -23.72 -33.11
N GLU H 191 -35.15 -23.97 -34.02
CA GLU H 191 -36.25 -24.87 -33.72
C GLU H 191 -35.75 -26.31 -33.55
N ASN H 192 -34.58 -26.62 -34.08
CA ASN H 192 -34.06 -27.95 -34.17
C ASN H 192 -32.77 -28.08 -33.35
N THR H 193 -32.57 -27.16 -32.40
CA THR H 193 -31.42 -27.15 -31.49
C THR H 193 -31.94 -26.80 -30.08
N ARG H 194 -31.32 -27.37 -29.04
CA ARG H 194 -31.56 -26.94 -27.68
C ARG H 194 -30.30 -26.26 -27.18
N TYR H 195 -30.42 -25.07 -26.58
CA TYR H 195 -29.25 -24.40 -26.00
C TYR H 195 -29.54 -23.90 -24.59
N TYR H 196 -28.47 -23.85 -23.77
CA TYR H 196 -28.53 -23.46 -22.38
C TYR H 196 -27.28 -22.64 -22.10
N GLY H 197 -27.46 -21.47 -21.46
CA GLY H 197 -26.32 -20.64 -21.19
C GLY H 197 -26.49 -19.83 -19.91
N SER H 198 -25.35 -19.42 -19.35
CA SER H 198 -25.33 -18.57 -18.19
C SER H 198 -24.11 -17.65 -18.24
N TYR H 199 -24.25 -16.49 -17.60
CA TYR H 199 -23.20 -15.52 -17.49
C TYR H 199 -23.21 -15.00 -16.05
N THR H 200 -22.02 -14.96 -15.45
CA THR H 200 -21.81 -14.33 -14.17
C THR H 200 -20.64 -13.37 -14.32
N GLY H 201 -20.89 -12.07 -14.14
CA GLY H 201 -19.91 -11.08 -14.48
C GLY H 201 -19.14 -10.57 -13.29
N GLY H 202 -18.79 -9.29 -13.35
CA GLY H 202 -17.99 -8.63 -12.32
C GLY H 202 -16.50 -8.84 -12.56
N GLN H 203 -15.69 -8.31 -11.65
CA GLN H 203 -14.23 -8.16 -11.85
C GLN H 203 -13.42 -9.38 -11.37
N SER H 204 -13.63 -9.78 -10.10
CA SER H 204 -12.84 -10.83 -9.44
C SER H 204 -13.78 -11.88 -8.82
N THR H 205 -14.99 -11.96 -9.36
CA THR H 205 -16.07 -12.78 -8.85
C THR H 205 -15.62 -14.24 -8.68
N PRO H 206 -15.98 -14.90 -7.57
CA PRO H 206 -15.69 -16.33 -7.39
C PRO H 206 -16.35 -17.15 -8.50
N PRO H 207 -15.60 -18.00 -9.21
CA PRO H 207 -16.21 -19.02 -10.04
C PRO H 207 -16.99 -20.00 -9.15
N VAL H 208 -18.19 -20.36 -9.58
CA VAL H 208 -19.02 -21.33 -8.88
C VAL H 208 -19.36 -22.41 -9.91
N LEU H 209 -18.79 -23.60 -9.74
CA LEU H 209 -18.81 -24.64 -10.77
C LEU H 209 -19.16 -25.96 -10.13
N GLN H 210 -19.78 -26.86 -10.91
CA GLN H 210 -20.16 -28.17 -10.46
C GLN H 210 -19.73 -29.19 -11.53
N PHE H 211 -19.52 -30.43 -11.10
CA PHE H 211 -19.24 -31.52 -12.02
C PHE H 211 -19.78 -32.81 -11.41
N THR H 212 -20.48 -33.59 -12.23
CA THR H 212 -21.02 -34.87 -11.81
C THR H 212 -21.28 -35.68 -13.07
N ASN H 213 -21.32 -37.00 -12.92
CA ASN H 213 -21.66 -37.87 -14.03
C ASN H 213 -23.08 -38.43 -13.86
N THR H 214 -23.93 -37.74 -13.08
CA THR H 214 -25.24 -38.28 -12.71
C THR H 214 -26.41 -37.51 -13.32
N VAL H 215 -26.16 -36.47 -14.11
CA VAL H 215 -27.23 -35.59 -14.57
C VAL H 215 -27.49 -35.76 -16.09
N THR H 216 -28.74 -36.06 -16.42
CA THR H 216 -29.19 -36.22 -17.78
C THR H 216 -30.12 -35.05 -18.13
N THR H 217 -29.78 -34.34 -19.20
CA THR H 217 -30.58 -33.25 -19.73
C THR H 217 -31.45 -33.77 -20.87
N VAL H 218 -32.77 -33.69 -20.70
CA VAL H 218 -33.71 -34.14 -21.73
C VAL H 218 -33.75 -33.11 -22.85
N LEU H 219 -33.61 -33.57 -24.10
CA LEU H 219 -33.58 -32.68 -25.29
C LEU H 219 -34.94 -32.68 -26.01
N LEU H 220 -35.87 -33.53 -25.59
CA LEU H 220 -37.21 -33.52 -26.20
C LEU H 220 -37.88 -32.18 -25.90
N ASP H 221 -38.62 -31.67 -26.88
CA ASP H 221 -39.38 -30.45 -26.74
C ASP H 221 -40.73 -30.78 -26.08
N GLU H 222 -41.61 -29.78 -26.04
CA GLU H 222 -42.91 -29.90 -25.39
C GLU H 222 -43.82 -30.90 -26.12
N ASN H 223 -43.47 -31.25 -27.37
CA ASN H 223 -44.22 -32.25 -28.14
C ASN H 223 -43.57 -33.63 -28.07
N GLY H 224 -42.52 -33.78 -27.26
CA GLY H 224 -41.82 -35.05 -27.12
C GLY H 224 -40.87 -35.35 -28.28
N VAL H 225 -40.45 -34.32 -28.99
CA VAL H 225 -39.57 -34.49 -30.14
C VAL H 225 -38.22 -33.82 -29.86
N GLY H 226 -37.16 -34.59 -30.08
CA GLY H 226 -35.81 -34.08 -29.92
C GLY H 226 -35.30 -33.48 -31.23
N PRO H 227 -34.12 -32.82 -31.20
CA PRO H 227 -33.46 -32.39 -32.43
C PRO H 227 -33.38 -33.55 -33.44
N LEU H 228 -33.76 -33.26 -34.69
CA LEU H 228 -33.71 -34.25 -35.77
C LEU H 228 -32.49 -33.94 -36.66
N CYS H 229 -31.66 -34.95 -36.86
CA CYS H 229 -30.34 -34.76 -37.42
C CYS H 229 -30.39 -34.82 -38.95
N LYS H 230 -30.40 -33.63 -39.55
CA LYS H 230 -30.50 -33.46 -40.99
C LYS H 230 -29.17 -33.87 -41.63
N GLY H 231 -29.28 -34.72 -42.65
CA GLY H 231 -28.09 -35.23 -43.32
C GLY H 231 -27.23 -36.08 -42.40
N ASP H 232 -27.85 -36.69 -41.38
CA ASP H 232 -27.19 -37.56 -40.42
C ASP H 232 -26.01 -36.85 -39.75
N GLY H 233 -26.18 -35.56 -39.47
CA GLY H 233 -25.19 -34.78 -38.73
C GLY H 233 -25.74 -34.29 -37.39
N LEU H 234 -24.94 -34.47 -36.34
CA LEU H 234 -25.22 -34.00 -34.99
C LEU H 234 -24.27 -32.84 -34.70
N TYR H 235 -24.82 -31.70 -34.26
CA TYR H 235 -24.05 -30.50 -34.04
C TYR H 235 -24.00 -30.19 -32.54
N VAL H 236 -22.78 -30.01 -32.04
CA VAL H 236 -22.52 -29.77 -30.65
C VAL H 236 -21.66 -28.52 -30.56
N SER H 237 -22.06 -27.58 -29.68
CA SER H 237 -21.39 -26.32 -29.57
C SER H 237 -21.28 -25.94 -28.09
N CYS H 238 -20.25 -25.19 -27.73
CA CYS H 238 -20.15 -24.74 -26.34
C CYS H 238 -19.14 -23.61 -26.19
N CYS H 239 -19.15 -23.05 -24.98
CA CYS H 239 -18.12 -22.15 -24.50
C CYS H 239 -18.15 -22.20 -22.97
N ASP H 240 -16.97 -22.28 -22.35
CA ASP H 240 -16.86 -22.39 -20.89
C ASP H 240 -15.67 -21.58 -20.39
N ILE H 241 -15.94 -20.31 -20.13
CA ILE H 241 -15.02 -19.40 -19.51
C ILE H 241 -15.15 -19.48 -18.00
N VAL H 242 -14.03 -19.70 -17.30
CA VAL H 242 -14.07 -19.87 -15.85
C VAL H 242 -13.39 -18.71 -15.12
N GLY H 243 -12.86 -17.74 -15.88
CA GLY H 243 -12.36 -16.53 -15.25
C GLY H 243 -11.09 -16.05 -15.94
N PHE H 244 -10.29 -15.28 -15.20
CA PHE H 244 -9.05 -14.72 -15.70
C PHE H 244 -7.90 -15.16 -14.79
N LEU H 245 -6.76 -15.44 -15.43
CA LEU H 245 -5.49 -15.58 -14.78
C LEU H 245 -4.84 -14.19 -14.69
N VAL H 246 -4.43 -13.80 -13.50
CA VAL H 246 -3.88 -12.49 -13.25
C VAL H 246 -2.36 -12.63 -13.07
N GLY H 247 -1.61 -12.16 -14.07
CA GLY H 247 -0.16 -12.22 -14.02
C GLY H 247 0.40 -11.28 -12.97
N LYS H 248 1.70 -11.44 -12.70
CA LYS H 248 2.42 -10.69 -11.68
C LYS H 248 2.22 -9.18 -11.84
N ASP H 249 2.23 -8.68 -13.08
CA ASP H 249 2.16 -7.23 -13.30
C ASP H 249 0.70 -6.77 -13.52
N GLY H 250 -0.25 -7.69 -13.42
CA GLY H 250 -1.66 -7.32 -13.60
C GLY H 250 -2.21 -7.65 -14.97
N ASP H 251 -1.39 -8.16 -15.88
CA ASP H 251 -1.84 -8.60 -17.21
C ASP H 251 -2.77 -9.80 -17.04
N MET H 252 -3.88 -9.84 -17.80
CA MET H 252 -4.90 -10.86 -17.55
C MET H 252 -5.20 -11.62 -18.85
N GLN H 253 -5.52 -12.91 -18.69
CA GLN H 253 -5.90 -13.77 -19.80
C GLN H 253 -7.16 -14.54 -19.39
N TYR H 254 -8.09 -14.71 -20.33
CA TYR H 254 -9.20 -15.62 -20.16
C TYR H 254 -8.67 -17.04 -19.97
N ARG H 255 -9.35 -17.81 -19.12
CA ARG H 255 -9.14 -19.22 -18.95
C ARG H 255 -10.45 -19.95 -19.27
N GLY H 256 -10.37 -20.97 -20.13
CA GLY H 256 -11.47 -21.82 -20.44
C GLY H 256 -11.17 -23.28 -20.12
N LEU H 257 -12.25 -24.08 -20.03
CA LEU H 257 -12.15 -25.50 -19.75
C LEU H 257 -12.87 -26.28 -20.85
N PRO H 258 -12.49 -27.55 -21.05
CA PRO H 258 -13.15 -28.40 -22.04
C PRO H 258 -14.53 -28.84 -21.53
N ARG H 259 -15.36 -29.32 -22.46
CA ARG H 259 -16.65 -29.84 -22.11
C ARG H 259 -16.80 -31.22 -22.76
N TYR H 260 -17.36 -32.14 -21.98
CA TYR H 260 -17.66 -33.49 -22.41
C TYR H 260 -19.16 -33.62 -22.69
N PHE H 261 -19.50 -34.46 -23.67
CA PHE H 261 -20.88 -34.73 -24.03
C PHE H 261 -21.09 -36.22 -24.27
N ASN H 262 -22.20 -36.74 -23.76
CA ASN H 262 -22.67 -38.09 -24.06
C ASN H 262 -24.13 -37.94 -24.49
N ILE H 263 -24.40 -38.09 -25.79
CA ILE H 263 -25.71 -37.83 -26.37
C ILE H 263 -26.33 -39.15 -26.79
N LEU H 264 -27.58 -39.37 -26.35
CA LEU H 264 -28.36 -40.53 -26.72
C LEU H 264 -29.29 -40.14 -27.88
N LEU H 265 -29.28 -40.96 -28.93
CA LEU H 265 -30.12 -40.72 -30.10
C LEU H 265 -30.92 -41.99 -30.42
N ARG H 266 -32.10 -41.77 -31.02
CA ARG H 266 -32.99 -42.85 -31.42
C ARG H 266 -33.46 -42.60 -32.84
N LYS H 267 -33.86 -43.67 -33.52
CA LYS H 267 -34.36 -43.59 -34.88
C LYS H 267 -35.82 -43.16 -34.84
N ARG H 268 -36.15 -42.18 -35.68
CA ARG H 268 -37.47 -41.62 -35.80
C ARG H 268 -37.89 -41.63 -37.28
N THR H 269 -39.07 -42.19 -37.54
CA THR H 269 -39.68 -42.13 -38.87
C THR H 269 -40.27 -40.74 -39.07
N VAL H 270 -40.03 -40.15 -40.24
CA VAL H 270 -40.59 -38.86 -40.62
C VAL H 270 -41.16 -38.99 -42.05
N ARG H 271 -42.06 -38.07 -42.41
CA ARG H 271 -42.66 -38.03 -43.75
C ARG H 271 -41.66 -37.40 -44.72
N ASN H 272 -41.58 -38.01 -45.92
CA ASN H 272 -40.67 -37.60 -46.99
C ASN H 272 -41.50 -36.90 -48.07
N ASN I 1 -19.60 -54.54 -19.62
CA ASN I 1 -18.89 -55.86 -19.58
C ASN I 1 -19.56 -56.82 -18.58
N ILE I 2 -20.18 -56.31 -17.50
CA ILE I 2 -20.96 -57.14 -16.56
C ILE I 2 -22.41 -57.21 -17.04
N GLU I 3 -22.92 -58.41 -17.31
CA GLU I 3 -24.35 -58.62 -17.60
C GLU I 3 -25.10 -58.72 -16.25
N VAL I 4 -25.96 -57.73 -15.98
CA VAL I 4 -26.63 -57.61 -14.71
C VAL I 4 -27.94 -58.39 -14.77
N LEU I 5 -28.20 -59.23 -13.77
CA LEU I 5 -29.44 -60.01 -13.73
C LEU I 5 -30.27 -59.50 -12.54
N ASN I 6 -30.97 -60.40 -11.84
CA ASN I 6 -31.97 -60.01 -10.87
C ASN I 6 -31.31 -59.74 -9.52
N LEU I 7 -32.01 -58.96 -8.70
CA LEU I 7 -31.70 -58.79 -7.29
C LEU I 7 -31.85 -60.13 -6.56
N VAL I 8 -30.98 -60.34 -5.58
CA VAL I 8 -31.14 -61.38 -4.59
C VAL I 8 -32.04 -60.81 -3.48
N THR I 9 -33.09 -61.55 -3.10
CA THR I 9 -34.06 -61.06 -2.13
C THR I 9 -33.84 -61.75 -0.78
N GLY I 10 -34.44 -61.18 0.24
CA GLY I 10 -34.56 -61.83 1.54
C GLY I 10 -33.73 -61.08 2.58
N PRO I 11 -33.70 -61.54 3.84
CA PRO I 11 -33.21 -60.71 4.93
C PRO I 11 -31.72 -60.44 4.87
N ASP I 12 -30.82 -61.35 4.49
CA ASP I 12 -29.41 -60.96 4.55
C ASP I 12 -28.95 -60.52 3.15
N SER I 13 -29.85 -59.90 2.38
CA SER I 13 -29.51 -59.44 1.00
C SER I 13 -28.89 -58.05 1.01
N ILE I 14 -28.80 -57.40 2.18
CA ILE I 14 -28.42 -55.99 2.37
C ILE I 14 -27.25 -55.93 3.34
N THR I 15 -26.36 -54.95 3.15
CA THR I 15 -25.33 -54.66 4.12
C THR I 15 -25.04 -53.15 4.06
N THR I 16 -24.41 -52.62 5.11
CA THR I 16 -24.07 -51.19 5.13
C THR I 16 -22.59 -51.09 5.48
N ILE I 17 -21.93 -50.10 4.88
CA ILE I 17 -20.55 -49.81 5.14
C ILE I 17 -20.48 -48.38 5.63
N GLU I 18 -19.81 -48.18 6.76
CA GLU I 18 -19.66 -46.88 7.37
C GLU I 18 -18.18 -46.57 7.47
N LEU I 19 -17.74 -45.39 7.01
CA LEU I 19 -16.33 -45.04 7.14
C LEU I 19 -16.18 -43.52 7.07
N TYR I 20 -14.99 -43.05 7.40
CA TYR I 20 -14.63 -41.66 7.17
C TYR I 20 -13.27 -41.66 6.45
N LEU I 21 -13.02 -40.56 5.73
CA LEU I 21 -11.73 -40.29 5.17
C LEU I 21 -11.26 -38.94 5.69
N ASN I 22 -10.04 -38.94 6.25
CA ASN I 22 -9.40 -37.71 6.69
C ASN I 22 -8.83 -37.00 5.47
N THR I 23 -8.72 -35.68 5.59
CA THR I 23 -8.31 -34.80 4.52
C THR I 23 -6.81 -34.98 4.25
N ARG I 24 -6.42 -34.72 3.01
CA ARG I 24 -5.04 -34.81 2.55
C ARG I 24 -4.66 -33.47 1.92
N MET I 25 -4.45 -32.47 2.78
CA MET I 25 -4.19 -31.12 2.32
C MET I 25 -2.69 -30.92 2.05
N GLY I 26 -1.83 -31.79 2.58
CA GLY I 26 -0.41 -31.71 2.30
C GLY I 26 0.44 -32.14 3.49
N GLN I 27 0.06 -31.71 4.70
CA GLN I 27 0.60 -32.31 5.93
C GLN I 27 -0.35 -33.44 6.34
N ASN I 28 -0.01 -34.67 5.92
CA ASN I 28 -0.94 -35.78 5.96
C ASN I 28 -0.58 -36.79 7.05
N ASP I 29 0.32 -36.40 7.95
CA ASP I 29 0.75 -37.26 9.06
C ASP I 29 0.05 -36.82 10.35
N GLU I 30 -0.83 -37.68 10.86
CA GLU I 30 -1.70 -37.35 11.99
C GLU I 30 -0.91 -37.16 13.29
N SER I 31 0.38 -37.50 13.29
CA SER I 31 1.22 -37.35 14.49
C SER I 31 1.98 -36.02 14.49
N LYS I 32 1.87 -35.23 13.42
CA LYS I 32 2.67 -34.01 13.27
C LYS I 32 1.77 -32.77 13.33
N ASP I 33 2.38 -31.64 13.68
CA ASP I 33 1.68 -30.38 13.73
C ASP I 33 1.18 -30.08 12.31
N ASN I 34 0.15 -29.24 12.23
CA ASN I 34 -0.41 -28.80 10.93
C ASN I 34 -1.12 -29.93 10.20
N TYR I 35 -1.46 -31.02 10.89
CA TYR I 35 -2.23 -32.08 10.27
C TYR I 35 -3.58 -31.50 9.80
N GLY I 36 -4.01 -31.87 8.60
CA GLY I 36 -5.29 -31.36 8.07
C GLY I 36 -5.16 -30.00 7.44
N TYR I 37 -3.92 -29.53 7.28
CA TYR I 37 -3.61 -28.31 6.58
C TYR I 37 -2.52 -28.61 5.56
N SER I 38 -2.36 -27.73 4.57
CA SER I 38 -1.19 -27.79 3.70
C SER I 38 -0.03 -27.12 4.42
N GLU I 39 1.17 -27.36 3.89
CA GLU I 39 2.28 -26.45 4.17
C GLU I 39 1.97 -25.10 3.53
N LYS I 40 2.72 -24.08 3.96
CA LYS I 40 2.55 -22.72 3.45
C LYS I 40 2.61 -22.69 1.92
N VAL I 41 1.67 -21.98 1.31
CA VAL I 41 1.62 -21.80 -0.12
C VAL I 41 2.75 -20.88 -0.57
N THR I 42 3.41 -21.27 -1.65
CA THR I 42 4.43 -20.45 -2.33
C THR I 42 3.96 -20.16 -3.75
N VAL I 43 4.58 -19.16 -4.38
CA VAL I 43 4.12 -18.66 -5.67
C VAL I 43 5.31 -18.63 -6.64
N ALA I 44 5.11 -19.24 -7.81
CA ALA I 44 6.12 -19.34 -8.86
C ALA I 44 6.58 -17.94 -9.28
N ASN I 45 7.90 -17.81 -9.51
CA ASN I 45 8.45 -16.56 -10.06
C ASN I 45 8.06 -16.45 -11.53
N SER I 46 7.97 -17.58 -12.22
CA SER I 46 7.54 -17.60 -13.61
C SER I 46 6.95 -18.96 -13.90
N SER I 47 6.22 -19.07 -15.01
CA SER I 47 5.47 -20.31 -15.30
C SER I 47 6.43 -21.45 -15.64
N ASP I 48 7.67 -21.14 -16.06
CA ASP I 48 8.66 -22.19 -16.35
C ASP I 48 9.52 -22.49 -15.12
N GLN I 49 9.24 -21.85 -13.98
CA GLN I 49 9.87 -22.16 -12.69
C GLN I 49 8.76 -22.31 -11.62
N ASP I 50 7.80 -23.17 -11.93
CA ASP I 50 6.60 -23.36 -11.10
C ASP I 50 6.75 -24.74 -10.45
N LYS I 51 7.30 -24.73 -9.24
CA LYS I 51 7.71 -25.92 -8.54
C LYS I 51 7.17 -25.88 -7.12
N PRO I 52 5.94 -26.39 -6.88
CA PRO I 52 5.39 -26.37 -5.53
C PRO I 52 6.33 -27.08 -4.53
N THR I 53 6.43 -26.49 -3.33
CA THR I 53 7.15 -27.10 -2.25
C THR I 53 6.44 -28.41 -1.84
N SER I 54 7.22 -29.29 -1.20
CA SER I 54 6.69 -30.52 -0.69
C SER I 54 5.62 -30.21 0.37
N GLY I 55 4.44 -30.77 0.19
CA GLY I 55 3.38 -30.67 1.20
C GLY I 55 2.46 -29.46 1.00
N GLU I 56 2.64 -28.63 -0.05
CA GLU I 56 1.75 -27.45 -0.18
C GLU I 56 0.56 -27.73 -1.11
N ILE I 57 0.42 -28.97 -1.59
CA ILE I 57 -0.54 -29.32 -2.64
C ILE I 57 -1.58 -30.32 -2.12
N PRO I 58 -2.88 -30.00 -2.13
CA PRO I 58 -3.91 -30.98 -1.75
C PRO I 58 -4.04 -32.14 -2.75
N THR I 59 -4.35 -33.32 -2.20
CA THR I 59 -4.51 -34.53 -2.96
C THR I 59 -5.88 -35.15 -2.61
N TYR I 60 -6.33 -36.08 -3.44
CA TYR I 60 -7.53 -36.81 -3.16
C TYR I 60 -7.31 -37.78 -1.99
N SER I 61 -8.37 -37.93 -1.19
CA SER I 61 -8.49 -38.98 -0.23
C SER I 61 -9.17 -40.18 -0.92
N THR I 62 -8.77 -41.39 -0.55
CA THR I 62 -9.40 -42.55 -1.17
C THR I 62 -9.14 -43.77 -0.28
N ALA I 63 -10.09 -44.72 -0.36
CA ALA I 63 -9.92 -46.03 0.29
C ALA I 63 -10.68 -47.06 -0.52
N ARG I 64 -10.19 -48.29 -0.46
CA ARG I 64 -10.89 -49.47 -0.90
C ARG I 64 -11.34 -50.22 0.36
N ILE I 65 -12.64 -50.52 0.46
CA ILE I 65 -13.17 -51.24 1.59
C ILE I 65 -13.51 -52.66 1.15
N ASN I 66 -13.04 -53.65 1.93
CA ASN I 66 -13.35 -55.06 1.69
C ASN I 66 -14.79 -55.34 2.11
N LEU I 67 -15.54 -55.96 1.21
CA LEU I 67 -16.92 -56.28 1.48
C LEU I 67 -17.02 -57.76 1.85
N PRO I 68 -18.13 -58.20 2.47
CA PRO I 68 -18.31 -59.63 2.76
C PRO I 68 -18.22 -60.46 1.47
N MET I 69 -17.43 -61.54 1.52
CA MET I 69 -17.29 -62.48 0.39
C MET I 69 -18.64 -63.13 0.11
N LEU I 70 -18.94 -63.33 -1.18
CA LEU I 70 -20.21 -63.91 -1.61
C LEU I 70 -20.05 -65.28 -2.30
N ASN I 71 -19.04 -65.38 -3.17
CA ASN I 71 -18.97 -66.45 -4.16
C ASN I 71 -18.04 -67.57 -3.65
N SER I 76 -19.90 -71.29 -11.44
CA SER I 76 -21.29 -71.37 -11.87
C SER I 76 -21.54 -70.43 -13.06
N ASN I 77 -22.77 -70.49 -13.59
CA ASN I 77 -23.27 -69.65 -14.64
C ASN I 77 -23.35 -68.17 -14.19
N THR I 78 -23.68 -67.97 -12.90
CA THR I 78 -23.87 -66.63 -12.32
C THR I 78 -23.01 -66.47 -11.06
N LEU I 79 -22.80 -65.21 -10.69
CA LEU I 79 -22.14 -64.84 -9.44
C LEU I 79 -23.01 -63.77 -8.76
N THR I 80 -22.72 -63.53 -7.48
CA THR I 80 -23.35 -62.44 -6.75
C THR I 80 -22.31 -61.34 -6.57
N MET I 81 -22.73 -60.10 -6.77
CA MET I 81 -21.93 -58.93 -6.45
C MET I 81 -22.73 -57.98 -5.55
N TRP I 82 -21.98 -57.22 -4.74
CA TRP I 82 -22.54 -56.13 -4.01
C TRP I 82 -22.76 -54.93 -4.94
N GLU I 83 -23.97 -54.38 -4.87
CA GLU I 83 -24.39 -53.22 -5.63
C GLU I 83 -24.64 -52.07 -4.64
N ALA I 84 -23.93 -50.96 -4.81
CA ALA I 84 -24.13 -49.78 -3.96
C ALA I 84 -25.38 -49.05 -4.40
N VAL I 85 -26.36 -48.94 -3.49
CA VAL I 85 -27.69 -48.40 -3.77
C VAL I 85 -27.73 -46.90 -3.46
N SER I 86 -27.14 -46.51 -2.34
CA SER I 86 -27.29 -45.15 -1.84
C SER I 86 -26.17 -44.83 -0.86
N VAL I 87 -25.97 -43.54 -0.62
CA VAL I 87 -25.00 -43.11 0.34
C VAL I 87 -25.54 -41.89 1.10
N LYS I 88 -25.26 -41.87 2.40
CA LYS I 88 -25.41 -40.70 3.24
C LYS I 88 -24.00 -40.20 3.53
N THR I 89 -23.70 -38.97 3.12
CA THR I 89 -22.33 -38.46 3.30
C THR I 89 -22.42 -37.05 3.88
N GLU I 90 -21.47 -36.72 4.73
CA GLU I 90 -21.43 -35.44 5.42
C GLU I 90 -19.99 -35.01 5.61
N VAL I 91 -19.77 -33.70 5.57
CA VAL I 91 -18.52 -33.10 5.98
C VAL I 91 -18.54 -33.01 7.49
N VAL I 92 -17.45 -33.47 8.12
CA VAL I 92 -17.34 -33.57 9.56
C VAL I 92 -16.55 -32.35 10.06
N GLY I 93 -16.93 -31.84 11.23
CA GLY I 93 -16.14 -30.80 11.89
C GLY I 93 -16.34 -29.41 11.29
N VAL I 94 -17.50 -29.19 10.64
CA VAL I 94 -17.79 -27.84 10.14
C VAL I 94 -17.71 -26.79 11.26
N SER I 95 -18.18 -27.14 12.46
CA SER I 95 -18.20 -26.18 13.60
C SER I 95 -16.79 -25.74 14.00
N SER I 96 -15.77 -26.52 13.62
CA SER I 96 -14.36 -26.15 13.90
C SER I 96 -13.98 -24.82 13.23
N LEU I 97 -14.75 -24.40 12.21
CA LEU I 97 -14.49 -23.12 11.52
C LEU I 97 -15.03 -21.93 12.32
N VAL I 98 -15.77 -22.19 13.41
CA VAL I 98 -16.22 -21.14 14.31
C VAL I 98 -15.09 -20.86 15.30
N ASN I 99 -14.04 -20.25 14.78
CA ASN I 99 -12.82 -20.03 15.57
C ASN I 99 -12.11 -18.83 14.97
N VAL I 100 -12.05 -17.75 15.74
CA VAL I 100 -11.41 -16.52 15.28
C VAL I 100 -10.41 -16.01 16.33
N HIS I 101 -9.88 -16.92 17.16
CA HIS I 101 -8.82 -16.55 18.12
C HIS I 101 -7.50 -17.25 17.82
N MET I 102 -7.41 -17.97 16.68
CA MET I 102 -6.17 -18.63 16.30
C MET I 102 -5.15 -17.57 15.88
N ALA I 103 -3.88 -17.96 15.85
CA ALA I 103 -2.80 -17.03 15.51
C ALA I 103 -2.83 -16.75 14.01
N THR I 104 -3.58 -15.71 13.64
CA THR I 104 -3.87 -15.32 12.29
C THR I 104 -3.78 -13.80 12.17
N LYS I 105 -3.77 -13.32 10.92
CA LYS I 105 -4.08 -11.93 10.61
C LYS I 105 -5.43 -11.58 11.24
N ARG I 106 -5.63 -10.31 11.58
CA ARG I 106 -6.87 -9.95 12.24
C ARG I 106 -7.44 -8.65 11.66
N MET I 107 -8.74 -8.44 11.92
CA MET I 107 -9.48 -7.30 11.40
C MET I 107 -9.20 -6.04 12.24
N TYR I 108 -9.48 -4.88 11.64
CA TYR I 108 -9.66 -3.57 12.32
C TYR I 108 -8.43 -3.21 13.15
N ASP I 109 -7.30 -3.00 12.48
CA ASP I 109 -6.09 -2.42 13.09
C ASP I 109 -5.71 -3.21 14.35
N ASP I 110 -5.70 -4.53 14.23
CA ASP I 110 -5.22 -5.47 15.26
C ASP I 110 -6.11 -5.46 16.50
N LYS I 111 -7.37 -5.02 16.39
CA LYS I 111 -8.29 -5.03 17.51
C LYS I 111 -9.44 -6.04 17.32
N GLY I 112 -9.69 -6.44 16.05
CA GLY I 112 -10.84 -7.25 15.70
C GLY I 112 -10.54 -8.74 15.71
N ILE I 113 -11.49 -9.54 15.20
CA ILE I 113 -11.36 -10.96 15.14
C ILE I 113 -10.14 -11.37 14.31
N GLY I 114 -9.59 -12.54 14.63
CA GLY I 114 -8.74 -13.23 13.73
C GLY I 114 -9.52 -13.63 12.48
N PHE I 115 -8.85 -13.63 11.33
CA PHE I 115 -9.50 -14.07 10.10
C PHE I 115 -9.92 -15.51 10.26
N PRO I 116 -11.20 -15.88 10.01
CA PRO I 116 -11.56 -17.29 10.00
C PRO I 116 -10.96 -17.91 8.73
N VAL I 117 -10.93 -19.24 8.71
CA VAL I 117 -10.59 -19.98 7.53
C VAL I 117 -11.59 -19.59 6.44
N GLU I 118 -11.10 -19.10 5.31
CA GLU I 118 -11.97 -18.56 4.27
C GLU I 118 -11.27 -18.61 2.93
N GLY I 119 -12.08 -18.47 1.87
CA GLY I 119 -11.61 -18.52 0.51
C GLY I 119 -12.11 -19.76 -0.19
N MET I 120 -11.29 -20.23 -1.12
CA MET I 120 -11.61 -21.29 -2.06
C MET I 120 -12.20 -22.49 -1.34
N ASN I 121 -13.33 -22.99 -1.86
CA ASN I 121 -13.92 -24.23 -1.41
C ASN I 121 -13.96 -25.20 -2.61
N PHE I 122 -13.68 -26.47 -2.32
CA PHE I 122 -13.68 -27.52 -3.30
C PHE I 122 -14.15 -28.78 -2.57
N HIS I 123 -15.26 -29.34 -3.06
CA HIS I 123 -15.89 -30.48 -2.41
C HIS I 123 -16.24 -31.50 -3.48
N MET I 124 -15.74 -32.71 -3.32
CA MET I 124 -16.10 -33.78 -4.23
C MET I 124 -16.11 -35.09 -3.46
N PHE I 125 -17.01 -35.99 -3.87
CA PHE I 125 -16.96 -37.35 -3.39
C PHE I 125 -17.33 -38.27 -4.54
N ALA I 126 -16.90 -39.51 -4.42
CA ALA I 126 -17.20 -40.55 -5.41
C ALA I 126 -17.36 -41.88 -4.67
N VAL I 127 -18.32 -42.68 -5.14
CA VAL I 127 -18.54 -44.01 -4.67
C VAL I 127 -18.60 -44.91 -5.89
N GLY I 128 -17.80 -45.99 -5.90
CA GLY I 128 -17.79 -46.87 -7.06
C GLY I 128 -17.36 -48.28 -6.73
N GLY I 129 -17.48 -49.15 -7.73
CA GLY I 129 -17.12 -50.55 -7.59
C GLY I 129 -15.74 -50.87 -8.13
N GLU I 130 -14.97 -49.82 -8.38
CA GLU I 130 -13.60 -49.88 -8.88
C GLU I 130 -13.00 -48.50 -8.66
N PRO I 131 -11.67 -48.33 -8.81
CA PRO I 131 -11.04 -47.03 -8.58
C PRO I 131 -11.65 -45.95 -9.50
N LEU I 132 -11.68 -44.73 -8.98
CA LEU I 132 -12.12 -43.59 -9.75
C LEU I 132 -11.12 -43.38 -10.89
N GLU I 133 -11.65 -43.24 -12.09
CA GLU I 133 -10.85 -43.04 -13.28
C GLU I 133 -10.64 -41.52 -13.48
N LEU I 134 -9.37 -41.14 -13.67
CA LEU I 134 -8.93 -39.75 -13.70
C LEU I 134 -8.46 -39.36 -15.11
N GLN I 135 -8.67 -38.07 -15.41
CA GLN I 135 -8.16 -37.37 -16.57
C GLN I 135 -7.20 -36.29 -16.08
N PHE I 136 -6.03 -36.17 -16.72
CA PHE I 136 -5.10 -35.13 -16.40
C PHE I 136 -5.55 -33.82 -17.07
N LEU I 137 -5.48 -32.72 -16.34
CA LEU I 137 -5.68 -31.38 -16.90
C LEU I 137 -5.16 -30.37 -15.87
N THR I 138 -4.32 -29.45 -16.33
CA THR I 138 -3.61 -28.55 -15.47
C THR I 138 -3.71 -27.13 -16.01
N GLY I 139 -3.61 -26.17 -15.10
CA GLY I 139 -3.49 -24.75 -15.42
C GLY I 139 -2.10 -24.39 -15.99
N ASN I 140 -1.10 -25.26 -15.75
CA ASN I 140 0.28 -24.99 -16.17
C ASN I 140 0.96 -26.32 -16.49
N TYR I 141 1.16 -26.59 -17.79
CA TYR I 141 1.71 -27.87 -18.24
C TYR I 141 3.12 -28.09 -17.69
N ARG I 142 3.81 -27.00 -17.34
CA ARG I 142 5.21 -27.02 -16.94
C ARG I 142 5.37 -27.26 -15.44
N THR I 143 4.27 -27.39 -14.67
CA THR I 143 4.40 -27.55 -13.24
C THR I 143 5.37 -28.69 -12.93
N ASP I 144 6.31 -28.40 -12.01
CA ASP I 144 7.37 -29.32 -11.65
C ASP I 144 7.06 -29.90 -10.27
N TYR I 145 6.77 -31.21 -10.24
CA TYR I 145 6.32 -31.91 -9.03
C TYR I 145 7.49 -32.61 -8.31
N SER I 146 8.73 -32.32 -8.70
CA SER I 146 9.88 -33.13 -8.27
C SER I 146 10.30 -32.81 -6.83
N ALA I 147 9.70 -31.80 -6.18
CA ALA I 147 9.96 -31.58 -4.75
C ALA I 147 9.34 -32.71 -3.91
N ASN I 148 8.42 -33.47 -4.48
CA ASN I 148 7.74 -34.53 -3.74
C ASN I 148 7.51 -35.71 -4.70
N ASP I 149 8.40 -36.70 -4.67
CA ASP I 149 8.35 -37.80 -5.62
C ASP I 149 7.28 -38.83 -5.20
N LYS I 150 6.57 -38.61 -4.08
CA LYS I 150 5.47 -39.50 -3.69
C LYS I 150 4.17 -39.12 -4.41
N LEU I 151 4.12 -37.93 -5.05
CA LEU I 151 2.93 -37.55 -5.86
C LEU I 151 2.91 -38.39 -7.14
N VAL I 152 1.70 -38.76 -7.58
CA VAL I 152 1.52 -39.50 -8.80
C VAL I 152 1.06 -38.51 -9.87
N VAL I 153 1.93 -38.30 -10.86
CA VAL I 153 1.74 -37.39 -11.96
C VAL I 153 2.26 -38.09 -13.22
N PRO I 154 1.91 -37.59 -14.42
CA PRO I 154 2.34 -38.26 -15.65
C PRO I 154 3.86 -38.17 -15.79
N PRO I 155 4.49 -39.16 -16.44
CA PRO I 155 5.92 -39.13 -16.70
C PRO I 155 6.36 -38.10 -17.76
N ILE I 156 5.43 -37.62 -18.57
CA ILE I 156 5.68 -36.68 -19.64
C ILE I 156 4.87 -35.40 -19.39
N LYS I 157 5.45 -34.27 -19.80
CA LYS I 157 4.72 -33.00 -19.79
C LYS I 157 4.58 -32.55 -21.23
N HIS I 158 3.47 -31.88 -21.54
CA HIS I 158 3.20 -31.39 -22.86
C HIS I 158 2.23 -30.22 -22.78
N GLN I 159 2.41 -29.28 -23.71
CA GLN I 159 1.63 -28.06 -23.85
C GLN I 159 0.11 -28.36 -23.85
N SER I 160 -0.27 -29.49 -24.46
CA SER I 160 -1.66 -29.81 -24.72
C SER I 160 -2.44 -30.12 -23.44
N THR I 161 -1.73 -30.39 -22.34
CA THR I 161 -2.37 -30.82 -21.09
C THR I 161 -3.04 -29.66 -20.35
N GLN I 162 -2.97 -28.42 -20.91
CA GLN I 162 -3.77 -27.31 -20.41
C GLN I 162 -5.20 -27.39 -20.95
N GLY I 163 -5.42 -28.30 -21.92
CA GLY I 163 -6.73 -28.76 -22.30
C GLY I 163 -6.87 -30.24 -21.98
N LEU I 164 -7.85 -30.89 -22.63
CA LEU I 164 -8.11 -32.29 -22.46
C LEU I 164 -7.31 -33.06 -23.54
N ASN I 165 -6.27 -33.75 -23.10
CA ASN I 165 -5.52 -34.69 -23.92
C ASN I 165 -5.80 -36.09 -23.39
N PRO I 166 -6.58 -36.89 -24.13
CA PRO I 166 -7.01 -38.20 -23.62
C PRO I 166 -5.87 -39.23 -23.50
N HIS I 167 -4.64 -38.86 -23.88
CA HIS I 167 -3.49 -39.74 -23.68
C HIS I 167 -3.01 -39.69 -22.22
N TYR I 168 -3.55 -38.78 -21.41
CA TYR I 168 -3.08 -38.60 -20.06
C TYR I 168 -4.17 -38.96 -19.04
N LYS I 169 -4.20 -40.23 -18.62
CA LYS I 169 -5.22 -40.75 -17.72
C LYS I 169 -4.56 -41.52 -16.58
N GLN I 170 -5.34 -41.82 -15.54
CA GLN I 170 -4.87 -42.57 -14.40
C GLN I 170 -6.09 -43.12 -13.65
N LYS I 171 -5.82 -43.91 -12.60
CA LYS I 171 -6.83 -44.39 -11.70
C LYS I 171 -6.39 -43.99 -10.28
N LEU I 172 -7.38 -43.61 -9.45
CA LEU I 172 -7.11 -43.14 -8.12
C LEU I 172 -6.94 -44.35 -7.20
N THR I 173 -5.69 -44.80 -7.07
CA THR I 173 -5.38 -46.04 -6.40
C THR I 173 -4.54 -45.81 -5.15
N LYS I 174 -4.21 -44.56 -4.83
CA LYS I 174 -3.40 -44.27 -3.68
C LYS I 174 -3.94 -43.00 -3.01
N ASP I 175 -4.15 -43.11 -1.69
CA ASP I 175 -4.56 -42.01 -0.84
C ASP I 175 -3.43 -40.98 -0.71
N GLY I 176 -3.79 -39.69 -0.74
CA GLY I 176 -2.85 -38.66 -0.43
C GLY I 176 -1.70 -38.52 -1.41
N ALA I 177 -1.94 -38.84 -2.68
CA ALA I 177 -0.83 -38.91 -3.69
C ALA I 177 -1.18 -38.25 -5.03
N PHE I 178 -2.47 -38.18 -5.40
CA PHE I 178 -2.88 -37.62 -6.67
C PHE I 178 -3.32 -36.17 -6.48
N PRO I 179 -2.56 -35.17 -6.98
CA PRO I 179 -2.93 -33.77 -6.79
C PRO I 179 -4.26 -33.42 -7.46
N VAL I 180 -5.09 -32.67 -6.73
N VAL I 180 -5.10 -32.68 -6.73
CA VAL I 180 -6.40 -32.26 -7.26
CA VAL I 180 -6.39 -32.28 -7.27
C VAL I 180 -6.17 -31.25 -8.39
C VAL I 180 -6.16 -31.24 -8.39
N GLU I 181 -5.06 -30.49 -8.30
CA GLU I 181 -4.79 -29.44 -9.29
C GLU I 181 -4.56 -29.98 -10.71
N CYS I 182 -4.25 -31.26 -10.87
CA CYS I 182 -3.94 -31.77 -12.21
C CYS I 182 -4.70 -33.04 -12.56
N TRP I 183 -5.54 -33.55 -11.64
CA TRP I 183 -6.33 -34.73 -11.92
C TRP I 183 -7.80 -34.44 -11.58
N CYS I 184 -8.68 -34.80 -12.53
CA CYS I 184 -10.11 -34.68 -12.34
C CYS I 184 -10.78 -35.99 -12.76
N PRO I 185 -12.06 -36.23 -12.38
CA PRO I 185 -12.75 -37.42 -12.84
C PRO I 185 -12.80 -37.43 -14.38
N ASP I 186 -12.61 -38.62 -14.96
CA ASP I 186 -12.64 -38.81 -16.37
C ASP I 186 -14.09 -39.04 -16.76
N PRO I 187 -14.77 -38.08 -17.43
CA PRO I 187 -16.20 -38.23 -17.72
C PRO I 187 -16.47 -39.27 -18.82
N SER I 188 -15.41 -39.66 -19.56
CA SER I 188 -15.54 -40.62 -20.67
C SER I 188 -15.52 -42.05 -20.15
N LYS I 189 -15.17 -42.21 -18.87
CA LYS I 189 -15.17 -43.54 -18.22
C LYS I 189 -16.10 -43.46 -16.99
N ASN I 190 -15.71 -44.11 -15.89
CA ASN I 190 -16.44 -44.05 -14.63
C ASN I 190 -17.88 -44.55 -14.81
N GLU I 191 -18.08 -45.58 -15.64
CA GLU I 191 -19.41 -46.13 -15.80
C GLU I 191 -19.89 -46.82 -14.51
N ASN I 192 -18.94 -47.20 -13.64
CA ASN I 192 -19.23 -48.00 -12.48
C ASN I 192 -18.93 -47.20 -11.19
N THR I 193 -18.92 -45.87 -11.32
CA THR I 193 -18.70 -44.94 -10.19
C THR I 193 -19.67 -43.78 -10.33
N ARG I 194 -20.17 -43.23 -9.21
CA ARG I 194 -20.90 -41.98 -9.23
C ARG I 194 -20.04 -40.92 -8.54
N TYR I 195 -19.87 -39.75 -9.16
CA TYR I 195 -19.13 -38.67 -8.52
C TYR I 195 -19.92 -37.36 -8.59
N TYR I 196 -19.67 -36.51 -7.58
CA TYR I 196 -20.31 -35.22 -7.42
C TYR I 196 -19.26 -34.25 -6.92
N GLY I 197 -19.18 -33.07 -7.53
CA GLY I 197 -18.21 -32.09 -7.09
C GLY I 197 -18.64 -30.67 -7.31
N SER I 198 -18.01 -29.78 -6.55
CA SER I 198 -18.27 -28.36 -6.67
C SER I 198 -17.00 -27.60 -6.32
N TYR I 199 -16.89 -26.40 -6.89
CA TYR I 199 -15.83 -25.48 -6.66
C TYR I 199 -16.42 -24.08 -6.53
N THR I 200 -15.96 -23.36 -5.50
CA THR I 200 -16.27 -21.97 -5.31
C THR I 200 -14.95 -21.26 -5.08
N GLY I 201 -14.58 -20.35 -5.99
CA GLY I 201 -13.27 -19.79 -5.95
C GLY I 201 -13.22 -18.42 -5.29
N GLY I 202 -12.36 -17.57 -5.83
CA GLY I 202 -12.10 -16.24 -5.33
C GLY I 202 -11.08 -16.26 -4.20
N GLN I 203 -10.81 -15.08 -3.63
CA GLN I 203 -9.66 -14.89 -2.72
C GLN I 203 -9.99 -15.14 -1.24
N SER I 204 -11.05 -14.48 -0.73
CA SER I 204 -11.42 -14.51 0.69
C SER I 204 -12.89 -14.91 0.86
N THR I 205 -13.42 -15.60 -0.16
CA THR I 205 -14.83 -15.95 -0.28
C THR I 205 -15.33 -16.65 0.98
N PRO I 206 -16.53 -16.29 1.50
CA PRO I 206 -17.11 -17.02 2.63
C PRO I 206 -17.32 -18.49 2.27
N PRO I 207 -16.82 -19.42 3.09
CA PRO I 207 -17.23 -20.82 2.98
C PRO I 207 -18.72 -20.92 3.30
N VAL I 208 -19.45 -21.69 2.48
CA VAL I 208 -20.85 -21.96 2.71
C VAL I 208 -21.01 -23.47 2.78
N LEU I 209 -21.31 -23.98 3.98
CA LEU I 209 -21.23 -25.41 4.28
C LEU I 209 -22.53 -25.86 4.95
N GLN I 210 -22.89 -27.13 4.76
CA GLN I 210 -24.03 -27.70 5.47
C GLN I 210 -23.61 -29.04 6.07
N PHE I 211 -24.33 -29.49 7.11
CA PHE I 211 -24.15 -30.80 7.66
C PHE I 211 -25.48 -31.29 8.22
N THR I 212 -25.84 -32.52 7.86
CA THR I 212 -27.04 -33.15 8.38
C THR I 212 -26.85 -34.65 8.23
N ASN I 213 -27.57 -35.41 9.05
CA ASN I 213 -27.58 -36.85 8.96
C ASN I 213 -28.89 -37.34 8.34
N THR I 214 -29.58 -36.49 7.58
CA THR I 214 -30.94 -36.81 7.12
C THR I 214 -31.04 -36.97 5.60
N VAL I 215 -29.93 -36.84 4.86
CA VAL I 215 -29.99 -36.81 3.39
C VAL I 215 -29.38 -38.08 2.78
N THR I 216 -30.17 -38.74 1.93
CA THR I 216 -29.74 -39.93 1.22
C THR I 216 -29.57 -39.62 -0.27
N THR I 217 -28.37 -39.90 -0.79
CA THR I 217 -28.06 -39.77 -2.21
C THR I 217 -28.23 -41.13 -2.90
N VAL I 218 -29.15 -41.22 -3.85
CA VAL I 218 -29.32 -42.46 -4.61
C VAL I 218 -28.18 -42.64 -5.61
N LEU I 219 -27.57 -43.83 -5.63
CA LEU I 219 -26.43 -44.14 -6.50
C LEU I 219 -26.85 -44.97 -7.73
N LEU I 220 -28.11 -45.38 -7.80
CA LEU I 220 -28.59 -46.11 -8.98
C LEU I 220 -28.53 -45.18 -10.18
N ASP I 221 -28.18 -45.75 -11.34
CA ASP I 221 -28.15 -45.02 -12.60
C ASP I 221 -29.57 -45.01 -13.18
N GLU I 222 -29.67 -44.50 -14.41
CA GLU I 222 -30.95 -44.32 -15.09
C GLU I 222 -31.60 -45.69 -15.39
N ASN I 223 -30.83 -46.77 -15.33
CA ASN I 223 -31.37 -48.14 -15.54
C ASN I 223 -31.67 -48.84 -14.20
N GLY I 224 -31.51 -48.12 -13.08
CA GLY I 224 -31.76 -48.71 -11.76
C GLY I 224 -30.63 -49.57 -11.26
N VAL I 225 -29.42 -49.37 -11.77
CA VAL I 225 -28.27 -50.15 -11.38
C VAL I 225 -27.24 -49.26 -10.69
N GLY I 226 -26.82 -49.70 -9.51
CA GLY I 226 -25.81 -48.99 -8.74
C GLY I 226 -24.42 -49.49 -9.11
N PRO I 227 -23.36 -48.84 -8.62
CA PRO I 227 -21.99 -49.34 -8.80
C PRO I 227 -21.92 -50.82 -8.33
N LEU I 228 -21.29 -51.66 -9.15
CA LEU I 228 -21.13 -53.08 -8.84
C LEU I 228 -19.69 -53.33 -8.41
N CYS I 229 -19.52 -53.92 -7.23
CA CYS I 229 -18.26 -53.95 -6.58
C CYS I 229 -17.41 -55.15 -7.02
N LYS I 230 -16.49 -54.87 -7.94
CA LYS I 230 -15.62 -55.87 -8.54
C LYS I 230 -14.62 -56.35 -7.50
N GLY I 231 -14.52 -57.68 -7.38
CA GLY I 231 -13.64 -58.29 -6.42
C GLY I 231 -14.04 -57.95 -4.99
N ASP I 232 -15.33 -57.67 -4.77
CA ASP I 232 -15.86 -57.35 -3.45
C ASP I 232 -15.11 -56.18 -2.82
N GLY I 233 -14.75 -55.19 -3.63
CA GLY I 233 -14.16 -53.95 -3.17
C GLY I 233 -15.05 -52.75 -3.50
N LEU I 234 -15.26 -51.90 -2.48
CA LEU I 234 -16.00 -50.66 -2.56
C LEU I 234 -14.98 -49.52 -2.48
N TYR I 235 -15.04 -48.60 -3.44
CA TYR I 235 -14.09 -47.52 -3.53
C TYR I 235 -14.79 -46.19 -3.22
N VAL I 236 -14.18 -45.45 -2.29
CA VAL I 236 -14.69 -44.21 -1.81
C VAL I 236 -13.58 -43.20 -1.92
N SER I 237 -13.89 -42.03 -2.50
CA SER I 237 -12.90 -41.02 -2.75
C SER I 237 -13.50 -39.66 -2.43
N CYS I 238 -12.66 -38.71 -2.02
CA CYS I 238 -13.20 -37.35 -1.77
C CYS I 238 -12.07 -36.34 -1.67
N CYS I 239 -12.50 -35.08 -1.65
CA CYS I 239 -11.69 -33.94 -1.28
C CYS I 239 -12.62 -32.85 -0.76
N ASP I 240 -12.25 -32.22 0.36
CA ASP I 240 -13.07 -31.18 1.00
C ASP I 240 -12.19 -30.07 1.55
N ILE I 241 -11.90 -29.11 0.67
CA ILE I 241 -11.18 -27.91 1.00
C ILE I 241 -12.19 -26.85 1.43
N VAL I 242 -11.95 -26.25 2.60
CA VAL I 242 -12.91 -25.29 3.15
C VAL I 242 -12.33 -23.89 3.20
N GLY I 243 -11.08 -23.71 2.76
CA GLY I 243 -10.52 -22.39 2.61
C GLY I 243 -9.07 -22.36 3.02
N PHE I 244 -8.58 -21.17 3.38
CA PHE I 244 -7.21 -20.96 3.79
C PHE I 244 -7.19 -20.35 5.19
N LEU I 245 -6.22 -20.80 5.98
CA LEU I 245 -5.81 -20.17 7.22
C LEU I 245 -4.79 -19.10 6.88
N VAL I 246 -5.03 -17.87 7.36
CA VAL I 246 -4.17 -16.76 7.06
C VAL I 246 -3.33 -16.43 8.29
N GLY I 247 -2.04 -16.77 8.24
CA GLY I 247 -1.13 -16.52 9.34
C GLY I 247 -0.89 -15.03 9.54
N LYS I 248 -0.27 -14.70 10.68
CA LYS I 248 -0.01 -13.32 11.08
C LYS I 248 0.70 -12.52 9.99
N ASP I 249 1.66 -13.13 9.29
CA ASP I 249 2.45 -12.41 8.30
C ASP I 249 1.83 -12.50 6.89
N GLY I 250 0.66 -13.15 6.77
CA GLY I 250 0.00 -13.25 5.47
C GLY I 250 0.24 -14.58 4.77
N ASP I 251 1.08 -15.47 5.35
CA ASP I 251 1.31 -16.81 4.84
C ASP I 251 0.01 -17.61 4.95
N MET I 252 -0.30 -18.43 3.95
CA MET I 252 -1.60 -19.09 3.89
C MET I 252 -1.41 -20.59 3.70
N GLN I 253 -2.32 -21.36 4.32
CA GLN I 253 -2.34 -22.80 4.20
C GLN I 253 -3.77 -23.24 3.87
N TYR I 254 -3.90 -24.23 2.98
CA TYR I 254 -5.17 -24.90 2.78
C TYR I 254 -5.62 -25.56 4.08
N ARG I 255 -6.94 -25.53 4.32
CA ARG I 255 -7.58 -26.25 5.39
C ARG I 255 -8.61 -27.21 4.76
N GLY I 256 -8.56 -28.48 5.16
CA GLY I 256 -9.54 -29.46 4.75
C GLY I 256 -10.22 -30.12 5.93
N LEU I 257 -11.36 -30.76 5.67
CA LEU I 257 -12.16 -31.43 6.67
C LEU I 257 -12.40 -32.87 6.24
N PRO I 258 -12.67 -33.78 7.21
CA PRO I 258 -12.96 -35.16 6.90
C PRO I 258 -14.37 -35.30 6.32
N ARG I 259 -14.60 -36.45 5.67
CA ARG I 259 -15.89 -36.76 5.15
C ARG I 259 -16.29 -38.15 5.65
N TYR I 260 -17.55 -38.26 6.07
CA TYR I 260 -18.16 -39.48 6.52
C TYR I 260 -19.05 -40.05 5.42
N PHE I 261 -19.13 -41.38 5.38
CA PHE I 261 -19.96 -42.08 4.40
C PHE I 261 -20.69 -43.23 5.09
N ASN I 262 -21.96 -43.38 4.75
CA ASN I 262 -22.76 -44.54 5.16
C ASN I 262 -23.40 -45.05 3.87
N ILE I 263 -22.90 -46.19 3.37
CA ILE I 263 -23.29 -46.71 2.06
C ILE I 263 -24.12 -47.98 2.28
N LEU I 264 -25.28 -48.03 1.62
CA LEU I 264 -26.14 -49.18 1.62
C LEU I 264 -25.88 -49.98 0.35
N LEU I 265 -25.66 -51.29 0.51
CA LEU I 265 -25.40 -52.18 -0.62
C LEU I 265 -26.38 -53.36 -0.57
N ARG I 266 -26.68 -53.89 -1.75
CA ARG I 266 -27.56 -55.04 -1.90
C ARG I 266 -26.91 -56.05 -2.84
N LYS I 267 -27.33 -57.32 -2.70
CA LYS I 267 -26.83 -58.40 -3.51
C LYS I 267 -27.52 -58.38 -4.88
N ARG I 268 -26.69 -58.44 -5.94
CA ARG I 268 -27.15 -58.48 -7.29
C ARG I 268 -26.53 -59.68 -8.01
N THR I 269 -27.37 -60.47 -8.68
CA THR I 269 -26.91 -61.57 -9.51
C THR I 269 -26.40 -60.99 -10.83
N VAL I 270 -25.24 -61.49 -11.26
CA VAL I 270 -24.64 -61.10 -12.55
C VAL I 270 -24.19 -62.39 -13.27
N ARG I 271 -23.97 -62.27 -14.59
CA ARG I 271 -23.51 -63.42 -15.38
C ARG I 271 -22.01 -63.60 -15.17
N ASN I 272 -21.61 -64.87 -15.04
CA ASN I 272 -20.23 -65.30 -14.91
C ASN I 272 -19.73 -65.83 -16.26
N ASN J 1 -30.94 -51.47 19.22
CA ASN J 1 -31.53 -52.64 19.92
C ASN J 1 -33.01 -52.43 20.30
N ILE J 2 -33.67 -51.34 19.87
CA ILE J 2 -35.13 -51.22 20.05
C ILE J 2 -35.83 -51.79 18.81
N GLU J 3 -36.65 -52.83 19.00
CA GLU J 3 -37.52 -53.36 17.93
C GLU J 3 -38.80 -52.52 17.94
N VAL J 4 -39.05 -51.80 16.85
CA VAL J 4 -40.18 -50.89 16.76
C VAL J 4 -41.40 -51.64 16.25
N LEU J 5 -42.53 -51.50 16.95
CA LEU J 5 -43.77 -52.17 16.54
C LEU J 5 -44.77 -51.11 16.07
N ASN J 6 -46.06 -51.29 16.37
CA ASN J 6 -47.12 -50.48 15.81
C ASN J 6 -47.29 -49.20 16.63
N LEU J 7 -47.87 -48.20 15.98
CA LEU J 7 -48.33 -46.98 16.62
C LEU J 7 -49.48 -47.32 17.57
N VAL J 8 -49.54 -46.62 18.70
CA VAL J 8 -50.67 -46.62 19.58
C VAL J 8 -51.65 -45.56 19.06
N THR J 9 -52.92 -45.94 18.87
CA THR J 9 -53.90 -45.05 18.29
C THR J 9 -54.85 -44.57 19.39
N GLY J 10 -55.60 -43.52 19.07
CA GLY J 10 -56.73 -43.11 19.85
C GLY J 10 -56.48 -41.82 20.60
N PRO J 11 -57.37 -41.47 21.55
CA PRO J 11 -57.19 -40.25 22.33
C PRO J 11 -55.95 -40.33 23.23
N ASP J 12 -55.24 -39.22 23.30
CA ASP J 12 -54.09 -39.07 24.18
C ASP J 12 -52.88 -39.86 23.63
N SER J 13 -52.91 -40.27 22.35
CA SER J 13 -51.76 -40.92 21.70
C SER J 13 -50.73 -39.89 21.17
N ILE J 14 -51.06 -38.58 21.25
CA ILE J 14 -50.23 -37.51 20.70
C ILE J 14 -49.93 -36.50 21.82
N THR J 15 -48.77 -35.86 21.79
CA THR J 15 -48.47 -34.76 22.69
C THR J 15 -47.51 -33.81 21.98
N THR J 16 -47.44 -32.57 22.48
CA THR J 16 -46.53 -31.59 21.90
C THR J 16 -45.68 -31.00 23.02
N ILE J 17 -44.42 -30.69 22.70
CA ILE J 17 -43.53 -30.07 23.60
C ILE J 17 -43.08 -28.76 22.95
N GLU J 18 -43.18 -27.67 23.70
CA GLU J 18 -42.80 -26.36 23.26
C GLU J 18 -41.71 -25.84 24.19
N LEU J 19 -40.61 -25.32 23.64
CA LEU J 19 -39.61 -24.69 24.46
C LEU J 19 -38.79 -23.71 23.62
N TYR J 20 -37.97 -22.91 24.30
CA TYR J 20 -36.94 -22.13 23.65
C TYR J 20 -35.63 -22.39 24.36
N LEU J 21 -34.52 -22.15 23.65
CA LEU J 21 -33.20 -22.15 24.25
C LEU J 21 -32.56 -20.80 23.94
N ASN J 22 -32.07 -20.14 25.00
CA ASN J 22 -31.29 -18.93 24.86
C ASN J 22 -29.88 -19.29 24.42
N THR J 23 -29.25 -18.35 23.72
CA THR J 23 -27.94 -18.53 23.12
C THR J 23 -26.87 -18.57 24.22
N ARG J 24 -25.77 -19.27 23.92
CA ARG J 24 -24.62 -19.40 24.83
C ARG J 24 -23.37 -18.95 24.10
N MET J 25 -23.25 -17.63 23.91
CA MET J 25 -22.18 -17.06 23.13
C MET J 25 -20.93 -16.85 23.99
N GLY J 26 -21.09 -16.83 25.31
CA GLY J 26 -19.95 -16.71 26.21
C GLY J 26 -20.28 -15.92 27.47
N GLN J 27 -21.02 -14.81 27.32
CA GLN J 27 -21.63 -14.14 28.48
C GLN J 27 -23.03 -14.72 28.62
N ASN J 28 -23.17 -15.74 29.47
CA ASN J 28 -24.34 -16.59 29.53
C ASN J 28 -25.19 -16.32 30.78
N ASP J 29 -24.90 -15.23 31.48
CA ASP J 29 -25.65 -14.82 32.67
C ASP J 29 -26.65 -13.72 32.30
N GLU J 30 -27.94 -14.05 32.38
CA GLU J 30 -29.01 -13.17 31.92
C GLU J 30 -29.15 -11.91 32.79
N SER J 31 -28.43 -11.86 33.94
CA SER J 31 -28.47 -10.70 34.82
C SER J 31 -27.34 -9.70 34.52
N LYS J 32 -26.42 -10.05 33.61
CA LYS J 32 -25.23 -9.24 33.37
C LYS J 32 -25.28 -8.59 32.00
N ASP J 33 -24.53 -7.49 31.85
CA ASP J 33 -24.37 -6.84 30.59
C ASP J 33 -23.79 -7.83 29.59
N ASN J 34 -24.05 -7.57 28.30
CA ASN J 34 -23.47 -8.36 27.20
C ASN J 34 -24.08 -9.78 27.15
N TYR J 35 -25.22 -10.01 27.81
CA TYR J 35 -25.90 -11.28 27.69
C TYR J 35 -26.25 -11.53 26.23
N GLY J 36 -26.02 -12.77 25.75
CA GLY J 36 -26.34 -13.09 24.35
C GLY J 36 -25.23 -12.69 23.39
N TYR J 37 -24.09 -12.26 23.94
CA TYR J 37 -22.90 -11.98 23.21
C TYR J 37 -21.74 -12.73 23.85
N SER J 38 -20.63 -12.88 23.12
CA SER J 38 -19.40 -13.33 23.73
C SER J 38 -18.73 -12.14 24.41
N GLU J 39 -17.73 -12.46 25.25
CA GLU J 39 -16.75 -11.47 25.62
C GLU J 39 -15.94 -11.12 24.37
N LYS J 40 -15.20 -10.01 24.43
CA LYS J 40 -14.38 -9.56 23.34
C LYS J 40 -13.43 -10.67 22.88
N VAL J 41 -13.35 -10.85 21.56
CA VAL J 41 -12.48 -11.82 20.96
C VAL J 41 -11.03 -11.34 21.08
N THR J 42 -10.14 -12.26 21.44
CA THR J 42 -8.69 -12.05 21.45
C THR J 42 -8.04 -13.03 20.48
N VAL J 43 -6.79 -12.77 20.12
CA VAL J 43 -6.13 -13.53 19.07
C VAL J 43 -4.77 -14.04 19.59
N ALA J 44 -4.55 -15.34 19.44
CA ALA J 44 -3.32 -16.01 19.90
C ALA J 44 -2.10 -15.36 19.23
N ASN J 45 -1.03 -15.22 20.02
CA ASN J 45 0.26 -14.75 19.48
C ASN J 45 0.88 -15.86 18.62
N SER J 46 0.66 -17.11 19.01
CA SER J 46 1.15 -18.25 18.25
C SER J 46 0.29 -19.45 18.57
N SER J 47 0.39 -20.50 17.75
CA SER J 47 -0.51 -21.64 17.87
C SER J 47 -0.22 -22.45 19.15
N ASP J 48 1.00 -22.29 19.71
CA ASP J 48 1.35 -22.96 20.98
C ASP J 48 1.03 -22.07 22.19
N GLN J 49 0.49 -20.87 21.95
CA GLN J 49 0.02 -19.99 23.02
C GLN J 49 -1.40 -19.49 22.66
N ASP J 50 -2.28 -20.45 22.38
CA ASP J 50 -3.63 -20.17 21.93
C ASP J 50 -4.57 -20.53 23.08
N LYS J 51 -4.89 -19.51 23.88
CA LYS J 51 -5.62 -19.67 25.12
C LYS J 51 -6.76 -18.66 25.14
N PRO J 52 -7.95 -19.02 24.64
CA PRO J 52 -9.06 -18.07 24.64
C PRO J 52 -9.35 -17.59 26.07
N THR J 53 -9.69 -16.32 26.19
CA THR J 53 -10.14 -15.75 27.44
C THR J 53 -11.46 -16.41 27.84
N SER J 54 -11.75 -16.34 29.15
CA SER J 54 -12.98 -16.87 29.68
C SER J 54 -14.15 -16.07 29.06
N GLY J 55 -15.10 -16.80 28.46
CA GLY J 55 -16.31 -16.19 27.96
C GLY J 55 -16.23 -15.73 26.51
N GLU J 56 -15.11 -15.94 25.79
CA GLU J 56 -15.05 -15.45 24.39
C GLU J 56 -15.44 -16.55 23.39
N ILE J 57 -15.83 -17.74 23.85
CA ILE J 57 -16.08 -18.83 22.90
C ILE J 57 -17.51 -19.35 23.04
N PRO J 58 -18.24 -19.42 21.91
CA PRO J 58 -19.60 -19.98 21.92
C PRO J 58 -19.66 -21.48 22.22
N THR J 59 -20.73 -21.89 22.89
CA THR J 59 -21.00 -23.26 23.24
C THR J 59 -22.40 -23.63 22.76
N TYR J 60 -22.67 -24.93 22.72
CA TYR J 60 -24.00 -25.42 22.37
C TYR J 60 -24.99 -25.13 23.49
N SER J 61 -26.22 -24.83 23.08
CA SER J 61 -27.37 -24.81 23.93
C SER J 61 -27.98 -26.19 23.94
N THR J 62 -28.51 -26.63 25.09
CA THR J 62 -29.13 -27.95 25.12
C THR J 62 -30.07 -28.03 26.31
N ALA J 63 -31.10 -28.86 26.16
CA ALA J 63 -32.00 -29.19 27.28
C ALA J 63 -32.52 -30.61 27.09
N ARG J 64 -32.82 -31.26 28.22
CA ARG J 64 -33.57 -32.48 28.27
C ARG J 64 -34.95 -32.14 28.82
N ILE J 65 -36.00 -32.54 28.10
CA ILE J 65 -37.36 -32.29 28.53
C ILE J 65 -37.98 -33.60 29.00
N ASN J 66 -38.58 -33.59 30.20
CA ASN J 66 -39.34 -34.73 30.72
C ASN J 66 -40.67 -34.84 29.96
N LEU J 67 -40.95 -36.05 29.48
CA LEU J 67 -42.17 -36.31 28.77
C LEU J 67 -43.16 -36.98 29.72
N PRO J 68 -44.46 -37.00 29.38
CA PRO J 68 -45.45 -37.71 30.21
C PRO J 68 -45.07 -39.19 30.37
N MET J 69 -45.11 -39.68 31.62
CA MET J 69 -44.76 -41.07 31.93
C MET J 69 -45.76 -42.01 31.23
N LEU J 70 -45.25 -43.14 30.74
CA LEU J 70 -46.05 -44.15 30.05
C LEU J 70 -46.04 -45.43 30.91
N SER J 76 -47.35 -57.99 28.97
CA SER J 76 -46.67 -58.38 27.74
C SER J 76 -45.16 -58.06 27.81
N ASN J 77 -44.44 -58.46 26.76
CA ASN J 77 -43.03 -58.10 26.58
C ASN J 77 -42.89 -56.89 25.65
N THR J 78 -43.81 -55.92 25.72
CA THR J 78 -43.73 -54.66 24.97
C THR J 78 -43.91 -53.46 25.91
N LEU J 79 -43.43 -52.29 25.48
CA LEU J 79 -43.61 -51.05 26.21
C LEU J 79 -43.98 -49.96 25.21
N THR J 80 -44.40 -48.81 25.72
CA THR J 80 -44.68 -47.64 24.92
C THR J 80 -43.56 -46.63 25.09
N MET J 81 -43.15 -46.01 23.97
CA MET J 81 -42.21 -44.91 23.98
C MET J 81 -42.81 -43.75 23.17
N TRP J 82 -42.44 -42.53 23.54
CA TRP J 82 -42.71 -41.35 22.76
C TRP J 82 -41.75 -41.33 21.56
N GLU J 83 -42.34 -41.12 20.38
CA GLU J 83 -41.64 -40.98 19.13
C GLU J 83 -41.81 -39.55 18.62
N ALA J 84 -40.70 -38.84 18.42
CA ALA J 84 -40.75 -37.49 17.87
C ALA J 84 -40.99 -37.58 16.35
N VAL J 85 -42.10 -37.00 15.89
CA VAL J 85 -42.56 -37.08 14.52
C VAL J 85 -42.03 -35.90 13.69
N SER J 86 -42.06 -34.70 14.28
CA SER J 86 -41.80 -33.49 13.54
C SER J 86 -41.47 -32.36 14.51
N VAL J 87 -40.84 -31.32 13.96
CA VAL J 87 -40.53 -30.15 14.74
C VAL J 87 -40.75 -28.91 13.87
N LYS J 88 -41.32 -27.88 14.49
CA LYS J 88 -41.35 -26.54 13.93
C LYS J 88 -40.38 -25.72 14.77
N THR J 89 -39.33 -25.20 14.11
CA THR J 89 -38.30 -24.48 14.84
C THR J 89 -38.00 -23.19 14.09
N GLU J 90 -37.71 -22.14 14.86
CA GLU J 90 -37.44 -20.82 14.32
C GLU J 90 -36.37 -20.13 15.17
N VAL J 91 -35.56 -19.30 14.52
CA VAL J 91 -34.70 -18.39 15.20
C VAL J 91 -35.53 -17.18 15.61
N VAL J 92 -35.38 -16.78 16.88
CA VAL J 92 -36.16 -15.73 17.49
C VAL J 92 -35.36 -14.44 17.45
N GLY J 93 -36.05 -13.31 17.24
CA GLY J 93 -35.37 -12.00 17.40
C GLY J 93 -34.55 -11.61 16.17
N VAL J 94 -34.82 -12.20 15.00
CA VAL J 94 -34.07 -11.80 13.80
C VAL J 94 -34.16 -10.28 13.56
N SER J 95 -35.34 -9.68 13.79
CA SER J 95 -35.56 -8.25 13.54
C SER J 95 -34.67 -7.38 14.43
N SER J 96 -34.15 -7.95 15.53
CA SER J 96 -33.19 -7.21 16.41
C SER J 96 -31.93 -6.79 15.65
N LEU J 97 -31.66 -7.43 14.52
CA LEU J 97 -30.47 -7.10 13.67
C LEU J 97 -30.72 -5.85 12.84
N VAL J 98 -31.96 -5.36 12.81
CA VAL J 98 -32.30 -4.10 12.14
C VAL J 98 -32.00 -2.98 13.12
N ASN J 99 -30.71 -2.74 13.32
CA ASN J 99 -30.27 -1.77 14.31
C ASN J 99 -28.88 -1.33 13.89
N VAL J 100 -28.75 -0.05 13.52
CA VAL J 100 -27.50 0.52 13.10
C VAL J 100 -27.19 1.82 13.86
N HIS J 101 -27.73 1.94 15.07
CA HIS J 101 -27.41 3.11 15.94
C HIS J 101 -26.70 2.68 17.22
N MET J 102 -26.32 1.41 17.33
CA MET J 102 -25.58 0.94 18.51
C MET J 102 -24.16 1.51 18.47
N ALA J 103 -23.50 1.50 19.63
CA ALA J 103 -22.14 2.07 19.73
C ALA J 103 -21.14 1.14 19.05
N THR J 104 -20.92 1.39 17.75
CA THR J 104 -20.16 0.56 16.87
C THR J 104 -19.29 1.43 15.96
N LYS J 105 -18.34 0.79 15.27
CA LYS J 105 -17.70 1.38 14.11
C LYS J 105 -18.79 1.80 13.12
N ARG J 106 -18.51 2.83 12.31
CA ARG J 106 -19.55 3.31 11.42
C ARG J 106 -18.98 3.59 10.03
N MET J 107 -19.89 3.67 9.05
CA MET J 107 -19.54 3.86 7.65
C MET J 107 -19.23 5.34 7.36
N TYR J 108 -18.50 5.57 6.26
CA TYR J 108 -18.35 6.86 5.56
C TYR J 108 -17.87 7.97 6.52
N ASP J 109 -16.64 7.82 7.01
CA ASP J 109 -15.93 8.90 7.73
C ASP J 109 -16.80 9.44 8.87
N ASP J 110 -17.35 8.51 9.66
CA ASP J 110 -18.09 8.79 10.88
C ASP J 110 -19.41 9.52 10.62
N LYS J 111 -19.95 9.44 9.41
CA LYS J 111 -21.23 10.09 9.09
C LYS J 111 -22.35 9.07 8.83
N GLY J 112 -21.96 7.84 8.49
CA GLY J 112 -22.90 6.81 8.03
C GLY J 112 -23.41 5.94 9.17
N ILE J 113 -24.08 4.86 8.78
CA ILE J 113 -24.68 3.95 9.74
C ILE J 113 -23.60 3.32 10.62
N GLY J 114 -23.99 2.93 11.82
CA GLY J 114 -23.22 1.99 12.58
C GLY J 114 -23.21 0.65 11.85
N PHE J 115 -22.09 -0.09 11.94
CA PHE J 115 -22.04 -1.41 11.35
C PHE J 115 -23.10 -2.29 12.02
N PRO J 116 -23.98 -2.97 11.24
CA PRO J 116 -24.88 -3.94 11.86
C PRO J 116 -24.05 -5.15 12.29
N VAL J 117 -24.65 -5.99 13.13
CA VAL J 117 -24.07 -7.29 13.43
C VAL J 117 -23.94 -8.04 12.10
N GLU J 118 -22.72 -8.48 11.78
CA GLU J 118 -22.47 -9.08 10.49
C GLU J 118 -21.25 -10.01 10.59
N GLY J 119 -21.13 -10.87 9.57
CA GLY J 119 -20.07 -11.82 9.50
C GLY J 119 -20.57 -13.23 9.67
N MET J 120 -19.70 -14.06 10.28
CA MET J 120 -19.89 -15.49 10.38
C MET J 120 -21.28 -15.84 10.89
N ASN J 121 -21.95 -16.77 10.22
CA ASN J 121 -23.18 -17.34 10.67
C ASN J 121 -22.98 -18.85 10.86
N PHE J 122 -23.56 -19.38 11.92
CA PHE J 122 -23.50 -20.78 12.25
C PHE J 122 -24.84 -21.14 12.88
N HIS J 123 -25.55 -22.07 12.26
CA HIS J 123 -26.88 -22.43 12.72
C HIS J 123 -26.99 -23.94 12.72
N MET J 124 -27.34 -24.52 13.87
N MET J 124 -27.28 -24.53 13.89
CA MET J 124 -27.59 -25.93 13.93
CA MET J 124 -27.55 -25.95 14.03
C MET J 124 -28.66 -26.19 14.99
C MET J 124 -28.70 -26.17 15.00
N PHE J 125 -29.48 -27.23 14.76
CA PHE J 125 -30.35 -27.75 15.76
C PHE J 125 -30.36 -29.25 15.64
N ALA J 126 -30.74 -29.89 16.75
CA ALA J 126 -30.87 -31.34 16.83
C ALA J 126 -32.04 -31.67 17.74
N VAL J 127 -32.79 -32.71 17.37
CA VAL J 127 -33.83 -33.25 18.19
C VAL J 127 -33.61 -34.76 18.27
N GLY J 128 -33.58 -35.31 19.48
CA GLY J 128 -33.36 -36.75 19.62
C GLY J 128 -33.97 -37.32 20.88
N GLY J 129 -33.88 -38.66 20.99
CA GLY J 129 -34.40 -39.40 22.13
C GLY J 129 -33.31 -39.74 23.14
N GLU J 130 -32.15 -39.12 22.98
CA GLU J 130 -30.99 -39.29 23.84
C GLU J 130 -30.05 -38.13 23.55
N PRO J 131 -29.01 -37.89 24.36
CA PRO J 131 -28.11 -36.77 24.12
C PRO J 131 -27.45 -36.86 22.73
N LEU J 132 -27.24 -35.68 22.12
CA LEU J 132 -26.51 -35.56 20.92
C LEU J 132 -25.08 -36.09 21.14
N GLU J 133 -24.66 -36.99 20.26
CA GLU J 133 -23.34 -37.59 20.33
C GLU J 133 -22.38 -36.72 19.53
N LEU J 134 -21.25 -36.39 20.14
CA LEU J 134 -20.29 -35.43 19.62
C LEU J 134 -18.97 -36.12 19.27
N GLN J 135 -18.33 -35.57 18.24
CA GLN J 135 -16.98 -35.89 17.79
C GLN J 135 -16.11 -34.66 18.04
N PHE J 136 -14.92 -34.87 18.60
CA PHE J 136 -13.98 -33.81 18.76
C PHE J 136 -13.23 -33.57 17.44
N LEU J 137 -13.12 -32.31 17.04
CA LEU J 137 -12.34 -31.91 15.89
C LEU J 137 -12.10 -30.41 15.99
N THR J 138 -10.83 -30.01 15.90
CA THR J 138 -10.43 -28.66 16.18
C THR J 138 -9.50 -28.15 15.08
N GLY J 139 -9.51 -26.83 14.89
CA GLY J 139 -8.54 -26.16 14.04
C GLY J 139 -7.14 -26.08 14.64
N ASN J 140 -7.02 -26.29 15.94
CA ASN J 140 -5.72 -26.19 16.64
C ASN J 140 -5.73 -27.16 17.82
N TYR J 141 -4.98 -28.27 17.69
CA TYR J 141 -5.00 -29.33 18.71
C TYR J 141 -4.49 -28.80 20.06
N ARG J 142 -3.71 -27.73 20.02
CA ARG J 142 -3.04 -27.18 21.20
C ARG J 142 -3.91 -26.19 21.96
N THR J 143 -5.13 -25.88 21.49
CA THR J 143 -5.93 -24.84 22.13
C THR J 143 -6.04 -25.14 23.63
N ASP J 144 -5.80 -24.10 24.43
CA ASP J 144 -5.77 -24.20 25.89
C ASP J 144 -7.04 -23.57 26.45
N TYR J 145 -7.90 -24.42 27.03
CA TYR J 145 -9.23 -24.03 27.52
C TYR J 145 -9.21 -23.72 29.03
N SER J 146 -8.02 -23.62 29.64
CA SER J 146 -7.90 -23.62 31.10
C SER J 146 -8.31 -22.27 31.72
N ALA J 147 -8.56 -21.24 30.91
CA ALA J 147 -9.11 -19.98 31.45
C ALA J 147 -10.54 -20.18 31.96
N ASN J 148 -11.21 -21.26 31.55
CA ASN J 148 -12.58 -21.51 31.94
C ASN J 148 -12.76 -23.01 32.19
N ASP J 149 -12.70 -23.39 33.47
CA ASP J 149 -12.75 -24.81 33.82
C ASP J 149 -14.17 -25.36 33.77
N LYS J 150 -15.17 -24.53 33.43
CA LYS J 150 -16.55 -25.01 33.26
C LYS J 150 -16.75 -25.60 31.85
N LEU J 151 -15.82 -25.36 30.92
CA LEU J 151 -15.92 -25.95 29.56
C LEU J 151 -15.60 -27.44 29.63
N VAL J 152 -16.29 -28.24 28.82
CA VAL J 152 -16.03 -29.64 28.73
C VAL J 152 -15.22 -29.91 27.46
N VAL J 153 -13.97 -30.33 27.66
CA VAL J 153 -13.03 -30.63 26.58
C VAL J 153 -12.27 -31.90 26.95
N PRO J 154 -11.59 -32.58 26.01
CA PRO J 154 -10.88 -33.80 26.33
C PRO J 154 -9.71 -33.49 27.28
N PRO J 155 -9.36 -34.43 28.18
CA PRO J 155 -8.23 -34.26 29.09
C PRO J 155 -6.86 -34.35 28.42
N ILE J 156 -6.79 -34.92 27.21
CA ILE J 156 -5.53 -35.08 26.48
C ILE J 156 -5.63 -34.32 25.15
N LYS J 157 -4.49 -33.80 24.69
CA LYS J 157 -4.42 -33.14 23.40
C LYS J 157 -3.51 -33.98 22.50
N HIS J 158 -3.84 -34.03 21.21
CA HIS J 158 -3.00 -34.75 20.25
C HIS J 158 -3.19 -34.14 18.86
N GLN J 159 -2.12 -34.18 18.07
CA GLN J 159 -2.05 -33.62 16.72
C GLN J 159 -3.19 -34.13 15.85
N SER J 160 -3.61 -35.38 16.07
CA SER J 160 -4.54 -36.06 15.18
C SER J 160 -5.96 -35.47 15.28
N THR J 161 -6.22 -34.68 16.32
CA THR J 161 -7.55 -34.10 16.55
C THR J 161 -7.84 -32.93 15.60
N GLN J 162 -6.89 -32.55 14.74
CA GLN J 162 -7.17 -31.60 13.65
C GLN J 162 -7.85 -32.33 12.48
N GLY J 163 -7.90 -33.66 12.56
CA GLY J 163 -8.74 -34.48 11.72
C GLY J 163 -9.73 -35.22 12.60
N LEU J 164 -10.29 -36.31 12.08
CA LEU J 164 -11.23 -37.13 12.81
C LEU J 164 -10.45 -38.27 13.47
N ASN J 165 -10.34 -38.20 14.79
CA ASN J 165 -9.81 -39.28 15.62
C ASN J 165 -10.97 -39.81 16.44
N PRO J 166 -11.48 -41.01 16.12
CA PRO J 166 -12.68 -41.52 16.78
C PRO J 166 -12.48 -41.89 18.26
N HIS J 167 -11.26 -41.74 18.79
CA HIS J 167 -11.01 -41.92 20.22
C HIS J 167 -11.46 -40.72 21.04
N TYR J 168 -11.84 -39.61 20.37
CA TYR J 168 -12.20 -38.40 21.06
C TYR J 168 -13.69 -38.08 20.80
N LYS J 169 -14.56 -38.57 21.68
CA LYS J 169 -16.00 -38.38 21.56
C LYS J 169 -16.56 -37.90 22.90
N GLN J 170 -17.82 -37.46 22.87
CA GLN J 170 -18.54 -37.00 24.05
C GLN J 170 -20.03 -37.04 23.73
N LYS J 171 -20.82 -36.73 24.74
CA LYS J 171 -22.25 -36.55 24.59
C LYS J 171 -22.58 -35.16 25.15
N LEU J 172 -23.52 -34.48 24.48
CA LEU J 172 -23.89 -33.14 24.85
C LEU J 172 -24.89 -33.21 26.01
N THR J 173 -24.33 -33.14 27.23
CA THR J 173 -25.10 -33.37 28.43
C THR J 173 -25.17 -32.12 29.31
N LYS J 174 -24.55 -31.01 28.88
CA LYS J 174 -24.56 -29.80 29.66
C LYS J 174 -24.70 -28.60 28.74
N ASP J 175 -25.66 -27.73 29.08
CA ASP J 175 -25.89 -26.44 28.39
C ASP J 175 -24.71 -25.49 28.65
N GLY J 176 -24.29 -24.76 27.61
CA GLY J 176 -23.37 -23.68 27.78
C GLY J 176 -21.97 -24.11 28.20
N ALA J 177 -21.54 -25.31 27.82
CA ALA J 177 -20.29 -25.89 28.33
C ALA J 177 -19.42 -26.54 27.24
N PHE J 178 -20.03 -27.00 26.13
CA PHE J 178 -19.28 -27.68 25.08
C PHE J 178 -18.98 -26.69 23.95
N PRO J 179 -17.70 -26.29 23.73
CA PRO J 179 -17.39 -25.32 22.68
C PRO J 179 -17.72 -25.84 21.27
N VAL J 180 -18.34 -24.99 20.46
N VAL J 180 -18.34 -24.98 20.45
CA VAL J 180 -18.70 -25.37 19.10
CA VAL J 180 -18.70 -25.33 19.09
C VAL J 180 -17.41 -25.53 18.27
C VAL J 180 -17.42 -25.52 18.26
N GLU J 181 -16.37 -24.78 18.62
CA GLU J 181 -15.13 -24.80 17.87
C GLU J 181 -14.40 -26.16 17.91
N CYS J 182 -14.71 -27.04 18.88
CA CYS J 182 -14.00 -28.29 18.97
C CYS J 182 -14.90 -29.52 19.07
N TRP J 183 -16.22 -29.32 19.09
CA TRP J 183 -17.16 -30.42 19.11
C TRP J 183 -18.17 -30.27 17.98
N CYS J 184 -18.41 -31.34 17.24
CA CYS J 184 -19.40 -31.39 16.18
C CYS J 184 -20.24 -32.66 16.34
N PRO J 185 -21.39 -32.78 15.65
CA PRO J 185 -22.15 -34.03 15.70
C PRO J 185 -21.30 -35.18 15.18
N ASP J 186 -21.41 -36.33 15.86
CA ASP J 186 -20.71 -37.52 15.48
C ASP J 186 -21.54 -38.25 14.44
N PRO J 187 -21.13 -38.25 13.15
CA PRO J 187 -21.96 -38.84 12.11
C PRO J 187 -22.03 -40.37 12.18
N SER J 188 -21.10 -40.98 12.94
CA SER J 188 -21.00 -42.43 13.07
C SER J 188 -21.99 -42.94 14.13
N LYS J 189 -22.58 -42.03 14.90
CA LYS J 189 -23.60 -42.40 15.87
C LYS J 189 -24.88 -41.61 15.57
N ASN J 190 -25.58 -41.13 16.59
CA ASN J 190 -26.76 -40.30 16.44
C ASN J 190 -27.83 -41.00 15.62
N GLU J 191 -28.00 -42.32 15.80
CA GLU J 191 -29.05 -43.04 15.06
C GLU J 191 -30.43 -42.62 15.58
N ASN J 192 -30.48 -42.04 16.78
CA ASN J 192 -31.73 -41.74 17.44
C ASN J 192 -31.88 -40.22 17.63
N THR J 193 -31.16 -39.44 16.81
CA THR J 193 -31.22 -37.98 16.78
C THR J 193 -31.22 -37.53 15.31
N ARG J 194 -31.93 -36.43 15.00
CA ARG J 194 -31.82 -35.79 13.70
C ARG J 194 -31.12 -34.45 13.94
N TYR J 195 -30.10 -34.13 13.13
CA TYR J 195 -29.45 -32.82 13.25
C TYR J 195 -29.30 -32.16 11.86
N TYR J 196 -29.31 -30.83 11.86
CA TYR J 196 -29.24 -30.00 10.67
C TYR J 196 -28.39 -28.78 10.99
N GLY J 197 -27.41 -28.47 10.14
CA GLY J 197 -26.58 -27.36 10.41
C GLY J 197 -26.02 -26.69 9.17
N SER J 198 -25.62 -25.44 9.34
CA SER J 198 -25.04 -24.66 8.26
C SER J 198 -24.03 -23.68 8.84
N TYR J 199 -23.05 -23.33 7.97
CA TYR J 199 -22.03 -22.38 8.30
C TYR J 199 -21.83 -21.49 7.08
N THR J 200 -21.78 -20.19 7.32
CA THR J 200 -21.43 -19.21 6.31
C THR J 200 -20.33 -18.34 6.92
N GLY J 201 -19.15 -18.37 6.34
CA GLY J 201 -18.01 -17.74 6.97
C GLY J 201 -17.70 -16.39 6.38
N GLY J 202 -16.39 -16.09 6.32
CA GLY J 202 -15.88 -14.80 5.89
C GLY J 202 -15.89 -13.78 7.02
N GLN J 203 -15.46 -12.56 6.70
CA GLN J 203 -15.15 -11.53 7.73
C GLN J 203 -16.36 -10.66 8.12
N SER J 204 -17.03 -10.07 7.13
CA SER J 204 -18.10 -9.08 7.32
C SER J 204 -19.34 -9.50 6.53
N THR J 205 -19.43 -10.79 6.22
CA THR J 205 -20.45 -11.37 5.34
C THR J 205 -21.85 -10.98 5.82
N PRO J 206 -22.77 -10.61 4.90
CA PRO J 206 -24.16 -10.38 5.26
C PRO J 206 -24.78 -11.60 5.92
N PRO J 207 -25.38 -11.46 7.11
CA PRO J 207 -26.27 -12.51 7.64
C PRO J 207 -27.46 -12.66 6.71
N VAL J 208 -27.85 -13.90 6.40
CA VAL J 208 -29.02 -14.17 5.59
C VAL J 208 -29.90 -15.11 6.42
N LEU J 209 -31.03 -14.59 6.89
CA LEU J 209 -31.85 -15.25 7.91
C LEU J 209 -33.30 -15.23 7.50
N GLN J 210 -34.05 -16.23 7.94
CA GLN J 210 -35.48 -16.31 7.68
C GLN J 210 -36.18 -16.69 8.97
N PHE J 211 -37.45 -16.32 9.09
CA PHE J 211 -38.27 -16.71 10.21
C PHE J 211 -39.72 -16.84 9.75
N THR J 212 -40.35 -17.95 10.13
CA THR J 212 -41.74 -18.19 9.80
C THR J 212 -42.30 -19.21 10.79
N ASN J 213 -43.61 -19.20 10.99
CA ASN J 213 -44.26 -20.20 11.82
C ASN J 213 -44.98 -21.24 10.95
N THR J 214 -44.59 -21.39 9.69
CA THR J 214 -45.35 -22.20 8.73
C THR J 214 -44.60 -23.46 8.28
N VAL J 215 -43.39 -23.70 8.77
CA VAL J 215 -42.56 -24.79 8.26
C VAL J 215 -42.42 -25.91 9.29
N THR J 216 -42.76 -27.13 8.85
CA THR J 216 -42.64 -28.32 9.66
C THR J 216 -41.51 -29.19 9.11
N THR J 217 -40.56 -29.55 9.98
CA THR J 217 -39.47 -30.44 9.66
C THR J 217 -39.84 -31.85 10.12
N VAL J 218 -39.94 -32.79 9.17
CA VAL J 218 -40.27 -34.16 9.50
C VAL J 218 -39.03 -34.85 10.10
N LEU J 219 -39.20 -35.52 11.24
CA LEU J 219 -38.10 -36.18 11.94
C LEU J 219 -38.08 -37.70 11.69
N LEU J 220 -39.08 -38.23 11.01
CA LEU J 220 -39.11 -39.65 10.65
C LEU J 220 -37.91 -39.95 9.73
N ASP J 221 -37.30 -41.12 9.93
CA ASP J 221 -36.23 -41.60 9.10
C ASP J 221 -36.82 -42.28 7.86
N GLU J 222 -35.95 -42.91 7.09
CA GLU J 222 -36.31 -43.55 5.82
C GLU J 222 -37.24 -44.74 6.06
N ASN J 223 -37.32 -45.25 7.30
CA ASN J 223 -38.24 -46.33 7.64
C ASN J 223 -39.54 -45.82 8.27
N GLY J 224 -39.71 -44.50 8.34
CA GLY J 224 -40.91 -43.90 8.94
C GLY J 224 -40.87 -43.89 10.46
N VAL J 225 -39.67 -43.94 11.04
CA VAL J 225 -39.52 -43.95 12.48
C VAL J 225 -38.79 -42.69 12.93
N GLY J 226 -39.38 -42.00 13.90
CA GLY J 226 -38.78 -40.82 14.49
C GLY J 226 -37.88 -41.19 15.67
N PRO J 227 -37.11 -40.23 16.21
CA PRO J 227 -36.37 -40.42 17.45
C PRO J 227 -37.30 -41.03 18.53
N LEU J 228 -36.80 -42.08 19.20
CA LEU J 228 -37.52 -42.74 20.29
C LEU J 228 -36.93 -42.30 21.63
N CYS J 229 -37.79 -41.80 22.51
CA CYS J 229 -37.35 -41.09 23.68
C CYS J 229 -37.09 -42.06 24.84
N LYS J 230 -35.82 -42.38 25.03
CA LYS J 230 -35.36 -43.30 26.05
C LYS J 230 -35.52 -42.64 27.42
N GLY J 231 -36.12 -43.38 28.34
CA GLY J 231 -36.36 -42.87 29.66
C GLY J 231 -37.31 -41.68 29.66
N ASP J 232 -38.17 -41.58 28.65
CA ASP J 232 -39.15 -40.52 28.49
C ASP J 232 -38.46 -39.14 28.54
N GLY J 233 -37.28 -39.04 27.93
CA GLY J 233 -36.58 -37.78 27.77
C GLY J 233 -36.41 -37.38 26.31
N LEU J 234 -36.72 -36.11 26.03
CA LEU J 234 -36.55 -35.51 24.72
C LEU J 234 -35.39 -34.52 24.80
N TYR J 235 -34.43 -34.65 23.88
CA TYR J 235 -33.22 -33.86 23.90
C TYR J 235 -33.21 -32.90 22.71
N VAL J 236 -33.00 -31.62 23.01
CA VAL J 236 -33.02 -30.56 22.04
C VAL J 236 -31.71 -29.80 22.20
N SER J 237 -31.02 -29.55 21.08
CA SER J 237 -29.75 -28.87 21.11
C SER J 237 -29.70 -27.85 19.96
N CYS J 238 -28.94 -26.78 20.13
CA CYS J 238 -28.79 -25.83 19.02
C CYS J 238 -27.62 -24.87 19.26
N CYS J 239 -27.32 -24.12 18.20
CA CYS J 239 -26.46 -22.97 18.25
C CYS J 239 -26.80 -22.07 17.06
N ASP J 240 -26.90 -20.77 17.30
CA ASP J 240 -27.32 -19.79 16.29
C ASP J 240 -26.51 -18.51 16.45
N ILE J 241 -25.36 -18.49 15.78
CA ILE J 241 -24.50 -17.34 15.67
C ILE J 241 -24.92 -16.54 14.44
N VAL J 242 -25.16 -15.23 14.63
CA VAL J 242 -25.65 -14.39 13.55
C VAL J 242 -24.61 -13.35 13.13
N GLY J 243 -23.45 -13.33 13.80
CA GLY J 243 -22.35 -12.50 13.33
C GLY J 243 -21.63 -11.87 14.51
N PHE J 244 -20.95 -10.76 14.24
CA PHE J 244 -20.15 -10.05 15.22
C PHE J 244 -20.64 -8.61 15.34
N LEU J 245 -20.67 -8.12 16.57
CA LEU J 245 -20.81 -6.71 16.88
C LEU J 245 -19.41 -6.08 16.88
N VAL J 246 -19.25 -4.99 16.11
CA VAL J 246 -17.98 -4.35 15.93
C VAL J 246 -18.00 -3.05 16.72
N GLY J 247 -17.26 -3.02 17.83
CA GLY J 247 -17.18 -1.84 18.69
C GLY J 247 -16.45 -0.70 17.99
N LYS J 248 -16.56 0.49 18.59
CA LYS J 248 -15.97 1.72 18.02
C LYS J 248 -14.48 1.53 17.71
N ASP J 249 -13.75 0.85 18.59
CA ASP J 249 -12.31 0.71 18.45
C ASP J 249 -11.93 -0.55 17.66
N GLY J 250 -12.93 -1.30 17.16
CA GLY J 250 -12.65 -2.49 16.37
C GLY J 250 -12.76 -3.79 17.16
N ASP J 251 -13.00 -3.72 18.47
CA ASP J 251 -13.19 -4.90 19.32
C ASP J 251 -14.48 -5.62 18.89
N MET J 252 -14.46 -6.95 18.85
CA MET J 252 -15.59 -7.69 18.27
C MET J 252 -16.09 -8.75 19.24
N GLN J 253 -17.41 -8.97 19.22
CA GLN J 253 -18.06 -9.97 20.02
C GLN J 253 -19.00 -10.79 19.14
N TYR J 254 -19.05 -12.10 19.36
CA TYR J 254 -20.10 -12.93 18.77
C TYR J 254 -21.47 -12.46 19.28
N ARG J 255 -22.46 -12.53 18.41
CA ARG J 255 -23.85 -12.33 18.72
C ARG J 255 -24.62 -13.60 18.35
N GLY J 256 -25.42 -14.09 19.29
CA GLY J 256 -26.31 -15.21 19.07
C GLY J 256 -27.76 -14.86 19.33
N LEU J 257 -28.66 -15.70 18.81
CA LEU J 257 -30.07 -15.53 18.97
C LEU J 257 -30.68 -16.81 19.54
N PRO J 258 -31.84 -16.69 20.22
CA PRO J 258 -32.50 -17.86 20.78
C PRO J 258 -33.18 -18.67 19.66
N ARG J 259 -33.51 -19.92 19.99
CA ARG J 259 -34.27 -20.75 19.07
C ARG J 259 -35.48 -21.33 19.80
N TYR J 260 -36.61 -21.34 19.08
CA TYR J 260 -37.86 -21.91 19.54
C TYR J 260 -38.08 -23.27 18.88
N PHE J 261 -38.73 -24.16 19.61
CA PHE J 261 -39.06 -25.49 19.10
C PHE J 261 -40.48 -25.86 19.52
N ASN J 262 -41.22 -26.46 18.57
CA ASN J 262 -42.52 -27.07 18.85
C ASN J 262 -42.44 -28.47 18.26
N ILE J 263 -42.37 -29.49 19.14
CA ILE J 263 -42.13 -30.86 18.73
C ILE J 263 -43.40 -31.68 18.96
N LEU J 264 -43.81 -32.40 17.91
CA LEU J 264 -44.96 -33.27 17.97
C LEU J 264 -44.47 -34.71 18.19
N LEU J 265 -45.04 -35.39 19.18
CA LEU J 265 -44.66 -36.76 19.51
C LEU J 265 -45.91 -37.64 19.55
N ARG J 266 -45.69 -38.92 19.25
CA ARG J 266 -46.75 -39.91 19.24
C ARG J 266 -46.28 -41.15 20.00
N LYS J 267 -47.23 -41.92 20.50
CA LYS J 267 -46.94 -43.13 21.23
C LYS J 267 -46.66 -44.25 20.23
N ARG J 268 -45.56 -44.97 20.49
CA ARG J 268 -45.10 -46.07 19.68
C ARG J 268 -44.86 -47.28 20.57
N THR J 269 -45.43 -48.43 20.18
CA THR J 269 -45.16 -49.70 20.86
C THR J 269 -43.78 -50.21 20.39
N VAL J 270 -42.98 -50.66 21.34
CA VAL J 270 -41.69 -51.26 21.06
C VAL J 270 -41.58 -52.57 21.85
N ARG J 271 -40.68 -53.45 21.42
CA ARG J 271 -40.43 -54.72 22.11
C ARG J 271 -39.49 -54.45 23.28
#